data_1ZM2
#
_entry.id   1ZM2
#
_cell.length_a   330.630
_cell.length_b   67.840
_cell.length_c   191.500
_cell.angle_alpha   90.00
_cell.angle_beta   103.30
_cell.angle_gamma   90.00
#
_symmetry.space_group_name_H-M   'C 1 2 1'
#
loop_
_entity.id
_entity.type
_entity.pdbx_description
1 polymer 'Elongation factor 2'
2 polymer 'Exotoxin A'
3 non-polymer ADENOSINE-5-DIPHOSPHORIBOSE
#
loop_
_entity_poly.entity_id
_entity_poly.type
_entity_poly.pdbx_seq_one_letter_code
_entity_poly.pdbx_strand_id
1 'polypeptide(L)'
;MVAFTVDQMRSLMDKVTNVRNMSVIAHVDHGKSTLTDSLVQRAGIISAAKAGEARFTDTRKDEQERGITIKSTAISLYSE
MSDEDVKEIKQKTDGNSFLINLIDSPGHVDFSSEVTAALRVTDGALVVVDTIEGVCVQTETVLRQALGERIKPVVVINKV
DRALLELQVSKEDLYQTFARTVESVNVIVSTYADEVLGDVQVYPARGTVAFGSGLHGWAFTIRQFATRYAKKFGVDKAKM
MDRLWGDSFFNPKTKKWTNKDTDAEGKPLERAFNMFILDPIFRLFTAIMNFKKDEIPVLLEKLEIVLKGDEKDLEGKALL
KVVMRKFLPAADALLEMIVLHLPSPVTAQAYRAEQLYEGPADDANCIAIKNCDPKADLMLYVSKMVPTSDKGRFYAFGRV
FAGTVKSGQKVRIQGPNYVPGKKDDLFIKAIQRVVLMMGRFVEPIDDCPAGNIIGLVGIDQFLLKTGTLTTSETAHNMKV
MKFSVSPVVQVAVEVKNANDLPKLVEGLKRLSKSDPCVLTYMSESGEHIVAGTGELHLEICLQDLEHDHAGVPLKISPPV
VAYRETVESESSQTALSKSPNKHNRIYLKAEPIDEEVSLAIENGIINPRDDFKARARIMADDYGWDVTDARKIWCFGPDG
NGPNLVIDQTKAVQYLHEIKDSVVAAFQWATKEGPIFGEEMRSVRVNILDVTLHADAI(DDE)RGGGQIIPTMRRATYAG
FLLADPKIQEPVFLVEIQCPEQAVGGIYSVLNKKRGQVVSEEQRPGTPLFTVKAYLPVNESFGFTGELRQATGGQAFPQM
VFDHWSTLGSDPLDPTSKAGEIVLAARKRHGMKEEVPGWQEYYDKL
;
A,C,E
2 'polypeptide(L)'
;EFLGDGGDVSFSTRGTQNWTVERLLQAHRQLEERGYVFVGYHGTFLEAAQSIVFGGVRARSQDLDAIWRGFYIAGDPALA
YGYAQDQEPDARGRIRNGALLRVYVPRSSLPGFYRTSLTLAAPEAAGEVERLIGHPLPLRLDAITGPEEEGGRLETILGW
PLAERTVVIPSAIPTDPRNVGGDLDPSSIPDKEQAISALPDYASQPG
;
B,D,F
#
# COMPACT_ATOMS: atom_id res chain seq x y z
N VAL A 2 -6.91 32.02 12.38
CA VAL A 2 -6.98 32.48 13.79
C VAL A 2 -6.73 31.32 14.72
N ALA A 3 -6.39 31.64 15.97
CA ALA A 3 -6.14 30.61 16.96
C ALA A 3 -7.36 30.41 17.83
N PHE A 4 -7.66 29.15 18.10
CA PHE A 4 -8.79 28.79 18.93
C PHE A 4 -8.38 27.80 20.01
N THR A 5 -9.13 27.79 21.10
CA THR A 5 -8.88 26.88 22.21
C THR A 5 -9.75 25.64 21.98
N VAL A 6 -9.42 24.53 22.64
CA VAL A 6 -10.22 23.33 22.47
C VAL A 6 -11.70 23.61 22.74
N ASP A 7 -12.00 24.50 23.68
CA ASP A 7 -13.39 24.85 23.98
C ASP A 7 -14.03 25.47 22.76
N GLN A 8 -13.41 26.53 22.27
CA GLN A 8 -13.90 27.24 21.09
C GLN A 8 -14.26 26.29 19.95
N MET A 9 -13.32 25.43 19.59
CA MET A 9 -13.53 24.45 18.54
C MET A 9 -14.71 23.57 18.91
N ARG A 10 -14.66 22.99 20.10
CA ARG A 10 -15.74 22.12 20.55
C ARG A 10 -17.06 22.86 20.43
N SER A 11 -17.12 24.05 21.01
CA SER A 11 -18.32 24.89 20.97
C SER A 11 -18.80 25.12 19.54
N LEU A 12 -17.85 25.37 18.68
CA LEU A 12 -18.13 25.60 17.27
C LEU A 12 -18.64 24.32 16.62
N MET A 13 -18.16 23.18 17.13
CA MET A 13 -18.53 21.87 16.62
C MET A 13 -19.87 21.39 17.15
N ASP A 14 -20.49 22.18 18.01
CA ASP A 14 -21.78 21.82 18.55
C ASP A 14 -22.85 22.36 17.62
N LYS A 15 -22.55 23.49 16.99
CA LYS A 15 -23.48 24.11 16.06
C LYS A 15 -23.25 23.57 14.64
N VAL A 16 -23.63 22.30 14.44
CA VAL A 16 -23.47 21.63 13.15
C VAL A 16 -24.14 22.38 12.02
N THR A 17 -25.28 22.98 12.32
CA THR A 17 -26.00 23.75 11.32
C THR A 17 -25.02 24.76 10.71
N ASN A 18 -23.93 25.05 11.43
CA ASN A 18 -22.94 26.01 10.98
C ASN A 18 -21.58 25.46 10.60
N VAL A 19 -21.58 24.22 10.10
CA VAL A 19 -20.36 23.55 9.67
C VAL A 19 -20.49 23.19 8.21
N ARG A 20 -19.36 23.18 7.51
CA ARG A 20 -19.38 22.86 6.09
C ARG A 20 -18.35 21.81 5.71
N ASN A 21 -18.80 20.59 5.45
CA ASN A 21 -17.88 19.55 5.04
C ASN A 21 -17.80 19.54 3.52
N MET A 22 -16.62 19.88 3.00
CA MET A 22 -16.42 19.93 1.55
C MET A 22 -15.02 19.58 1.06
N SER A 23 -14.91 19.45 -0.25
CA SER A 23 -13.65 19.12 -0.91
C SER A 23 -13.44 20.08 -2.07
N VAL A 24 -12.29 20.02 -2.72
CA VAL A 24 -12.03 20.89 -3.86
C VAL A 24 -11.76 20.06 -5.10
N ILE A 25 -12.72 19.99 -6.00
CA ILE A 25 -12.55 19.22 -7.20
C ILE A 25 -11.81 20.11 -8.19
N ALA A 26 -10.56 19.75 -8.51
CA ALA A 26 -9.79 20.58 -9.43
C ALA A 26 -8.50 19.94 -9.91
N HIS A 27 -8.29 19.99 -11.22
CA HIS A 27 -7.08 19.45 -11.83
C HIS A 27 -5.93 20.22 -11.20
N VAL A 28 -4.83 19.53 -10.96
CA VAL A 28 -3.65 20.14 -10.35
C VAL A 28 -3.05 21.32 -11.11
N ASP A 29 -3.08 21.25 -12.44
CA ASP A 29 -2.56 22.32 -13.29
C ASP A 29 -3.56 23.48 -13.42
N HIS A 30 -4.57 23.52 -12.55
CA HIS A 30 -5.56 24.59 -12.59
C HIS A 30 -5.65 25.31 -11.25
N GLY A 31 -4.49 25.47 -10.63
CA GLY A 31 -4.39 26.17 -9.36
C GLY A 31 -5.08 25.53 -8.18
N LYS A 32 -5.39 24.24 -8.28
CA LYS A 32 -6.04 23.56 -7.16
C LYS A 32 -5.37 23.92 -5.82
N SER A 33 -4.07 23.65 -5.77
CA SER A 33 -3.25 23.91 -4.59
C SER A 33 -3.20 25.39 -4.23
N THR A 34 -3.12 26.25 -5.25
CA THR A 34 -3.07 27.68 -5.03
C THR A 34 -4.32 28.23 -4.36
N LEU A 35 -5.48 28.06 -4.99
CA LEU A 35 -6.73 28.51 -4.39
C LEU A 35 -6.86 27.95 -2.99
N THR A 36 -6.70 26.64 -2.86
CA THR A 36 -6.80 26.02 -1.55
C THR A 36 -5.98 26.82 -0.54
N ASP A 37 -4.70 27.00 -0.83
CA ASP A 37 -3.83 27.75 0.07
C ASP A 37 -4.48 29.05 0.54
N SER A 38 -4.85 29.87 -0.43
CA SER A 38 -5.45 31.15 -0.14
C SER A 38 -6.54 31.09 0.93
N LEU A 39 -7.27 29.98 1.02
CA LEU A 39 -8.29 29.91 2.06
C LEU A 39 -7.62 29.67 3.39
N VAL A 40 -6.55 28.88 3.35
CA VAL A 40 -5.80 28.55 4.55
C VAL A 40 -5.17 29.82 5.14
N GLN A 41 -4.43 30.52 4.30
CA GLN A 41 -3.75 31.75 4.69
C GLN A 41 -4.75 32.82 5.08
N ARG A 42 -6.03 32.47 5.07
CA ARG A 42 -7.07 33.45 5.37
C ARG A 42 -7.97 33.08 6.53
N ALA A 43 -8.47 31.85 6.50
CA ALA A 43 -9.37 31.37 7.55
C ALA A 43 -8.87 30.10 8.18
N GLY A 44 -7.62 29.73 7.89
CA GLY A 44 -7.07 28.50 8.45
C GLY A 44 -7.06 28.52 9.97
N ILE A 45 -7.58 27.48 10.60
CA ILE A 45 -7.64 27.41 12.06
C ILE A 45 -6.39 26.83 12.70
N ILE A 46 -5.88 27.54 13.69
CA ILE A 46 -4.68 27.12 14.42
C ILE A 46 -5.06 26.97 15.91
N SER A 47 -4.50 25.97 16.58
CA SER A 47 -4.84 25.78 17.99
C SER A 47 -4.08 26.74 18.88
N ALA A 48 -4.75 27.20 19.92
CA ALA A 48 -4.17 28.13 20.88
C ALA A 48 -3.18 27.38 21.78
N GLY A 67 3.05 17.30 20.53
CA GLY A 67 4.25 17.02 19.76
C GLY A 67 4.04 15.90 18.76
N ILE A 68 2.79 15.48 18.59
CA ILE A 68 2.49 14.41 17.66
C ILE A 68 2.04 15.04 16.35
N THR A 69 2.76 14.74 15.26
CA THR A 69 2.38 15.28 13.97
C THR A 69 1.72 14.19 13.13
N ILE A 70 0.92 14.60 12.16
CA ILE A 70 0.24 13.66 11.28
C ILE A 70 0.39 14.11 9.84
N LYS A 71 -0.07 13.26 8.93
CA LYS A 71 -0.02 13.55 7.51
C LYS A 71 -1.25 14.40 7.29
N SER A 72 -1.06 15.63 6.80
CA SER A 72 -2.16 16.55 6.55
C SER A 72 -3.30 15.98 5.74
N THR A 73 -4.44 15.77 6.40
CA THR A 73 -5.61 15.21 5.73
C THR A 73 -6.78 16.18 5.60
N ALA A 74 -6.91 17.09 6.56
CA ALA A 74 -7.99 18.06 6.52
C ALA A 74 -7.52 19.37 7.15
N ILE A 75 -8.19 20.44 6.80
CA ILE A 75 -7.87 21.76 7.29
C ILE A 75 -9.11 22.42 7.86
N SER A 76 -8.98 23.05 9.02
CA SER A 76 -10.12 23.71 9.64
C SER A 76 -10.18 25.17 9.21
N LEU A 77 -11.34 25.61 8.76
CA LEU A 77 -11.54 26.98 8.31
C LEU A 77 -12.64 27.72 9.08
N TYR A 78 -12.35 28.94 9.50
CA TYR A 78 -13.33 29.74 10.22
C TYR A 78 -13.78 30.95 9.41
N SER A 79 -15.07 31.22 9.44
CA SER A 79 -15.59 32.37 8.69
C SER A 79 -16.86 32.88 9.34
N GLU A 80 -16.90 34.19 9.53
CA GLU A 80 -18.08 34.83 10.11
C GLU A 80 -18.76 35.73 9.09
N MET A 81 -20.09 35.81 9.20
CA MET A 81 -20.90 36.62 8.30
C MET A 81 -21.88 37.50 9.08
N SER A 82 -22.52 38.45 8.39
CA SER A 82 -23.47 39.35 9.03
C SER A 82 -24.86 38.72 9.18
N ASP A 83 -25.58 39.07 10.25
CA ASP A 83 -26.92 38.52 10.49
C ASP A 83 -27.69 38.62 9.18
N GLU A 84 -27.40 39.67 8.44
CA GLU A 84 -28.06 39.89 7.18
C GLU A 84 -27.73 38.76 6.23
N ASP A 85 -26.44 38.44 6.14
CA ASP A 85 -25.97 37.38 5.27
C ASP A 85 -26.55 36.04 5.72
N VAL A 86 -26.54 35.79 7.02
CA VAL A 86 -27.06 34.55 7.57
C VAL A 86 -28.49 34.29 7.06
N LYS A 87 -29.22 35.37 6.78
CA LYS A 87 -30.59 35.24 6.28
C LYS A 87 -30.64 34.69 4.87
N GLU A 88 -29.66 35.03 4.05
CA GLU A 88 -29.61 34.57 2.67
C GLU A 88 -29.41 33.05 2.55
N ILE A 89 -29.17 32.41 3.69
CA ILE A 89 -28.94 30.98 3.71
C ILE A 89 -30.26 30.22 3.72
N LYS A 90 -30.55 29.54 2.61
CA LYS A 90 -31.78 28.77 2.47
C LYS A 90 -31.66 27.37 3.09
N GLN A 91 -31.35 27.34 4.38
CA GLN A 91 -31.21 26.11 5.15
C GLN A 91 -30.95 26.52 6.59
N LYS A 92 -31.66 25.92 7.53
CA LYS A 92 -31.52 26.25 8.93
C LYS A 92 -30.06 26.55 9.34
N THR A 93 -29.89 27.58 10.16
CA THR A 93 -28.57 27.95 10.67
C THR A 93 -28.73 28.51 12.07
N ASP A 94 -27.61 28.90 12.67
CA ASP A 94 -27.64 29.43 14.03
C ASP A 94 -26.31 30.07 14.41
N GLY A 95 -26.30 31.39 14.43
CA GLY A 95 -25.08 32.10 14.77
C GLY A 95 -24.48 32.65 13.50
N ASN A 96 -23.49 33.52 13.65
CA ASN A 96 -22.86 34.10 12.48
C ASN A 96 -21.51 33.42 12.25
N SER A 97 -21.19 32.44 13.10
CA SER A 97 -19.94 31.71 12.99
C SER A 97 -20.09 30.41 12.22
N PHE A 98 -19.05 30.05 11.46
CA PHE A 98 -19.04 28.84 10.64
C PHE A 98 -17.73 28.06 10.62
N LEU A 99 -17.86 26.74 10.71
CA LEU A 99 -16.70 25.86 10.68
C LEU A 99 -16.71 25.12 9.36
N ILE A 100 -15.62 25.27 8.61
CA ILE A 100 -15.48 24.64 7.31
C ILE A 100 -14.37 23.60 7.31
N ASN A 101 -14.73 22.36 7.00
CA ASN A 101 -13.74 21.28 6.96
C ASN A 101 -13.31 20.98 5.53
N LEU A 102 -12.15 21.53 5.16
CA LEU A 102 -11.61 21.32 3.84
C LEU A 102 -10.83 20.00 3.82
N ILE A 103 -11.46 18.97 3.29
CA ILE A 103 -10.87 17.65 3.22
C ILE A 103 -10.02 17.50 1.98
N ASP A 104 -8.77 17.07 2.21
CA ASP A 104 -7.81 16.88 1.14
C ASP A 104 -8.21 15.84 0.11
N SER A 105 -7.75 16.02 -1.13
CA SER A 105 -8.04 15.12 -2.22
C SER A 105 -6.75 14.81 -2.97
N PRO A 106 -6.78 13.75 -3.80
CA PRO A 106 -5.62 13.31 -4.59
C PRO A 106 -5.23 14.29 -5.68
N GLY A 107 -4.07 14.05 -6.29
CA GLY A 107 -3.60 14.91 -7.34
C GLY A 107 -4.08 14.39 -8.70
N HIS A 108 -3.96 13.07 -8.88
CA HIS A 108 -4.37 12.47 -10.13
C HIS A 108 -5.61 11.60 -9.92
N VAL A 109 -6.38 11.44 -10.99
CA VAL A 109 -7.60 10.66 -10.96
C VAL A 109 -7.33 9.19 -10.72
N ASP A 110 -6.17 8.71 -11.15
CA ASP A 110 -5.86 7.31 -10.97
C ASP A 110 -6.09 6.78 -9.57
N PHE A 111 -5.96 7.66 -8.56
CA PHE A 111 -6.16 7.29 -7.16
C PHE A 111 -7.60 6.94 -6.79
N SER A 112 -8.38 6.66 -7.83
CA SER A 112 -9.78 6.27 -7.74
C SER A 112 -10.34 5.99 -6.35
N SER A 113 -9.83 4.91 -5.75
CA SER A 113 -10.27 4.48 -4.43
C SER A 113 -10.25 5.54 -3.36
N GLU A 114 -9.24 6.39 -3.36
CA GLU A 114 -9.16 7.43 -2.35
C GLU A 114 -9.84 8.71 -2.77
N VAL A 115 -10.23 8.79 -4.03
CA VAL A 115 -10.94 9.96 -4.50
C VAL A 115 -12.34 9.77 -3.93
N THR A 116 -12.86 8.56 -4.06
CA THR A 116 -14.19 8.23 -3.55
C THR A 116 -14.24 8.45 -2.04
N ALA A 117 -13.11 8.14 -1.41
CA ALA A 117 -12.96 8.26 0.03
C ALA A 117 -13.25 9.65 0.55
N ALA A 118 -12.62 10.65 -0.05
CA ALA A 118 -12.80 12.04 0.36
C ALA A 118 -14.21 12.51 0.08
N LEU A 119 -14.69 12.18 -1.11
CA LEU A 119 -16.03 12.57 -1.50
C LEU A 119 -17.02 12.00 -0.50
N ARG A 120 -16.88 10.71 -0.21
CA ARG A 120 -17.80 10.04 0.70
C ARG A 120 -18.01 10.75 2.04
N VAL A 121 -17.02 11.50 2.51
CA VAL A 121 -17.21 12.18 3.79
C VAL A 121 -17.53 13.66 3.64
N THR A 122 -17.59 14.14 2.40
CA THR A 122 -17.94 15.54 2.19
C THR A 122 -19.41 15.71 1.79
N ASP A 123 -19.89 16.95 1.90
CA ASP A 123 -21.26 17.32 1.55
C ASP A 123 -21.27 18.33 0.41
N GLY A 124 -20.34 19.29 0.46
CA GLY A 124 -20.24 20.30 -0.56
C GLY A 124 -19.01 20.05 -1.40
N ALA A 125 -18.80 20.87 -2.43
CA ALA A 125 -17.65 20.73 -3.32
C ALA A 125 -17.36 21.99 -4.14
N LEU A 126 -16.12 22.48 -4.07
CA LEU A 126 -15.69 23.67 -4.79
C LEU A 126 -15.05 23.26 -6.10
N VAL A 127 -15.85 23.18 -7.17
CA VAL A 127 -15.34 22.77 -8.47
C VAL A 127 -14.60 23.85 -9.26
N VAL A 128 -13.29 23.65 -9.44
CA VAL A 128 -12.48 24.61 -10.17
C VAL A 128 -12.36 24.29 -11.65
N VAL A 129 -12.76 25.27 -12.45
CA VAL A 129 -12.73 25.16 -13.90
C VAL A 129 -11.79 26.22 -14.45
N ASP A 130 -11.26 25.98 -15.64
CA ASP A 130 -10.32 26.92 -16.27
C ASP A 130 -11.04 27.88 -17.23
N THR A 131 -10.56 29.12 -17.31
CA THR A 131 -11.17 30.13 -18.19
C THR A 131 -11.02 29.79 -19.64
N ILE A 132 -9.77 29.60 -20.05
CA ILE A 132 -9.45 29.27 -21.43
C ILE A 132 -9.91 27.86 -21.79
N GLU A 133 -9.38 26.87 -21.07
CA GLU A 133 -9.69 25.47 -21.35
C GLU A 133 -11.09 25.00 -20.91
N GLY A 134 -11.73 25.71 -19.99
CA GLY A 134 -13.05 25.30 -19.54
C GLY A 134 -13.01 24.09 -18.60
N VAL A 135 -13.95 23.17 -18.75
CA VAL A 135 -13.98 21.98 -17.91
C VAL A 135 -13.14 20.90 -18.59
N CYS A 136 -12.06 20.47 -17.94
CA CYS A 136 -11.21 19.44 -18.52
C CYS A 136 -11.81 18.06 -18.18
N VAL A 137 -11.49 17.08 -19.00
CA VAL A 137 -12.02 15.74 -18.82
C VAL A 137 -11.94 15.22 -17.38
N GLN A 138 -10.74 15.11 -16.84
CA GLN A 138 -10.59 14.63 -15.48
C GLN A 138 -11.56 15.30 -14.49
N THR A 139 -11.61 16.63 -14.48
CA THR A 139 -12.49 17.32 -13.56
C THR A 139 -13.92 16.92 -13.83
N GLU A 140 -14.24 16.70 -15.10
CA GLU A 140 -15.58 16.34 -15.47
C GLU A 140 -15.93 15.01 -14.84
N THR A 141 -14.97 14.11 -14.85
CA THR A 141 -15.16 12.77 -14.31
C THR A 141 -15.40 12.81 -12.81
N VAL A 142 -14.50 13.45 -12.09
CA VAL A 142 -14.66 13.56 -10.66
C VAL A 142 -16.01 14.14 -10.30
N LEU A 143 -16.42 15.17 -11.04
CA LEU A 143 -17.69 15.80 -10.76
C LEU A 143 -18.80 14.76 -10.80
N ARG A 144 -18.87 13.94 -11.85
CA ARG A 144 -19.91 12.93 -11.88
C ARG A 144 -19.88 12.19 -10.55
N GLN A 145 -18.75 11.55 -10.27
CA GLN A 145 -18.58 10.82 -9.03
C GLN A 145 -19.13 11.60 -7.87
N ALA A 146 -18.70 12.85 -7.73
CA ALA A 146 -19.19 13.67 -6.64
C ALA A 146 -20.70 13.61 -6.65
N LEU A 147 -21.28 13.97 -7.80
CA LEU A 147 -22.72 13.99 -7.97
C LEU A 147 -23.38 12.69 -7.57
N GLY A 148 -22.73 11.59 -7.90
CA GLY A 148 -23.27 10.28 -7.54
C GLY A 148 -23.41 10.10 -6.04
N GLU A 149 -22.59 10.81 -5.26
CA GLU A 149 -22.65 10.71 -3.80
C GLU A 149 -23.57 11.83 -3.30
N ARG A 150 -24.16 12.56 -4.24
CA ARG A 150 -25.03 13.66 -3.86
C ARG A 150 -24.24 14.81 -3.21
N ILE A 151 -23.31 15.38 -3.96
CA ILE A 151 -22.51 16.50 -3.49
C ILE A 151 -22.97 17.77 -4.22
N LYS A 152 -23.27 18.84 -3.48
CA LYS A 152 -23.71 20.10 -4.10
C LYS A 152 -22.52 20.80 -4.72
N PRO A 153 -22.54 21.05 -6.03
CA PRO A 153 -21.35 21.73 -6.55
C PRO A 153 -21.48 23.23 -6.46
N VAL A 154 -20.34 23.88 -6.52
CA VAL A 154 -20.20 25.33 -6.49
C VAL A 154 -18.98 25.53 -7.40
N VAL A 155 -19.07 26.47 -8.34
CA VAL A 155 -17.97 26.67 -9.28
C VAL A 155 -17.11 27.92 -9.11
N VAL A 156 -15.92 27.85 -9.69
CA VAL A 156 -14.95 28.94 -9.70
C VAL A 156 -14.19 28.83 -11.00
N ILE A 157 -14.23 29.89 -11.79
CA ILE A 157 -13.52 29.91 -13.03
C ILE A 157 -12.21 30.61 -12.76
N ASN A 158 -11.17 29.79 -12.68
CA ASN A 158 -9.82 30.24 -12.37
C ASN A 158 -9.01 30.62 -13.60
N LYS A 159 -7.83 31.19 -13.34
CA LYS A 159 -6.93 31.59 -14.40
C LYS A 159 -7.53 32.56 -15.40
N VAL A 160 -8.28 33.53 -14.89
CA VAL A 160 -8.87 34.53 -15.75
C VAL A 160 -7.74 35.38 -16.33
N ASP A 161 -6.74 35.66 -15.49
CA ASP A 161 -5.61 36.47 -15.90
C ASP A 161 -5.06 36.11 -17.28
N ARG A 162 -4.89 34.82 -17.55
CA ARG A 162 -4.36 34.39 -18.83
C ARG A 162 -5.17 34.99 -19.97
N ALA A 163 -6.48 35.06 -19.76
CA ALA A 163 -7.41 35.59 -20.76
C ALA A 163 -7.05 36.99 -21.15
N LEU A 164 -6.80 37.82 -20.15
CA LEU A 164 -6.48 39.21 -20.40
C LEU A 164 -5.06 39.33 -20.91
N LEU A 165 -4.10 39.10 -20.02
CA LEU A 165 -2.69 39.19 -20.34
C LEU A 165 -2.26 38.54 -21.65
N GLU A 166 -2.44 37.23 -21.78
CA GLU A 166 -2.01 36.56 -23.01
C GLU A 166 -2.91 36.77 -24.22
N LEU A 167 -4.17 36.38 -24.07
CA LEU A 167 -5.11 36.48 -25.17
C LEU A 167 -5.66 37.86 -25.46
N GLN A 168 -5.56 38.75 -24.48
CA GLN A 168 -6.06 40.11 -24.61
C GLN A 168 -7.49 40.10 -25.19
N VAL A 169 -8.34 39.31 -24.57
CA VAL A 169 -9.72 39.22 -25.01
C VAL A 169 -10.53 40.46 -24.62
N SER A 170 -11.62 40.69 -25.35
CA SER A 170 -12.48 41.82 -25.06
C SER A 170 -13.40 41.48 -23.89
N LYS A 171 -14.04 42.50 -23.33
CA LYS A 171 -14.95 42.27 -22.23
C LYS A 171 -16.03 41.27 -22.67
N GLU A 172 -16.64 41.50 -23.83
CA GLU A 172 -17.70 40.59 -24.29
C GLU A 172 -17.24 39.19 -24.61
N ASP A 173 -16.05 39.06 -25.19
CA ASP A 173 -15.54 37.72 -25.51
C ASP A 173 -15.38 36.91 -24.24
N LEU A 174 -14.82 37.56 -23.21
CA LEU A 174 -14.59 36.95 -21.91
C LEU A 174 -15.93 36.55 -21.30
N TYR A 175 -16.92 37.44 -21.42
CA TYR A 175 -18.25 37.15 -20.90
C TYR A 175 -18.76 35.89 -21.55
N GLN A 176 -18.80 35.91 -22.88
CA GLN A 176 -19.26 34.76 -23.62
C GLN A 176 -18.52 33.49 -23.21
N THR A 177 -17.23 33.62 -22.89
CA THR A 177 -16.46 32.46 -22.48
C THR A 177 -17.04 31.89 -21.19
N PHE A 178 -17.17 32.73 -20.16
CA PHE A 178 -17.70 32.30 -18.87
C PHE A 178 -19.05 31.64 -19.10
N ALA A 179 -19.85 32.28 -19.94
CA ALA A 179 -21.17 31.79 -20.31
C ALA A 179 -21.11 30.33 -20.76
N ARG A 180 -20.30 30.06 -21.79
CA ARG A 180 -20.15 28.69 -22.31
C ARG A 180 -19.69 27.73 -21.23
N THR A 181 -18.62 28.11 -20.56
CA THR A 181 -18.05 27.31 -19.48
C THR A 181 -19.11 26.93 -18.46
N VAL A 182 -19.80 27.91 -17.89
CA VAL A 182 -20.84 27.63 -16.91
C VAL A 182 -21.90 26.71 -17.51
N GLU A 183 -22.08 26.83 -18.81
CA GLU A 183 -23.06 26.02 -19.52
C GLU A 183 -22.63 24.56 -19.56
N SER A 184 -21.35 24.34 -19.84
CA SER A 184 -20.77 23.02 -19.92
C SER A 184 -20.92 22.30 -18.59
N VAL A 185 -20.61 23.03 -17.51
CA VAL A 185 -20.71 22.49 -16.16
C VAL A 185 -22.13 22.07 -15.87
N ASN A 186 -23.08 22.94 -16.17
CA ASN A 186 -24.46 22.59 -15.89
C ASN A 186 -24.98 21.48 -16.78
N VAL A 187 -24.32 21.23 -17.90
CA VAL A 187 -24.73 20.13 -18.76
C VAL A 187 -24.40 18.84 -17.99
N ILE A 188 -23.33 18.91 -17.20
CA ILE A 188 -22.92 17.77 -16.42
C ILE A 188 -23.75 17.70 -15.18
N VAL A 189 -23.93 18.84 -14.53
CA VAL A 189 -24.71 18.88 -13.31
C VAL A 189 -26.12 18.33 -13.48
N SER A 190 -26.86 18.85 -14.46
CA SER A 190 -28.23 18.38 -14.66
C SER A 190 -28.26 16.92 -15.14
N THR A 191 -27.34 16.54 -16.01
CA THR A 191 -27.29 15.18 -16.53
C THR A 191 -27.02 14.10 -15.45
N TYR A 192 -26.23 14.46 -14.43
CA TYR A 192 -25.83 13.50 -13.40
C TYR A 192 -26.29 13.70 -11.97
N ALA A 193 -26.81 14.86 -11.62
CA ALA A 193 -27.27 15.05 -10.25
C ALA A 193 -28.62 14.35 -10.11
N ASP A 194 -28.98 14.00 -8.87
CA ASP A 194 -30.24 13.33 -8.58
C ASP A 194 -31.45 14.25 -8.65
N GLU A 195 -32.54 13.73 -9.22
CA GLU A 195 -33.77 14.52 -9.35
C GLU A 195 -34.27 14.90 -7.99
N VAL A 196 -34.05 14.03 -7.01
CA VAL A 196 -34.52 14.31 -5.65
C VAL A 196 -33.85 15.55 -5.08
N LEU A 197 -32.55 15.67 -5.31
CA LEU A 197 -31.78 16.82 -4.83
C LEU A 197 -32.37 18.17 -5.26
N GLY A 198 -33.03 18.20 -6.41
CA GLY A 198 -33.59 19.45 -6.91
C GLY A 198 -32.58 20.11 -7.83
N ASP A 199 -32.99 21.13 -8.55
CA ASP A 199 -32.05 21.80 -9.47
C ASP A 199 -30.84 22.23 -8.67
N VAL A 200 -29.69 21.67 -9.03
CA VAL A 200 -28.46 21.97 -8.33
C VAL A 200 -27.47 22.70 -9.24
N GLN A 201 -27.93 23.07 -10.43
CA GLN A 201 -27.11 23.80 -11.39
C GLN A 201 -26.55 25.10 -10.82
N VAL A 202 -25.37 25.51 -11.27
CA VAL A 202 -24.78 26.75 -10.80
C VAL A 202 -25.24 27.91 -11.66
N TYR A 203 -25.54 29.02 -11.00
CA TYR A 203 -25.98 30.22 -11.68
C TYR A 203 -25.24 31.42 -11.10
N PRO A 204 -24.39 32.07 -11.91
CA PRO A 204 -23.59 33.23 -11.52
C PRO A 204 -24.42 34.29 -10.82
N ALA A 205 -25.64 34.48 -11.32
CA ALA A 205 -26.56 35.47 -10.76
C ALA A 205 -27.03 35.07 -9.37
N ARG A 206 -26.93 33.79 -9.05
CA ARG A 206 -27.34 33.32 -7.73
C ARG A 206 -26.17 33.18 -6.80
N GLY A 207 -25.02 33.72 -7.17
CA GLY A 207 -23.83 33.66 -6.33
C GLY A 207 -23.17 32.30 -6.15
N THR A 208 -23.40 31.38 -7.07
CA THR A 208 -22.78 30.07 -6.94
C THR A 208 -21.64 29.87 -7.91
N VAL A 209 -21.21 30.95 -8.54
CA VAL A 209 -20.09 30.88 -9.47
C VAL A 209 -19.19 32.09 -9.22
N ALA A 210 -17.91 31.80 -9.00
CA ALA A 210 -16.92 32.83 -8.76
C ALA A 210 -15.93 32.86 -9.91
N PHE A 211 -15.30 34.00 -10.11
CA PHE A 211 -14.33 34.16 -11.17
C PHE A 211 -13.10 34.73 -10.54
N GLY A 212 -11.95 34.47 -11.14
CA GLY A 212 -10.75 35.02 -10.56
C GLY A 212 -9.47 34.36 -11.02
N SER A 213 -8.39 34.67 -10.32
CA SER A 213 -7.09 34.13 -10.64
C SER A 213 -6.34 33.77 -9.37
N GLY A 214 -6.01 32.48 -9.21
CA GLY A 214 -5.26 32.04 -8.04
C GLY A 214 -3.90 32.72 -8.00
N LEU A 215 -3.26 32.78 -9.17
CA LEU A 215 -1.96 33.41 -9.29
C LEU A 215 -1.93 34.77 -8.57
N HIS A 216 -2.56 35.79 -9.14
CA HIS A 216 -2.58 37.10 -8.50
C HIS A 216 -3.32 37.11 -7.18
N GLY A 217 -4.09 36.06 -6.94
CA GLY A 217 -4.83 35.95 -5.69
C GLY A 217 -6.11 36.75 -5.59
N TRP A 218 -6.90 36.80 -6.66
CA TRP A 218 -8.16 37.52 -6.63
C TRP A 218 -9.31 36.71 -7.19
N ALA A 219 -10.51 37.07 -6.77
CA ALA A 219 -11.70 36.39 -7.22
C ALA A 219 -12.91 37.16 -6.71
N PHE A 220 -14.02 37.05 -7.45
CA PHE A 220 -15.23 37.74 -7.09
C PHE A 220 -16.46 36.96 -7.46
N THR A 221 -17.58 37.40 -6.89
CA THR A 221 -18.87 36.79 -7.17
C THR A 221 -19.81 37.91 -7.54
N ILE A 222 -20.80 37.62 -8.36
CA ILE A 222 -21.76 38.66 -8.72
C ILE A 222 -22.33 39.32 -7.46
N ARG A 223 -22.46 38.52 -6.41
CA ARG A 223 -23.00 39.00 -5.15
C ARG A 223 -22.10 40.00 -4.48
N GLN A 224 -20.83 40.01 -4.86
CA GLN A 224 -19.94 40.95 -4.22
C GLN A 224 -20.08 42.33 -4.84
N PHE A 225 -20.19 42.40 -6.16
CA PHE A 225 -20.37 43.67 -6.81
C PHE A 225 -21.79 44.17 -6.62
N ALA A 226 -22.71 43.25 -6.40
CA ALA A 226 -24.10 43.62 -6.19
C ALA A 226 -24.24 44.28 -4.83
N THR A 227 -23.34 43.98 -3.90
CA THR A 227 -23.43 44.59 -2.59
C THR A 227 -22.82 45.98 -2.63
N ARG A 228 -21.95 46.22 -3.61
CA ARG A 228 -21.32 47.52 -3.76
C ARG A 228 -22.28 48.47 -4.44
N TYR A 229 -22.60 48.15 -5.69
CA TYR A 229 -23.49 48.96 -6.49
C TYR A 229 -24.87 48.94 -5.89
N ALA A 230 -24.99 48.22 -4.78
CA ALA A 230 -26.25 48.07 -4.06
C ALA A 230 -27.07 49.34 -3.97
N LYS A 231 -26.48 50.40 -3.43
CA LYS A 231 -27.23 51.64 -3.27
C LYS A 231 -27.01 52.70 -4.33
N LYS A 232 -25.85 52.67 -4.98
CA LYS A 232 -25.54 53.61 -6.04
C LYS A 232 -26.67 53.64 -7.06
N PHE A 233 -27.59 52.68 -6.96
CA PHE A 233 -28.74 52.60 -7.86
C PHE A 233 -30.05 52.51 -7.10
N GLY A 234 -29.97 52.48 -5.78
CA GLY A 234 -31.18 52.37 -4.99
C GLY A 234 -31.91 51.11 -5.38
N VAL A 235 -31.32 49.97 -5.03
CA VAL A 235 -31.92 48.68 -5.34
C VAL A 235 -31.61 47.75 -4.20
N ASP A 236 -32.37 46.66 -4.12
CA ASP A 236 -32.09 45.66 -3.12
C ASP A 236 -31.16 44.77 -3.95
N LYS A 237 -29.99 44.45 -3.41
CA LYS A 237 -29.02 43.65 -4.17
C LYS A 237 -29.63 42.44 -4.88
N ALA A 238 -30.79 42.00 -4.40
CA ALA A 238 -31.47 40.87 -5.01
C ALA A 238 -31.60 41.13 -6.50
N LYS A 239 -32.02 42.35 -6.83
CA LYS A 239 -32.20 42.71 -8.23
C LYS A 239 -30.95 43.28 -8.85
N MET A 240 -30.01 43.72 -8.02
CA MET A 240 -28.78 44.27 -8.57
C MET A 240 -27.90 43.15 -9.10
N MET A 241 -27.80 42.06 -8.34
CA MET A 241 -26.97 40.98 -8.85
C MET A 241 -27.71 40.26 -9.97
N ASP A 242 -29.03 40.31 -9.92
CA ASP A 242 -29.82 39.67 -10.95
C ASP A 242 -29.58 40.33 -12.31
N ARG A 243 -29.29 41.62 -12.30
CA ARG A 243 -29.06 42.36 -13.53
C ARG A 243 -27.61 42.28 -13.93
N LEU A 244 -26.75 41.96 -12.97
CA LEU A 244 -25.32 41.89 -13.24
C LEU A 244 -24.88 40.71 -14.08
N TRP A 245 -25.84 39.90 -14.51
CA TRP A 245 -25.57 38.76 -15.37
C TRP A 245 -26.69 38.67 -16.40
N GLY A 246 -26.40 38.02 -17.53
CA GLY A 246 -27.39 37.86 -18.58
C GLY A 246 -27.62 39.13 -19.39
N ASP A 247 -28.78 39.23 -20.02
CA ASP A 247 -29.12 40.39 -20.83
C ASP A 247 -29.80 41.51 -20.06
N SER A 248 -29.00 42.43 -19.53
CA SER A 248 -29.47 43.59 -18.80
C SER A 248 -28.55 44.72 -19.23
N PHE A 249 -29.14 45.83 -19.61
CA PHE A 249 -28.34 46.92 -20.09
C PHE A 249 -28.68 48.21 -19.38
N PHE A 250 -27.67 49.03 -19.23
CA PHE A 250 -27.82 50.33 -18.61
C PHE A 250 -27.33 51.33 -19.64
N ASN A 251 -28.24 52.14 -20.16
CA ASN A 251 -27.87 53.13 -21.14
C ASN A 251 -27.14 54.25 -20.39
N PRO A 252 -25.92 54.57 -20.82
CA PRO A 252 -25.17 55.63 -20.14
C PRO A 252 -25.90 56.94 -20.34
N LYS A 253 -26.38 57.13 -21.57
CA LYS A 253 -27.12 58.32 -21.96
C LYS A 253 -28.49 58.40 -21.29
N THR A 254 -29.42 57.53 -21.64
CA THR A 254 -30.73 57.60 -21.01
C THR A 254 -30.66 57.34 -19.51
N LYS A 255 -29.63 56.64 -19.06
CA LYS A 255 -29.50 56.30 -17.64
C LYS A 255 -30.69 55.45 -17.23
N LYS A 256 -31.09 54.54 -18.11
CA LYS A 256 -32.22 53.66 -17.85
C LYS A 256 -31.79 52.23 -18.05
N TRP A 257 -32.47 51.33 -17.35
CA TRP A 257 -32.20 49.91 -17.44
C TRP A 257 -33.12 49.36 -18.51
N THR A 258 -32.58 48.50 -19.37
CA THR A 258 -33.36 47.95 -20.46
C THR A 258 -33.13 46.46 -20.53
N ASN A 259 -33.77 45.81 -21.51
CA ASN A 259 -33.60 44.39 -21.70
C ASN A 259 -33.29 44.08 -23.16
N LYS A 260 -32.90 45.11 -23.90
CA LYS A 260 -32.54 44.93 -25.29
C LYS A 260 -31.17 45.56 -25.51
N ASP A 261 -30.30 44.85 -26.23
CA ASP A 261 -28.94 45.32 -26.48
C ASP A 261 -28.79 46.50 -27.42
N THR A 262 -29.87 47.21 -27.66
CA THR A 262 -29.81 48.38 -28.54
C THR A 262 -30.72 49.48 -28.01
N ASP A 263 -30.32 50.72 -28.25
CA ASP A 263 -31.13 51.83 -27.80
C ASP A 263 -32.13 52.13 -28.91
N ALA A 264 -33.09 52.99 -28.61
CA ALA A 264 -34.13 53.34 -29.58
C ALA A 264 -33.62 53.53 -31.00
N GLU A 265 -32.35 53.94 -31.16
CA GLU A 265 -31.80 54.16 -32.50
C GLU A 265 -31.11 52.99 -33.20
N GLY A 266 -30.77 51.96 -32.47
CA GLY A 266 -30.14 50.82 -33.11
C GLY A 266 -28.70 50.66 -32.69
N LYS A 267 -28.21 51.59 -31.90
CA LYS A 267 -26.84 51.49 -31.43
C LYS A 267 -26.77 50.41 -30.32
N PRO A 268 -25.62 49.72 -30.23
CA PRO A 268 -25.37 48.66 -29.25
C PRO A 268 -25.27 49.16 -27.80
N LEU A 269 -25.55 48.25 -26.87
CA LEU A 269 -25.45 48.54 -25.46
C LEU A 269 -24.59 47.50 -24.70
N GLU A 270 -23.63 47.98 -23.92
CA GLU A 270 -22.73 47.12 -23.14
C GLU A 270 -23.56 46.50 -22.04
N ARG A 271 -23.38 45.19 -21.87
CA ARG A 271 -24.05 44.38 -20.87
C ARG A 271 -23.77 44.95 -19.48
N ALA A 272 -24.55 44.58 -18.47
CA ALA A 272 -24.33 45.13 -17.13
C ALA A 272 -23.07 44.56 -16.55
N PHE A 273 -22.85 43.27 -16.80
CA PHE A 273 -21.67 42.58 -16.32
C PHE A 273 -20.44 43.30 -16.85
N ASN A 274 -20.42 43.48 -18.15
CA ASN A 274 -19.31 44.15 -18.78
C ASN A 274 -19.15 45.58 -18.34
N MET A 275 -20.23 46.20 -17.88
CA MET A 275 -20.16 47.59 -17.44
C MET A 275 -19.69 47.87 -16.01
N PHE A 276 -20.24 47.13 -15.06
CA PHE A 276 -19.90 47.34 -13.66
C PHE A 276 -18.93 46.34 -13.04
N ILE A 277 -18.67 45.24 -13.73
CA ILE A 277 -17.74 44.26 -13.21
C ILE A 277 -16.46 44.16 -14.05
N LEU A 278 -16.59 43.70 -15.29
CA LEU A 278 -15.42 43.54 -16.13
C LEU A 278 -14.68 44.82 -16.46
N ASP A 279 -15.36 45.95 -16.48
CA ASP A 279 -14.68 47.18 -16.85
C ASP A 279 -13.71 47.68 -15.79
N PRO A 280 -14.17 47.86 -14.55
CA PRO A 280 -13.24 48.33 -13.52
C PRO A 280 -11.94 47.50 -13.59
N ILE A 281 -12.10 46.19 -13.52
CA ILE A 281 -10.99 45.28 -13.57
C ILE A 281 -10.14 45.52 -14.81
N PHE A 282 -10.76 45.46 -15.99
CA PHE A 282 -10.02 45.65 -17.22
C PHE A 282 -9.18 46.93 -17.25
N ARG A 283 -9.65 47.98 -16.60
CA ARG A 283 -8.90 49.23 -16.63
C ARG A 283 -7.65 49.17 -15.78
N LEU A 284 -7.80 48.66 -14.57
CA LEU A 284 -6.68 48.50 -13.65
C LEU A 284 -5.61 47.73 -14.40
N PHE A 285 -5.98 46.62 -15.04
CA PHE A 285 -5.02 45.85 -15.82
C PHE A 285 -4.34 46.70 -16.90
N THR A 286 -5.14 47.45 -17.65
CA THR A 286 -4.60 48.27 -18.74
C THR A 286 -3.78 49.43 -18.20
N ALA A 287 -4.28 50.07 -17.15
CA ALA A 287 -3.54 51.16 -16.57
C ALA A 287 -2.18 50.61 -16.15
N ILE A 288 -2.18 49.87 -15.05
CA ILE A 288 -0.99 49.27 -14.49
C ILE A 288 0.00 48.60 -15.44
N MET A 289 -0.45 47.62 -16.20
CA MET A 289 0.46 46.93 -17.12
C MET A 289 1.05 47.80 -18.22
N ASN A 290 0.55 49.03 -18.36
CA ASN A 290 1.06 49.95 -19.38
C ASN A 290 1.86 51.08 -18.73
N PHE A 291 2.01 50.99 -17.42
CA PHE A 291 2.78 51.95 -16.64
C PHE A 291 2.32 53.38 -16.78
N LYS A 292 1.02 53.57 -17.01
CA LYS A 292 0.51 54.92 -17.13
C LYS A 292 0.32 55.49 -15.72
N LYS A 293 1.43 55.89 -15.13
CA LYS A 293 1.47 56.43 -13.79
C LYS A 293 0.52 57.59 -13.52
N ASP A 294 0.04 58.25 -14.57
CA ASP A 294 -0.89 59.34 -14.36
C ASP A 294 -2.26 58.80 -13.98
N GLU A 295 -2.69 57.75 -14.66
CA GLU A 295 -3.99 57.14 -14.41
C GLU A 295 -4.08 56.25 -13.18
N ILE A 296 -3.08 55.39 -13.01
CA ILE A 296 -3.08 54.44 -11.89
C ILE A 296 -3.60 55.02 -10.57
N PRO A 297 -2.96 56.08 -10.06
CA PRO A 297 -3.41 56.69 -8.80
C PRO A 297 -4.88 57.10 -8.80
N VAL A 298 -5.29 57.78 -9.87
CA VAL A 298 -6.67 58.26 -10.02
C VAL A 298 -7.60 57.05 -10.03
N LEU A 299 -7.31 56.14 -10.95
CA LEU A 299 -8.10 54.94 -11.11
C LEU A 299 -8.27 54.23 -9.78
N LEU A 300 -7.16 54.10 -9.05
CA LEU A 300 -7.12 53.43 -7.74
C LEU A 300 -7.96 54.08 -6.67
N GLU A 301 -7.85 55.40 -6.55
CA GLU A 301 -8.61 56.12 -5.55
C GLU A 301 -10.11 55.93 -5.76
N LYS A 302 -10.53 55.88 -7.03
CA LYS A 302 -11.93 55.72 -7.38
C LYS A 302 -12.53 54.42 -6.80
N LEU A 303 -11.76 53.34 -6.87
CA LEU A 303 -12.20 52.05 -6.35
C LEU A 303 -11.82 51.92 -4.89
N GLU A 304 -11.32 53.01 -4.33
CA GLU A 304 -10.92 53.03 -2.94
C GLU A 304 -9.92 51.92 -2.57
N ILE A 305 -8.88 51.78 -3.39
CA ILE A 305 -7.85 50.77 -3.12
C ILE A 305 -6.63 51.53 -2.63
N VAL A 306 -6.36 51.44 -1.33
CA VAL A 306 -5.23 52.14 -0.73
C VAL A 306 -3.94 51.35 -0.63
N LEU A 307 -2.97 51.70 -1.46
CA LEU A 307 -1.66 51.04 -1.43
C LEU A 307 -1.03 51.47 -0.12
N LYS A 308 -0.26 50.58 0.50
CA LYS A 308 0.37 50.92 1.78
C LYS A 308 1.89 51.17 1.71
N GLY A 309 2.25 52.44 1.71
CA GLY A 309 3.65 52.84 1.67
C GLY A 309 4.52 52.13 0.67
N ASP A 310 5.14 51.04 1.11
CA ASP A 310 6.04 50.28 0.28
C ASP A 310 5.47 49.76 -1.04
N GLU A 311 4.18 49.39 -1.02
CA GLU A 311 3.54 48.87 -2.21
C GLU A 311 3.48 49.93 -3.31
N LYS A 312 3.31 51.18 -2.88
CA LYS A 312 3.22 52.32 -3.78
C LYS A 312 4.21 52.37 -4.94
N ASP A 313 5.46 52.01 -4.68
CA ASP A 313 6.49 52.07 -5.72
C ASP A 313 6.46 50.93 -6.73
N LEU A 314 5.76 49.86 -6.39
CA LEU A 314 5.67 48.70 -7.27
C LEU A 314 5.13 49.07 -8.64
N GLU A 315 5.47 48.27 -9.65
CA GLU A 315 4.97 48.50 -11.01
C GLU A 315 5.04 47.20 -11.79
N GLY A 316 4.22 47.09 -12.83
CA GLY A 316 4.19 45.89 -13.62
C GLY A 316 3.40 44.84 -12.87
N LYS A 317 3.66 43.57 -13.15
CA LYS A 317 2.95 42.48 -12.48
C LYS A 317 2.98 42.69 -10.97
N ALA A 318 4.17 42.98 -10.46
CA ALA A 318 4.35 43.21 -9.04
C ALA A 318 3.21 44.04 -8.45
N LEU A 319 2.93 45.16 -9.08
CA LEU A 319 1.89 46.06 -8.63
C LEU A 319 0.51 45.45 -8.83
N LEU A 320 0.15 45.18 -10.07
CA LEU A 320 -1.15 44.61 -10.37
C LEU A 320 -1.50 43.53 -9.37
N LYS A 321 -0.52 42.68 -9.07
CA LYS A 321 -0.74 41.59 -8.13
C LYS A 321 -1.15 42.08 -6.78
N VAL A 322 -0.63 43.21 -6.36
CA VAL A 322 -0.98 43.75 -5.06
C VAL A 322 -2.35 44.42 -5.07
N VAL A 323 -2.61 45.19 -6.13
CA VAL A 323 -3.85 45.92 -6.30
C VAL A 323 -5.04 44.96 -6.33
N MET A 324 -4.92 43.95 -7.17
CA MET A 324 -5.97 42.96 -7.32
C MET A 324 -6.29 42.25 -6.01
N ARG A 325 -5.27 41.96 -5.21
CA ARG A 325 -5.49 41.28 -3.93
C ARG A 325 -6.30 42.17 -2.99
N LYS A 326 -5.93 43.44 -2.93
CA LYS A 326 -6.63 44.37 -2.04
C LYS A 326 -8.06 44.60 -2.56
N PHE A 327 -8.18 44.71 -3.88
CA PHE A 327 -9.46 44.94 -4.52
C PHE A 327 -10.40 43.77 -4.29
N LEU A 328 -10.09 42.63 -4.90
CA LEU A 328 -10.95 41.46 -4.75
C LEU A 328 -10.26 40.25 -4.14
N PRO A 329 -10.18 40.21 -2.80
CA PRO A 329 -9.55 39.11 -2.08
C PRO A 329 -10.16 37.76 -2.48
N ALA A 330 -9.37 36.92 -3.16
CA ALA A 330 -9.84 35.61 -3.63
C ALA A 330 -10.46 34.77 -2.54
N ALA A 331 -9.82 34.75 -1.39
CA ALA A 331 -10.28 33.93 -0.27
C ALA A 331 -11.71 34.18 0.16
N ASP A 332 -12.13 35.44 0.16
CA ASP A 332 -13.48 35.76 0.61
C ASP A 332 -14.54 35.34 -0.39
N ALA A 333 -14.24 35.50 -1.67
CA ALA A 333 -15.17 35.13 -2.72
C ALA A 333 -15.57 33.67 -2.56
N LEU A 334 -14.55 32.83 -2.33
CA LEU A 334 -14.76 31.40 -2.17
C LEU A 334 -15.41 31.05 -0.84
N LEU A 335 -15.02 31.72 0.23
CA LEU A 335 -15.62 31.43 1.54
C LEU A 335 -17.08 31.83 1.57
N GLU A 336 -17.45 32.83 0.77
CA GLU A 336 -18.82 33.32 0.67
C GLU A 336 -19.72 32.27 0.05
N MET A 337 -19.25 31.62 -1.01
CA MET A 337 -20.04 30.59 -1.69
C MET A 337 -20.12 29.33 -0.85
N ILE A 338 -19.07 29.03 -0.09
CA ILE A 338 -19.07 27.83 0.74
C ILE A 338 -20.09 27.93 1.85
N VAL A 339 -20.15 29.09 2.51
CA VAL A 339 -21.10 29.29 3.61
C VAL A 339 -22.57 29.45 3.19
N LEU A 340 -22.81 30.27 2.18
CA LEU A 340 -24.17 30.56 1.72
C LEU A 340 -24.82 29.51 0.83
N HIS A 341 -24.01 28.67 0.20
CA HIS A 341 -24.55 27.69 -0.73
C HIS A 341 -24.25 26.21 -0.50
N LEU A 342 -23.16 25.90 0.20
CA LEU A 342 -22.85 24.51 0.44
C LEU A 342 -23.67 24.01 1.63
N PRO A 343 -24.11 22.75 1.58
CA PRO A 343 -24.90 22.16 2.66
C PRO A 343 -24.12 21.86 3.93
N SER A 344 -24.81 22.01 5.08
CA SER A 344 -24.23 21.75 6.38
C SER A 344 -24.37 20.26 6.63
N PRO A 345 -23.69 19.73 7.66
CA PRO A 345 -23.81 18.30 7.93
C PRO A 345 -25.25 17.88 8.30
N VAL A 346 -26.19 18.82 8.27
CA VAL A 346 -27.57 18.47 8.64
C VAL A 346 -28.50 18.36 7.44
N THR A 347 -28.31 19.25 6.48
CA THR A 347 -29.12 19.31 5.28
C THR A 347 -28.83 18.14 4.34
N ALA A 348 -27.55 17.81 4.22
CA ALA A 348 -27.12 16.76 3.32
C ALA A 348 -27.28 15.33 3.82
N GLN A 349 -27.14 15.11 5.13
CA GLN A 349 -27.26 13.75 5.65
C GLN A 349 -28.66 13.21 5.48
N ALA A 350 -29.63 14.12 5.49
CA ALA A 350 -31.02 13.75 5.33
C ALA A 350 -31.24 13.04 4.01
N TYR A 351 -30.56 13.47 2.96
CA TYR A 351 -30.74 12.84 1.66
C TYR A 351 -29.59 11.97 1.23
N ARG A 352 -28.54 11.91 2.05
CA ARG A 352 -27.36 11.11 1.73
C ARG A 352 -27.30 9.84 2.55
N ALA A 353 -27.94 9.87 3.72
CA ALA A 353 -27.97 8.73 4.65
C ALA A 353 -28.29 7.38 4.02
N GLU A 354 -29.44 7.28 3.38
CA GLU A 354 -29.85 6.03 2.76
C GLU A 354 -28.77 5.47 1.85
N GLN A 355 -28.09 6.35 1.14
CA GLN A 355 -27.05 5.97 0.21
C GLN A 355 -25.79 5.49 0.96
N LEU A 356 -25.58 6.03 2.16
CA LEU A 356 -24.41 5.68 2.94
C LEU A 356 -24.61 4.53 3.94
N TYR A 357 -25.86 4.13 4.14
CA TYR A 357 -26.13 3.03 5.07
C TYR A 357 -26.49 1.78 4.30
N GLU A 358 -25.69 0.74 4.48
CA GLU A 358 -25.89 -0.53 3.82
C GLU A 358 -26.90 -1.40 4.60
N GLY A 359 -27.78 -0.73 5.35
CA GLY A 359 -28.77 -1.45 6.13
C GLY A 359 -30.18 -1.03 5.75
N PRO A 360 -31.18 -1.29 6.61
CA PRO A 360 -32.58 -0.93 6.35
C PRO A 360 -32.78 0.60 6.35
N ALA A 361 -33.39 1.11 5.29
CA ALA A 361 -33.61 2.55 5.17
C ALA A 361 -34.45 3.16 6.29
N ASP A 362 -34.92 2.32 7.21
CA ASP A 362 -35.73 2.76 8.34
C ASP A 362 -35.09 2.26 9.62
N ASP A 363 -33.94 1.62 9.47
CA ASP A 363 -33.20 1.10 10.62
C ASP A 363 -33.05 2.23 11.64
N ALA A 364 -32.95 1.87 12.91
CA ALA A 364 -32.79 2.85 13.98
C ALA A 364 -31.59 3.77 13.78
N ASN A 365 -30.56 3.27 13.12
CA ASN A 365 -29.34 4.05 12.86
C ASN A 365 -29.46 4.86 11.57
N CYS A 366 -29.97 4.26 10.50
CA CYS A 366 -30.13 4.97 9.25
C CYS A 366 -30.94 6.24 9.53
N ILE A 367 -31.89 6.12 10.44
CA ILE A 367 -32.70 7.26 10.82
C ILE A 367 -31.78 8.27 11.50
N ALA A 368 -31.09 7.82 12.53
CA ALA A 368 -30.16 8.68 13.26
C ALA A 368 -29.16 9.38 12.33
N ILE A 369 -28.92 8.80 11.14
CA ILE A 369 -28.00 9.41 10.20
C ILE A 369 -28.70 10.61 9.53
N LYS A 370 -29.91 10.36 9.03
CA LYS A 370 -30.73 11.40 8.39
C LYS A 370 -30.85 12.61 9.30
N ASN A 371 -31.15 12.33 10.56
CA ASN A 371 -31.34 13.36 11.56
C ASN A 371 -30.09 13.88 12.21
N CYS A 372 -28.92 13.38 11.80
CA CYS A 372 -27.66 13.83 12.40
C CYS A 372 -27.88 14.02 13.91
N ASP A 373 -28.43 12.98 14.53
CA ASP A 373 -28.77 12.96 15.94
C ASP A 373 -27.61 12.57 16.85
N PRO A 374 -27.10 13.53 17.66
CA PRO A 374 -25.98 13.29 18.59
C PRO A 374 -26.30 12.41 19.79
N LYS A 375 -27.58 12.08 19.94
CA LYS A 375 -28.04 11.27 21.05
C LYS A 375 -28.13 9.77 20.73
N ALA A 376 -28.29 9.44 19.44
CA ALA A 376 -28.41 8.05 18.99
C ALA A 376 -27.12 7.24 19.07
N ASP A 377 -27.25 5.95 18.76
CA ASP A 377 -26.10 5.05 18.78
C ASP A 377 -25.04 5.55 17.81
N LEU A 378 -23.80 5.54 18.25
CA LEU A 378 -22.69 5.99 17.40
C LEU A 378 -22.73 5.39 16.01
N MET A 379 -22.33 6.21 15.04
CA MET A 379 -22.23 5.83 13.63
C MET A 379 -21.09 6.67 13.10
N LEU A 380 -19.87 6.23 13.36
CA LEU A 380 -18.68 6.95 12.94
C LEU A 380 -18.02 6.25 11.75
N TYR A 381 -17.81 6.99 10.67
CA TYR A 381 -17.21 6.45 9.44
C TYR A 381 -15.72 6.75 9.36
N VAL A 382 -14.92 5.72 9.14
CA VAL A 382 -13.47 5.88 9.04
C VAL A 382 -13.08 5.84 7.57
N SER A 383 -12.75 7.00 7.02
CA SER A 383 -12.38 7.08 5.60
C SER A 383 -10.97 6.66 5.28
N LYS A 384 -10.05 6.89 6.23
CA LYS A 384 -8.66 6.49 6.02
C LYS A 384 -7.82 6.52 7.30
N MET A 385 -6.67 5.87 7.24
CA MET A 385 -5.73 5.80 8.36
C MET A 385 -4.52 6.69 8.00
N VAL A 386 -4.22 7.65 8.87
CA VAL A 386 -3.11 8.56 8.60
C VAL A 386 -1.91 8.33 9.53
N PRO A 387 -0.70 8.41 8.96
CA PRO A 387 0.57 8.23 9.68
C PRO A 387 0.83 9.33 10.70
N THR A 388 1.20 8.96 11.91
CA THR A 388 1.49 9.94 12.95
C THR A 388 2.96 9.82 13.32
N SER A 389 3.48 10.81 14.02
CA SER A 389 4.88 10.82 14.46
C SER A 389 5.04 9.89 15.67
N ASP A 390 3.96 9.77 16.44
CA ASP A 390 3.92 8.92 17.63
C ASP A 390 4.10 7.43 17.31
N LYS A 391 5.35 7.01 17.12
CA LYS A 391 5.65 5.62 16.80
C LYS A 391 5.28 5.42 15.35
N GLY A 392 4.97 4.18 14.98
CA GLY A 392 4.55 3.88 13.62
C GLY A 392 3.05 3.71 13.62
N ARG A 393 2.42 4.26 14.65
CA ARG A 393 0.98 4.17 14.81
C ARG A 393 0.25 5.09 13.84
N PHE A 394 -1.00 4.74 13.58
CA PHE A 394 -1.83 5.48 12.65
C PHE A 394 -3.13 5.96 13.32
N TYR A 395 -3.53 7.20 13.05
CA TYR A 395 -4.78 7.71 13.61
C TYR A 395 -5.94 7.59 12.59
N ALA A 396 -7.09 7.14 13.06
CA ALA A 396 -8.23 6.99 12.18
C ALA A 396 -8.84 8.33 11.86
N PHE A 397 -9.15 8.54 10.58
CA PHE A 397 -9.75 9.78 10.15
C PHE A 397 -11.13 9.46 9.62
N GLY A 398 -12.10 10.27 10.00
CA GLY A 398 -13.45 10.02 9.57
C GLY A 398 -14.46 11.03 10.02
N ARG A 399 -15.73 10.67 9.88
CA ARG A 399 -16.83 11.56 10.21
C ARG A 399 -17.90 10.90 11.08
N VAL A 400 -18.37 11.62 12.08
CA VAL A 400 -19.40 11.13 12.97
C VAL A 400 -20.79 11.42 12.40
N PHE A 401 -21.35 10.47 11.65
CA PHE A 401 -22.69 10.65 11.06
C PHE A 401 -23.84 10.55 12.09
N ALA A 402 -23.55 10.12 13.32
CA ALA A 402 -24.58 9.98 14.35
C ALA A 402 -24.03 9.69 15.75
N GLY A 403 -24.75 10.15 16.78
CA GLY A 403 -24.31 9.96 18.15
C GLY A 403 -23.06 10.79 18.37
N THR A 404 -22.35 10.55 19.47
CA THR A 404 -21.11 11.28 19.71
C THR A 404 -20.01 10.35 20.21
N VAL A 405 -18.82 10.55 19.68
CA VAL A 405 -17.66 9.76 20.02
C VAL A 405 -16.90 10.49 21.12
N LYS A 406 -16.45 9.73 22.12
CA LYS A 406 -15.68 10.32 23.23
C LYS A 406 -14.47 9.49 23.68
N SER A 407 -13.43 10.18 24.15
CA SER A 407 -12.23 9.51 24.61
C SER A 407 -12.58 8.51 25.70
N GLY A 408 -12.01 7.33 25.62
CA GLY A 408 -12.31 6.32 26.62
C GLY A 408 -13.49 5.48 26.19
N GLN A 409 -14.44 6.09 25.49
CA GLN A 409 -15.59 5.37 25.01
C GLN A 409 -15.19 4.04 24.40
N LYS A 410 -15.94 2.99 24.70
CA LYS A 410 -15.63 1.69 24.10
C LYS A 410 -16.60 1.52 22.95
N VAL A 411 -16.05 1.21 21.79
CA VAL A 411 -16.82 1.08 20.57
C VAL A 411 -16.67 -0.27 19.85
N ARG A 412 -17.65 -0.56 19.01
CA ARG A 412 -17.61 -1.79 18.21
C ARG A 412 -16.93 -1.36 16.92
N ILE A 413 -15.80 -1.98 16.60
CA ILE A 413 -15.12 -1.63 15.36
C ILE A 413 -15.47 -2.67 14.32
N GLN A 414 -16.40 -2.30 13.45
CA GLN A 414 -16.89 -3.21 12.42
C GLN A 414 -16.08 -3.10 11.15
N GLY A 415 -15.28 -4.13 10.90
CA GLY A 415 -14.44 -4.15 9.71
C GLY A 415 -15.20 -4.43 8.44
N PRO A 416 -14.53 -4.43 7.28
CA PRO A 416 -15.12 -4.68 5.96
C PRO A 416 -15.97 -5.93 5.84
N ASN A 417 -15.51 -7.04 6.37
CA ASN A 417 -16.25 -8.30 6.25
C ASN A 417 -17.34 -8.51 7.31
N TYR A 418 -17.49 -7.54 8.21
CA TYR A 418 -18.50 -7.68 9.27
C TYR A 418 -19.94 -7.73 8.76
N VAL A 419 -20.76 -8.44 9.52
CA VAL A 419 -22.17 -8.60 9.22
C VAL A 419 -22.82 -8.77 10.59
N PRO A 420 -23.84 -7.96 10.91
CA PRO A 420 -24.54 -8.02 12.19
C PRO A 420 -24.80 -9.44 12.71
N GLY A 421 -25.03 -10.36 11.76
CA GLY A 421 -25.27 -11.74 12.12
C GLY A 421 -24.08 -12.33 12.87
N LYS A 422 -23.02 -12.65 12.15
CA LYS A 422 -21.82 -13.23 12.75
C LYS A 422 -21.00 -12.31 13.64
N LYS A 423 -19.84 -12.81 14.06
CA LYS A 423 -18.92 -12.07 14.91
C LYS A 423 -17.60 -11.85 14.17
N ASP A 424 -17.60 -12.18 12.88
CA ASP A 424 -16.41 -12.02 12.06
C ASP A 424 -16.04 -10.55 11.89
N ASP A 425 -14.74 -10.26 11.87
CA ASP A 425 -14.24 -8.91 11.68
C ASP A 425 -14.77 -7.87 12.67
N LEU A 426 -14.95 -8.27 13.92
CA LEU A 426 -15.43 -7.36 14.95
C LEU A 426 -14.37 -7.20 16.04
N PHE A 427 -14.28 -6.01 16.61
CA PHE A 427 -13.28 -5.76 17.66
C PHE A 427 -13.82 -4.80 18.70
N ILE A 428 -14.56 -5.31 19.67
CA ILE A 428 -15.10 -4.45 20.71
C ILE A 428 -13.98 -3.89 21.59
N LYS A 429 -13.44 -2.74 21.21
CA LYS A 429 -12.36 -2.12 21.96
C LYS A 429 -12.75 -0.72 22.48
N ALA A 430 -11.78 -0.04 23.10
CA ALA A 430 -12.00 1.29 23.63
C ALA A 430 -11.14 2.33 22.93
N ILE A 431 -11.78 3.44 22.55
CA ILE A 431 -11.13 4.55 21.86
C ILE A 431 -10.20 5.26 22.84
N GLN A 432 -8.91 5.07 22.65
CA GLN A 432 -7.94 5.71 23.54
C GLN A 432 -8.08 7.23 23.63
N ARG A 433 -8.03 7.91 22.49
CA ARG A 433 -8.15 9.36 22.48
C ARG A 433 -8.81 9.87 21.20
N VAL A 434 -9.52 10.98 21.31
CA VAL A 434 -10.17 11.62 20.16
C VAL A 434 -9.41 12.91 19.90
N VAL A 435 -8.97 13.13 18.67
CA VAL A 435 -8.24 14.34 18.37
C VAL A 435 -8.74 15.07 17.13
N LEU A 436 -8.56 16.38 17.11
CA LEU A 436 -8.96 17.20 15.97
C LEU A 436 -7.81 17.14 14.98
N MET A 437 -8.11 16.94 13.70
CA MET A 437 -7.06 16.88 12.70
C MET A 437 -6.79 18.27 12.16
N MET A 438 -6.12 19.09 12.98
CA MET A 438 -5.77 20.47 12.62
C MET A 438 -4.67 20.53 11.58
N GLY A 439 -4.92 19.90 10.43
CA GLY A 439 -3.94 19.90 9.37
C GLY A 439 -2.77 18.98 9.62
N ARG A 440 -1.74 19.51 10.27
CA ARG A 440 -0.53 18.75 10.54
C ARG A 440 -0.37 18.37 12.01
N PHE A 441 -1.17 18.99 12.87
CA PHE A 441 -1.10 18.72 14.31
C PHE A 441 -2.45 18.22 14.82
N VAL A 442 -2.43 17.46 15.90
CA VAL A 442 -3.66 16.95 16.48
C VAL A 442 -3.92 17.66 17.79
N GLU A 443 -5.19 17.78 18.15
CA GLU A 443 -5.56 18.44 19.40
C GLU A 443 -6.63 17.62 20.10
N PRO A 444 -6.28 17.06 21.25
CA PRO A 444 -7.21 16.24 22.03
C PRO A 444 -8.51 16.95 22.39
N ILE A 445 -9.59 16.20 22.32
CA ILE A 445 -10.90 16.73 22.64
C ILE A 445 -11.67 15.59 23.30
N ASP A 446 -12.47 15.94 24.31
CA ASP A 446 -13.26 14.93 25.03
C ASP A 446 -14.15 14.12 24.11
N ASP A 447 -15.19 14.77 23.60
CA ASP A 447 -16.13 14.12 22.71
C ASP A 447 -16.22 14.88 21.39
N CYS A 448 -17.19 14.48 20.56
CA CYS A 448 -17.38 15.11 19.26
C CYS A 448 -18.73 14.63 18.70
N PRO A 449 -19.74 15.52 18.67
CA PRO A 449 -21.09 15.22 18.17
C PRO A 449 -21.22 15.02 16.66
N ALA A 450 -22.22 14.25 16.24
CA ALA A 450 -22.45 13.96 14.83
C ALA A 450 -22.43 15.22 13.94
N GLY A 451 -21.85 15.05 12.75
CA GLY A 451 -21.75 16.14 11.79
C GLY A 451 -20.34 16.64 11.60
N ASN A 452 -19.41 16.23 12.45
CA ASN A 452 -18.05 16.72 12.32
C ASN A 452 -17.01 15.70 11.86
N ILE A 453 -15.92 16.19 11.29
CA ILE A 453 -14.83 15.34 10.83
C ILE A 453 -13.91 15.30 12.05
N ILE A 454 -13.54 14.10 12.49
CA ILE A 454 -12.67 13.96 13.66
C ILE A 454 -11.64 12.86 13.49
N GLY A 455 -10.70 12.78 14.42
CA GLY A 455 -9.66 11.76 14.37
C GLY A 455 -9.60 10.91 15.65
N LEU A 456 -9.43 9.60 15.47
CA LEU A 456 -9.38 8.67 16.60
C LEU A 456 -7.97 8.09 16.83
N VAL A 457 -7.67 7.81 18.10
CA VAL A 457 -6.36 7.27 18.49
C VAL A 457 -6.50 5.90 19.12
N GLY A 458 -5.90 4.89 18.51
CA GLY A 458 -5.96 3.56 19.07
C GLY A 458 -6.81 2.54 18.33
N ILE A 459 -6.82 2.62 17.00
CA ILE A 459 -7.59 1.67 16.22
C ILE A 459 -6.71 0.99 15.20
N ASP A 460 -5.60 1.64 14.86
CA ASP A 460 -4.61 1.13 13.89
C ASP A 460 -4.45 -0.39 13.81
N GLN A 461 -4.60 -1.08 14.94
CA GLN A 461 -4.46 -2.53 14.94
C GLN A 461 -5.80 -3.26 14.84
N PHE A 462 -6.84 -2.53 14.48
CA PHE A 462 -8.16 -3.13 14.34
C PHE A 462 -8.70 -2.85 12.96
N LEU A 463 -8.36 -1.67 12.45
CA LEU A 463 -8.81 -1.25 11.13
C LEU A 463 -7.62 -1.06 10.19
N LEU A 464 -7.62 -1.79 9.08
CA LEU A 464 -6.52 -1.67 8.14
C LEU A 464 -6.53 -0.27 7.53
N LYS A 465 -7.64 0.10 6.92
CA LYS A 465 -7.76 1.43 6.31
C LYS A 465 -9.12 2.05 6.52
N THR A 466 -10.15 1.33 6.10
CA THR A 466 -11.54 1.76 6.19
C THR A 466 -12.30 0.92 7.18
N GLY A 467 -13.46 1.40 7.61
CA GLY A 467 -14.27 0.66 8.55
C GLY A 467 -15.37 1.51 9.16
N THR A 468 -16.24 0.87 9.94
CA THR A 468 -17.34 1.55 10.63
C THR A 468 -17.30 1.33 12.14
N LEU A 469 -17.52 2.40 12.90
CA LEU A 469 -17.53 2.33 14.36
C LEU A 469 -18.95 2.56 14.85
N THR A 470 -19.45 1.68 15.68
CA THR A 470 -20.81 1.81 16.18
C THR A 470 -20.97 1.48 17.66
N THR A 471 -22.23 1.44 18.06
CA THR A 471 -22.59 1.14 19.42
C THR A 471 -23.80 0.19 19.40
N SER A 472 -24.63 0.33 18.37
CA SER A 472 -25.79 -0.54 18.25
C SER A 472 -25.30 -1.91 17.83
N GLU A 473 -25.73 -2.93 18.56
CA GLU A 473 -25.30 -4.30 18.25
C GLU A 473 -25.98 -4.78 16.99
N THR A 474 -26.96 -4.01 16.52
CA THR A 474 -27.69 -4.37 15.31
C THR A 474 -27.45 -3.33 14.22
N ALA A 475 -26.21 -2.83 14.15
CA ALA A 475 -25.87 -1.81 13.15
C ALA A 475 -25.02 -2.37 12.01
N HIS A 476 -25.49 -2.19 10.77
CA HIS A 476 -24.73 -2.65 9.60
C HIS A 476 -23.59 -1.67 9.37
N ASN A 477 -22.70 -1.99 8.44
CA ASN A 477 -21.60 -1.07 8.14
C ASN A 477 -22.12 -0.03 7.16
N MET A 478 -21.31 1.00 6.95
CA MET A 478 -21.65 2.07 6.03
C MET A 478 -20.86 1.84 4.75
N LYS A 479 -21.46 2.16 3.60
CA LYS A 479 -20.82 1.96 2.30
C LYS A 479 -19.32 1.83 2.44
N VAL A 480 -18.88 0.58 2.43
CA VAL A 480 -17.47 0.25 2.55
C VAL A 480 -16.73 0.56 1.26
N MET A 481 -15.46 0.92 1.40
CA MET A 481 -14.63 1.20 0.24
C MET A 481 -13.66 0.05 0.19
N LYS A 482 -13.75 -0.77 -0.85
CA LYS A 482 -12.87 -1.90 -0.98
C LYS A 482 -11.41 -1.49 -1.11
N PHE A 483 -10.58 -2.08 -0.26
CA PHE A 483 -9.13 -1.83 -0.24
C PHE A 483 -8.57 -3.21 0.03
N SER A 484 -7.31 -3.44 -0.31
CA SER A 484 -6.69 -4.74 -0.01
C SER A 484 -5.21 -4.58 0.22
N VAL A 485 -4.73 -5.32 1.20
CA VAL A 485 -3.33 -5.29 1.58
C VAL A 485 -2.52 -6.41 0.92
N SER A 486 -3.02 -6.99 -0.17
CA SER A 486 -2.32 -8.09 -0.82
C SER A 486 -1.26 -7.71 -1.81
N PRO A 487 0.04 -7.82 -1.41
CA PRO A 487 1.21 -7.49 -2.20
C PRO A 487 1.19 -8.36 -3.44
N VAL A 488 0.84 -7.79 -4.58
CA VAL A 488 0.76 -8.58 -5.79
C VAL A 488 1.75 -8.11 -6.84
N VAL A 489 2.36 -6.96 -6.55
CA VAL A 489 3.35 -6.36 -7.44
C VAL A 489 4.51 -5.94 -6.55
N GLN A 490 5.73 -6.27 -6.95
CA GLN A 490 6.89 -5.94 -6.15
C GLN A 490 8.12 -5.77 -7.02
N VAL A 491 9.15 -5.12 -6.48
CA VAL A 491 10.43 -4.89 -7.17
C VAL A 491 11.57 -5.03 -6.17
N ALA A 492 12.78 -5.16 -6.72
CA ALA A 492 14.01 -5.29 -5.95
C ALA A 492 14.77 -3.96 -6.03
N VAL A 493 15.05 -3.40 -4.85
CA VAL A 493 15.76 -2.13 -4.75
C VAL A 493 17.22 -2.35 -4.36
N GLU A 494 18.10 -1.66 -5.07
CA GLU A 494 19.54 -1.76 -4.87
C GLU A 494 20.07 -0.33 -4.91
N VAL A 495 21.13 -0.03 -4.18
CA VAL A 495 21.70 1.31 -4.21
C VAL A 495 22.65 1.37 -5.42
N LYS A 496 22.71 2.51 -6.11
CA LYS A 496 23.60 2.64 -7.27
C LYS A 496 25.04 2.78 -6.80
N ASN A 497 25.19 3.38 -5.63
CA ASN A 497 26.49 3.55 -5.03
C ASN A 497 26.49 2.99 -3.62
N ALA A 498 27.07 1.79 -3.51
CA ALA A 498 27.19 1.02 -2.28
C ALA A 498 27.45 1.76 -0.98
N ASN A 499 27.91 3.01 -1.05
CA ASN A 499 28.18 3.75 0.17
C ASN A 499 26.89 4.09 0.93
N ASP A 500 25.83 4.40 0.19
CA ASP A 500 24.57 4.79 0.80
C ASP A 500 23.70 3.63 1.26
N LEU A 501 24.21 2.41 1.13
CA LEU A 501 23.45 1.23 1.51
C LEU A 501 22.67 1.36 2.81
N PRO A 502 23.31 1.90 3.87
CA PRO A 502 22.61 2.03 5.16
C PRO A 502 21.48 3.05 5.14
N LYS A 503 21.51 3.94 4.16
CA LYS A 503 20.46 4.97 4.01
C LYS A 503 19.22 4.39 3.34
N LEU A 504 19.40 3.27 2.65
CA LEU A 504 18.30 2.57 1.98
C LEU A 504 17.65 1.67 3.01
N VAL A 505 18.48 1.05 3.84
CA VAL A 505 18.03 0.16 4.89
C VAL A 505 17.15 0.91 5.87
N GLU A 506 17.32 2.23 5.91
CA GLU A 506 16.54 3.04 6.81
C GLU A 506 15.26 3.53 6.17
N GLY A 507 15.38 4.04 4.94
CA GLY A 507 14.22 4.53 4.23
C GLY A 507 13.16 3.46 4.08
N LEU A 508 13.59 2.25 3.72
CA LEU A 508 12.67 1.13 3.56
C LEU A 508 11.93 0.94 4.87
N LYS A 509 12.67 1.06 5.97
CA LYS A 509 12.06 0.91 7.28
C LYS A 509 11.08 2.07 7.42
N ARG A 510 11.47 3.23 6.93
CA ARG A 510 10.63 4.42 7.01
C ARG A 510 9.38 4.29 6.16
N LEU A 511 9.59 3.88 4.91
CA LEU A 511 8.49 3.71 3.97
C LEU A 511 7.39 2.86 4.58
N SER A 512 7.69 1.62 4.93
CA SER A 512 6.69 0.73 5.51
C SER A 512 5.95 1.39 6.66
N LYS A 513 6.65 2.30 7.32
CA LYS A 513 6.10 3.00 8.46
C LYS A 513 5.07 4.05 8.09
N SER A 514 5.18 4.61 6.90
CA SER A 514 4.24 5.65 6.46
C SER A 514 2.99 5.09 5.78
N ASP A 515 3.08 3.91 5.20
CA ASP A 515 1.92 3.31 4.51
C ASP A 515 1.58 1.93 5.09
N PRO A 516 0.29 1.68 5.37
CA PRO A 516 -0.17 0.40 5.93
C PRO A 516 -0.10 -0.72 4.90
N CYS A 517 -0.23 -0.33 3.64
CA CYS A 517 -0.25 -1.31 2.58
C CYS A 517 1.03 -1.49 1.76
N VAL A 518 2.14 -0.91 2.18
CA VAL A 518 3.36 -1.14 1.43
C VAL A 518 4.13 -2.19 2.20
N LEU A 519 5.01 -2.92 1.53
CA LEU A 519 5.75 -3.95 2.21
C LEU A 519 7.20 -4.01 1.75
N THR A 520 8.11 -4.02 2.72
CA THR A 520 9.54 -4.09 2.49
C THR A 520 10.06 -5.26 3.29
N TYR A 521 10.76 -6.16 2.60
CA TYR A 521 11.30 -7.33 3.27
C TYR A 521 12.52 -7.79 2.51
N MET A 522 13.17 -8.82 3.06
CA MET A 522 14.37 -9.37 2.45
C MET A 522 14.22 -10.84 2.09
N SER A 523 14.51 -11.14 0.84
CA SER A 523 14.45 -12.51 0.37
C SER A 523 15.64 -13.26 0.93
N GLU A 524 15.63 -14.58 0.83
CA GLU A 524 16.76 -15.33 1.31
C GLU A 524 18.00 -14.83 0.55
N SER A 525 17.85 -14.64 -0.76
CA SER A 525 18.96 -14.17 -1.58
C SER A 525 19.51 -12.86 -1.04
N GLY A 526 18.82 -12.27 -0.07
CA GLY A 526 19.29 -11.03 0.53
C GLY A 526 18.88 -9.73 -0.14
N GLU A 527 18.06 -9.83 -1.17
CA GLU A 527 17.61 -8.63 -1.85
C GLU A 527 16.60 -7.91 -0.99
N HIS A 528 16.47 -6.60 -1.25
CA HIS A 528 15.51 -5.75 -0.54
C HIS A 528 14.30 -5.63 -1.45
N ILE A 529 13.15 -6.02 -0.92
CA ILE A 529 11.96 -6.01 -1.72
C ILE A 529 10.90 -5.02 -1.30
N VAL A 530 10.26 -4.45 -2.31
CA VAL A 530 9.18 -3.49 -2.13
C VAL A 530 7.97 -3.98 -2.90
N ALA A 531 6.94 -4.39 -2.17
CA ALA A 531 5.71 -4.92 -2.75
C ALA A 531 4.52 -4.02 -2.47
N GLY A 532 3.70 -3.79 -3.48
CA GLY A 532 2.54 -2.92 -3.32
C GLY A 532 1.25 -3.48 -3.87
N THR A 533 0.16 -2.76 -3.60
CA THR A 533 -1.19 -3.11 -4.02
C THR A 533 -1.38 -3.06 -5.52
N GLY A 534 -0.52 -2.33 -6.22
CA GLY A 534 -0.67 -2.26 -7.66
C GLY A 534 0.48 -1.58 -8.37
N GLU A 535 0.37 -1.51 -9.69
CA GLU A 535 1.40 -0.87 -10.49
C GLU A 535 1.69 0.55 -10.02
N LEU A 536 0.66 1.39 -10.00
CA LEU A 536 0.82 2.79 -9.58
C LEU A 536 1.11 2.99 -8.10
N HIS A 537 0.47 2.22 -7.25
CA HIS A 537 0.68 2.34 -5.82
C HIS A 537 2.14 1.99 -5.46
N LEU A 538 2.74 1.08 -6.21
CA LEU A 538 4.14 0.70 -5.97
C LEU A 538 4.98 1.80 -6.63
N GLU A 539 4.57 2.19 -7.82
CA GLU A 539 5.27 3.24 -8.53
C GLU A 539 5.53 4.41 -7.60
N ILE A 540 4.44 4.94 -7.03
CA ILE A 540 4.53 6.07 -6.11
C ILE A 540 5.51 5.75 -5.02
N CYS A 541 5.28 4.64 -4.32
CA CYS A 541 6.14 4.23 -3.22
C CYS A 541 7.61 4.34 -3.57
N LEU A 542 7.98 3.87 -4.76
CA LEU A 542 9.37 3.92 -5.17
C LEU A 542 9.86 5.36 -5.30
N GLN A 543 9.01 6.25 -5.82
CA GLN A 543 9.39 7.65 -5.96
C GLN A 543 9.74 8.21 -4.59
N ASP A 544 8.78 8.17 -3.69
CA ASP A 544 8.96 8.68 -2.34
C ASP A 544 10.17 8.07 -1.64
N LEU A 545 10.56 6.87 -2.05
CA LEU A 545 11.70 6.24 -1.43
C LEU A 545 12.99 6.87 -1.95
N GLU A 546 13.12 6.98 -3.27
CA GLU A 546 14.32 7.56 -3.85
C GLU A 546 14.41 9.06 -3.67
N HIS A 547 13.35 9.66 -3.15
CA HIS A 547 13.34 11.12 -2.96
C HIS A 547 13.21 11.57 -1.53
N ASP A 548 12.67 10.73 -0.65
CA ASP A 548 12.54 11.13 0.74
C ASP A 548 13.10 10.14 1.73
N HIS A 549 12.34 9.07 1.97
CA HIS A 549 12.75 8.05 2.92
C HIS A 549 14.21 7.68 2.80
N ALA A 550 14.75 7.70 1.59
CA ALA A 550 16.15 7.36 1.38
C ALA A 550 16.91 8.47 0.69
N GLY A 551 16.26 9.12 -0.26
CA GLY A 551 16.86 10.21 -1.00
C GLY A 551 18.15 9.80 -1.68
N VAL A 552 18.47 8.53 -1.59
CA VAL A 552 19.70 8.04 -2.20
C VAL A 552 19.38 7.38 -3.54
N PRO A 553 20.26 7.59 -4.54
CA PRO A 553 20.05 6.98 -5.87
C PRO A 553 19.91 5.45 -5.76
N LEU A 554 18.90 4.89 -6.44
CA LEU A 554 18.64 3.45 -6.39
C LEU A 554 18.50 2.77 -7.72
N LYS A 555 18.75 1.46 -7.73
CA LYS A 555 18.61 0.64 -8.92
C LYS A 555 17.35 -0.18 -8.69
N ILE A 556 16.27 0.18 -9.38
CA ILE A 556 15.02 -0.53 -9.23
C ILE A 556 14.82 -1.50 -10.38
N SER A 557 14.45 -2.73 -10.05
CA SER A 557 14.19 -3.76 -11.05
C SER A 557 12.81 -3.54 -11.65
N PRO A 558 12.57 -4.08 -12.85
CA PRO A 558 11.26 -3.92 -13.48
C PRO A 558 10.15 -4.49 -12.58
N PRO A 559 8.94 -3.97 -12.69
CA PRO A 559 7.84 -4.49 -11.87
C PRO A 559 7.58 -5.99 -12.15
N VAL A 560 7.21 -6.72 -11.10
CA VAL A 560 6.94 -8.14 -11.19
C VAL A 560 5.65 -8.48 -10.46
N VAL A 561 4.95 -9.49 -10.94
CA VAL A 561 3.71 -9.92 -10.30
C VAL A 561 4.01 -11.04 -9.31
N ALA A 562 3.30 -11.02 -8.19
CA ALA A 562 3.54 -12.04 -7.18
C ALA A 562 2.64 -13.25 -7.38
N TYR A 563 3.25 -14.42 -7.54
CA TYR A 563 2.53 -15.65 -7.75
C TYR A 563 2.48 -16.44 -6.45
N ARG A 564 1.93 -17.66 -6.53
CA ARG A 564 1.84 -18.55 -5.38
C ARG A 564 2.08 -19.97 -5.82
N GLU A 565 2.80 -20.73 -5.02
CA GLU A 565 3.05 -22.14 -5.33
C GLU A 565 2.06 -22.99 -4.52
N THR A 566 1.47 -23.99 -5.18
CA THR A 566 0.47 -24.88 -4.57
C THR A 566 0.45 -26.29 -5.18
N VAL A 567 -0.22 -27.21 -4.50
CA VAL A 567 -0.32 -28.58 -4.96
C VAL A 567 -1.74 -28.90 -5.36
N GLU A 568 -1.89 -29.86 -6.27
CA GLU A 568 -3.20 -30.27 -6.76
C GLU A 568 -3.67 -31.61 -6.15
N SER A 569 -2.75 -32.39 -5.60
CA SER A 569 -3.15 -33.65 -5.01
C SER A 569 -2.23 -34.09 -3.91
N GLU A 570 -2.38 -35.34 -3.49
CA GLU A 570 -1.54 -35.88 -2.44
C GLU A 570 -0.27 -36.41 -3.05
N SER A 571 0.84 -36.19 -2.35
CA SER A 571 2.15 -36.61 -2.81
C SER A 571 2.12 -38.03 -3.32
N SER A 572 2.48 -38.18 -4.60
CA SER A 572 2.54 -39.48 -5.29
C SER A 572 2.92 -40.59 -4.32
N GLN A 573 4.01 -40.36 -3.59
CA GLN A 573 4.52 -41.31 -2.63
C GLN A 573 5.09 -40.56 -1.45
N THR A 574 5.38 -41.27 -0.37
CA THR A 574 5.89 -40.60 0.81
C THR A 574 7.22 -39.95 0.59
N ALA A 575 7.36 -38.75 1.13
CA ALA A 575 8.58 -37.98 1.03
C ALA A 575 9.51 -38.29 2.17
N LEU A 576 10.80 -38.36 1.88
CA LEU A 576 11.76 -38.65 2.94
C LEU A 576 13.06 -37.85 2.80
N SER A 577 13.62 -37.45 3.93
CA SER A 577 14.87 -36.71 3.96
C SER A 577 15.61 -36.99 5.24
N LYS A 578 16.94 -36.92 5.20
CA LYS A 578 17.69 -37.14 6.42
C LYS A 578 18.72 -36.04 6.61
N SER A 579 18.90 -35.68 7.87
CA SER A 579 19.82 -34.64 8.28
C SER A 579 21.22 -34.97 7.79
N PRO A 580 22.17 -34.01 7.92
CA PRO A 580 23.55 -34.26 7.49
C PRO A 580 24.21 -35.37 8.32
N ASN A 581 23.95 -35.39 9.63
CA ASN A 581 24.45 -36.44 10.51
C ASN A 581 24.18 -37.76 9.81
N LYS A 582 22.97 -37.84 9.28
CA LYS A 582 22.45 -39.04 8.64
C LYS A 582 21.87 -39.80 9.81
N HIS A 583 21.60 -39.06 10.88
CA HIS A 583 21.04 -39.66 12.06
C HIS A 583 19.58 -39.36 12.28
N ASN A 584 19.01 -38.44 11.50
CA ASN A 584 17.61 -38.11 11.67
C ASN A 584 16.88 -38.19 10.39
N ARG A 585 15.65 -38.68 10.46
CA ARG A 585 14.84 -38.78 9.27
C ARG A 585 13.44 -38.22 9.51
N ILE A 586 12.90 -37.61 8.47
CA ILE A 586 11.56 -37.07 8.49
C ILE A 586 10.75 -37.59 7.31
N TYR A 587 9.66 -38.27 7.62
CA TYR A 587 8.77 -38.80 6.59
C TYR A 587 7.49 -37.95 6.58
N LEU A 588 7.07 -37.52 5.41
CA LEU A 588 5.88 -36.71 5.32
C LEU A 588 5.24 -36.78 3.95
N LYS A 589 4.04 -36.22 3.89
CA LYS A 589 3.27 -36.17 2.66
C LYS A 589 2.57 -34.81 2.69
N ALA A 590 2.47 -34.23 1.50
CA ALA A 590 1.83 -32.93 1.37
C ALA A 590 0.53 -33.16 0.63
N GLU A 591 -0.50 -32.40 0.98
CA GLU A 591 -1.79 -32.54 0.30
C GLU A 591 -2.43 -31.18 0.23
N PRO A 592 -3.40 -31.00 -0.68
CA PRO A 592 -4.11 -29.73 -0.86
C PRO A 592 -4.97 -29.30 0.32
N ILE A 593 -5.18 -27.99 0.44
CA ILE A 593 -6.03 -27.35 1.47
C ILE A 593 -7.15 -26.77 0.60
N ASP A 594 -8.40 -26.86 1.05
CA ASP A 594 -9.51 -26.34 0.24
C ASP A 594 -9.56 -24.84 0.26
N GLU A 595 -9.75 -24.22 -0.90
CA GLU A 595 -9.83 -22.77 -0.96
C GLU A 595 -10.61 -22.19 0.22
N GLU A 596 -11.71 -22.84 0.59
CA GLU A 596 -12.51 -22.34 1.68
C GLU A 596 -11.71 -22.25 2.95
N VAL A 597 -10.92 -23.29 3.21
CA VAL A 597 -10.11 -23.31 4.41
C VAL A 597 -9.03 -22.22 4.33
N SER A 598 -8.41 -22.12 3.17
CA SER A 598 -7.37 -21.12 2.91
C SER A 598 -7.98 -19.75 3.16
N LEU A 599 -9.15 -19.49 2.54
CA LEU A 599 -9.87 -18.22 2.73
C LEU A 599 -10.19 -18.03 4.23
N ALA A 600 -10.68 -19.10 4.87
CA ALA A 600 -11.00 -19.04 6.29
C ALA A 600 -9.81 -18.60 7.10
N ILE A 601 -8.62 -18.96 6.64
CA ILE A 601 -7.39 -18.63 7.35
C ILE A 601 -7.02 -17.18 7.11
N GLU A 602 -7.08 -16.80 5.84
CA GLU A 602 -6.76 -15.46 5.45
C GLU A 602 -7.70 -14.48 6.10
N ASN A 603 -8.94 -14.90 6.34
CA ASN A 603 -9.92 -14.01 6.94
C ASN A 603 -10.15 -14.22 8.42
N GLY A 604 -9.11 -14.58 9.17
CA GLY A 604 -9.27 -14.73 10.61
C GLY A 604 -10.18 -15.76 11.25
N ILE A 605 -11.06 -16.42 10.49
CA ILE A 605 -11.95 -17.45 11.05
C ILE A 605 -11.10 -18.53 11.72
N ILE A 606 -10.27 -19.19 10.91
CA ILE A 606 -9.36 -20.21 11.40
C ILE A 606 -8.11 -19.40 11.72
N ASN A 607 -7.84 -19.28 13.02
CA ASN A 607 -6.74 -18.47 13.53
C ASN A 607 -5.62 -19.21 14.28
N PRO A 608 -4.33 -18.85 14.04
CA PRO A 608 -3.13 -19.44 14.66
C PRO A 608 -3.00 -19.15 16.14
N ARG A 609 -3.69 -18.11 16.60
CA ARG A 609 -3.63 -17.72 18.00
C ARG A 609 -4.77 -18.27 18.83
N ASP A 610 -5.75 -18.90 18.17
CA ASP A 610 -6.89 -19.50 18.87
C ASP A 610 -6.44 -20.56 19.85
N ASP A 611 -7.43 -21.22 20.42
CA ASP A 611 -7.22 -22.35 21.31
C ASP A 611 -7.20 -23.50 20.30
N PHE A 612 -6.20 -24.37 20.41
CA PHE A 612 -6.16 -25.44 19.43
C PHE A 612 -7.46 -26.20 19.47
N LYS A 613 -8.07 -26.29 20.65
CA LYS A 613 -9.32 -27.03 20.81
C LYS A 613 -10.47 -26.33 20.14
N ALA A 614 -10.64 -25.05 20.44
CA ALA A 614 -11.72 -24.27 19.87
C ALA A 614 -11.61 -24.23 18.35
N ARG A 615 -10.39 -24.02 17.88
CA ARG A 615 -10.09 -23.92 16.46
C ARG A 615 -10.35 -25.23 15.73
N ALA A 616 -10.08 -26.35 16.40
CA ALA A 616 -10.28 -27.67 15.81
C ALA A 616 -11.77 -27.93 15.63
N ARG A 617 -12.56 -27.49 16.62
CA ARG A 617 -14.00 -27.65 16.56
C ARG A 617 -14.50 -26.96 15.30
N ILE A 618 -14.00 -25.76 15.04
CA ILE A 618 -14.39 -25.02 13.85
C ILE A 618 -14.07 -25.79 12.58
N MET A 619 -12.80 -26.16 12.42
CA MET A 619 -12.34 -26.88 11.23
C MET A 619 -13.07 -28.19 11.04
N ALA A 620 -13.33 -28.85 12.15
CA ALA A 620 -14.01 -30.11 12.13
C ALA A 620 -15.44 -29.92 11.64
N ASP A 621 -16.20 -29.05 12.33
CA ASP A 621 -17.60 -28.77 12.01
C ASP A 621 -17.82 -28.07 10.69
N ASP A 622 -17.47 -26.79 10.64
CA ASP A 622 -17.66 -25.98 9.44
C ASP A 622 -16.81 -26.33 8.23
N TYR A 623 -15.74 -27.10 8.38
CA TYR A 623 -14.93 -27.36 7.20
C TYR A 623 -14.58 -28.79 6.85
N GLY A 624 -15.20 -29.74 7.55
CA GLY A 624 -14.95 -31.14 7.25
C GLY A 624 -13.53 -31.60 7.41
N TRP A 625 -13.00 -31.41 8.61
CA TRP A 625 -11.64 -31.80 8.96
C TRP A 625 -11.76 -32.78 10.13
N ASP A 626 -10.87 -33.76 10.22
CA ASP A 626 -10.93 -34.69 11.37
C ASP A 626 -10.45 -33.88 12.58
N VAL A 627 -11.27 -33.76 13.62
CA VAL A 627 -10.89 -33.00 14.79
C VAL A 627 -9.56 -33.52 15.29
N THR A 628 -9.26 -34.75 14.91
CA THR A 628 -8.01 -35.38 15.30
C THR A 628 -6.86 -34.67 14.58
N ASP A 629 -6.92 -34.58 13.25
CA ASP A 629 -5.88 -33.88 12.52
C ASP A 629 -5.75 -32.45 13.03
N ALA A 630 -6.86 -31.73 13.01
CA ALA A 630 -6.92 -30.34 13.43
C ALA A 630 -6.40 -30.00 14.82
N ARG A 631 -6.28 -30.98 15.70
CA ARG A 631 -5.78 -30.66 17.01
C ARG A 631 -4.28 -30.85 17.07
N LYS A 632 -3.73 -31.32 15.96
CA LYS A 632 -2.29 -31.59 15.83
C LYS A 632 -1.63 -30.57 14.89
N ILE A 633 -2.29 -29.44 14.71
CA ILE A 633 -1.67 -28.43 13.89
C ILE A 633 -0.43 -27.98 14.67
N TRP A 634 0.74 -28.01 14.03
CA TRP A 634 1.99 -27.58 14.65
C TRP A 634 2.26 -26.09 14.39
N CYS A 635 1.80 -25.59 13.24
CA CYS A 635 2.06 -24.21 12.92
C CYS A 635 1.44 -23.82 11.57
N PHE A 636 1.34 -22.52 11.29
CA PHE A 636 0.84 -22.07 9.98
C PHE A 636 2.08 -21.50 9.34
N GLY A 637 1.99 -21.03 8.09
CA GLY A 637 3.14 -20.45 7.40
C GLY A 637 2.80 -19.90 6.03
N PRO A 638 3.54 -18.90 5.51
CA PRO A 638 4.68 -18.22 6.09
C PRO A 638 4.28 -17.31 7.23
N ASP A 639 5.26 -16.54 7.70
CA ASP A 639 5.09 -15.56 8.79
C ASP A 639 4.19 -16.04 9.89
N GLY A 640 4.23 -17.35 10.12
CA GLY A 640 3.43 -17.96 11.16
C GLY A 640 1.93 -17.80 11.10
N ASN A 641 1.35 -17.58 9.94
CA ASN A 641 -0.10 -17.42 9.91
C ASN A 641 -0.63 -17.58 8.50
N GLY A 642 0.22 -18.05 7.59
CA GLY A 642 -0.23 -18.21 6.23
C GLY A 642 -1.15 -19.39 6.03
N PRO A 643 -1.81 -19.48 4.85
CA PRO A 643 -2.74 -20.58 4.52
C PRO A 643 -1.98 -21.88 4.19
N ASN A 644 -1.10 -22.28 5.10
CA ASN A 644 -0.33 -23.50 4.94
C ASN A 644 -0.23 -24.08 6.33
N LEU A 645 -0.19 -25.40 6.42
CA LEU A 645 -0.16 -26.02 7.72
C LEU A 645 0.70 -27.26 7.79
N VAL A 646 1.08 -27.60 9.02
CA VAL A 646 1.85 -28.80 9.27
C VAL A 646 1.03 -29.53 10.30
N ILE A 647 0.63 -30.74 9.96
CA ILE A 647 -0.15 -31.54 10.88
C ILE A 647 0.80 -32.61 11.37
N ASP A 648 0.82 -32.85 12.67
CA ASP A 648 1.70 -33.88 13.23
C ASP A 648 1.02 -35.24 13.31
N GLN A 649 1.02 -36.00 12.22
CA GLN A 649 0.41 -37.32 12.23
C GLN A 649 1.36 -38.48 12.66
N THR A 650 2.43 -38.17 13.37
CA THR A 650 3.36 -39.22 13.79
C THR A 650 2.74 -40.01 14.90
N LYS A 651 3.23 -41.23 15.11
CA LYS A 651 2.72 -42.13 16.15
C LYS A 651 3.86 -42.69 17.01
N ALA A 652 3.90 -42.28 18.27
CA ALA A 652 4.91 -42.79 19.20
C ALA A 652 6.40 -42.52 18.87
N VAL A 653 6.73 -41.27 18.54
CA VAL A 653 8.11 -40.94 18.23
C VAL A 653 8.76 -40.25 19.43
N GLN A 654 9.64 -40.95 20.13
CA GLN A 654 10.31 -40.38 21.29
C GLN A 654 11.09 -39.11 21.00
N TYR A 655 10.98 -38.16 21.91
CA TYR A 655 11.65 -36.87 21.80
C TYR A 655 11.04 -35.96 20.76
N LEU A 656 10.02 -36.44 20.05
CA LEU A 656 9.40 -35.64 19.00
C LEU A 656 9.30 -34.16 19.31
N HIS A 657 8.82 -33.83 20.49
CA HIS A 657 8.63 -32.44 20.84
C HIS A 657 9.90 -31.64 20.84
N GLU A 658 11.03 -32.30 21.04
CA GLU A 658 12.31 -31.62 21.07
C GLU A 658 12.78 -31.08 19.74
N ILE A 659 12.08 -31.40 18.65
CA ILE A 659 12.48 -30.92 17.33
C ILE A 659 11.37 -30.09 16.69
N LYS A 660 10.35 -29.76 17.49
CA LYS A 660 9.21 -29.00 16.99
C LYS A 660 9.59 -27.60 16.52
N ASP A 661 10.23 -26.83 17.39
CA ASP A 661 10.63 -25.49 17.02
C ASP A 661 11.38 -25.44 15.70
N SER A 662 12.22 -26.45 15.45
CA SER A 662 13.00 -26.54 14.22
C SER A 662 12.07 -26.87 13.07
N VAL A 663 11.28 -27.92 13.25
CA VAL A 663 10.38 -28.28 12.15
C VAL A 663 9.56 -27.06 11.77
N VAL A 664 9.11 -26.32 12.75
CA VAL A 664 8.31 -25.15 12.44
C VAL A 664 9.14 -24.14 11.66
N ALA A 665 10.32 -23.87 12.20
CA ALA A 665 11.25 -22.93 11.62
C ALA A 665 11.42 -23.32 10.18
N ALA A 666 11.72 -24.59 9.95
CA ALA A 666 11.90 -25.10 8.59
C ALA A 666 10.69 -24.78 7.76
N PHE A 667 9.52 -24.95 8.36
CA PHE A 667 8.30 -24.71 7.64
C PHE A 667 8.06 -23.27 7.21
N GLN A 668 8.60 -22.32 7.97
CA GLN A 668 8.41 -20.91 7.67
C GLN A 668 9.19 -20.52 6.45
N TRP A 669 10.30 -21.20 6.24
CA TRP A 669 11.10 -20.90 5.07
C TRP A 669 10.59 -21.65 3.85
N ALA A 670 10.27 -22.94 4.02
CA ALA A 670 9.78 -23.75 2.91
C ALA A 670 8.55 -23.12 2.28
N THR A 671 7.70 -22.54 3.12
CA THR A 671 6.47 -21.91 2.65
C THR A 671 6.60 -20.48 2.14
N LYS A 672 7.70 -19.79 2.43
CA LYS A 672 7.82 -18.42 1.97
C LYS A 672 8.44 -18.37 0.60
N GLU A 673 9.30 -19.35 0.34
CA GLU A 673 9.95 -19.48 -0.96
C GLU A 673 9.95 -20.95 -1.36
N GLY A 674 8.86 -21.32 -2.04
CA GLY A 674 8.70 -22.68 -2.50
C GLY A 674 9.74 -23.13 -3.51
N PRO A 675 9.62 -24.37 -3.99
CA PRO A 675 10.53 -24.97 -4.96
C PRO A 675 10.28 -24.78 -6.43
N ILE A 676 9.16 -24.17 -6.81
CA ILE A 676 8.92 -24.02 -8.24
C ILE A 676 9.76 -22.89 -8.78
N PHE A 677 9.72 -21.74 -8.11
CA PHE A 677 10.53 -20.62 -8.51
C PHE A 677 10.63 -19.54 -7.43
N GLY A 678 10.71 -20.00 -6.19
CA GLY A 678 10.87 -19.09 -5.08
C GLY A 678 9.67 -18.37 -4.55
N GLU A 679 8.52 -18.52 -5.20
CA GLU A 679 7.33 -17.84 -4.72
C GLU A 679 6.72 -18.48 -3.46
N GLU A 680 5.71 -17.82 -2.89
CA GLU A 680 5.08 -18.32 -1.69
C GLU A 680 4.16 -19.48 -1.92
N MET A 681 4.00 -20.29 -0.88
CA MET A 681 3.12 -21.45 -0.94
C MET A 681 1.73 -21.04 -0.49
N ARG A 682 0.74 -21.75 -0.99
CA ARG A 682 -0.62 -21.43 -0.62
C ARG A 682 -1.49 -22.67 -0.66
N SER A 683 -2.20 -22.91 0.45
CA SER A 683 -3.07 -24.08 0.51
C SER A 683 -2.24 -25.38 0.52
N VAL A 684 -1.15 -25.39 1.28
CA VAL A 684 -0.33 -26.58 1.36
C VAL A 684 -0.39 -27.21 2.74
N ARG A 685 -0.91 -28.42 2.76
CA ARG A 685 -1.08 -29.18 3.98
C ARG A 685 0.04 -30.19 3.96
N VAL A 686 0.86 -30.13 5.00
CA VAL A 686 1.98 -31.01 5.12
C VAL A 686 1.69 -31.87 6.33
N ASN A 687 1.69 -33.18 6.09
CA ASN A 687 1.42 -34.16 7.13
C ASN A 687 2.66 -34.95 7.42
N ILE A 688 3.13 -34.84 8.66
CA ILE A 688 4.31 -35.56 9.08
C ILE A 688 3.94 -36.99 9.46
N LEU A 689 4.25 -37.94 8.57
CA LEU A 689 3.96 -39.34 8.82
C LEU A 689 4.92 -40.02 9.80
N ASP A 690 6.21 -39.73 9.73
CA ASP A 690 7.15 -40.35 10.69
C ASP A 690 8.42 -39.56 10.93
N VAL A 691 9.10 -39.92 12.01
CA VAL A 691 10.32 -39.25 12.37
C VAL A 691 11.22 -40.20 13.14
N THR A 692 12.51 -40.16 12.83
CA THR A 692 13.46 -41.01 13.52
C THR A 692 14.55 -40.06 13.93
N LEU A 693 14.90 -40.08 15.20
CA LEU A 693 15.89 -39.15 15.71
C LEU A 693 17.04 -39.80 16.47
N HIS A 694 18.13 -39.06 16.58
CA HIS A 694 19.26 -39.57 17.31
C HIS A 694 18.89 -39.48 18.78
N ALA A 695 19.30 -40.47 19.55
CA ALA A 695 18.96 -40.49 20.97
C ALA A 695 19.50 -39.29 21.74
N ASP A 696 20.68 -38.82 21.37
CA ASP A 696 21.26 -37.70 22.07
C ASP A 696 20.88 -36.43 21.39
N ALA A 697 20.57 -35.41 22.18
CA ALA A 697 20.16 -34.14 21.61
C ALA A 697 21.22 -33.43 20.77
N ILE A 698 22.47 -33.58 21.15
CA ILE A 698 23.58 -32.93 20.46
C ILE A 698 23.44 -33.10 18.96
N ARG A 700 20.63 -33.55 17.15
CA ARG A 700 19.31 -33.26 16.65
C ARG A 700 19.02 -31.76 16.74
N GLY A 701 20.03 -30.91 16.62
CA GLY A 701 19.78 -29.48 16.72
C GLY A 701 19.23 -28.85 15.47
N GLY A 702 18.96 -27.54 15.54
CA GLY A 702 18.43 -26.84 14.39
C GLY A 702 19.25 -27.06 13.14
N GLY A 703 20.58 -27.10 13.31
CA GLY A 703 21.46 -27.27 12.16
C GLY A 703 21.18 -28.57 11.45
N GLN A 704 20.64 -29.54 12.17
CA GLN A 704 20.34 -30.81 11.56
C GLN A 704 18.89 -30.96 11.11
N ILE A 705 17.92 -30.72 11.98
CA ILE A 705 16.55 -30.89 11.55
C ILE A 705 16.06 -29.82 10.56
N ILE A 706 16.32 -28.56 10.82
CA ILE A 706 15.82 -27.58 9.90
C ILE A 706 16.03 -27.90 8.42
N PRO A 707 17.26 -28.30 8.06
CA PRO A 707 17.49 -28.62 6.64
C PRO A 707 16.70 -29.83 6.20
N THR A 708 16.62 -30.83 7.08
CA THR A 708 15.87 -32.05 6.76
C THR A 708 14.43 -31.67 6.45
N MET A 709 13.71 -31.17 7.47
CA MET A 709 12.31 -30.79 7.30
C MET A 709 12.10 -29.95 6.06
N ARG A 710 12.95 -28.93 5.93
CA ARG A 710 12.85 -28.02 4.81
C ARG A 710 12.92 -28.80 3.52
N ARG A 711 13.86 -29.73 3.41
CA ARG A 711 14.00 -30.50 2.17
C ARG A 711 12.92 -31.54 1.97
N ALA A 712 12.42 -32.14 3.05
CA ALA A 712 11.36 -33.14 2.91
C ALA A 712 10.09 -32.46 2.38
N THR A 713 9.81 -31.27 2.90
CA THR A 713 8.64 -30.54 2.45
C THR A 713 8.75 -30.33 0.93
N TYR A 714 9.88 -29.81 0.47
CA TYR A 714 10.04 -29.58 -0.96
C TYR A 714 9.75 -30.84 -1.73
N ALA A 715 10.28 -31.97 -1.23
CA ALA A 715 10.07 -33.30 -1.85
C ALA A 715 8.59 -33.61 -1.94
N GLY A 716 7.93 -33.58 -0.77
CA GLY A 716 6.51 -33.84 -0.68
C GLY A 716 5.70 -32.95 -1.60
N PHE A 717 6.06 -31.66 -1.64
CA PHE A 717 5.41 -30.69 -2.49
C PHE A 717 5.59 -31.07 -3.95
N LEU A 718 6.83 -31.19 -4.39
CA LEU A 718 7.09 -31.55 -5.78
C LEU A 718 6.42 -32.87 -6.21
N LEU A 719 6.16 -33.76 -5.25
CA LEU A 719 5.49 -35.05 -5.54
C LEU A 719 3.97 -34.91 -5.60
N ALA A 720 3.42 -33.97 -4.83
CA ALA A 720 2.00 -33.75 -4.79
C ALA A 720 1.41 -32.97 -5.97
N ASP A 721 1.93 -33.19 -7.18
CA ASP A 721 1.41 -32.50 -8.37
C ASP A 721 1.37 -30.97 -8.19
N PRO A 722 2.50 -30.29 -8.49
CA PRO A 722 2.73 -28.85 -8.39
C PRO A 722 1.98 -28.04 -9.43
N LYS A 723 1.49 -26.88 -9.00
CA LYS A 723 0.76 -25.95 -9.84
C LYS A 723 1.05 -24.55 -9.31
N ILE A 724 0.76 -23.49 -10.07
CA ILE A 724 0.99 -22.12 -9.57
C ILE A 724 -0.26 -21.27 -9.69
N GLN A 725 -0.48 -20.38 -8.72
CA GLN A 725 -1.65 -19.50 -8.74
C GLN A 725 -1.25 -18.05 -9.04
N GLU A 726 -2.09 -17.37 -9.81
CA GLU A 726 -1.87 -15.98 -10.19
C GLU A 726 -2.96 -15.16 -9.55
N PRO A 727 -2.65 -13.94 -9.12
CA PRO A 727 -3.62 -13.06 -8.48
C PRO A 727 -4.49 -12.38 -9.50
N VAL A 728 -5.74 -12.09 -9.12
CA VAL A 728 -6.67 -11.45 -10.03
C VAL A 728 -7.46 -10.32 -9.38
N PHE A 729 -7.55 -9.20 -10.08
CA PHE A 729 -8.30 -8.03 -9.59
C PHE A 729 -9.80 -8.09 -9.89
N LEU A 730 -10.51 -7.20 -9.20
CA LEU A 730 -11.95 -7.02 -9.39
C LEU A 730 -12.09 -5.53 -9.68
N VAL A 731 -12.03 -5.19 -10.97
CA VAL A 731 -12.15 -3.79 -11.36
C VAL A 731 -13.60 -3.35 -11.50
N GLU A 732 -13.93 -2.23 -10.87
CA GLU A 732 -15.26 -1.64 -10.95
C GLU A 732 -14.99 -0.40 -11.80
N ILE A 733 -15.77 -0.18 -12.85
CA ILE A 733 -15.57 0.97 -13.71
C ILE A 733 -16.80 1.81 -13.96
N GLN A 734 -16.69 3.12 -13.72
CA GLN A 734 -17.79 4.05 -13.95
C GLN A 734 -17.58 4.60 -15.36
N CYS A 735 -18.64 4.66 -16.17
CA CYS A 735 -18.46 5.15 -17.51
C CYS A 735 -19.75 5.43 -18.25
N PRO A 736 -19.87 6.60 -18.86
CA PRO A 736 -21.05 7.02 -19.62
C PRO A 736 -21.41 5.93 -20.65
N GLU A 737 -22.71 5.68 -20.85
CA GLU A 737 -23.10 4.62 -21.76
C GLU A 737 -22.39 4.72 -23.11
N GLN A 738 -22.08 5.93 -23.52
CA GLN A 738 -21.41 6.14 -24.80
C GLN A 738 -20.02 5.52 -24.92
N ALA A 739 -19.22 5.61 -23.86
CA ALA A 739 -17.85 5.08 -23.87
C ALA A 739 -17.73 3.64 -23.36
N VAL A 740 -18.78 3.14 -22.72
CA VAL A 740 -18.78 1.79 -22.20
C VAL A 740 -18.22 0.82 -23.23
N GLY A 741 -18.26 1.22 -24.49
CA GLY A 741 -17.74 0.34 -25.53
C GLY A 741 -16.28 0.05 -25.33
N GLY A 742 -15.51 1.12 -25.13
CA GLY A 742 -14.08 0.99 -24.93
C GLY A 742 -13.69 0.11 -23.77
N ILE A 743 -14.59 -0.06 -22.81
CA ILE A 743 -14.25 -0.90 -21.68
C ILE A 743 -14.09 -2.32 -22.21
N TYR A 744 -15.18 -2.90 -22.70
CA TYR A 744 -15.14 -4.24 -23.23
C TYR A 744 -14.01 -4.42 -24.22
N SER A 745 -13.69 -3.38 -24.98
CA SER A 745 -12.63 -3.43 -25.98
C SER A 745 -11.29 -3.81 -25.39
N VAL A 746 -10.94 -3.16 -24.29
CA VAL A 746 -9.69 -3.38 -23.59
C VAL A 746 -9.73 -4.67 -22.77
N LEU A 747 -10.81 -4.91 -22.04
CA LEU A 747 -10.88 -6.13 -21.24
C LEU A 747 -10.64 -7.36 -22.09
N ASN A 748 -11.09 -7.31 -23.34
CA ASN A 748 -10.95 -8.43 -24.27
C ASN A 748 -9.56 -8.59 -24.86
N LYS A 749 -8.60 -7.84 -24.34
CA LYS A 749 -7.24 -7.96 -24.84
C LYS A 749 -6.32 -8.17 -23.64
N LYS A 750 -6.92 -8.40 -22.47
CA LYS A 750 -6.20 -8.60 -21.22
C LYS A 750 -6.69 -9.81 -20.46
N ARG A 751 -7.50 -10.63 -21.09
CA ARG A 751 -8.06 -11.81 -20.44
C ARG A 751 -9.01 -11.39 -19.35
N GLY A 752 -9.79 -10.35 -19.65
CA GLY A 752 -10.75 -9.83 -18.70
C GLY A 752 -12.06 -10.60 -18.71
N GLN A 753 -12.66 -10.75 -17.54
CA GLN A 753 -13.91 -11.47 -17.44
C GLN A 753 -14.99 -10.63 -16.76
N VAL A 754 -15.90 -10.11 -17.55
CA VAL A 754 -16.98 -9.27 -17.04
C VAL A 754 -17.82 -10.01 -16.04
N VAL A 755 -18.12 -9.35 -14.94
CA VAL A 755 -18.91 -9.99 -13.92
C VAL A 755 -20.31 -9.44 -13.91
N SER A 756 -20.43 -8.13 -14.11
CA SER A 756 -21.74 -7.48 -14.12
C SER A 756 -21.69 -6.05 -14.66
N GLU A 757 -22.79 -5.64 -15.29
CA GLU A 757 -22.93 -4.30 -15.86
C GLU A 757 -24.28 -3.72 -15.43
N GLU A 758 -24.27 -2.56 -14.80
CA GLU A 758 -25.51 -1.94 -14.36
C GLU A 758 -25.54 -0.46 -14.69
N GLN A 759 -26.75 0.10 -14.74
CA GLN A 759 -26.91 1.52 -15.03
C GLN A 759 -27.52 2.25 -13.87
N ARG A 760 -27.05 3.45 -13.65
CA ARG A 760 -27.58 4.27 -12.59
C ARG A 760 -28.93 4.69 -13.11
N PRO A 761 -30.00 4.39 -12.35
CA PRO A 761 -31.38 4.72 -12.71
C PRO A 761 -31.59 5.90 -13.67
N GLY A 762 -31.50 7.12 -13.15
CA GLY A 762 -31.71 8.31 -13.96
C GLY A 762 -30.74 8.58 -15.07
N THR A 763 -29.48 8.76 -14.70
CA THR A 763 -28.40 9.09 -15.63
C THR A 763 -27.99 8.05 -16.67
N PRO A 764 -27.10 8.42 -17.60
CA PRO A 764 -26.61 7.50 -18.63
C PRO A 764 -25.28 6.91 -18.16
N LEU A 765 -25.19 6.69 -16.85
CA LEU A 765 -23.96 6.17 -16.24
C LEU A 765 -23.96 4.70 -15.88
N PHE A 766 -23.23 3.94 -16.68
CA PHE A 766 -23.07 2.53 -16.45
C PHE A 766 -21.94 2.30 -15.44
N THR A 767 -21.89 1.11 -14.88
CA THR A 767 -20.84 0.75 -13.92
C THR A 767 -20.51 -0.74 -14.04
N VAL A 768 -19.61 -1.04 -14.98
CA VAL A 768 -19.12 -2.40 -15.28
C VAL A 768 -18.10 -2.96 -14.27
N LYS A 769 -18.32 -4.21 -13.86
CA LYS A 769 -17.44 -4.88 -12.93
C LYS A 769 -16.86 -6.10 -13.62
N ALA A 770 -15.54 -6.27 -13.52
CA ALA A 770 -14.87 -7.41 -14.14
C ALA A 770 -13.63 -7.94 -13.39
N TYR A 771 -13.10 -9.07 -13.84
CA TYR A 771 -11.92 -9.66 -13.23
C TYR A 771 -10.73 -9.40 -14.14
N LEU A 772 -9.72 -8.75 -13.59
CA LEU A 772 -8.56 -8.45 -14.39
C LEU A 772 -7.35 -9.12 -13.77
N PRO A 773 -6.71 -10.03 -14.50
CA PRO A 773 -5.52 -10.74 -14.00
C PRO A 773 -4.45 -9.69 -13.71
N VAL A 774 -3.92 -9.70 -12.49
CA VAL A 774 -2.92 -8.73 -12.13
C VAL A 774 -1.71 -8.73 -13.04
N ASN A 775 -1.33 -9.87 -13.59
CA ASN A 775 -0.16 -9.90 -14.47
C ASN A 775 -0.49 -9.38 -15.86
N GLU A 776 -1.68 -8.81 -16.01
CA GLU A 776 -2.15 -8.28 -17.28
C GLU A 776 -2.63 -6.84 -17.11
N SER A 777 -2.48 -6.32 -15.89
CA SER A 777 -2.93 -4.97 -15.56
C SER A 777 -1.91 -3.87 -15.70
N PHE A 778 -0.74 -4.19 -16.23
CA PHE A 778 0.25 -3.16 -16.36
C PHE A 778 -0.11 -2.19 -17.46
N GLY A 779 -0.17 -0.92 -17.08
CA GLY A 779 -0.50 0.15 -18.02
C GLY A 779 -1.96 0.12 -18.39
N PHE A 780 -2.78 -0.51 -17.56
CA PHE A 780 -4.22 -0.64 -17.79
C PHE A 780 -4.93 0.68 -17.86
N THR A 781 -4.83 1.46 -16.79
CA THR A 781 -5.48 2.76 -16.75
C THR A 781 -5.13 3.60 -17.97
N GLY A 782 -3.87 3.54 -18.40
CA GLY A 782 -3.44 4.29 -19.56
C GLY A 782 -4.17 3.89 -20.82
N GLU A 783 -4.30 2.59 -21.03
CA GLU A 783 -5.00 2.07 -22.21
C GLU A 783 -6.49 2.32 -22.12
N LEU A 784 -7.02 2.27 -20.91
CA LEU A 784 -8.43 2.50 -20.70
C LEU A 784 -8.73 3.96 -21.01
N ARG A 785 -7.77 4.82 -20.71
CA ARG A 785 -7.95 6.24 -20.96
C ARG A 785 -8.10 6.48 -22.47
N GLN A 786 -7.14 6.03 -23.28
CA GLN A 786 -7.29 6.23 -24.71
C GLN A 786 -8.62 5.65 -25.19
N ALA A 787 -8.87 4.39 -24.87
CA ALA A 787 -10.10 3.71 -25.29
C ALA A 787 -11.42 4.41 -24.93
N THR A 788 -11.59 4.89 -23.70
CA THR A 788 -12.86 5.54 -23.36
C THR A 788 -12.83 7.06 -23.37
N GLY A 789 -11.95 7.63 -24.19
CA GLY A 789 -11.85 9.08 -24.29
C GLY A 789 -11.57 9.79 -22.97
N GLY A 790 -11.11 9.04 -21.97
CA GLY A 790 -10.82 9.65 -20.69
C GLY A 790 -12.05 9.73 -19.78
N GLN A 791 -13.20 9.30 -20.30
CA GLN A 791 -14.47 9.32 -19.57
C GLN A 791 -14.65 8.26 -18.49
N ALA A 792 -13.84 7.20 -18.53
CA ALA A 792 -13.94 6.11 -17.55
C ALA A 792 -13.19 6.34 -16.22
N PHE A 793 -13.80 5.88 -15.12
CA PHE A 793 -13.24 6.03 -13.77
C PHE A 793 -13.05 4.65 -13.08
N PRO A 794 -11.86 4.03 -13.24
CA PRO A 794 -11.48 2.73 -12.69
C PRO A 794 -11.22 2.68 -11.21
N GLN A 795 -11.52 1.54 -10.62
CA GLN A 795 -11.34 1.30 -9.20
C GLN A 795 -11.11 -0.22 -9.14
N MET A 796 -9.88 -0.64 -8.89
CA MET A 796 -9.63 -2.06 -8.80
C MET A 796 -9.02 -2.44 -7.46
N VAL A 797 -9.30 -3.65 -7.02
CA VAL A 797 -8.82 -4.19 -5.76
C VAL A 797 -8.45 -5.65 -5.99
N PHE A 798 -7.67 -6.22 -5.09
CA PHE A 798 -7.31 -7.62 -5.24
C PHE A 798 -8.56 -8.41 -4.90
N ASP A 799 -8.86 -9.43 -5.70
CA ASP A 799 -10.05 -10.24 -5.46
C ASP A 799 -9.77 -11.69 -5.13
N HIS A 800 -8.99 -12.39 -5.93
CA HIS A 800 -8.73 -13.79 -5.62
C HIS A 800 -7.51 -14.39 -6.29
N TRP A 801 -7.15 -15.60 -5.87
CA TRP A 801 -5.99 -16.31 -6.45
C TRP A 801 -6.50 -17.35 -7.46
N SER A 802 -5.93 -17.37 -8.65
CA SER A 802 -6.38 -18.31 -9.65
C SER A 802 -5.34 -19.34 -10.05
N THR A 803 -5.66 -20.61 -9.86
CA THR A 803 -4.71 -21.65 -10.21
C THR A 803 -4.62 -21.89 -11.70
N LEU A 804 -3.43 -21.68 -12.28
CA LEU A 804 -3.27 -21.95 -13.70
C LEU A 804 -3.35 -23.45 -13.97
N GLY A 805 -4.01 -23.79 -15.08
CA GLY A 805 -4.14 -25.19 -15.44
C GLY A 805 -2.81 -25.83 -15.80
N SER A 806 -2.12 -25.22 -16.76
CA SER A 806 -0.83 -25.72 -17.24
C SER A 806 0.22 -26.14 -16.22
N ASP A 807 1.13 -27.00 -16.67
CA ASP A 807 2.23 -27.53 -15.88
C ASP A 807 3.44 -26.62 -15.75
N PRO A 808 3.68 -26.11 -14.54
CA PRO A 808 4.81 -25.23 -14.33
C PRO A 808 6.10 -25.90 -14.73
N LEU A 809 6.10 -27.22 -14.67
CA LEU A 809 7.31 -27.96 -15.00
C LEU A 809 7.66 -27.99 -16.48
N ASP A 810 6.65 -27.84 -17.34
CA ASP A 810 6.87 -27.83 -18.78
C ASP A 810 7.15 -26.38 -19.22
N PRO A 811 8.39 -26.08 -19.64
CA PRO A 811 8.89 -24.77 -20.09
C PRO A 811 8.06 -24.06 -21.11
N THR A 812 7.38 -24.84 -21.94
CA THR A 812 6.56 -24.28 -23.00
C THR A 812 5.14 -23.95 -22.57
N SER A 813 4.65 -24.65 -21.56
CA SER A 813 3.31 -24.42 -21.04
C SER A 813 3.23 -22.97 -20.68
N LYS A 814 2.03 -22.50 -20.36
CA LYS A 814 1.83 -21.09 -20.04
C LYS A 814 2.32 -20.72 -18.66
N ALA A 815 2.24 -21.66 -17.73
CA ALA A 815 2.74 -21.43 -16.40
C ALA A 815 4.26 -21.61 -16.45
N GLY A 816 4.67 -22.70 -17.11
CA GLY A 816 6.08 -23.01 -17.26
C GLY A 816 6.81 -21.84 -17.88
N GLU A 817 6.11 -21.13 -18.76
CA GLU A 817 6.70 -19.98 -19.38
C GLU A 817 7.03 -19.00 -18.27
N ILE A 818 6.04 -18.70 -17.43
CA ILE A 818 6.22 -17.81 -16.31
C ILE A 818 7.39 -18.29 -15.46
N VAL A 819 7.32 -19.53 -15.02
CA VAL A 819 8.37 -20.14 -14.20
C VAL A 819 9.79 -20.00 -14.71
N LEU A 820 10.04 -20.44 -15.94
CA LEU A 820 11.39 -20.33 -16.50
C LEU A 820 11.89 -18.90 -16.46
N ALA A 821 11.12 -18.02 -17.06
CA ALA A 821 11.47 -16.62 -17.10
C ALA A 821 11.92 -16.21 -15.71
N ALA A 822 11.03 -16.43 -14.74
CA ALA A 822 11.27 -16.08 -13.36
C ALA A 822 12.57 -16.64 -12.84
N ARG A 823 12.78 -17.94 -13.05
CA ARG A 823 13.99 -18.61 -12.58
C ARG A 823 15.26 -18.00 -13.14
N LYS A 824 15.24 -17.68 -14.44
CA LYS A 824 16.39 -17.05 -15.09
C LYS A 824 16.59 -15.68 -14.43
N ARG A 825 15.51 -14.93 -14.34
CA ARG A 825 15.56 -13.61 -13.74
C ARG A 825 16.30 -13.73 -12.44
N HIS A 826 15.94 -14.74 -11.65
CA HIS A 826 16.58 -14.97 -10.37
C HIS A 826 17.92 -15.62 -10.49
N GLY A 827 18.33 -15.86 -11.72
CA GLY A 827 19.61 -16.50 -11.96
C GLY A 827 19.73 -17.87 -11.30
N MET A 828 18.66 -18.67 -11.35
CA MET A 828 18.68 -20.01 -10.77
C MET A 828 18.94 -20.96 -11.94
N LYS A 829 18.85 -22.26 -11.68
CA LYS A 829 19.03 -23.25 -12.73
C LYS A 829 17.77 -23.11 -13.54
N GLU A 830 17.89 -23.02 -14.85
CA GLU A 830 16.69 -22.87 -15.66
C GLU A 830 15.59 -23.88 -15.33
N GLU A 831 15.97 -25.14 -15.22
CA GLU A 831 15.01 -26.21 -14.94
C GLU A 831 14.55 -26.27 -13.49
N VAL A 832 13.34 -26.79 -13.27
CA VAL A 832 12.81 -26.93 -11.91
C VAL A 832 13.31 -28.24 -11.29
N PRO A 833 13.80 -28.18 -10.06
CA PRO A 833 14.32 -29.36 -9.34
C PRO A 833 13.36 -30.56 -9.29
N GLY A 834 13.87 -31.75 -9.54
CA GLY A 834 12.98 -32.90 -9.43
C GLY A 834 12.84 -33.20 -7.94
N TRP A 835 11.85 -34.00 -7.55
CA TRP A 835 11.72 -34.28 -6.13
C TRP A 835 12.92 -35.07 -5.65
N GLN A 836 13.55 -35.79 -6.58
CA GLN A 836 14.71 -36.60 -6.21
C GLN A 836 15.80 -35.81 -5.52
N GLU A 837 16.00 -34.58 -5.98
CA GLU A 837 17.02 -33.69 -5.45
C GLU A 837 16.83 -33.44 -3.99
N TYR A 838 15.59 -33.41 -3.55
CA TYR A 838 15.30 -33.18 -2.15
C TYR A 838 15.03 -34.44 -1.37
N TYR A 839 14.62 -35.49 -2.06
CA TYR A 839 14.37 -36.76 -1.41
C TYR A 839 15.77 -37.19 -0.93
N ASP A 840 15.84 -38.23 -0.11
CA ASP A 840 17.13 -38.76 0.37
C ASP A 840 17.85 -39.25 -0.85
N LYS A 841 19.15 -39.01 -0.95
CA LYS A 841 19.88 -39.46 -2.13
C LYS A 841 20.25 -40.91 -1.95
N LEU A 842 19.23 -41.75 -2.06
CA LEU A 842 19.31 -43.20 -1.90
C LEU A 842 19.00 -43.74 -3.27
N GLU B 1 49.95 -12.48 -2.85
CA GLU B 1 48.53 -12.93 -2.97
C GLU B 1 48.46 -14.11 -3.92
N PHE B 2 47.61 -15.09 -3.58
CA PHE B 2 47.46 -16.28 -4.40
C PHE B 2 46.09 -16.43 -5.06
N LEU B 3 45.28 -15.37 -5.05
CA LEU B 3 43.95 -15.48 -5.63
C LEU B 3 43.79 -15.11 -7.08
N GLY B 4 44.88 -15.04 -7.83
CA GLY B 4 44.77 -14.67 -9.24
C GLY B 4 44.36 -13.22 -9.19
N ASP B 5 43.99 -12.61 -10.31
CA ASP B 5 43.57 -11.21 -10.26
C ASP B 5 42.14 -10.96 -10.78
N GLY B 6 41.56 -9.82 -10.41
CA GLY B 6 40.25 -9.52 -10.90
C GLY B 6 39.22 -9.00 -9.91
N GLY B 7 39.65 -8.22 -8.94
CA GLY B 7 38.64 -7.69 -8.04
C GLY B 7 38.43 -8.52 -6.80
N ASP B 8 38.15 -7.81 -5.70
CA ASP B 8 37.95 -8.39 -4.39
C ASP B 8 37.05 -9.61 -4.33
N VAL B 9 37.53 -10.63 -3.63
CA VAL B 9 36.80 -11.87 -3.52
C VAL B 9 36.11 -11.95 -2.16
N SER B 10 34.84 -12.34 -2.18
CA SER B 10 34.06 -12.48 -0.95
C SER B 10 33.14 -13.68 -1.07
N PHE B 11 32.62 -14.13 0.06
CA PHE B 11 31.72 -15.26 0.09
C PHE B 11 30.26 -14.89 0.31
N SER B 12 29.41 -15.38 -0.57
CA SER B 12 28.00 -15.09 -0.48
C SER B 12 27.14 -16.33 -0.55
N THR B 13 25.97 -16.22 0.07
CA THR B 13 24.99 -17.28 0.09
C THR B 13 24.56 -17.39 -1.37
N ARG B 14 24.71 -16.24 -2.03
CA ARG B 14 24.39 -16.00 -3.42
C ARG B 14 25.43 -16.62 -4.36
N GLY B 15 26.56 -17.03 -3.80
CA GLY B 15 27.63 -17.59 -4.60
C GLY B 15 28.90 -16.80 -4.30
N THR B 16 30.07 -17.33 -4.62
CA THR B 16 31.30 -16.60 -4.35
C THR B 16 31.51 -15.47 -5.35
N GLN B 17 31.69 -14.27 -4.83
CA GLN B 17 31.83 -13.10 -5.66
C GLN B 17 33.18 -12.96 -6.34
N ASN B 18 33.14 -12.75 -7.64
CA ASN B 18 34.37 -12.57 -8.42
C ASN B 18 35.28 -13.79 -8.45
N TRP B 19 34.72 -14.95 -8.78
CA TRP B 19 35.56 -16.12 -8.83
C TRP B 19 35.14 -17.06 -9.92
N THR B 20 35.55 -16.74 -11.13
CA THR B 20 35.25 -17.56 -12.28
C THR B 20 36.14 -18.80 -12.33
N VAL B 21 35.91 -19.71 -13.28
CA VAL B 21 36.74 -20.92 -13.36
C VAL B 21 38.08 -20.49 -13.90
N GLU B 22 38.03 -19.64 -14.91
CA GLU B 22 39.25 -19.14 -15.49
C GLU B 22 40.14 -18.51 -14.42
N ARG B 23 39.57 -17.72 -13.52
CA ARG B 23 40.40 -17.12 -12.49
C ARG B 23 41.03 -18.22 -11.67
N LEU B 24 40.23 -19.21 -11.31
CA LEU B 24 40.71 -20.35 -10.52
C LEU B 24 41.95 -20.97 -11.20
N LEU B 25 41.85 -21.18 -12.51
CA LEU B 25 42.95 -21.78 -13.28
C LEU B 25 44.21 -20.95 -13.21
N GLN B 26 44.07 -19.64 -13.20
CA GLN B 26 45.24 -18.80 -13.09
C GLN B 26 45.86 -18.96 -11.70
N ALA B 27 45.07 -18.71 -10.66
CA ALA B 27 45.56 -18.81 -9.31
C ALA B 27 46.17 -20.17 -8.99
N HIS B 28 45.71 -21.23 -9.65
CA HIS B 28 46.23 -22.56 -9.37
C HIS B 28 47.62 -22.70 -9.96
N ARG B 29 47.71 -22.32 -11.22
CA ARG B 29 48.94 -22.36 -12.01
C ARG B 29 49.94 -21.60 -11.18
N GLN B 30 49.60 -20.41 -10.77
CA GLN B 30 50.54 -19.64 -10.01
C GLN B 30 50.94 -20.26 -8.66
N LEU B 31 50.07 -21.07 -8.09
CA LEU B 31 50.41 -21.66 -6.80
C LEU B 31 51.43 -22.75 -7.03
N GLU B 32 51.28 -23.43 -8.15
CA GLU B 32 52.21 -24.47 -8.46
C GLU B 32 53.57 -23.83 -8.76
N GLU B 33 53.57 -22.77 -9.56
CA GLU B 33 54.83 -22.13 -9.90
C GLU B 33 55.65 -21.68 -8.70
N ARG B 34 55.03 -21.55 -7.53
CA ARG B 34 55.72 -21.15 -6.31
C ARG B 34 55.88 -22.40 -5.49
N GLY B 35 55.77 -23.54 -6.14
CA GLY B 35 55.98 -24.79 -5.46
C GLY B 35 55.02 -25.13 -4.34
N TYR B 36 53.74 -25.12 -4.67
CA TYR B 36 52.67 -25.50 -3.74
C TYR B 36 51.90 -26.58 -4.48
N VAL B 37 51.25 -27.45 -3.74
CA VAL B 37 50.47 -28.48 -4.38
C VAL B 37 49.07 -28.50 -3.72
N PHE B 38 48.07 -28.99 -4.44
CA PHE B 38 46.71 -29.09 -3.92
C PHE B 38 46.59 -30.43 -3.18
N VAL B 39 46.00 -30.44 -1.97
CA VAL B 39 45.85 -31.68 -1.23
C VAL B 39 44.41 -32.03 -0.87
N GLY B 40 43.49 -31.16 -1.22
CA GLY B 40 42.12 -31.47 -0.91
C GLY B 40 41.22 -30.28 -0.80
N TYR B 41 39.97 -30.58 -0.49
CA TYR B 41 38.93 -29.58 -0.34
C TYR B 41 38.53 -29.51 1.09
N HIS B 42 38.04 -28.32 1.46
CA HIS B 42 37.53 -28.06 2.79
C HIS B 42 36.27 -27.24 2.63
N GLY B 43 35.17 -27.69 3.24
CA GLY B 43 33.91 -26.98 3.16
C GLY B 43 33.49 -26.40 4.50
N THR B 44 32.94 -25.20 4.50
CA THR B 44 32.55 -24.59 5.76
C THR B 44 31.66 -23.38 5.55
N PHE B 45 31.37 -22.66 6.62
CA PHE B 45 30.48 -21.50 6.50
C PHE B 45 31.10 -20.21 6.05
N LEU B 46 30.30 -19.44 5.31
CA LEU B 46 30.72 -18.17 4.76
C LEU B 46 31.66 -17.40 5.66
N GLU B 47 31.28 -17.13 6.89
CA GLU B 47 32.17 -16.39 7.75
C GLU B 47 33.53 -17.09 7.83
N ALA B 48 33.52 -18.37 8.19
CA ALA B 48 34.75 -19.16 8.27
C ALA B 48 35.55 -19.03 6.98
N ALA B 49 34.96 -19.46 5.86
CA ALA B 49 35.67 -19.33 4.59
C ALA B 49 36.42 -18.02 4.49
N GLN B 50 35.72 -16.89 4.60
CA GLN B 50 36.40 -15.60 4.50
C GLN B 50 37.67 -15.56 5.33
N SER B 51 37.54 -15.91 6.60
CA SER B 51 38.68 -15.90 7.50
C SER B 51 39.89 -16.67 6.95
N ILE B 52 39.67 -17.95 6.62
CA ILE B 52 40.72 -18.81 6.10
C ILE B 52 41.40 -18.20 4.88
N VAL B 53 40.62 -17.79 3.89
CA VAL B 53 41.22 -17.17 2.71
C VAL B 53 41.93 -15.83 2.97
N PHE B 54 41.46 -15.04 3.93
CA PHE B 54 42.13 -13.77 4.20
C PHE B 54 42.51 -13.79 5.66
N GLY B 55 43.62 -14.43 5.97
CA GLY B 55 44.02 -14.51 7.35
C GLY B 55 44.48 -15.92 7.61
N GLY B 56 44.24 -16.79 6.63
CA GLY B 56 44.68 -18.17 6.71
C GLY B 56 44.09 -19.06 7.78
N VAL B 57 44.44 -20.33 7.69
CA VAL B 57 43.96 -21.29 8.63
C VAL B 57 44.68 -21.10 9.93
N ARG B 58 43.97 -21.10 11.05
CA ARG B 58 44.63 -20.95 12.36
C ARG B 58 43.92 -21.77 13.44
N ALA B 59 44.68 -22.60 14.12
CA ALA B 59 44.12 -23.38 15.19
C ALA B 59 43.88 -22.33 16.28
N ARG B 60 42.96 -22.56 17.20
CA ARG B 60 42.74 -21.56 18.25
C ARG B 60 42.13 -22.27 19.46
N SER B 61 42.95 -22.51 20.46
CA SER B 61 42.43 -23.15 21.65
C SER B 61 41.91 -24.54 21.34
N GLN B 62 42.83 -25.45 21.07
CA GLN B 62 42.38 -26.79 20.81
C GLN B 62 42.36 -27.44 22.17
N ASP B 63 41.94 -28.70 22.21
CA ASP B 63 41.91 -29.44 23.44
C ASP B 63 43.22 -30.20 23.33
N LEU B 64 44.22 -29.71 24.04
CA LEU B 64 45.52 -30.34 24.02
C LEU B 64 45.53 -31.82 24.40
N ASP B 65 44.41 -32.35 24.91
CA ASP B 65 44.35 -33.77 25.23
C ASP B 65 43.64 -34.50 24.08
N ALA B 66 43.28 -33.74 23.05
CA ALA B 66 42.57 -34.27 21.89
C ALA B 66 43.53 -34.79 20.87
N ILE B 67 43.94 -36.04 21.01
CA ILE B 67 44.92 -36.61 20.08
C ILE B 67 44.64 -36.60 18.58
N TRP B 68 43.41 -36.33 18.15
CA TRP B 68 43.19 -36.27 16.71
C TRP B 68 42.85 -34.88 16.25
N ARG B 69 43.32 -33.87 16.98
CA ARG B 69 43.05 -32.50 16.63
C ARG B 69 43.82 -32.16 15.34
N GLY B 70 43.18 -31.45 14.42
CA GLY B 70 43.83 -31.12 13.17
C GLY B 70 42.89 -30.44 12.20
N PHE B 71 43.32 -30.27 10.96
CA PHE B 71 42.48 -29.60 9.98
C PHE B 71 42.06 -30.64 8.98
N TYR B 72 40.81 -31.05 9.10
CA TYR B 72 40.19 -32.06 8.24
C TYR B 72 39.83 -31.51 6.87
N ILE B 73 40.14 -32.26 5.82
CA ILE B 73 39.79 -31.84 4.49
C ILE B 73 39.56 -33.10 3.70
N ALA B 74 39.23 -32.97 2.42
CA ALA B 74 38.95 -34.17 1.64
C ALA B 74 39.34 -34.05 0.18
N GLY B 75 39.83 -35.15 -0.36
CA GLY B 75 40.21 -35.12 -1.75
C GLY B 75 38.94 -34.96 -2.53
N ASP B 76 37.91 -35.67 -2.10
CA ASP B 76 36.63 -35.60 -2.81
C ASP B 76 35.76 -34.37 -2.45
N PRO B 77 35.58 -33.45 -3.40
CA PRO B 77 34.76 -32.30 -3.03
C PRO B 77 33.41 -32.66 -2.41
N ALA B 78 32.85 -33.76 -2.87
CA ALA B 78 31.55 -34.22 -2.38
C ALA B 78 31.54 -34.44 -0.89
N LEU B 79 32.59 -35.06 -0.36
CA LEU B 79 32.64 -35.29 1.07
C LEU B 79 32.81 -33.95 1.80
N ALA B 80 33.56 -33.02 1.22
CA ALA B 80 33.78 -31.72 1.85
C ALA B 80 32.45 -30.95 1.77
N TYR B 81 31.81 -31.08 0.62
CA TYR B 81 30.56 -30.38 0.40
C TYR B 81 29.58 -30.48 1.52
N GLY B 82 29.51 -31.65 2.14
CA GLY B 82 28.59 -31.86 3.24
C GLY B 82 28.78 -30.97 4.46
N TYR B 83 29.90 -30.28 4.55
CA TYR B 83 30.14 -29.43 5.70
C TYR B 83 30.00 -27.97 5.30
N ALA B 84 29.77 -27.75 4.02
CA ALA B 84 29.65 -26.41 3.52
C ALA B 84 28.34 -25.73 3.91
N GLN B 85 28.09 -25.53 5.20
CA GLN B 85 26.85 -24.87 5.61
C GLN B 85 26.84 -24.52 7.10
N ASP B 86 25.92 -23.63 7.49
CA ASP B 86 25.82 -23.22 8.87
C ASP B 86 25.57 -24.48 9.66
N GLN B 87 26.14 -24.55 10.86
CA GLN B 87 25.97 -25.74 11.69
C GLN B 87 24.90 -25.52 12.73
N GLU B 88 24.44 -24.29 12.84
CA GLU B 88 23.37 -23.95 13.77
C GLU B 88 22.56 -22.81 13.14
N PRO B 89 21.25 -22.80 13.39
CA PRO B 89 20.44 -21.73 12.80
C PRO B 89 20.75 -20.37 13.33
N ASP B 90 20.34 -19.38 12.56
CA ASP B 90 20.50 -18.01 12.96
C ASP B 90 19.28 -17.82 13.86
N ALA B 91 19.17 -16.67 14.51
CA ALA B 91 18.05 -16.37 15.43
C ALA B 91 16.64 -16.56 14.80
N ARG B 92 16.52 -16.27 13.51
CA ARG B 92 15.25 -16.43 12.81
C ARG B 92 15.01 -17.89 12.40
N GLY B 93 16.07 -18.68 12.32
CA GLY B 93 15.92 -20.07 11.98
C GLY B 93 16.47 -20.46 10.63
N ARG B 94 17.22 -19.55 10.00
CA ARG B 94 17.77 -19.86 8.70
C ARG B 94 19.11 -20.57 8.86
N ILE B 95 19.33 -21.54 7.99
CA ILE B 95 20.57 -22.31 7.94
C ILE B 95 21.04 -22.06 6.53
N ARG B 96 21.87 -21.04 6.31
CA ARG B 96 22.30 -20.84 4.93
C ARG B 96 23.50 -21.68 4.50
N ASN B 97 23.68 -21.78 3.20
CA ASN B 97 24.75 -22.58 2.63
C ASN B 97 26.09 -21.96 2.90
N GLY B 98 27.13 -22.74 2.67
CA GLY B 98 28.48 -22.26 2.89
C GLY B 98 29.27 -22.20 1.60
N ALA B 99 30.57 -22.51 1.71
CA ALA B 99 31.48 -22.49 0.58
C ALA B 99 32.45 -23.62 0.61
N LEU B 100 32.94 -23.95 -0.59
CA LEU B 100 33.92 -25.00 -0.81
C LEU B 100 35.35 -24.41 -1.03
N LEU B 101 36.28 -24.81 -0.17
CA LEU B 101 37.65 -24.33 -0.24
C LEU B 101 38.68 -25.33 -0.74
N ARG B 102 39.60 -24.84 -1.57
CA ARG B 102 40.67 -25.64 -2.12
C ARG B 102 41.90 -25.38 -1.27
N VAL B 103 42.33 -26.41 -0.54
CA VAL B 103 43.51 -26.34 0.34
C VAL B 103 44.84 -26.71 -0.36
N TYR B 104 45.83 -25.83 -0.22
CA TYR B 104 47.16 -26.00 -0.79
C TYR B 104 48.22 -25.97 0.29
N VAL B 105 49.25 -26.80 0.15
CA VAL B 105 50.37 -26.77 1.11
C VAL B 105 51.63 -26.53 0.31
N PRO B 106 52.71 -26.12 0.99
CA PRO B 106 53.98 -25.87 0.31
C PRO B 106 54.36 -27.23 -0.13
N ARG B 107 54.81 -27.36 -1.38
CA ARG B 107 55.17 -28.67 -1.89
C ARG B 107 56.21 -29.30 -0.97
N SER B 108 57.05 -28.45 -0.40
CA SER B 108 58.10 -28.89 0.49
C SER B 108 57.68 -29.66 1.71
N SER B 109 56.39 -29.96 1.87
CA SER B 109 55.91 -30.70 3.04
C SER B 109 55.30 -32.07 2.72
N LEU B 110 55.26 -32.43 1.44
CA LEU B 110 54.72 -33.73 1.06
C LEU B 110 55.44 -34.88 1.78
N PRO B 111 56.66 -34.65 2.23
CA PRO B 111 57.31 -35.78 2.91
C PRO B 111 56.55 -36.19 4.14
N GLY B 112 55.68 -35.30 4.59
CA GLY B 112 54.95 -35.56 5.83
C GLY B 112 53.59 -36.15 5.71
N PHE B 113 53.11 -36.25 4.47
CA PHE B 113 51.81 -36.81 4.15
C PHE B 113 51.84 -38.34 4.05
N TYR B 114 51.03 -39.02 4.86
CA TYR B 114 50.97 -40.47 4.80
C TYR B 114 49.55 -40.91 4.56
N ARG B 115 49.38 -42.21 4.35
CA ARG B 115 48.08 -42.79 4.10
C ARG B 115 47.99 -44.18 4.68
N THR B 116 46.77 -44.56 5.07
CA THR B 116 46.48 -45.85 5.65
C THR B 116 45.12 -46.33 5.19
N SER B 117 44.76 -47.56 5.56
CA SER B 117 43.46 -48.11 5.18
C SER B 117 42.53 -48.22 6.39
N LEU B 118 43.11 -48.19 7.58
CA LEU B 118 42.33 -48.26 8.80
C LEU B 118 41.44 -47.03 8.84
N THR B 119 40.37 -47.07 9.62
CA THR B 119 39.51 -45.91 9.72
C THR B 119 40.01 -45.15 10.94
N LEU B 120 40.31 -43.88 10.74
CA LEU B 120 40.86 -43.07 11.81
C LEU B 120 40.34 -43.16 13.25
N ALA B 121 39.15 -43.68 13.50
CA ALA B 121 38.68 -43.76 14.89
C ALA B 121 39.09 -45.06 15.59
N ALA B 122 39.01 -46.17 14.83
CA ALA B 122 39.36 -47.52 15.32
C ALA B 122 40.59 -47.58 16.24
N PRO B 123 40.56 -48.50 17.21
CA PRO B 123 41.67 -48.65 18.14
C PRO B 123 43.04 -48.70 17.47
N GLU B 124 43.17 -49.56 16.47
CA GLU B 124 44.45 -49.74 15.77
C GLU B 124 44.93 -48.46 15.11
N ALA B 125 44.00 -47.67 14.60
CA ALA B 125 44.32 -46.41 13.93
C ALA B 125 45.37 -45.61 14.68
N ALA B 126 45.04 -45.20 15.90
CA ALA B 126 45.97 -44.43 16.68
C ALA B 126 47.39 -44.99 16.52
N GLY B 127 47.59 -46.22 17.00
CA GLY B 127 48.91 -46.84 16.91
C GLY B 127 49.55 -46.95 15.55
N GLU B 128 48.76 -47.19 14.53
CA GLU B 128 49.29 -47.32 13.18
C GLU B 128 49.64 -45.97 12.59
N VAL B 129 48.84 -44.95 12.90
CA VAL B 129 49.11 -43.59 12.41
C VAL B 129 50.42 -43.13 13.03
N GLU B 130 50.58 -43.41 14.32
CA GLU B 130 51.79 -43.04 15.05
C GLU B 130 53.00 -43.78 14.50
N ARG B 131 52.79 -44.99 14.03
CA ARG B 131 53.89 -45.76 13.48
C ARG B 131 54.30 -45.11 12.18
N LEU B 132 53.34 -44.72 11.37
CA LEU B 132 53.67 -44.11 10.10
C LEU B 132 54.35 -42.76 10.24
N ILE B 133 53.86 -41.92 11.16
CA ILE B 133 54.42 -40.59 11.30
C ILE B 133 55.68 -40.46 12.10
N GLY B 134 56.00 -41.47 12.89
CA GLY B 134 57.24 -41.44 13.65
C GLY B 134 57.18 -40.80 15.01
N HIS B 135 56.00 -40.67 15.59
CA HIS B 135 55.86 -40.07 16.91
C HIS B 135 54.42 -40.16 17.31
N PRO B 136 54.13 -40.04 18.62
CA PRO B 136 52.77 -40.11 19.17
C PRO B 136 51.91 -39.01 18.60
N LEU B 137 50.59 -39.23 18.59
CA LEU B 137 49.65 -38.21 18.11
C LEU B 137 49.72 -37.13 19.17
N PRO B 138 49.22 -35.92 18.87
CA PRO B 138 48.58 -35.47 17.64
C PRO B 138 49.55 -35.33 16.50
N LEU B 139 49.00 -35.18 15.31
CA LEU B 139 49.80 -34.96 14.14
C LEU B 139 50.40 -33.58 14.36
N ARG B 140 51.47 -33.29 13.66
CA ARG B 140 52.09 -32.00 13.80
C ARG B 140 52.41 -31.47 12.43
N LEU B 141 53.64 -31.65 11.97
CA LEU B 141 53.98 -31.17 10.64
C LEU B 141 53.79 -32.29 9.64
N ASP B 142 52.76 -33.09 9.88
CA ASP B 142 52.46 -34.22 9.01
C ASP B 142 50.97 -34.36 8.87
N ALA B 143 50.56 -35.22 7.95
CA ALA B 143 49.15 -35.41 7.66
C ALA B 143 48.86 -36.87 7.42
N ILE B 144 47.66 -37.30 7.83
CA ILE B 144 47.21 -38.68 7.62
C ILE B 144 45.92 -38.69 6.81
N THR B 145 45.81 -39.66 5.92
CA THR B 145 44.67 -39.80 5.03
C THR B 145 44.16 -41.22 5.18
N GLY B 146 42.88 -41.36 5.45
CA GLY B 146 42.29 -42.67 5.61
C GLY B 146 40.79 -42.60 5.38
N PRO B 147 40.07 -43.72 5.53
CA PRO B 147 38.62 -43.78 5.35
C PRO B 147 37.87 -43.14 6.51
N GLU B 148 36.92 -42.25 6.19
CA GLU B 148 36.13 -41.51 7.17
C GLU B 148 35.49 -42.44 8.19
N GLU B 149 35.22 -43.66 7.72
CA GLU B 149 34.62 -44.71 8.52
C GLU B 149 34.59 -45.87 7.54
N GLU B 150 34.44 -47.09 8.06
CA GLU B 150 34.46 -48.27 7.21
C GLU B 150 33.75 -48.11 5.87
N GLY B 151 34.51 -48.26 4.80
CA GLY B 151 33.97 -48.17 3.45
C GLY B 151 33.67 -46.77 2.97
N GLY B 152 33.65 -45.82 3.89
CA GLY B 152 33.36 -44.45 3.53
C GLY B 152 34.40 -43.82 2.62
N ARG B 153 34.18 -42.55 2.31
CA ARG B 153 35.10 -41.81 1.47
C ARG B 153 36.36 -41.54 2.29
N LEU B 154 37.38 -40.94 1.69
CA LEU B 154 38.58 -40.70 2.45
C LEU B 154 38.62 -39.28 2.96
N GLU B 155 39.16 -39.11 4.15
CA GLU B 155 39.31 -37.79 4.71
C GLU B 155 40.78 -37.59 5.07
N THR B 156 41.24 -36.36 4.99
CA THR B 156 42.63 -36.10 5.30
C THR B 156 42.70 -35.17 6.49
N ILE B 157 43.64 -35.44 7.39
CA ILE B 157 43.81 -34.60 8.54
C ILE B 157 45.22 -34.00 8.54
N LEU B 158 45.34 -32.71 8.26
CA LEU B 158 46.63 -32.04 8.31
C LEU B 158 46.72 -31.71 9.79
N GLY B 159 47.91 -31.87 10.40
CA GLY B 159 48.08 -31.52 11.81
C GLY B 159 48.08 -29.99 11.89
N TRP B 160 47.84 -29.40 13.06
CA TRP B 160 47.78 -27.95 13.09
C TRP B 160 49.00 -27.23 12.55
N PRO B 161 50.20 -27.68 12.94
CA PRO B 161 51.34 -26.98 12.39
C PRO B 161 51.28 -26.96 10.87
N LEU B 162 51.15 -28.12 10.23
CA LEU B 162 51.08 -28.15 8.78
C LEU B 162 49.90 -27.28 8.26
N ALA B 163 48.75 -27.39 8.91
CA ALA B 163 47.55 -26.64 8.55
C ALA B 163 47.79 -25.15 8.43
N GLU B 164 48.49 -24.61 9.41
CA GLU B 164 48.76 -23.18 9.39
C GLU B 164 49.78 -22.79 8.35
N ARG B 165 50.17 -23.73 7.48
CA ARG B 165 51.14 -23.41 6.44
C ARG B 165 50.51 -23.61 5.10
N THR B 166 49.20 -23.78 5.10
CA THR B 166 48.46 -23.96 3.85
C THR B 166 48.21 -22.60 3.22
N VAL B 167 47.62 -22.63 2.05
CA VAL B 167 47.24 -21.44 1.32
C VAL B 167 45.95 -21.92 0.71
N VAL B 168 44.85 -21.31 1.14
CA VAL B 168 43.52 -21.71 0.66
C VAL B 168 42.84 -20.70 -0.25
N ILE B 169 42.16 -21.22 -1.27
CA ILE B 169 41.45 -20.37 -2.22
C ILE B 169 40.08 -20.95 -2.56
N PRO B 170 39.17 -20.12 -3.09
CA PRO B 170 37.83 -20.55 -3.46
C PRO B 170 37.84 -21.65 -4.49
N SER B 171 36.73 -22.38 -4.54
CA SER B 171 36.55 -23.42 -5.52
C SER B 171 35.56 -22.86 -6.50
N ALA B 172 35.55 -23.37 -7.73
CA ALA B 172 34.59 -22.87 -8.68
C ALA B 172 33.37 -23.77 -8.58
N ILE B 173 33.34 -24.62 -7.57
CA ILE B 173 32.21 -25.52 -7.35
C ILE B 173 31.35 -24.84 -6.34
N PRO B 174 30.15 -24.40 -6.75
CA PRO B 174 29.17 -23.70 -5.89
C PRO B 174 28.29 -24.56 -5.02
N THR B 175 27.96 -24.05 -3.84
CA THR B 175 27.05 -24.77 -2.97
C THR B 175 25.71 -24.27 -3.47
N ASP B 176 24.66 -25.05 -3.29
CA ASP B 176 23.33 -24.68 -3.73
C ASP B 176 22.62 -23.96 -2.60
N PRO B 177 22.16 -22.74 -2.85
CA PRO B 177 21.45 -21.97 -1.82
C PRO B 177 20.04 -22.48 -1.59
N ARG B 178 19.49 -23.12 -2.63
CA ARG B 178 18.14 -23.67 -2.60
C ARG B 178 18.04 -25.16 -2.29
N ASN B 179 19.10 -25.75 -1.76
CA ASN B 179 19.05 -27.18 -1.46
C ASN B 179 20.07 -27.51 -0.39
N VAL B 180 20.05 -26.72 0.67
CA VAL B 180 21.00 -26.91 1.72
C VAL B 180 20.83 -28.25 2.40
N GLY B 181 21.75 -29.16 2.15
CA GLY B 181 21.69 -30.47 2.79
C GLY B 181 21.65 -31.56 1.74
N GLY B 182 21.50 -31.14 0.50
CA GLY B 182 21.47 -32.10 -0.57
C GLY B 182 22.90 -32.49 -0.76
N ASP B 183 23.14 -33.45 -1.64
CA ASP B 183 24.51 -33.87 -1.87
C ASP B 183 24.99 -33.20 -3.15
N LEU B 184 26.23 -32.74 -3.14
CA LEU B 184 26.82 -32.10 -4.31
C LEU B 184 26.47 -32.89 -5.57
N ASP B 185 25.96 -32.20 -6.57
CA ASP B 185 25.62 -32.86 -7.81
C ASP B 185 26.86 -32.85 -8.71
N PRO B 186 27.43 -34.03 -8.97
CA PRO B 186 28.62 -34.19 -9.81
C PRO B 186 28.69 -33.32 -11.06
N SER B 187 27.54 -33.04 -11.68
CA SER B 187 27.60 -32.24 -12.88
C SER B 187 27.87 -30.75 -12.61
N SER B 188 27.75 -30.29 -11.37
CA SER B 188 28.01 -28.88 -11.11
C SER B 188 29.49 -28.57 -10.89
N ILE B 189 30.31 -29.61 -10.96
CA ILE B 189 31.75 -29.48 -10.82
C ILE B 189 32.28 -29.10 -12.19
N PRO B 190 33.06 -28.02 -12.31
CA PRO B 190 33.58 -27.66 -13.62
C PRO B 190 34.59 -28.69 -14.11
N ASP B 191 34.50 -29.04 -15.39
CA ASP B 191 35.43 -30.02 -15.93
C ASP B 191 36.84 -29.49 -15.75
N LYS B 192 37.03 -28.20 -16.02
CA LYS B 192 38.34 -27.57 -15.87
C LYS B 192 38.85 -27.56 -14.43
N GLU B 193 37.96 -27.55 -13.46
CA GLU B 193 38.46 -27.57 -12.09
C GLU B 193 38.85 -29.00 -11.83
N GLN B 194 38.09 -29.92 -12.39
CA GLN B 194 38.39 -31.33 -12.21
C GLN B 194 39.82 -31.64 -12.64
N ALA B 195 40.25 -31.04 -13.74
CA ALA B 195 41.58 -31.24 -14.30
C ALA B 195 42.69 -30.86 -13.35
N ILE B 196 42.49 -29.79 -12.59
CA ILE B 196 43.54 -29.38 -11.69
C ILE B 196 43.33 -29.95 -10.30
N SER B 197 42.61 -31.06 -10.18
CA SER B 197 42.32 -31.58 -8.85
C SER B 197 42.87 -32.93 -8.43
N ALA B 198 43.94 -33.38 -9.06
CA ALA B 198 44.53 -34.66 -8.71
C ALA B 198 45.21 -34.56 -7.36
N LEU B 199 45.33 -35.66 -6.65
CA LEU B 199 46.00 -35.60 -5.35
C LEU B 199 47.41 -36.18 -5.33
N PRO B 200 48.28 -35.67 -4.46
CA PRO B 200 49.63 -36.23 -4.46
C PRO B 200 49.57 -37.70 -4.09
N ASP B 201 50.65 -38.43 -4.32
CA ASP B 201 50.66 -39.83 -3.95
C ASP B 201 51.25 -39.99 -2.57
N TYR B 202 50.41 -40.26 -1.58
CA TYR B 202 50.87 -40.38 -0.21
C TYR B 202 51.58 -41.69 0.09
N ALA B 203 52.47 -41.66 1.08
CA ALA B 203 53.23 -42.85 1.43
C ALA B 203 52.51 -43.75 2.40
N SER B 204 52.64 -45.05 2.19
CA SER B 204 52.01 -46.05 3.04
C SER B 204 52.98 -46.65 4.06
N GLN B 205 54.25 -46.39 3.87
CA GLN B 205 55.28 -46.88 4.79
C GLN B 205 55.94 -45.68 5.44
N PRO B 206 56.32 -45.80 6.71
CA PRO B 206 56.96 -44.74 7.49
C PRO B 206 58.26 -44.23 6.88
N GLY B 207 58.79 -43.12 7.36
CA GLY B 207 60.04 -42.64 6.77
C GLY B 207 61.30 -42.94 7.59
N VAL C 2 39.48 64.22 -15.79
CA VAL C 2 39.50 64.88 -14.45
C VAL C 2 40.17 64.00 -13.39
N ALA C 3 40.33 64.55 -12.19
CA ALA C 3 40.95 63.84 -11.08
C ALA C 3 39.93 63.60 -9.98
N PHE C 4 39.81 62.35 -9.55
CA PHE C 4 38.88 61.96 -8.50
C PHE C 4 39.63 61.22 -7.41
N THR C 5 39.15 61.36 -6.18
CA THR C 5 39.76 60.69 -5.06
C THR C 5 39.15 59.30 -5.01
N VAL C 6 39.74 58.40 -4.24
CA VAL C 6 39.18 57.07 -4.12
C VAL C 6 37.74 57.17 -3.63
N ASP C 7 37.48 58.14 -2.75
CA ASP C 7 36.14 58.36 -2.19
C ASP C 7 35.14 58.72 -3.27
N GLN C 8 35.54 59.66 -4.11
CA GLN C 8 34.67 60.10 -5.19
C GLN C 8 34.34 58.94 -6.10
N MET C 9 35.34 58.15 -6.44
CA MET C 9 35.15 56.98 -7.30
C MET C 9 34.20 55.99 -6.63
N ARG C 10 34.47 55.69 -5.38
CA ARG C 10 33.64 54.76 -4.63
C ARG C 10 32.22 55.28 -4.60
N SER C 11 32.04 56.52 -4.16
CA SER C 11 30.71 57.11 -4.09
C SER C 11 29.97 56.94 -5.41
N LEU C 12 30.66 57.24 -6.49
CA LEU C 12 30.11 57.14 -7.84
C LEU C 12 29.77 55.70 -8.23
N MET C 13 30.49 54.73 -7.69
CA MET C 13 30.24 53.34 -7.98
C MET C 13 29.14 52.79 -7.11
N ASP C 14 28.56 53.65 -6.28
CA ASP C 14 27.47 53.22 -5.41
C ASP C 14 26.14 53.48 -6.10
N LYS C 15 26.17 54.43 -7.04
CA LYS C 15 24.98 54.80 -7.82
C LYS C 15 25.04 54.08 -9.18
N VAL C 16 24.88 52.76 -9.12
CA VAL C 16 24.91 51.90 -10.29
C VAL C 16 23.93 52.37 -11.37
N THR C 17 22.76 52.80 -10.92
CA THR C 17 21.73 53.31 -11.82
C THR C 17 22.36 54.41 -12.68
N ASN C 18 23.50 54.91 -12.24
CA ASN C 18 24.20 55.97 -12.97
C ASN C 18 25.56 55.50 -13.45
N VAL C 19 25.62 54.23 -13.84
CA VAL C 19 26.84 53.64 -14.37
C VAL C 19 26.52 53.08 -15.74
N ARG C 20 27.51 53.01 -16.61
CA ARG C 20 27.31 52.50 -17.96
C ARG C 20 28.50 51.66 -18.39
N ASN C 21 28.29 50.35 -18.55
CA ASN C 21 29.38 49.47 -18.94
C ASN C 21 29.29 49.26 -20.43
N MET C 22 30.30 49.71 -21.17
CA MET C 22 30.24 49.50 -22.60
C MET C 22 31.56 49.22 -23.32
N SER C 23 31.44 49.03 -24.62
CA SER C 23 32.57 48.71 -25.45
C SER C 23 32.37 49.58 -26.68
N VAL C 24 33.21 49.43 -27.71
CA VAL C 24 33.08 50.22 -28.93
C VAL C 24 33.29 49.35 -30.13
N ILE C 25 32.22 48.78 -30.67
CA ILE C 25 32.33 47.92 -31.84
C ILE C 25 32.64 48.76 -33.08
N ALA C 26 33.80 48.52 -33.69
CA ALA C 26 34.18 49.27 -34.88
C ALA C 26 35.46 48.72 -35.49
N HIS C 27 35.50 48.68 -36.82
CA HIS C 27 36.70 48.21 -37.51
C HIS C 27 37.75 49.25 -37.12
N VAL C 28 39.04 48.87 -37.15
CA VAL C 28 40.10 49.81 -36.80
C VAL C 28 40.23 50.96 -37.81
N ASP C 29 40.04 50.63 -39.09
CA ASP C 29 40.15 51.59 -40.18
C ASP C 29 38.99 52.58 -40.28
N HIS C 30 38.12 52.57 -39.28
CA HIS C 30 36.99 53.49 -39.27
C HIS C 30 37.12 54.33 -38.01
N GLY C 31 38.36 54.76 -37.77
CA GLY C 31 38.68 55.59 -36.63
C GLY C 31 38.21 55.09 -35.28
N LYS C 32 38.22 53.77 -35.09
CA LYS C 32 37.79 53.18 -33.82
C LYS C 32 38.59 53.76 -32.65
N SER C 33 39.89 53.90 -32.90
CA SER C 33 40.84 54.42 -31.92
C SER C 33 40.75 55.93 -31.79
N THR C 34 40.57 56.60 -32.91
CA THR C 34 40.46 58.05 -32.90
C THR C 34 39.30 58.43 -32.00
N LEU C 35 38.11 57.98 -32.36
CA LEU C 35 36.92 58.27 -31.57
C LEU C 35 37.16 57.99 -30.08
N THR C 36 37.53 56.76 -29.74
CA THR C 36 37.78 56.37 -28.35
C THR C 36 38.64 57.35 -27.55
N ASP C 37 39.72 57.82 -28.15
CA ASP C 37 40.62 58.75 -27.49
C ASP C 37 39.88 60.03 -27.12
N SER C 38 39.11 60.54 -28.07
CA SER C 38 38.34 61.75 -27.88
C SER C 38 37.55 61.70 -26.58
N LEU C 39 36.94 60.56 -26.28
CA LEU C 39 36.17 60.41 -25.05
C LEU C 39 37.13 60.39 -23.87
N VAL C 40 38.32 59.87 -24.12
CA VAL C 40 39.33 59.82 -23.09
C VAL C 40 39.79 61.25 -22.83
N GLN C 41 40.13 61.95 -23.91
CA GLN C 41 40.60 63.33 -23.82
C GLN C 41 39.55 64.29 -23.30
N ARG C 42 38.34 63.80 -23.12
CA ARG C 42 37.23 64.63 -22.65
C ARG C 42 36.69 64.30 -21.26
N ALA C 43 36.37 63.03 -21.04
CA ALA C 43 35.82 62.59 -19.77
C ALA C 43 36.72 61.60 -19.05
N GLY C 44 37.93 61.39 -19.58
CA GLY C 44 38.86 60.46 -18.97
C GLY C 44 39.02 60.71 -17.49
N ILE C 45 39.01 59.64 -16.70
CA ILE C 45 39.16 59.79 -15.26
C ILE C 45 40.57 59.46 -14.81
N ILE C 46 41.12 60.34 -13.99
CA ILE C 46 42.47 60.19 -13.47
C ILE C 46 42.39 60.24 -11.94
N SER C 47 43.16 59.41 -11.26
CA SER C 47 43.11 59.39 -9.80
C SER C 47 43.80 60.61 -9.21
N ALA C 48 43.36 61.02 -8.02
CA ALA C 48 43.91 62.20 -7.35
C ALA C 48 45.13 61.86 -6.46
N GLY C 67 52.71 53.00 -8.13
CA GLY C 67 53.79 52.76 -9.08
C GLY C 67 53.64 51.44 -9.81
N ILE C 68 52.50 50.77 -9.62
CA ILE C 68 52.24 49.49 -10.29
C ILE C 68 51.42 49.75 -11.55
N THR C 69 52.00 49.40 -12.70
CA THR C 69 51.30 49.60 -13.97
C THR C 69 50.69 48.30 -14.48
N ILE C 70 49.65 48.42 -15.31
CA ILE C 70 48.96 47.28 -15.91
C ILE C 70 48.67 47.56 -17.38
N LYS C 71 48.34 46.50 -18.11
CA LYS C 71 48.01 46.58 -19.54
C LYS C 71 46.58 47.13 -19.60
N SER C 72 46.42 48.34 -20.14
CA SER C 72 45.10 48.97 -20.21
C SER C 72 43.99 48.06 -20.71
N THR C 73 43.01 47.82 -19.85
CA THR C 73 41.87 46.97 -20.18
C THR C 73 40.53 47.68 -20.10
N ALA C 74 40.47 48.82 -19.41
CA ALA C 74 39.24 49.57 -19.27
C ALA C 74 39.52 51.00 -18.87
N ILE C 75 38.76 51.94 -19.42
CA ILE C 75 38.94 53.34 -19.07
C ILE C 75 37.72 53.92 -18.41
N SER C 76 37.92 54.65 -17.31
CA SER C 76 36.79 55.25 -16.61
C SER C 76 36.50 56.59 -17.25
N LEU C 77 35.22 56.92 -17.33
CA LEU C 77 34.75 58.16 -17.93
C LEU C 77 33.67 58.77 -17.04
N TYR C 78 33.73 60.09 -16.86
CA TYR C 78 32.76 60.80 -16.06
C TYR C 78 32.02 61.80 -16.93
N SER C 79 30.73 61.94 -16.69
CA SER C 79 29.92 62.88 -17.45
C SER C 79 28.77 63.34 -16.57
N GLU C 80 28.33 64.59 -16.76
CA GLU C 80 27.23 65.12 -15.98
C GLU C 80 26.18 65.75 -16.88
N MET C 81 24.91 65.70 -16.46
CA MET C 81 23.83 66.27 -17.26
C MET C 81 22.84 67.06 -16.43
N SER C 82 22.05 67.90 -17.10
CA SER C 82 21.03 68.72 -16.44
C SER C 82 19.87 67.88 -15.93
N ASP C 83 19.22 68.31 -14.83
CA ASP C 83 18.10 67.55 -14.27
C ASP C 83 17.07 67.34 -15.38
N GLU C 84 17.13 68.21 -16.38
CA GLU C 84 16.24 68.16 -17.53
C GLU C 84 16.56 66.93 -18.37
N ASP C 85 17.86 66.74 -18.65
CA ASP C 85 18.31 65.60 -19.42
C ASP C 85 18.03 64.31 -18.68
N VAL C 86 18.34 64.29 -17.39
CA VAL C 86 18.13 63.12 -16.56
C VAL C 86 16.69 62.58 -16.65
N LYS C 87 15.76 63.45 -17.03
CA LYS C 87 14.39 63.00 -17.15
C LYS C 87 14.11 62.28 -18.46
N GLU C 88 14.86 62.62 -19.50
CA GLU C 88 14.71 61.97 -20.80
C GLU C 88 15.18 60.53 -20.76
N ILE C 89 15.77 60.13 -19.63
CA ILE C 89 16.28 58.77 -19.49
C ILE C 89 15.19 57.77 -19.10
N LYS C 90 14.82 56.93 -20.05
CA LYS C 90 13.79 55.94 -19.84
C LYS C 90 14.33 54.77 -19.04
N GLN C 91 14.79 55.05 -17.83
CA GLN C 91 15.32 54.01 -16.94
C GLN C 91 15.75 54.65 -15.63
N LYS C 92 15.43 53.97 -14.53
CA LYS C 92 15.75 54.48 -13.20
C LYS C 92 17.15 55.06 -13.11
N THR C 93 17.22 56.30 -12.64
CA THR C 93 18.50 56.96 -12.44
C THR C 93 18.48 57.65 -11.10
N ASP C 94 19.54 58.40 -10.81
CA ASP C 94 19.65 59.09 -9.54
C ASP C 94 20.91 59.94 -9.54
N GLY C 95 20.75 61.26 -9.57
CA GLY C 95 21.89 62.15 -9.59
C GLY C 95 22.21 62.54 -11.02
N ASN C 96 22.95 63.63 -11.19
CA ASN C 96 23.31 64.11 -12.51
C ASN C 96 24.69 63.60 -12.93
N SER C 97 25.29 62.78 -12.07
CA SER C 97 26.61 62.22 -12.35
C SER C 97 26.48 60.82 -12.95
N PHE C 98 27.42 60.49 -13.84
CA PHE C 98 27.43 59.19 -14.50
C PHE C 98 28.82 58.59 -14.70
N LEU C 99 28.93 57.31 -14.41
CA LEU C 99 30.19 56.60 -14.56
C LEU C 99 30.15 55.66 -15.74
N ILE C 100 30.99 55.95 -16.72
CA ILE C 100 31.06 55.13 -17.92
C ILE C 100 32.30 54.26 -17.89
N ASN C 101 32.13 52.97 -18.13
CA ASN C 101 33.27 52.07 -18.16
C ASN C 101 33.44 51.66 -19.61
N LEU C 102 34.45 52.22 -20.26
CA LEU C 102 34.75 51.89 -21.64
C LEU C 102 35.74 50.73 -21.61
N ILE C 103 35.23 49.54 -21.87
CA ILE C 103 36.03 48.33 -21.85
C ILE C 103 36.63 48.05 -23.23
N ASP C 104 37.95 47.86 -23.23
CA ASP C 104 38.71 47.62 -24.44
C ASP C 104 38.32 46.40 -25.27
N SER C 105 38.50 46.54 -26.58
CA SER C 105 38.17 45.50 -27.54
C SER C 105 39.39 45.20 -28.43
N PRO C 106 39.36 44.05 -29.12
CA PRO C 106 40.45 43.62 -30.01
C PRO C 106 40.50 44.43 -31.30
N GLY C 107 41.46 44.11 -32.15
CA GLY C 107 41.58 44.80 -33.43
C GLY C 107 41.07 43.94 -34.57
N HIS C 108 41.35 42.63 -34.48
CA HIS C 108 40.93 41.68 -35.50
C HIS C 108 39.92 40.69 -34.94
N VAL C 109 39.09 40.15 -35.83
CA VAL C 109 38.06 39.21 -35.44
C VAL C 109 38.58 37.83 -35.08
N ASP C 110 39.76 37.48 -35.58
CA ASP C 110 40.32 36.18 -35.28
C ASP C 110 40.45 35.98 -33.78
N PHE C 111 40.53 37.08 -33.04
CA PHE C 111 40.63 37.05 -31.58
C PHE C 111 39.28 36.70 -30.97
N SER C 112 38.42 36.10 -31.78
CA SER C 112 37.07 35.68 -31.39
C SER C 112 36.85 35.60 -29.88
N SER C 113 37.58 34.69 -29.26
CA SER C 113 37.50 34.44 -27.83
C SER C 113 37.50 35.69 -26.95
N GLU C 114 38.44 36.60 -27.16
CA GLU C 114 38.48 37.80 -26.31
C GLU C 114 37.48 38.86 -26.72
N VAL C 115 36.90 38.70 -27.90
CA VAL C 115 35.88 39.62 -28.35
C VAL C 115 34.73 39.32 -27.39
N THR C 116 34.27 38.07 -27.44
CA THR C 116 33.18 37.62 -26.59
C THR C 116 33.45 37.99 -25.14
N ALA C 117 34.72 38.06 -24.80
CA ALA C 117 35.13 38.38 -23.45
C ALA C 117 34.76 39.80 -23.05
N ALA C 118 35.05 40.75 -23.93
CA ALA C 118 34.75 42.16 -23.66
C ALA C 118 33.26 42.33 -23.60
N LEU C 119 32.60 41.86 -24.64
CA LEU C 119 31.16 41.96 -24.74
C LEU C 119 30.48 41.43 -23.48
N ARG C 120 30.82 40.21 -23.08
CA ARG C 120 30.17 39.62 -21.91
C ARG C 120 30.10 40.43 -20.61
N VAL C 121 30.92 41.48 -20.46
CA VAL C 121 30.88 42.30 -19.24
C VAL C 121 30.30 43.70 -19.51
N THR C 122 29.80 43.92 -20.73
CA THR C 122 29.20 45.20 -21.11
C THR C 122 27.69 45.05 -21.34
N ASP C 123 26.99 46.18 -21.31
CA ASP C 123 25.55 46.20 -21.50
C ASP C 123 25.19 46.97 -22.76
N GLY C 124 25.94 48.04 -23.00
CA GLY C 124 25.72 48.87 -24.16
C GLY C 124 26.89 48.79 -25.11
N ALA C 125 26.72 49.36 -26.29
CA ALA C 125 27.77 49.35 -27.29
C ALA C 125 27.67 50.50 -28.27
N LEU C 126 28.81 51.10 -28.57
CA LEU C 126 28.90 52.21 -29.50
C LEU C 126 29.40 51.69 -30.84
N VAL C 127 28.49 51.30 -31.71
CA VAL C 127 28.83 50.79 -33.02
C VAL C 127 29.19 51.95 -33.92
N VAL C 128 30.34 51.86 -34.58
CA VAL C 128 30.81 52.93 -35.47
C VAL C 128 30.80 52.45 -36.91
N VAL C 129 29.99 53.09 -37.73
CA VAL C 129 29.86 52.73 -39.13
C VAL C 129 30.45 53.84 -39.97
N ASP C 130 30.81 53.52 -41.21
CA ASP C 130 31.40 54.51 -42.10
C ASP C 130 30.38 55.11 -43.07
N THR C 131 30.59 56.39 -43.39
CA THR C 131 29.70 57.12 -44.30
C THR C 131 29.66 56.50 -45.69
N ILE C 132 30.79 56.60 -46.39
CA ILE C 132 30.87 56.06 -47.74
C ILE C 132 30.61 54.55 -47.82
N GLU C 133 31.40 53.77 -47.09
CA GLU C 133 31.30 52.30 -47.09
C GLU C 133 30.11 51.70 -46.34
N GLY C 134 29.67 52.38 -45.29
CA GLY C 134 28.55 51.89 -44.51
C GLY C 134 28.94 50.83 -43.49
N VAL C 135 28.12 49.79 -43.38
CA VAL C 135 28.36 48.70 -42.44
C VAL C 135 29.21 47.61 -43.10
N CYS C 136 30.46 47.51 -42.68
CA CYS C 136 31.36 46.50 -43.23
C CYS C 136 31.07 45.13 -42.61
N VAL C 137 31.43 44.06 -43.32
CA VAL C 137 31.18 42.69 -42.86
C VAL C 137 31.64 42.40 -41.44
N GLN C 138 32.81 42.90 -41.08
CA GLN C 138 33.35 42.66 -39.75
C GLN C 138 32.49 43.28 -38.64
N THR C 139 32.26 44.59 -38.71
CA THR C 139 31.46 45.28 -37.69
C THR C 139 30.09 44.61 -37.60
N GLU C 140 29.61 44.13 -38.73
CA GLU C 140 28.33 43.47 -38.83
C GLU C 140 28.31 42.21 -37.99
N THR C 141 29.39 41.45 -38.05
CA THR C 141 29.49 40.20 -37.30
C THR C 141 29.59 40.41 -35.78
N VAL C 142 30.46 41.32 -35.37
CA VAL C 142 30.59 41.56 -33.93
C VAL C 142 29.27 42.09 -33.40
N LEU C 143 28.51 42.79 -34.25
CA LEU C 143 27.22 43.32 -33.83
C LEU C 143 26.29 42.13 -33.59
N ARG C 144 26.37 41.11 -34.44
CA ARG C 144 25.54 39.92 -34.25
C ARG C 144 25.85 39.34 -32.87
N GLN C 145 27.13 39.16 -32.59
CA GLN C 145 27.60 38.64 -31.31
C GLN C 145 27.09 39.48 -30.15
N ALA C 146 27.22 40.80 -30.26
CA ALA C 146 26.75 41.69 -29.20
C ALA C 146 25.25 41.49 -28.99
N LEU C 147 24.51 41.38 -30.10
CA LEU C 147 23.07 41.18 -29.99
C LEU C 147 22.82 39.86 -29.28
N GLY C 148 23.68 38.87 -29.54
CA GLY C 148 23.56 37.59 -28.85
C GLY C 148 23.68 37.75 -27.33
N GLU C 149 24.50 38.71 -26.89
CA GLU C 149 24.67 38.98 -25.46
C GLU C 149 23.61 39.94 -24.92
N ARG C 150 22.72 40.39 -25.80
CA ARG C 150 21.65 41.33 -25.47
C ARG C 150 22.17 42.73 -25.15
N ILE C 151 23.18 43.14 -25.92
CA ILE C 151 23.78 44.45 -25.77
C ILE C 151 22.90 45.42 -26.56
N LYS C 152 22.81 46.65 -26.07
CA LYS C 152 22.01 47.72 -26.68
C LYS C 152 22.87 48.60 -27.60
N PRO C 153 22.70 48.47 -28.92
CA PRO C 153 23.52 49.29 -29.82
C PRO C 153 23.13 50.76 -29.92
N VAL C 154 24.14 51.57 -30.20
CA VAL C 154 24.04 53.02 -30.39
C VAL C 154 25.03 53.24 -31.53
N VAL C 155 24.53 53.73 -32.66
CA VAL C 155 25.36 53.94 -33.84
C VAL C 155 25.92 55.34 -34.02
N VAL C 156 26.99 55.42 -34.80
CA VAL C 156 27.69 56.66 -35.07
C VAL C 156 28.30 56.52 -36.43
N ILE C 157 27.77 57.26 -37.41
CA ILE C 157 28.31 57.21 -38.76
C ILE C 157 29.49 58.17 -38.81
N ASN C 158 30.69 57.62 -38.79
CA ASN C 158 31.93 58.39 -38.80
C ASN C 158 32.42 58.70 -40.21
N LYS C 159 33.54 59.43 -40.27
CA LYS C 159 34.17 59.81 -41.53
C LYS C 159 33.17 60.50 -42.45
N VAL C 160 32.53 61.56 -41.97
CA VAL C 160 31.57 62.27 -42.80
C VAL C 160 32.36 63.17 -43.74
N ASP C 161 33.50 63.66 -43.25
CA ASP C 161 34.37 64.54 -44.05
C ASP C 161 34.75 63.89 -45.38
N ARG C 162 35.13 62.63 -45.32
CA ARG C 162 35.52 61.88 -46.49
C ARG C 162 34.43 61.86 -47.57
N ALA C 163 33.20 62.10 -47.16
CA ALA C 163 32.07 62.08 -48.09
C ALA C 163 31.96 63.33 -48.93
N LEU C 164 32.27 64.46 -48.31
CA LEU C 164 32.19 65.74 -48.98
C LEU C 164 33.51 66.12 -49.65
N LEU C 165 34.57 66.19 -48.86
CA LEU C 165 35.88 66.56 -49.35
C LEU C 165 36.45 65.73 -50.50
N GLU C 166 36.16 64.43 -50.53
CA GLU C 166 36.68 63.58 -51.60
C GLU C 166 35.80 63.78 -52.83
N LEU C 167 34.77 62.94 -52.96
CA LEU C 167 33.81 63.06 -54.05
C LEU C 167 32.60 63.71 -53.38
N GLN C 168 32.47 65.03 -53.51
CA GLN C 168 31.36 65.73 -52.88
C GLN C 168 29.99 65.38 -53.41
N VAL C 169 29.09 65.15 -52.47
CA VAL C 169 27.72 64.80 -52.75
C VAL C 169 26.86 65.92 -52.20
N SER C 170 25.71 66.16 -52.81
CA SER C 170 24.80 67.19 -52.35
C SER C 170 24.24 66.85 -50.95
N LYS C 171 23.56 67.80 -50.32
CA LYS C 171 22.99 67.54 -49.00
C LYS C 171 22.07 66.33 -49.04
N GLU C 172 21.14 66.30 -50.01
CA GLU C 172 20.20 65.20 -50.16
C GLU C 172 20.89 63.85 -50.32
N ASP C 173 21.87 63.79 -51.23
CA ASP C 173 22.58 62.54 -51.45
C ASP C 173 23.23 62.05 -50.15
N LEU C 174 23.85 62.97 -49.43
CA LEU C 174 24.48 62.65 -48.15
C LEU C 174 23.44 62.14 -47.17
N TYR C 175 22.25 62.75 -47.18
CA TYR C 175 21.20 62.32 -46.29
C TYR C 175 20.79 60.93 -46.72
N GLN C 176 20.50 60.78 -48.01
CA GLN C 176 20.10 59.48 -48.55
C GLN C 176 21.11 58.42 -48.13
N THR C 177 22.34 58.85 -47.93
CA THR C 177 23.41 57.96 -47.51
C THR C 177 23.10 57.47 -46.11
N PHE C 178 23.14 58.40 -45.15
CA PHE C 178 22.85 58.10 -43.76
C PHE C 178 21.63 57.21 -43.65
N ALA C 179 20.60 57.54 -44.42
CA ALA C 179 19.36 56.80 -44.43
C ALA C 179 19.56 55.34 -44.76
N ARG C 180 20.30 55.07 -45.83
CA ARG C 180 20.54 53.68 -46.23
C ARG C 180 21.41 52.99 -45.19
N THR C 181 22.41 53.70 -44.70
CA THR C 181 23.30 53.15 -43.67
C THR C 181 22.48 52.83 -42.42
N VAL C 182 21.77 53.81 -41.86
CA VAL C 182 20.96 53.56 -40.67
C VAL C 182 19.97 52.43 -40.91
N GLU C 183 19.57 52.23 -42.16
CA GLU C 183 18.65 51.16 -42.44
C GLU C 183 19.39 49.82 -42.39
N SER C 184 20.46 49.70 -43.15
CA SER C 184 21.24 48.47 -43.19
C SER C 184 21.55 48.00 -41.78
N VAL C 185 21.92 48.95 -40.91
CA VAL C 185 22.23 48.63 -39.51
C VAL C 185 21.01 48.03 -38.84
N ASN C 186 19.87 48.70 -39.00
CA ASN C 186 18.64 48.22 -38.39
C ASN C 186 18.23 46.86 -38.95
N VAL C 187 18.62 46.58 -40.19
CA VAL C 187 18.28 45.28 -40.76
C VAL C 187 18.93 44.19 -39.91
N ILE C 188 20.10 44.51 -39.35
CA ILE C 188 20.80 43.57 -38.52
C ILE C 188 20.17 43.56 -37.15
N VAL C 189 20.13 44.72 -36.50
CA VAL C 189 19.54 44.80 -35.18
C VAL C 189 18.22 44.05 -35.09
N SER C 190 17.30 44.34 -36.00
CA SER C 190 15.99 43.71 -35.98
C SER C 190 16.01 42.22 -36.29
N THR C 191 16.92 41.79 -37.13
CA THR C 191 16.97 40.38 -37.47
C THR C 191 17.54 39.52 -36.34
N TYR C 192 18.49 40.09 -35.59
CA TYR C 192 19.14 39.34 -34.54
C TYR C 192 18.90 39.71 -33.08
N ALA C 193 18.30 40.86 -32.77
CA ALA C 193 18.06 41.18 -31.37
C ALA C 193 16.88 40.34 -30.90
N ASP C 194 16.79 40.10 -29.59
CA ASP C 194 15.68 39.29 -29.08
C ASP C 194 14.39 40.10 -28.99
N GLU C 195 13.27 39.44 -29.28
CA GLU C 195 11.95 40.06 -29.22
C GLU C 195 11.64 40.58 -27.83
N VAL C 196 11.93 39.78 -26.81
CA VAL C 196 11.69 40.17 -25.44
C VAL C 196 12.20 41.58 -25.21
N LEU C 197 13.44 41.82 -25.64
CA LEU C 197 14.09 43.12 -25.50
C LEU C 197 13.25 44.26 -26.03
N GLY C 198 12.31 43.95 -26.92
CA GLY C 198 11.50 45.01 -27.49
C GLY C 198 12.29 45.62 -28.62
N ASP C 199 11.76 46.65 -29.27
CA ASP C 199 12.45 47.29 -30.38
C ASP C 199 13.76 47.98 -30.02
N VAL C 200 14.85 47.47 -30.60
CA VAL C 200 16.16 48.00 -30.30
C VAL C 200 16.84 48.64 -31.51
N GLN C 201 16.07 48.90 -32.56
CA GLN C 201 16.63 49.56 -33.75
C GLN C 201 17.06 50.97 -33.40
N VAL C 202 18.00 51.52 -34.17
CA VAL C 202 18.48 52.87 -33.93
C VAL C 202 17.72 53.88 -34.80
N TYR C 203 17.27 54.95 -34.16
CA TYR C 203 16.52 56.00 -34.84
C TYR C 203 17.13 57.40 -34.59
N PRO C 204 17.65 58.04 -35.64
CA PRO C 204 18.25 59.38 -35.53
C PRO C 204 17.36 60.34 -34.75
N ALA C 205 16.10 60.39 -35.15
CA ALA C 205 15.12 61.25 -34.54
C ALA C 205 15.05 60.98 -33.04
N ARG C 206 15.40 59.76 -32.65
CA ARG C 206 15.35 59.40 -31.25
C ARG C 206 16.65 59.76 -30.53
N GLY C 207 17.66 60.15 -31.30
CA GLY C 207 18.93 60.55 -30.70
C GLY C 207 19.87 59.42 -30.32
N THR C 208 19.81 58.33 -31.07
CA THR C 208 20.64 57.17 -30.83
C THR C 208 21.51 56.94 -32.03
N VAL C 209 21.70 57.99 -32.83
CA VAL C 209 22.57 57.90 -34.00
C VAL C 209 23.27 59.23 -34.11
N ALA C 210 24.60 59.20 -34.13
CA ALA C 210 25.36 60.42 -34.23
C ALA C 210 26.10 60.44 -35.56
N PHE C 211 26.44 61.64 -36.00
CA PHE C 211 27.15 61.83 -37.26
C PHE C 211 28.33 62.71 -36.96
N GLY C 212 29.41 62.53 -37.71
CA GLY C 212 30.59 63.35 -37.48
C GLY C 212 31.85 62.82 -38.14
N SER C 213 32.98 63.26 -37.63
CA SER C 213 34.27 62.82 -38.15
C SER C 213 35.32 62.80 -37.05
N GLY C 214 35.92 61.62 -36.85
CA GLY C 214 36.96 61.47 -35.84
C GLY C 214 38.18 62.30 -36.18
N LEU C 215 38.56 62.30 -37.44
CA LEU C 215 39.72 63.07 -37.89
C LEU C 215 39.61 64.50 -37.36
N HIS C 216 38.65 65.24 -37.92
CA HIS C 216 38.42 66.63 -37.55
C HIS C 216 38.01 66.80 -36.08
N GLY C 217 37.36 65.79 -35.51
CA GLY C 217 36.96 65.87 -34.12
C GLY C 217 35.57 66.41 -33.87
N TRP C 218 34.67 66.22 -34.82
CA TRP C 218 33.30 66.69 -34.64
C TRP C 218 32.26 65.61 -34.85
N ALA C 219 31.07 65.86 -34.30
CA ALA C 219 29.97 64.92 -34.40
C ALA C 219 28.78 65.53 -33.67
N PHE C 220 27.57 65.22 -34.12
CA PHE C 220 26.37 65.75 -33.52
C PHE C 220 25.27 64.72 -33.46
N THR C 221 24.15 65.13 -32.87
CA THR C 221 22.96 64.29 -32.77
C THR C 221 21.76 65.18 -33.01
N ILE C 222 20.75 64.65 -33.69
CA ILE C 222 19.56 65.42 -33.96
C ILE C 222 19.15 66.13 -32.68
N ARG C 223 19.35 65.47 -31.55
CA ARG C 223 18.99 66.03 -30.26
C ARG C 223 19.81 67.27 -29.90
N GLN C 224 20.98 67.41 -30.47
CA GLN C 224 21.81 68.58 -30.17
C GLN C 224 21.28 69.82 -30.90
N PHE C 225 21.06 69.72 -32.21
CA PHE C 225 20.55 70.84 -32.97
C PHE C 225 19.11 71.15 -32.57
N ALA C 226 18.41 70.13 -32.06
CA ALA C 226 17.03 70.29 -31.65
C ALA C 226 16.92 71.05 -30.34
N THR C 227 18.03 71.14 -29.61
CA THR C 227 18.03 71.86 -28.34
C THR C 227 18.38 73.32 -28.61
N ARG C 228 19.07 73.55 -29.71
CA ARG C 228 19.45 74.88 -30.12
C ARG C 228 18.25 75.53 -30.79
N TYR C 229 17.80 74.96 -31.92
CA TYR C 229 16.65 75.47 -32.65
C TYR C 229 15.37 75.44 -31.80
N ALA C 230 15.48 75.04 -30.54
CA ALA C 230 14.31 74.96 -29.68
C ALA C 230 14.12 76.23 -28.88
N LYS C 231 15.19 76.71 -28.27
CA LYS C 231 15.12 77.92 -27.46
C LYS C 231 15.05 79.21 -28.31
N LYS C 232 16.11 79.46 -29.10
CA LYS C 232 16.16 80.66 -29.93
C LYS C 232 14.95 80.86 -30.83
N PHE C 233 14.25 79.79 -31.18
CA PHE C 233 13.08 79.95 -32.02
C PHE C 233 11.78 79.63 -31.30
N GLY C 234 11.88 79.05 -30.10
CA GLY C 234 10.70 78.73 -29.32
C GLY C 234 9.89 77.52 -29.75
N VAL C 235 9.92 76.48 -28.90
CA VAL C 235 9.20 75.21 -29.09
C VAL C 235 9.99 74.13 -28.37
N ASP C 236 9.31 73.09 -27.90
CA ASP C 236 9.98 72.00 -27.20
C ASP C 236 10.72 71.13 -28.22
N LYS C 237 11.93 70.73 -27.87
CA LYS C 237 12.77 69.92 -28.75
C LYS C 237 12.21 68.54 -29.08
N ALA C 238 11.23 68.08 -28.31
CA ALA C 238 10.64 66.77 -28.57
C ALA C 238 10.16 66.70 -30.01
N LYS C 239 9.36 67.68 -30.41
CA LYS C 239 8.85 67.71 -31.77
C LYS C 239 9.79 68.42 -32.72
N MET C 240 10.78 69.10 -32.18
CA MET C 240 11.74 69.79 -33.02
C MET C 240 12.69 68.77 -33.62
N MET C 241 13.12 67.80 -32.81
CA MET C 241 14.02 66.77 -33.30
C MET C 241 13.25 65.73 -34.09
N ASP C 242 11.95 65.65 -33.83
CA ASP C 242 11.11 64.70 -34.56
C ASP C 242 11.05 65.13 -36.02
N ARG C 243 11.03 66.44 -36.23
CA ARG C 243 10.96 66.99 -37.58
C ARG C 243 12.31 67.01 -38.27
N LEU C 244 13.37 67.23 -37.50
CA LEU C 244 14.73 67.28 -38.05
C LEU C 244 15.13 66.06 -38.88
N TRP C 245 14.34 64.99 -38.80
CA TRP C 245 14.62 63.79 -39.57
C TRP C 245 13.36 63.33 -40.30
N GLY C 246 13.59 62.63 -41.41
CA GLY C 246 12.50 62.13 -42.20
C GLY C 246 11.92 63.16 -43.14
N ASP C 247 10.63 63.02 -43.42
CA ASP C 247 9.94 63.92 -44.33
C ASP C 247 9.16 64.99 -43.56
N SER C 248 9.86 66.10 -43.32
CA SER C 248 9.32 67.25 -42.62
C SER C 248 10.01 68.42 -43.30
N PHE C 249 9.22 69.36 -43.81
CA PHE C 249 9.76 70.50 -44.52
C PHE C 249 9.34 71.83 -43.93
N PHE C 250 10.06 72.87 -44.30
CA PHE C 250 9.78 74.22 -43.84
C PHE C 250 9.79 75.13 -45.08
N ASN C 251 8.59 75.37 -45.64
CA ASN C 251 8.45 76.19 -46.84
C ASN C 251 9.03 77.60 -46.71
N PRO C 252 9.79 78.02 -47.72
CA PRO C 252 10.45 79.32 -47.81
C PRO C 252 9.52 80.51 -48.11
N LYS C 253 8.43 80.26 -48.83
CA LYS C 253 7.52 81.33 -49.16
C LYS C 253 6.22 81.21 -48.39
N THR C 254 6.25 80.52 -47.26
CA THR C 254 5.05 80.34 -46.44
C THR C 254 5.42 80.29 -44.97
N LYS C 255 6.72 80.18 -44.71
CA LYS C 255 7.20 80.08 -43.34
C LYS C 255 6.28 79.09 -42.61
N LYS C 256 6.06 77.93 -43.24
CA LYS C 256 5.19 76.92 -42.65
C LYS C 256 5.75 75.50 -42.78
N TRP C 257 5.37 74.65 -41.83
CA TRP C 257 5.80 73.24 -41.79
C TRP C 257 4.83 72.31 -42.52
N THR C 258 5.36 71.57 -43.49
CA THR C 258 4.52 70.64 -44.25
C THR C 258 5.17 69.27 -44.32
N ASN C 259 4.35 68.27 -44.61
CA ASN C 259 4.82 66.89 -44.74
C ASN C 259 4.85 66.50 -46.21
N LYS C 260 4.10 67.24 -47.03
CA LYS C 260 4.08 66.99 -48.45
C LYS C 260 5.42 67.51 -48.99
N ASP C 261 5.97 66.81 -49.97
CA ASP C 261 7.26 67.20 -50.55
C ASP C 261 7.06 68.45 -51.37
N THR C 262 5.87 68.99 -51.35
CA THR C 262 5.61 70.19 -52.17
C THR C 262 4.86 71.29 -51.47
N ASP C 263 4.44 72.25 -52.30
CA ASP C 263 3.66 73.39 -51.89
C ASP C 263 2.24 73.21 -52.45
N ALA C 264 1.41 74.22 -52.24
CA ALA C 264 0.01 74.18 -52.69
C ALA C 264 -0.17 73.90 -54.19
N GLU C 265 0.87 74.02 -55.01
CA GLU C 265 0.66 73.76 -56.43
C GLU C 265 1.49 72.65 -57.03
N GLY C 266 2.78 72.57 -56.67
CA GLY C 266 3.59 71.52 -57.28
C GLY C 266 5.11 71.53 -57.24
N LYS C 267 5.69 72.50 -56.55
CA LYS C 267 7.15 72.62 -56.46
C LYS C 267 7.82 71.76 -55.37
N PRO C 268 9.00 71.19 -55.70
CA PRO C 268 9.76 70.36 -54.74
C PRO C 268 10.12 71.13 -53.47
N LEU C 269 10.30 70.43 -52.36
CA LEU C 269 10.66 71.10 -51.09
C LEU C 269 11.84 70.50 -50.32
N GLU C 270 12.60 71.38 -49.66
CA GLU C 270 13.77 70.98 -48.89
C GLU C 270 13.49 70.46 -47.48
N ARG C 271 14.12 69.33 -47.18
CA ARG C 271 14.00 68.62 -45.91
C ARG C 271 14.56 69.44 -44.76
N ALA C 272 13.99 69.25 -43.56
CA ALA C 272 14.42 69.97 -42.38
C ALA C 272 15.89 69.68 -42.08
N PHE C 273 16.26 68.40 -42.16
CA PHE C 273 17.62 67.95 -41.91
C PHE C 273 18.60 68.73 -42.77
N ASN C 274 18.37 68.73 -44.08
CA ASN C 274 19.23 69.44 -45.01
C ASN C 274 19.13 70.94 -44.78
N MET C 275 18.02 71.35 -44.17
CA MET C 275 17.78 72.76 -43.91
C MET C 275 18.51 73.31 -42.70
N PHE C 276 18.24 72.75 -41.53
CA PHE C 276 18.86 73.25 -40.31
C PHE C 276 20.07 72.51 -39.76
N ILE C 277 20.48 71.44 -40.43
CA ILE C 277 21.63 70.70 -39.96
C ILE C 277 22.74 70.72 -41.00
N LEU C 278 22.55 69.95 -42.07
CA LEU C 278 23.54 69.86 -43.14
C LEU C 278 23.93 71.18 -43.77
N ASP C 279 23.00 72.12 -43.83
CA ASP C 279 23.28 73.41 -44.45
C ASP C 279 24.34 74.21 -43.72
N PRO C 280 24.11 74.52 -42.43
CA PRO C 280 25.10 75.28 -41.65
C PRO C 280 26.50 74.69 -41.78
N ILE C 281 26.57 73.37 -41.70
CA ILE C 281 27.84 72.67 -41.80
C ILE C 281 28.42 72.75 -43.21
N PHE C 282 27.57 72.56 -44.23
CA PHE C 282 28.01 72.63 -45.61
C PHE C 282 28.60 73.98 -46.01
N ARG C 283 28.00 75.06 -45.53
CA ARG C 283 28.46 76.42 -45.81
C ARG C 283 29.91 76.56 -45.39
N LEU C 284 30.16 76.24 -44.12
CA LEU C 284 31.48 76.31 -43.54
C LEU C 284 32.46 75.54 -44.41
N PHE C 285 31.98 74.50 -45.07
CA PHE C 285 32.84 73.69 -45.93
C PHE C 285 33.11 74.36 -47.28
N THR C 286 32.07 74.79 -47.96
CA THR C 286 32.24 75.43 -49.24
C THR C 286 32.83 76.84 -49.08
N ALA C 287 32.52 77.46 -47.95
CA ALA C 287 33.01 78.82 -47.67
C ALA C 287 34.48 78.78 -47.28
N ILE C 288 34.77 78.19 -46.14
CA ILE C 288 36.13 78.10 -45.64
C ILE C 288 37.16 77.51 -46.61
N MET C 289 36.81 76.41 -47.27
CA MET C 289 37.73 75.76 -48.21
C MET C 289 38.20 76.60 -49.40
N ASN C 290 37.35 77.50 -49.87
CA ASN C 290 37.73 78.35 -51.01
C ASN C 290 38.42 79.63 -50.55
N PHE C 291 38.59 79.77 -49.24
CA PHE C 291 39.26 80.91 -48.61
C PHE C 291 38.56 82.27 -48.66
N LYS C 292 37.25 82.27 -48.92
CA LYS C 292 36.50 83.51 -48.99
C LYS C 292 36.48 84.17 -47.61
N LYS C 293 37.64 84.73 -47.25
CA LYS C 293 37.86 85.39 -45.97
C LYS C 293 36.78 86.38 -45.59
N ASP C 294 36.01 86.84 -46.58
CA ASP C 294 34.95 87.80 -46.32
C ASP C 294 33.74 87.16 -45.64
N GLU C 295 33.45 85.93 -46.05
CA GLU C 295 32.31 85.19 -45.51
C GLU C 295 32.63 84.54 -44.17
N ILE C 296 33.72 83.78 -44.15
CA ILE C 296 34.14 83.06 -42.95
C ILE C 296 33.87 83.78 -41.61
N PRO C 297 34.32 85.04 -41.47
CA PRO C 297 34.08 85.76 -40.21
C PRO C 297 32.59 86.00 -39.95
N VAL C 298 31.86 86.30 -41.02
CA VAL C 298 30.43 86.55 -40.94
C VAL C 298 29.67 85.28 -40.59
N LEU C 299 29.95 84.22 -41.34
CA LEU C 299 29.33 82.91 -41.16
C LEU C 299 29.60 82.33 -39.76
N LEU C 300 30.81 82.52 -39.26
CA LEU C 300 31.20 82.03 -37.94
C LEU C 300 30.40 82.70 -36.84
N GLU C 301 30.42 84.03 -36.83
CA GLU C 301 29.70 84.80 -35.83
C GLU C 301 28.23 84.42 -35.74
N LYS C 302 27.68 83.97 -36.87
CA LYS C 302 26.27 83.59 -36.91
C LYS C 302 25.98 82.27 -36.19
N LEU C 303 26.99 81.40 -36.08
CA LEU C 303 26.81 80.12 -35.38
C LEU C 303 27.41 80.24 -33.98
N GLU C 304 27.76 81.48 -33.63
CA GLU C 304 28.36 81.79 -32.35
C GLU C 304 29.64 81.01 -32.09
N ILE C 305 30.53 81.01 -33.09
CA ILE C 305 31.81 80.32 -32.99
C ILE C 305 32.95 81.32 -32.86
N VAL C 306 33.46 81.47 -31.65
CA VAL C 306 34.55 82.41 -31.35
C VAL C 306 35.95 81.83 -31.41
N LEU C 307 36.71 82.20 -32.44
CA LEU C 307 38.08 81.71 -32.58
C LEU C 307 38.95 82.34 -31.49
N LYS C 308 40.05 81.67 -31.14
CA LYS C 308 40.92 82.18 -30.08
C LYS C 308 42.24 82.79 -30.56
N GLY C 309 42.27 84.11 -30.60
CA GLY C 309 43.47 84.83 -31.01
C GLY C 309 44.21 84.24 -32.19
N ASP C 310 45.21 83.41 -31.90
CA ASP C 310 46.02 82.77 -32.93
C ASP C 310 45.15 81.98 -33.91
N GLU C 311 44.02 81.49 -33.43
CA GLU C 311 43.11 80.71 -34.27
C GLU C 311 42.43 81.60 -35.30
N LYS C 312 42.37 82.90 -35.01
CA LYS C 312 41.72 83.86 -35.89
C LYS C 312 42.32 83.95 -37.30
N ASP C 313 43.52 83.43 -37.49
CA ASP C 313 44.14 83.51 -38.82
C ASP C 313 44.14 82.21 -39.62
N LEU C 314 43.81 81.09 -38.98
CA LEU C 314 43.81 79.79 -39.64
C LEU C 314 43.27 79.77 -41.07
N GLU C 315 43.70 78.77 -41.84
CA GLU C 315 43.24 78.64 -43.22
C GLU C 315 43.53 77.29 -43.88
N GLY C 316 42.70 76.96 -44.86
CA GLY C 316 42.85 75.72 -45.60
C GLY C 316 42.31 74.47 -44.92
N LYS C 317 43.14 73.43 -44.92
CA LYS C 317 42.78 72.18 -44.30
C LYS C 317 42.95 72.37 -42.80
N ALA C 318 43.56 73.50 -42.43
CA ALA C 318 43.81 73.85 -41.04
C ALA C 318 42.72 74.79 -40.57
N LEU C 319 42.03 75.39 -41.54
CA LEU C 319 40.97 76.34 -41.25
C LEU C 319 39.72 75.78 -40.63
N LEU C 320 39.26 74.64 -41.11
CA LEU C 320 38.02 74.08 -40.59
C LEU C 320 38.17 73.06 -39.46
N LYS C 321 39.37 72.53 -39.29
CA LYS C 321 39.57 71.56 -38.21
C LYS C 321 39.33 72.16 -36.83
N VAL C 322 39.62 73.45 -36.68
CA VAL C 322 39.44 74.09 -35.38
C VAL C 322 38.04 74.64 -35.17
N VAL C 323 37.38 75.01 -36.26
CA VAL C 323 36.03 75.56 -36.20
C VAL C 323 35.04 74.48 -35.81
N MET C 324 35.03 73.40 -36.58
CA MET C 324 34.14 72.26 -36.35
C MET C 324 34.27 71.71 -34.95
N ARG C 325 35.45 71.80 -34.34
CA ARG C 325 35.64 71.29 -32.99
C ARG C 325 34.92 72.16 -31.95
N LYS C 326 34.99 73.48 -32.13
CA LYS C 326 34.35 74.38 -31.21
C LYS C 326 32.84 74.31 -31.45
N PHE C 327 32.48 74.07 -32.70
CA PHE C 327 31.09 73.96 -33.14
C PHE C 327 30.41 72.68 -32.61
N LEU C 328 30.84 71.53 -33.11
CA LEU C 328 30.25 70.27 -32.70
C LEU C 328 31.26 69.30 -32.07
N PRO C 329 31.59 69.54 -30.79
CA PRO C 329 32.53 68.74 -30.01
C PRO C 329 32.17 67.26 -30.08
N ALA C 330 32.80 66.54 -31.00
CA ALA C 330 32.54 65.12 -31.20
C ALA C 330 32.35 64.29 -29.90
N ALA C 331 33.23 64.50 -28.94
CA ALA C 331 33.17 63.75 -27.68
C ALA C 331 31.85 63.85 -26.92
N ASP C 332 31.17 64.99 -27.03
CA ASP C 332 29.90 65.17 -26.33
C ASP C 332 28.71 64.51 -27.02
N ALA C 333 28.72 64.48 -28.34
CA ALA C 333 27.65 63.85 -29.09
C ALA C 333 27.60 62.39 -28.65
N LEU C 334 28.78 61.79 -28.50
CA LEU C 334 28.85 60.41 -28.08
C LEU C 334 28.38 60.27 -26.63
N LEU C 335 29.04 60.98 -25.72
CA LEU C 335 28.68 60.91 -24.30
C LEU C 335 27.20 61.19 -24.04
N GLU C 336 26.55 61.84 -24.98
CA GLU C 336 25.15 62.16 -24.84
C GLU C 336 24.39 60.85 -25.00
N MET C 337 24.72 60.16 -26.09
CA MET C 337 24.09 58.88 -26.44
C MET C 337 24.34 57.82 -25.37
N ILE C 338 25.59 57.72 -24.94
CA ILE C 338 25.98 56.74 -23.94
C ILE C 338 25.14 56.85 -22.68
N VAL C 339 24.99 58.07 -22.18
CA VAL C 339 24.23 58.31 -20.97
C VAL C 339 22.72 58.10 -21.14
N LEU C 340 22.16 58.84 -22.09
CA LEU C 340 20.72 58.81 -22.38
C LEU C 340 20.06 57.56 -22.98
N HIS C 341 20.85 56.64 -23.56
CA HIS C 341 20.28 55.46 -24.18
C HIS C 341 20.85 54.11 -23.80
N LEU C 342 22.14 54.03 -23.50
CA LEU C 342 22.71 52.75 -23.11
C LEU C 342 22.22 52.40 -21.71
N PRO C 343 21.95 51.11 -21.47
CA PRO C 343 21.47 50.60 -20.19
C PRO C 343 22.47 50.59 -19.07
N SER C 344 21.94 50.80 -17.87
CA SER C 344 22.76 50.79 -16.66
C SER C 344 22.89 49.33 -16.24
N PRO C 345 23.82 49.04 -15.35
CA PRO C 345 23.96 47.65 -14.93
C PRO C 345 22.68 47.16 -14.30
N VAL C 346 21.79 48.09 -13.98
CA VAL C 346 20.54 47.74 -13.34
C VAL C 346 19.42 47.35 -14.30
N THR C 347 19.35 48.03 -15.44
CA THR C 347 18.33 47.73 -16.41
C THR C 347 18.69 46.45 -17.16
N ALA C 348 19.93 46.37 -17.61
CA ALA C 348 20.42 45.23 -18.39
C ALA C 348 20.50 43.86 -17.72
N GLN C 349 20.93 43.82 -16.46
CA GLN C 349 21.09 42.56 -15.76
C GLN C 349 19.74 41.89 -15.57
N ALA C 350 18.69 42.68 -15.45
CA ALA C 350 17.35 42.12 -15.29
C ALA C 350 17.02 41.20 -16.45
N TYR C 351 17.37 41.59 -17.67
CA TYR C 351 17.06 40.77 -18.82
C TYR C 351 18.27 40.01 -19.36
N ARG C 352 19.39 40.14 -18.68
CA ARG C 352 20.62 39.49 -19.10
C ARG C 352 21.06 38.39 -18.14
N ALA C 353 20.56 38.44 -16.91
CA ALA C 353 20.91 37.47 -15.86
C ALA C 353 20.76 36.00 -16.25
N GLU C 354 19.54 35.58 -16.53
CA GLU C 354 19.29 34.19 -16.89
C GLU C 354 20.24 33.66 -17.95
N GLN C 355 20.59 34.52 -18.89
CA GLN C 355 21.48 34.16 -19.98
C GLN C 355 22.93 33.94 -19.50
N LEU C 356 23.32 34.68 -18.48
CA LEU C 356 24.66 34.63 -17.92
C LEU C 356 24.84 33.70 -16.73
N TYR C 357 23.76 33.11 -16.24
CA TYR C 357 23.85 32.19 -15.11
C TYR C 357 23.53 30.80 -15.63
N GLU C 358 24.40 29.85 -15.31
CA GLU C 358 24.19 28.50 -15.79
C GLU C 358 23.52 27.62 -14.76
N GLY C 359 22.71 28.24 -13.91
CA GLY C 359 21.98 27.51 -12.90
C GLY C 359 20.50 27.80 -13.09
N PRO C 360 19.66 27.50 -12.08
CA PRO C 360 18.20 27.70 -12.06
C PRO C 360 17.82 29.16 -12.27
N ALA C 361 16.93 29.42 -13.22
CA ALA C 361 16.50 30.79 -13.48
C ALA C 361 15.78 31.43 -12.29
N ASP C 362 15.64 30.71 -11.19
CA ASP C 362 14.97 31.20 -9.99
C ASP C 362 15.86 31.00 -8.77
N ASP C 363 17.04 30.46 -9.03
CA ASP C 363 18.06 30.22 -8.02
C ASP C 363 18.24 31.50 -7.21
N ALA C 364 18.60 31.37 -5.95
CA ALA C 364 18.79 32.54 -5.09
C ALA C 364 19.74 33.55 -5.71
N ASN C 365 20.79 33.04 -6.36
CA ASN C 365 21.77 33.89 -7.00
C ASN C 365 21.27 34.52 -8.29
N CYS C 366 20.63 33.71 -9.14
CA CYS C 366 20.14 34.25 -10.40
C CYS C 366 19.21 35.43 -10.17
N ILE C 367 18.50 35.43 -9.05
CA ILE C 367 17.60 36.52 -8.71
C ILE C 367 18.44 37.73 -8.34
N ALA C 368 19.41 37.51 -7.45
CA ALA C 368 20.31 38.58 -7.03
C ALA C 368 21.00 39.23 -8.24
N ILE C 369 21.27 38.44 -9.29
CA ILE C 369 21.90 38.98 -10.50
C ILE C 369 20.92 39.94 -11.16
N LYS C 370 19.68 39.47 -11.31
CA LYS C 370 18.61 40.25 -11.94
C LYS C 370 18.46 41.55 -11.20
N ASN C 371 18.33 41.46 -9.87
CA ASN C 371 18.16 42.64 -9.05
C ASN C 371 19.45 43.43 -8.83
N CYS C 372 20.57 42.91 -9.33
CA CYS C 372 21.86 43.59 -9.17
C CYS C 372 21.98 43.99 -7.70
N ASP C 373 21.58 43.07 -6.84
CA ASP C 373 21.57 43.28 -5.39
C ASP C 373 22.94 43.16 -4.73
N PRO C 374 23.44 44.27 -4.14
CA PRO C 374 24.74 44.31 -3.47
C PRO C 374 24.78 43.68 -2.10
N LYS C 375 23.63 43.16 -1.65
CA LYS C 375 23.54 42.53 -0.33
C LYS C 375 23.54 41.01 -0.41
N ALA C 376 23.35 40.47 -1.61
CA ALA C 376 23.30 39.04 -1.82
C ALA C 376 24.68 38.39 -1.87
N ASP C 377 24.67 37.05 -1.89
CA ASP C 377 25.90 36.30 -1.98
C ASP C 377 26.61 36.76 -3.24
N LEU C 378 27.94 36.82 -3.18
CA LEU C 378 28.76 37.27 -4.30
C LEU C 378 28.59 36.45 -5.59
N MET C 379 28.62 37.18 -6.70
CA MET C 379 28.53 36.62 -8.05
C MET C 379 29.41 37.54 -8.85
N LEU C 380 30.68 37.20 -8.90
CA LEU C 380 31.68 38.00 -9.59
C LEU C 380 32.22 37.20 -10.77
N TYR C 381 32.16 37.83 -11.94
CA TYR C 381 32.60 37.20 -13.17
C TYR C 381 33.95 37.70 -13.62
N VAL C 382 34.92 36.80 -13.71
CA VAL C 382 36.26 37.15 -14.16
C VAL C 382 36.38 36.87 -15.65
N SER C 383 36.42 37.93 -16.46
CA SER C 383 36.51 37.82 -17.92
C SER C 383 37.93 37.51 -18.41
N LYS C 384 38.92 38.06 -17.72
CA LYS C 384 40.29 37.85 -18.10
C LYS C 384 41.29 38.20 -17.01
N MET C 385 42.52 37.71 -17.18
CA MET C 385 43.63 37.96 -16.26
C MET C 385 44.60 38.91 -16.96
N VAL C 386 44.88 40.05 -16.31
CA VAL C 386 45.76 41.04 -16.89
C VAL C 386 47.14 41.17 -16.24
N PRO C 387 48.23 41.09 -17.05
CA PRO C 387 49.62 41.19 -16.60
C PRO C 387 49.95 42.49 -15.87
N THR C 388 50.69 42.37 -14.77
CA THR C 388 51.04 43.55 -14.00
C THR C 388 52.55 43.72 -13.94
N SER C 389 52.98 44.87 -13.45
CA SER C 389 54.39 45.17 -13.30
C SER C 389 54.88 44.44 -12.06
N ASP C 390 54.00 44.33 -11.07
CA ASP C 390 54.29 43.67 -9.79
C ASP C 390 54.59 42.17 -9.91
N LYS C 391 55.77 41.84 -10.40
CA LYS C 391 56.18 40.46 -10.61
C LYS C 391 55.47 39.92 -11.84
N GLY C 392 55.50 38.61 -11.98
CA GLY C 392 54.83 37.97 -13.11
C GLY C 392 53.41 37.68 -12.68
N ARG C 393 52.93 38.48 -11.73
CA ARG C 393 51.59 38.34 -11.21
C ARG C 393 50.59 38.93 -12.17
N PHE C 394 49.38 38.37 -12.11
CA PHE C 394 48.30 38.81 -12.95
C PHE C 394 47.13 39.23 -12.07
N TYR C 395 46.46 40.31 -12.46
CA TYR C 395 45.29 40.76 -11.72
C TYR C 395 44.06 40.25 -12.46
N ALA C 396 43.02 39.88 -11.72
CA ALA C 396 41.78 39.39 -12.32
C ALA C 396 40.90 40.56 -12.69
N PHE C 397 40.40 40.55 -13.92
CA PHE C 397 39.51 41.62 -14.45
C PHE C 397 38.10 41.07 -14.67
N GLY C 398 37.11 41.67 -14.04
CA GLY C 398 35.75 41.17 -14.24
C GLY C 398 34.68 42.14 -13.81
N ARG C 399 33.49 41.61 -13.52
CA ARG C 399 32.36 42.44 -13.12
C ARG C 399 31.57 41.84 -11.95
N VAL C 400 31.22 42.67 -10.98
CA VAL C 400 30.45 42.21 -9.84
C VAL C 400 28.97 42.22 -10.22
N PHE C 401 28.40 41.05 -10.45
CA PHE C 401 27.00 40.95 -10.83
C PHE C 401 26.07 40.92 -9.62
N ALA C 402 26.57 40.44 -8.49
CA ALA C 402 25.74 40.39 -7.30
C ALA C 402 26.59 40.43 -6.03
N GLY C 403 26.03 41.04 -4.99
CA GLY C 403 26.73 41.17 -3.74
C GLY C 403 27.74 42.28 -3.89
N THR C 404 28.78 42.24 -3.05
CA THR C 404 29.85 43.23 -3.07
C THR C 404 31.18 42.57 -2.68
N VAL C 405 32.23 42.79 -3.47
CA VAL C 405 33.55 42.23 -3.19
C VAL C 405 34.36 43.26 -2.40
N LYS C 406 35.17 42.78 -1.45
CA LYS C 406 35.97 43.66 -0.62
C LYS C 406 37.29 43.02 -0.20
N SER C 407 38.35 43.81 -0.28
CA SER C 407 39.69 43.37 0.08
C SER C 407 39.68 42.59 1.37
N GLY C 408 40.35 41.43 1.33
CA GLY C 408 40.45 40.57 2.49
C GLY C 408 39.41 39.49 2.49
N GLN C 409 38.21 39.85 2.08
CA GLN C 409 37.12 38.92 2.04
C GLN C 409 37.62 37.61 1.46
N LYS C 410 37.22 36.51 2.09
CA LYS C 410 37.61 35.20 1.60
C LYS C 410 36.55 34.85 0.57
N VAL C 411 36.93 34.16 -0.50
CA VAL C 411 35.98 33.85 -1.53
C VAL C 411 36.16 32.46 -2.12
N ARG C 412 35.10 31.92 -2.72
CA ARG C 412 35.14 30.61 -3.37
C ARG C 412 35.48 30.91 -4.82
N ILE C 413 36.52 30.30 -5.36
CA ILE C 413 36.93 30.53 -6.74
C ILE C 413 36.51 29.31 -7.56
N GLN C 414 35.43 29.45 -8.30
CA GLN C 414 34.90 28.33 -9.08
C GLN C 414 35.42 28.33 -10.51
N GLY C 415 36.33 27.41 -10.79
CA GLY C 415 36.91 27.30 -12.12
C GLY C 415 35.97 26.80 -13.20
N PRO C 416 36.47 26.64 -14.44
CA PRO C 416 35.71 26.17 -15.59
C PRO C 416 35.08 24.81 -15.38
N ASN C 417 35.75 23.95 -14.63
CA ASN C 417 35.26 22.59 -14.40
C ASN C 417 34.38 22.40 -13.17
N TYR C 418 34.21 23.46 -12.39
CA TYR C 418 33.40 23.39 -11.18
C TYR C 418 31.94 23.01 -11.42
N VAL C 419 31.33 22.43 -10.40
CA VAL C 419 29.92 22.01 -10.41
C VAL C 419 29.51 21.95 -8.95
N PRO C 420 28.45 22.68 -8.57
CA PRO C 420 27.98 22.70 -7.17
C PRO C 420 28.07 21.36 -6.44
N GLY C 421 27.83 20.26 -7.15
CA GLY C 421 27.91 18.96 -6.51
C GLY C 421 29.28 18.63 -5.91
N LYS C 422 30.27 18.43 -6.77
CA LYS C 422 31.63 18.09 -6.37
C LYS C 422 32.49 19.24 -5.84
N LYS C 423 33.74 18.93 -5.52
CA LYS C 423 34.69 19.92 -5.01
C LYS C 423 35.83 20.17 -5.99
N ASP C 424 35.66 19.64 -7.20
CA ASP C 424 36.66 19.79 -8.25
C ASP C 424 36.77 21.23 -8.72
N ASP C 425 38.00 21.65 -9.01
CA ASP C 425 38.25 22.98 -9.51
C ASP C 425 37.72 24.08 -8.59
N LEU C 426 37.83 23.86 -7.29
CA LEU C 426 37.38 24.84 -6.33
C LEU C 426 38.52 25.29 -5.45
N PHE C 427 38.57 26.58 -5.14
CA PHE C 427 39.63 27.11 -4.30
C PHE C 427 39.12 28.19 -3.37
N ILE C 428 38.83 27.85 -2.13
CA ILE C 428 38.35 28.87 -1.21
C ILE C 428 39.54 29.69 -0.70
N LYS C 429 39.81 30.80 -1.37
CA LYS C 429 40.93 31.66 -1.03
C LYS C 429 40.50 33.08 -0.73
N ALA C 430 41.43 33.82 -0.13
CA ALA C 430 41.20 35.21 0.26
C ALA C 430 41.60 36.20 -0.84
N ILE C 431 40.72 37.16 -1.09
CA ILE C 431 40.97 38.19 -2.09
C ILE C 431 41.96 39.17 -1.47
N GLN C 432 43.21 39.14 -1.91
CA GLN C 432 44.23 40.03 -1.34
C GLN C 432 43.84 41.50 -1.40
N ARG C 433 43.60 42.04 -2.58
CA ARG C 433 43.22 43.43 -2.70
C ARG C 433 42.25 43.68 -3.83
N VAL C 434 41.40 44.68 -3.64
CA VAL C 434 40.42 45.08 -4.64
C VAL C 434 40.93 46.40 -5.21
N VAL C 435 41.16 46.45 -6.53
CA VAL C 435 41.70 47.65 -7.15
C VAL C 435 40.97 48.12 -8.41
N LEU C 436 40.96 49.42 -8.61
CA LEU C 436 40.31 50.01 -9.78
C LEU C 436 41.24 49.92 -10.99
N MET C 437 40.72 49.42 -12.11
CA MET C 437 41.51 49.29 -13.32
C MET C 437 41.47 50.59 -14.12
N MET C 438 42.05 51.64 -13.54
CA MET C 438 42.09 52.97 -14.16
C MET C 438 42.98 52.95 -15.41
N GLY C 439 42.57 52.18 -16.41
CA GLY C 439 43.35 52.12 -17.63
C GLY C 439 44.65 51.37 -17.47
N ARG C 440 45.72 52.10 -17.16
CA ARG C 440 47.04 51.50 -17.01
C ARG C 440 47.54 51.47 -15.58
N PHE C 441 46.81 52.12 -14.68
CA PHE C 441 47.20 52.16 -13.29
C PHE C 441 46.07 51.53 -12.47
N VAL C 442 46.39 51.07 -11.27
CA VAL C 442 45.38 50.48 -10.41
C VAL C 442 45.28 51.33 -9.16
N GLU C 443 44.10 51.39 -8.57
CA GLU C 443 43.90 52.19 -7.37
C GLU C 443 43.13 51.37 -6.34
N PRO C 444 43.78 51.06 -5.21
CA PRO C 444 43.17 50.29 -4.13
C PRO C 444 41.88 50.90 -3.58
N ILE C 445 40.87 50.04 -3.42
CA ILE C 445 39.56 50.44 -2.91
C ILE C 445 39.04 49.30 -2.02
N ASP C 446 38.44 49.65 -0.89
CA ASP C 446 37.93 48.65 0.05
C ASP C 446 37.00 47.61 -0.55
N ASP C 447 35.76 48.03 -0.83
CA ASP C 447 34.77 47.13 -1.40
C ASP C 447 34.23 47.67 -2.71
N CYS C 448 33.46 46.84 -3.40
CA CYS C 448 32.88 47.21 -4.68
C CYS C 448 31.53 46.52 -4.84
N PRO C 449 30.43 47.29 -4.81
CA PRO C 449 29.08 46.73 -4.94
C PRO C 449 28.74 46.28 -6.37
N ALA C 450 27.76 45.38 -6.47
CA ALA C 450 27.32 44.82 -7.75
C ALA C 450 27.03 45.82 -8.87
N GLY C 451 27.52 45.52 -10.07
CA GLY C 451 27.29 46.40 -11.20
C GLY C 451 28.52 47.07 -11.76
N ASN C 452 29.63 47.09 -11.03
CA ASN C 452 30.82 47.74 -11.54
C ASN C 452 31.83 46.78 -12.13
N ILE C 453 32.79 47.38 -12.84
CA ILE C 453 33.89 46.66 -13.45
C ILE C 453 35.06 46.84 -12.49
N ILE C 454 35.57 45.73 -11.95
CA ILE C 454 36.65 45.83 -10.98
C ILE C 454 37.82 44.89 -11.25
N GLY C 455 38.87 45.05 -10.45
CA GLY C 455 40.06 44.23 -10.58
C GLY C 455 40.44 43.60 -9.25
N LEU C 456 40.77 42.31 -9.28
CA LEU C 456 41.12 41.61 -8.05
C LEU C 456 42.58 41.18 -7.99
N VAL C 457 43.17 41.25 -6.80
CA VAL C 457 44.56 40.91 -6.61
C VAL C 457 44.80 39.63 -5.80
N GLY C 458 45.61 38.72 -6.33
CA GLY C 458 45.92 37.49 -5.63
C GLY C 458 45.13 36.25 -5.96
N ILE C 459 44.76 36.08 -7.22
CA ILE C 459 43.98 34.92 -7.65
C ILE C 459 44.78 34.16 -8.69
N ASP C 460 45.58 34.91 -9.43
CA ASP C 460 46.44 34.41 -10.50
C ASP C 460 46.76 32.92 -10.46
N GLN C 461 47.11 32.42 -9.28
CA GLN C 461 47.47 31.02 -9.14
C GLN C 461 46.30 30.10 -8.89
N PHE C 462 45.09 30.54 -9.24
CA PHE C 462 43.89 29.73 -9.04
C PHE C 462 43.08 29.73 -10.31
N LEU C 463 43.11 30.86 -11.01
CA LEU C 463 42.38 31.00 -12.26
C LEU C 463 43.36 31.25 -13.38
N LEU C 464 43.27 30.46 -14.44
CA LEU C 464 44.16 30.65 -15.57
C LEU C 464 43.77 31.92 -16.33
N LYS C 465 42.49 32.00 -16.68
CA LYS C 465 41.98 33.14 -17.43
C LYS C 465 40.56 33.57 -17.02
N THR C 466 39.59 32.67 -17.21
CA THR C 466 38.19 32.97 -16.88
C THR C 466 37.65 32.16 -15.71
N GLY C 467 36.72 32.75 -14.97
CA GLY C 467 36.14 32.06 -13.84
C GLY C 467 35.06 32.82 -13.10
N THR C 468 34.50 32.18 -12.09
CA THR C 468 33.46 32.80 -11.28
C THR C 468 33.88 32.81 -9.84
N LEU C 469 33.51 33.86 -9.13
CA LEU C 469 33.80 34.01 -7.70
C LEU C 469 32.47 34.16 -6.97
N THR C 470 32.24 33.29 -5.99
CA THR C 470 30.98 33.30 -5.25
C THR C 470 31.13 33.16 -3.74
N THR C 471 30.00 33.23 -3.05
CA THR C 471 29.94 33.13 -1.60
C THR C 471 28.91 32.02 -1.27
N SER C 472 27.96 31.82 -2.18
CA SER C 472 26.94 30.79 -1.99
C SER C 472 27.61 29.43 -2.23
N GLU C 473 27.34 28.49 -1.33
CA GLU C 473 27.90 27.16 -1.46
C GLU C 473 27.13 26.42 -2.55
N THR C 474 25.97 26.96 -2.89
CA THR C 474 25.09 26.37 -3.89
C THR C 474 24.96 27.20 -5.17
N ALA C 475 25.97 28.00 -5.45
CA ALA C 475 25.98 28.86 -6.63
C ALA C 475 26.75 28.25 -7.81
N HIS C 476 26.09 28.12 -8.95
CA HIS C 476 26.70 27.58 -10.17
C HIS C 476 27.65 28.63 -10.79
N ASN C 477 28.38 28.25 -11.85
CA ASN C 477 29.30 29.19 -12.52
C ASN C 477 28.49 30.00 -13.50
N MET C 478 29.03 31.13 -13.94
CA MET C 478 28.36 31.98 -14.90
C MET C 478 28.91 31.66 -16.28
N LYS C 479 28.04 31.74 -17.30
CA LYS C 479 28.39 31.44 -18.68
C LYS C 479 29.88 31.50 -18.90
N VAL C 480 30.46 30.31 -18.90
CA VAL C 480 31.89 30.12 -19.08
C VAL C 480 32.32 30.34 -20.51
N MET C 481 33.56 30.79 -20.66
CA MET C 481 34.14 30.99 -21.97
C MET C 481 35.25 29.95 -22.07
N LYS C 482 35.14 29.06 -23.04
CA LYS C 482 36.13 28.02 -23.22
C LYS C 482 37.49 28.49 -23.71
N PHE C 483 38.54 27.97 -23.08
CA PHE C 483 39.90 28.28 -23.47
C PHE C 483 40.66 26.97 -23.29
N SER C 484 41.69 26.76 -24.11
CA SER C 484 42.48 25.54 -24.01
C SER C 484 43.86 25.95 -23.56
N VAL C 485 44.61 25.00 -23.01
CA VAL C 485 45.96 25.30 -22.57
C VAL C 485 46.91 24.23 -23.13
N SER C 486 46.36 23.35 -23.96
CA SER C 486 47.16 22.29 -24.58
C SER C 486 48.04 22.86 -25.66
N PRO C 487 49.37 22.62 -25.58
CA PRO C 487 50.34 23.10 -26.56
C PRO C 487 50.31 22.15 -27.74
N VAL C 488 49.55 22.46 -28.77
CA VAL C 488 49.47 21.56 -29.88
C VAL C 488 50.24 22.05 -31.09
N VAL C 489 51.01 23.12 -30.90
CA VAL C 489 51.85 23.69 -31.97
C VAL C 489 53.10 24.28 -31.36
N GLN C 490 54.25 24.02 -31.99
CA GLN C 490 55.50 24.52 -31.46
C GLN C 490 56.45 24.92 -32.57
N VAL C 491 57.58 25.51 -32.18
CA VAL C 491 58.63 25.96 -33.12
C VAL C 491 59.94 26.27 -32.38
N ALA C 492 60.94 26.70 -33.15
CA ALA C 492 62.25 27.09 -32.63
C ALA C 492 62.47 28.54 -33.08
N VAL C 493 63.18 29.33 -32.28
CA VAL C 493 63.40 30.72 -32.66
C VAL C 493 64.82 31.27 -32.54
N GLU C 494 65.73 30.78 -33.37
CA GLU C 494 67.08 31.30 -33.34
C GLU C 494 67.07 32.70 -33.93
N VAL C 495 68.16 33.42 -33.78
CA VAL C 495 68.28 34.77 -34.33
C VAL C 495 68.93 34.66 -35.71
N LYS C 496 68.97 35.77 -36.45
CA LYS C 496 69.59 35.78 -37.77
C LYS C 496 71.03 36.30 -37.63
N ASN C 497 71.27 36.91 -36.47
CA ASN C 497 72.57 37.46 -36.12
C ASN C 497 73.06 36.54 -34.99
N ALA C 498 74.08 36.91 -34.23
CA ALA C 498 74.53 35.95 -33.22
C ALA C 498 74.79 36.37 -31.79
N ASN C 499 75.74 37.28 -31.57
CA ASN C 499 76.06 37.68 -30.21
C ASN C 499 74.90 38.28 -29.43
N ASP C 500 73.80 38.60 -30.12
CA ASP C 500 72.63 39.16 -29.46
C ASP C 500 71.75 38.04 -28.88
N LEU C 501 72.39 36.90 -28.62
CA LEU C 501 71.72 35.72 -28.08
C LEU C 501 71.40 35.84 -26.58
N PRO C 502 72.37 36.25 -25.75
CA PRO C 502 72.14 36.37 -24.30
C PRO C 502 70.76 36.91 -23.88
N LYS C 503 70.15 37.73 -24.73
CA LYS C 503 68.83 38.30 -24.46
C LYS C 503 67.74 37.23 -24.62
N LEU C 504 68.06 36.19 -25.39
CA LEU C 504 67.15 35.08 -25.68
C LEU C 504 66.96 34.09 -24.54
N VAL C 505 67.96 33.23 -24.31
CA VAL C 505 67.88 32.22 -23.25
C VAL C 505 67.24 32.80 -21.99
N GLU C 506 67.31 34.12 -21.85
CA GLU C 506 66.72 34.80 -20.70
C GLU C 506 65.29 35.23 -21.04
N GLY C 507 65.14 35.96 -22.15
CA GLY C 507 63.84 36.43 -22.60
C GLY C 507 62.82 35.32 -22.80
N LEU C 508 63.30 34.13 -23.12
CA LEU C 508 62.42 32.97 -23.32
C LEU C 508 61.74 32.65 -22.00
N LYS C 509 62.54 32.57 -20.94
CA LYS C 509 62.03 32.27 -19.61
C LYS C 509 61.34 33.47 -19.00
N ARG C 510 61.23 34.53 -19.80
CA ARG C 510 60.54 35.75 -19.38
C ARG C 510 59.17 35.62 -20.00
N LEU C 511 59.15 35.16 -21.24
CA LEU C 511 57.90 34.96 -21.99
C LEU C 511 57.04 33.93 -21.24
N SER C 512 57.66 32.83 -20.83
CA SER C 512 56.97 31.76 -20.12
C SER C 512 56.29 32.34 -18.89
N LYS C 513 56.90 33.37 -18.33
CA LYS C 513 56.36 34.04 -17.14
C LYS C 513 55.20 34.96 -17.51
N SER C 514 55.31 35.60 -18.68
CA SER C 514 54.28 36.51 -19.13
C SER C 514 52.98 35.85 -19.61
N ASP C 515 53.04 34.56 -19.92
CA ASP C 515 51.84 33.83 -20.38
C ASP C 515 51.78 32.45 -19.74
N PRO C 516 50.57 32.02 -19.35
CA PRO C 516 50.38 30.70 -18.72
C PRO C 516 50.30 29.60 -19.79
N CYS C 517 49.74 29.96 -20.93
CA CYS C 517 49.56 29.03 -22.03
C CYS C 517 50.79 28.78 -22.88
N VAL C 518 51.70 29.74 -22.92
CA VAL C 518 52.91 29.54 -23.71
C VAL C 518 53.89 28.65 -22.95
N LEU C 519 54.60 27.82 -23.69
CA LEU C 519 55.53 26.90 -23.07
C LEU C 519 56.87 26.91 -23.79
N THR C 520 57.94 27.21 -23.06
CA THR C 520 59.28 27.25 -23.63
C THR C 520 60.16 26.17 -22.98
N TYR C 521 60.90 25.46 -23.82
CA TYR C 521 61.76 24.40 -23.33
C TYR C 521 62.83 24.07 -24.38
N MET C 522 63.80 23.23 -23.98
CA MET C 522 64.90 22.82 -24.87
C MET C 522 64.81 21.32 -25.13
N SER C 523 64.91 20.93 -26.39
CA SER C 523 64.85 19.51 -26.74
C SER C 523 66.26 18.93 -26.72
N GLU C 524 66.34 17.61 -26.57
CA GLU C 524 67.61 16.90 -26.53
C GLU C 524 68.61 17.40 -27.57
N SER C 525 68.11 17.69 -28.78
CA SER C 525 68.97 18.19 -29.85
C SER C 525 69.32 19.67 -29.61
N GLY C 526 69.31 20.06 -28.33
CA GLY C 526 69.62 21.44 -27.95
C GLY C 526 68.78 22.50 -28.63
N GLU C 527 67.53 22.15 -28.97
CA GLU C 527 66.59 23.05 -29.64
C GLU C 527 65.77 23.94 -28.69
N HIS C 528 65.49 25.17 -29.12
CA HIS C 528 64.68 26.10 -28.32
C HIS C 528 63.26 26.13 -28.87
N ILE C 529 62.30 25.70 -28.06
CA ILE C 529 60.92 25.67 -28.50
C ILE C 529 60.02 26.67 -27.79
N VAL C 530 58.92 26.97 -28.46
CA VAL C 530 57.89 27.86 -27.96
C VAL C 530 56.58 27.28 -28.50
N ALA C 531 55.93 26.49 -27.64
CA ALA C 531 54.68 25.87 -28.00
C ALA C 531 53.54 26.80 -27.58
N GLY C 532 52.47 26.82 -28.37
CA GLY C 532 51.33 27.66 -28.08
C GLY C 532 50.02 26.93 -28.31
N THR C 533 48.89 27.63 -28.16
CA THR C 533 47.58 27.02 -28.32
C THR C 533 47.17 26.76 -29.76
N GLY C 534 47.55 27.69 -30.63
CA GLY C 534 47.20 27.56 -32.03
C GLY C 534 48.03 28.46 -32.88
N GLU C 535 47.92 28.30 -34.20
CA GLU C 535 48.68 29.09 -35.15
C GLU C 535 48.94 30.52 -34.70
N LEU C 536 47.87 31.29 -34.51
CA LEU C 536 48.00 32.68 -34.10
C LEU C 536 48.68 32.86 -32.74
N HIS C 537 48.20 32.14 -31.72
CA HIS C 537 48.79 32.24 -30.39
C HIS C 537 50.30 32.12 -30.54
N LEU C 538 50.72 31.11 -31.28
CA LEU C 538 52.14 30.89 -31.48
C LEU C 538 52.76 32.09 -32.16
N GLU C 539 52.21 32.50 -33.28
CA GLU C 539 52.77 33.63 -34.01
C GLU C 539 52.93 34.85 -33.11
N ILE C 540 51.88 35.22 -32.40
CA ILE C 540 51.94 36.37 -31.50
C ILE C 540 53.10 36.29 -30.53
N CYS C 541 53.17 35.19 -29.80
CA CYS C 541 54.24 35.00 -28.83
C CYS C 541 55.59 35.17 -29.51
N LEU C 542 55.66 34.83 -30.80
CA LEU C 542 56.90 34.93 -31.58
C LEU C 542 57.25 36.38 -31.85
N GLN C 543 56.28 37.13 -32.34
CA GLN C 543 56.47 38.54 -32.62
C GLN C 543 57.01 39.22 -31.36
N ASP C 544 56.19 39.27 -30.32
CA ASP C 544 56.59 39.90 -29.06
C ASP C 544 58.00 39.47 -28.70
N LEU C 545 58.33 38.22 -28.94
CA LEU C 545 59.68 37.79 -28.63
C LEU C 545 60.60 38.66 -29.48
N GLU C 546 60.35 38.76 -30.78
CA GLU C 546 61.24 39.59 -31.62
C GLU C 546 61.03 41.11 -31.59
N HIS C 547 59.78 41.57 -31.54
CA HIS C 547 59.51 43.01 -31.52
C HIS C 547 59.56 43.64 -30.14
N ASP C 548 58.96 42.98 -29.15
CA ASP C 548 58.92 43.52 -27.78
C ASP C 548 59.73 42.69 -26.79
N HIS C 549 59.11 41.63 -26.25
CA HIS C 549 59.78 40.76 -25.29
C HIS C 549 61.29 40.64 -25.40
N ALA C 550 61.80 40.24 -26.56
CA ALA C 550 63.26 40.12 -26.71
C ALA C 550 63.83 41.49 -26.99
N GLY C 551 65.10 41.66 -26.66
CA GLY C 551 65.75 42.93 -26.89
C GLY C 551 66.36 43.05 -28.27
N VAL C 552 65.85 42.26 -29.24
CA VAL C 552 66.39 42.28 -30.60
C VAL C 552 65.58 41.43 -31.61
N PRO C 553 65.88 41.53 -32.93
CA PRO C 553 65.24 40.81 -34.05
C PRO C 553 65.37 39.28 -34.00
N LEU C 554 64.57 38.56 -34.80
CA LEU C 554 64.58 37.09 -34.77
C LEU C 554 64.42 36.29 -36.08
N LYS C 555 64.60 34.98 -35.93
CA LYS C 555 64.48 33.98 -36.99
C LYS C 555 63.48 32.89 -36.56
N ILE C 556 62.50 32.61 -37.41
CA ILE C 556 61.45 31.62 -37.13
C ILE C 556 61.45 30.42 -38.09
N SER C 557 61.11 29.23 -37.60
CA SER C 557 61.07 28.03 -38.43
C SER C 557 59.65 27.49 -38.59
N PRO C 558 59.38 26.79 -39.70
CA PRO C 558 58.05 26.22 -39.98
C PRO C 558 57.34 25.70 -38.73
N PRO C 559 55.99 25.74 -38.73
CA PRO C 559 55.23 25.25 -37.58
C PRO C 559 55.11 23.72 -37.56
N VAL C 560 55.39 23.12 -36.42
CA VAL C 560 55.30 21.68 -36.29
C VAL C 560 54.22 21.41 -35.23
N VAL C 561 53.49 20.32 -35.44
CA VAL C 561 52.42 19.91 -34.54
C VAL C 561 52.86 18.78 -33.61
N ALA C 562 52.56 18.92 -32.32
CA ALA C 562 52.93 17.91 -31.34
C ALA C 562 52.06 16.68 -31.46
N TYR C 563 52.70 15.52 -31.62
CA TYR C 563 51.97 14.26 -31.72
C TYR C 563 52.14 13.46 -30.44
N ARG C 564 51.59 12.25 -30.43
CA ARG C 564 51.67 11.34 -29.29
C ARG C 564 51.93 9.92 -29.78
N GLU C 565 52.78 9.20 -29.07
CA GLU C 565 53.09 7.83 -29.42
C GLU C 565 52.24 6.88 -28.58
N THR C 566 51.59 5.92 -29.24
CA THR C 566 50.75 4.95 -28.53
C THR C 566 50.75 3.55 -29.15
N VAL C 567 50.11 2.63 -28.42
CA VAL C 567 49.99 1.24 -28.82
C VAL C 567 48.52 0.88 -29.03
N GLU C 568 48.29 -0.14 -29.85
CA GLU C 568 46.92 -0.56 -30.21
C GLU C 568 46.57 -1.92 -29.68
N SER C 569 47.56 -2.63 -29.16
CA SER C 569 47.34 -3.97 -28.63
C SER C 569 48.48 -4.38 -27.71
N GLU C 570 48.39 -5.59 -27.20
CA GLU C 570 49.41 -6.10 -26.30
C GLU C 570 50.64 -6.53 -27.10
N SER C 571 51.81 -6.41 -26.51
CA SER C 571 53.06 -6.76 -27.18
C SER C 571 53.06 -8.20 -27.72
N SER C 572 53.39 -8.36 -29.01
CA SER C 572 53.45 -9.66 -29.71
C SER C 572 53.97 -10.77 -28.85
N GLN C 573 55.06 -10.49 -28.14
CA GLN C 573 55.71 -11.44 -27.24
C GLN C 573 56.40 -10.66 -26.14
N THR C 574 56.64 -11.27 -25.00
CA THR C 574 57.29 -10.58 -23.89
C THR C 574 58.59 -9.82 -24.22
N ALA C 575 58.72 -8.62 -23.64
CA ALA C 575 59.91 -7.81 -23.86
C ALA C 575 60.94 -8.06 -22.76
N LEU C 576 62.18 -8.24 -23.18
CA LEU C 576 63.25 -8.52 -22.24
C LEU C 576 64.48 -7.65 -22.47
N SER C 577 65.11 -7.24 -21.38
CA SER C 577 66.33 -6.45 -21.48
C SER C 577 67.15 -6.63 -20.23
N LYS C 578 68.48 -6.56 -20.37
CA LYS C 578 69.33 -6.71 -19.20
C LYS C 578 70.27 -5.53 -19.12
N SER C 579 70.74 -5.27 -17.91
CA SER C 579 71.65 -4.15 -17.66
C SER C 579 73.02 -4.41 -18.23
N PRO C 580 73.88 -3.38 -18.28
CA PRO C 580 75.23 -3.56 -18.82
C PRO C 580 75.98 -4.61 -17.99
N ASN C 581 75.64 -4.69 -16.71
CA ASN C 581 76.22 -5.67 -15.81
C ASN C 581 76.07 -7.01 -16.47
N LYS C 582 74.82 -7.28 -16.84
CA LYS C 582 74.40 -8.54 -17.43
C LYS C 582 73.99 -9.31 -16.19
N HIS C 583 73.68 -8.55 -15.14
CA HIS C 583 73.25 -9.14 -13.90
C HIS C 583 71.80 -8.92 -13.56
N ASN C 584 71.19 -7.93 -14.21
CA ASN C 584 69.80 -7.63 -13.95
C ASN C 584 68.96 -7.75 -15.18
N ARG C 585 67.74 -8.25 -15.01
CA ARG C 585 66.82 -8.40 -16.14
C ARG C 585 65.42 -7.89 -15.81
N ILE C 586 64.75 -7.37 -16.82
CA ILE C 586 63.42 -6.86 -16.66
C ILE C 586 62.52 -7.36 -17.76
N TYR C 587 61.53 -8.16 -17.38
CA TYR C 587 60.55 -8.71 -18.34
C TYR C 587 59.27 -7.92 -18.27
N LEU C 588 58.68 -7.62 -19.42
CA LEU C 588 57.47 -6.82 -19.44
C LEU C 588 56.71 -6.89 -20.72
N LYS C 589 55.47 -6.43 -20.63
CA LYS C 589 54.59 -6.39 -21.78
C LYS C 589 53.86 -5.10 -21.68
N ALA C 590 53.46 -4.57 -22.83
CA ALA C 590 52.73 -3.32 -22.90
C ALA C 590 51.41 -3.55 -23.59
N GLU C 591 50.40 -2.83 -23.13
CA GLU C 591 49.07 -2.93 -23.72
C GLU C 591 48.50 -1.54 -23.65
N PRO C 592 47.44 -1.28 -24.44
CA PRO C 592 46.70 -0.02 -24.56
C PRO C 592 45.91 0.36 -23.33
N ILE C 593 45.71 1.66 -23.12
CA ILE C 593 44.88 2.18 -22.04
C ILE C 593 43.68 2.78 -22.75
N ASP C 594 42.49 2.55 -22.21
CA ASP C 594 41.29 3.08 -22.85
C ASP C 594 41.20 4.59 -22.81
N GLU C 595 40.69 5.17 -23.90
CA GLU C 595 40.56 6.60 -24.01
C GLU C 595 39.89 7.15 -22.77
N GLU C 596 38.86 6.46 -22.31
CA GLU C 596 38.16 6.90 -21.12
C GLU C 596 39.12 7.06 -19.95
N VAL C 597 39.92 6.04 -19.69
CA VAL C 597 40.87 6.08 -18.59
C VAL C 597 41.87 7.21 -18.77
N SER C 598 42.43 7.30 -19.96
CA SER C 598 43.39 8.36 -20.20
C SER C 598 42.72 9.68 -19.84
N LEU C 599 41.56 9.95 -20.45
CA LEU C 599 40.82 11.17 -20.16
C LEU C 599 40.66 11.26 -18.66
N ALA C 600 40.18 10.20 -18.04
CA ALA C 600 40.00 10.18 -16.60
C ALA C 600 41.25 10.70 -15.88
N ILE C 601 42.41 10.28 -16.37
CA ILE C 601 43.69 10.68 -15.78
C ILE C 601 44.00 12.12 -16.13
N GLU C 602 43.73 12.49 -17.39
CA GLU C 602 43.95 13.86 -17.85
C GLU C 602 42.99 14.80 -17.16
N ASN C 603 41.85 14.28 -16.72
CA ASN C 603 40.87 15.12 -16.07
C ASN C 603 40.80 15.02 -14.57
N GLY C 604 41.91 14.65 -13.94
CA GLY C 604 41.93 14.55 -12.50
C GLY C 604 41.16 13.44 -11.81
N ILE C 605 40.28 12.73 -12.52
CA ILE C 605 39.52 11.65 -11.90
C ILE C 605 40.51 10.62 -11.32
N ILE C 606 41.31 10.02 -12.20
CA ILE C 606 42.32 9.03 -11.76
C ILE C 606 43.51 9.91 -11.43
N ASN C 607 43.88 10.00 -10.17
CA ASN C 607 44.96 10.89 -9.79
C ASN C 607 46.14 10.27 -9.06
N PRO C 608 47.36 10.60 -9.52
CA PRO C 608 48.65 10.15 -9.00
C PRO C 608 48.79 10.30 -7.50
N ARG C 609 48.19 11.34 -6.95
CA ARG C 609 48.30 11.63 -5.52
C ARG C 609 47.19 11.04 -4.64
N ASP C 610 46.18 10.42 -5.24
CA ASP C 610 45.11 9.84 -4.45
C ASP C 610 45.66 8.71 -3.62
N ASP C 611 44.76 8.08 -2.88
CA ASP C 611 45.08 6.92 -2.04
C ASP C 611 44.98 5.75 -3.03
N PHE C 612 46.07 5.01 -3.21
CA PHE C 612 46.03 3.91 -4.17
C PHE C 612 44.77 3.10 -4.03
N LYS C 613 44.39 2.81 -2.79
CA LYS C 613 43.18 2.03 -2.50
C LYS C 613 41.93 2.63 -3.13
N ALA C 614 41.72 3.92 -2.89
CA ALA C 614 40.53 4.57 -3.41
C ALA C 614 40.59 4.73 -4.92
N ARG C 615 41.80 5.01 -5.43
CA ARG C 615 41.96 5.20 -6.87
C ARG C 615 41.62 3.89 -7.54
N ALA C 616 42.07 2.81 -6.90
CA ALA C 616 41.83 1.48 -7.42
C ALA C 616 40.34 1.21 -7.46
N ARG C 617 39.66 1.48 -6.35
CA ARG C 617 38.22 1.27 -6.26
C ARG C 617 37.55 2.01 -7.43
N ILE C 618 37.99 3.24 -7.70
CA ILE C 618 37.44 4.03 -8.80
C ILE C 618 37.60 3.35 -10.17
N MET C 619 38.84 3.00 -10.48
CA MET C 619 39.19 2.37 -11.74
C MET C 619 38.51 1.05 -11.93
N ALA C 620 38.38 0.33 -10.83
CA ALA C 620 37.75 -0.96 -10.84
C ALA C 620 36.27 -0.77 -11.20
N ASP C 621 35.55 -0.08 -10.31
CA ASP C 621 34.14 0.18 -10.47
C ASP C 621 33.78 0.85 -11.80
N ASP C 622 34.13 2.12 -11.91
CA ASP C 622 33.83 2.92 -13.09
C ASP C 622 34.59 2.61 -14.38
N TYR C 623 35.76 1.97 -14.30
CA TYR C 623 36.52 1.72 -15.53
C TYR C 623 36.85 0.28 -15.95
N GLY C 624 36.27 -0.69 -15.27
CA GLY C 624 36.51 -2.06 -15.65
C GLY C 624 37.98 -2.46 -15.59
N TRP C 625 38.58 -2.16 -14.44
CA TRP C 625 39.97 -2.47 -14.21
C TRP C 625 39.99 -3.51 -13.10
N ASP C 626 41.01 -4.37 -13.04
CA ASP C 626 41.10 -5.34 -11.95
C ASP C 626 41.59 -4.58 -10.72
N VAL C 627 40.79 -4.54 -9.67
CA VAL C 627 41.22 -3.81 -8.49
C VAL C 627 42.67 -4.21 -8.16
N THR C 628 43.00 -5.48 -8.37
CA THR C 628 44.36 -6.00 -8.13
C THR C 628 45.41 -5.22 -8.95
N ASP C 629 45.20 -5.10 -10.27
CA ASP C 629 46.15 -4.37 -11.08
C ASP C 629 46.27 -2.93 -10.66
N ALA C 630 45.12 -2.30 -10.48
CA ALA C 630 45.06 -0.91 -10.09
C ALA C 630 45.76 -0.61 -8.77
N ARG C 631 45.72 -1.54 -7.84
CA ARG C 631 46.38 -1.29 -6.57
C ARG C 631 47.88 -1.41 -6.74
N LYS C 632 48.28 -2.02 -7.86
CA LYS C 632 49.69 -2.23 -8.20
C LYS C 632 50.21 -1.17 -9.16
N ILE C 633 49.66 0.03 -9.11
CA ILE C 633 50.16 1.07 -9.99
C ILE C 633 51.46 1.50 -9.35
N TRP C 634 52.48 1.69 -10.18
CA TRP C 634 53.79 2.10 -9.69
C TRP C 634 54.05 3.57 -9.96
N CYS C 635 53.55 4.07 -11.09
CA CYS C 635 53.78 5.45 -11.42
C CYS C 635 53.03 5.84 -12.67
N PHE C 636 52.79 7.13 -12.82
CA PHE C 636 52.10 7.68 -13.99
C PHE C 636 53.23 8.31 -14.76
N GLY C 637 52.98 8.71 -16.00
CA GLY C 637 54.02 9.34 -16.81
C GLY C 637 53.58 9.89 -18.15
N PRO C 638 54.31 10.88 -18.69
CA PRO C 638 55.49 11.57 -18.18
C PRO C 638 55.22 12.38 -16.97
N ASP C 639 56.12 13.31 -16.72
CA ASP C 639 56.02 14.24 -15.62
C ASP C 639 55.31 13.71 -14.40
N GLY C 640 55.44 12.42 -14.15
CA GLY C 640 54.83 11.84 -12.98
C GLY C 640 53.32 11.85 -12.92
N ASN C 641 52.64 12.24 -13.99
CA ASN C 641 51.18 12.28 -13.99
C ASN C 641 50.52 12.26 -15.36
N GLY C 642 51.24 11.79 -16.37
CA GLY C 642 50.68 11.71 -17.71
C GLY C 642 49.74 10.52 -17.81
N PRO C 643 49.04 10.35 -18.94
CA PRO C 643 48.13 9.23 -19.15
C PRO C 643 48.85 7.95 -19.58
N ASN C 644 49.78 7.50 -18.76
CA ASN C 644 50.51 6.28 -19.02
C ASN C 644 50.87 5.71 -17.66
N LEU C 645 50.81 4.38 -17.56
CA LEU C 645 51.08 3.70 -16.31
C LEU C 645 52.07 2.55 -16.39
N VAL C 646 52.47 2.13 -15.20
CA VAL C 646 53.36 1.01 -14.98
C VAL C 646 52.70 0.20 -13.89
N ILE C 647 52.28 -1.02 -14.23
CA ILE C 647 51.65 -1.91 -13.27
C ILE C 647 52.63 -3.01 -12.86
N ASP C 648 52.80 -3.18 -11.56
CA ASP C 648 53.72 -4.19 -11.05
C ASP C 648 53.15 -5.60 -10.96
N GLN C 649 53.24 -6.37 -12.04
CA GLN C 649 52.71 -7.73 -12.02
C GLN C 649 53.73 -8.82 -11.60
N THR C 650 54.85 -8.43 -11.03
CA THR C 650 55.82 -9.43 -10.63
C THR C 650 55.30 -10.28 -9.51
N LYS C 651 55.85 -11.47 -9.36
CA LYS C 651 55.51 -12.42 -8.31
C LYS C 651 56.78 -12.86 -7.59
N ALA C 652 56.86 -12.59 -6.29
CA ALA C 652 58.00 -12.98 -5.45
C ALA C 652 59.41 -12.60 -5.91
N VAL C 653 59.60 -11.36 -6.32
CA VAL C 653 60.91 -10.90 -6.76
C VAL C 653 61.59 -10.24 -5.58
N GLN C 654 62.48 -10.95 -4.92
CA GLN C 654 63.16 -10.36 -3.78
C GLN C 654 63.93 -9.12 -4.16
N TYR C 655 63.91 -8.12 -3.28
CA TYR C 655 64.61 -6.85 -3.49
C TYR C 655 63.95 -5.92 -4.51
N LEU C 656 62.79 -6.31 -5.02
CA LEU C 656 62.09 -5.52 -6.02
C LEU C 656 61.96 -4.05 -5.69
N HIS C 657 61.43 -3.74 -4.52
CA HIS C 657 61.24 -2.36 -4.11
C HIS C 657 62.52 -1.56 -4.18
N GLU C 658 63.66 -2.24 -4.08
CA GLU C 658 64.90 -1.50 -4.13
C GLU C 658 65.24 -0.94 -5.49
N ILE C 659 64.53 -1.36 -6.55
CA ILE C 659 64.81 -0.79 -7.87
C ILE C 659 63.63 0.02 -8.36
N LYS C 660 62.67 0.25 -7.48
CA LYS C 660 61.47 0.98 -7.86
C LYS C 660 61.75 2.34 -8.43
N ASP C 661 62.39 3.16 -7.61
CA ASP C 661 62.68 4.53 -7.99
C ASP C 661 63.29 4.62 -9.37
N SER C 662 64.20 3.69 -9.66
CA SER C 662 64.88 3.62 -10.96
C SER C 662 63.89 3.27 -12.05
N VAL C 663 63.10 2.22 -11.81
CA VAL C 663 62.12 1.80 -12.80
C VAL C 663 61.20 2.97 -13.13
N VAL C 664 60.84 3.72 -12.10
CA VAL C 664 59.96 4.86 -12.29
C VAL C 664 60.65 5.91 -13.14
N ALA C 665 61.86 6.26 -12.72
CA ALA C 665 62.67 7.26 -13.41
C ALA C 665 62.82 6.88 -14.86
N ALA C 666 62.99 5.59 -15.08
CA ALA C 666 63.15 5.08 -16.41
C ALA C 666 61.90 5.34 -17.19
N PHE C 667 60.76 5.07 -16.54
CA PHE C 667 59.45 5.21 -17.18
C PHE C 667 59.12 6.61 -17.58
N GLN C 668 59.44 7.57 -16.71
CA GLN C 668 59.18 8.97 -16.97
C GLN C 668 59.90 9.35 -18.26
N TRP C 669 61.12 8.85 -18.39
CA TRP C 669 61.95 9.12 -19.55
C TRP C 669 61.47 8.43 -20.81
N ALA C 670 61.02 7.18 -20.69
CA ALA C 670 60.54 6.47 -21.86
C ALA C 670 59.23 7.05 -22.35
N THR C 671 58.45 7.63 -21.45
CA THR C 671 57.19 8.21 -21.82
C THR C 671 57.25 9.66 -22.33
N LYS C 672 58.34 10.38 -22.03
CA LYS C 672 58.54 11.78 -22.50
C LYS C 672 58.90 11.83 -23.98
N GLU C 673 59.68 10.84 -24.40
CA GLU C 673 60.13 10.73 -25.77
C GLU C 673 60.19 9.25 -26.12
N GLY C 674 59.16 8.76 -26.77
CA GLY C 674 59.11 7.36 -27.12
C GLY C 674 60.03 7.07 -28.26
N PRO C 675 60.09 5.80 -28.70
CA PRO C 675 60.91 5.29 -29.79
C PRO C 675 60.41 5.42 -31.22
N ILE C 676 59.25 6.03 -31.45
CA ILE C 676 58.80 6.14 -32.84
C ILE C 676 59.55 7.31 -33.43
N PHE C 677 59.53 8.42 -32.70
CA PHE C 677 60.23 9.61 -33.15
C PHE C 677 60.31 10.68 -32.05
N GLY C 678 60.71 10.22 -30.87
CA GLY C 678 60.88 11.09 -29.73
C GLY C 678 59.66 11.81 -29.18
N GLU C 679 58.47 11.50 -29.69
CA GLU C 679 57.27 12.16 -29.21
C GLU C 679 56.71 11.49 -27.97
N GLU C 680 55.90 12.22 -27.22
CA GLU C 680 55.29 11.73 -25.99
C GLU C 680 54.36 10.55 -26.18
N MET C 681 54.37 9.65 -25.20
CA MET C 681 53.51 8.48 -25.25
C MET C 681 52.17 8.84 -24.61
N ARG C 682 51.11 8.18 -25.04
CA ARG C 682 49.78 8.42 -24.47
C ARG C 682 48.94 7.14 -24.38
N SER C 683 48.33 6.92 -23.22
CA SER C 683 47.51 5.75 -23.07
C SER C 683 48.32 4.46 -23.15
N VAL C 684 49.56 4.46 -22.66
CA VAL C 684 50.37 3.24 -22.69
C VAL C 684 50.47 2.60 -21.33
N ARG C 685 50.11 1.31 -21.31
CA ARG C 685 50.11 0.50 -20.11
C ARG C 685 51.33 -0.42 -20.17
N VAL C 686 52.13 -0.40 -19.12
CA VAL C 686 53.30 -1.23 -19.07
C VAL C 686 53.22 -2.13 -17.86
N ASN C 687 53.19 -3.42 -18.15
CA ASN C 687 53.12 -4.44 -17.11
C ASN C 687 54.44 -5.15 -16.90
N ILE C 688 55.03 -4.95 -15.73
CA ILE C 688 56.28 -5.60 -15.40
C ILE C 688 55.94 -7.05 -15.02
N LEU C 689 56.24 -8.00 -15.91
CA LEU C 689 55.96 -9.42 -15.66
C LEU C 689 56.97 -10.06 -14.73
N ASP C 690 58.26 -9.80 -14.94
CA ASP C 690 59.27 -10.42 -14.09
C ASP C 690 60.51 -9.61 -14.05
N VAL C 691 61.28 -9.83 -12.98
CA VAL C 691 62.54 -9.16 -12.74
C VAL C 691 63.57 -10.05 -12.03
N THR C 692 64.83 -9.99 -12.44
CA THR C 692 65.89 -10.75 -11.77
C THR C 692 66.97 -9.71 -11.42
N LEU C 693 67.41 -9.71 -10.16
CA LEU C 693 68.39 -8.74 -9.71
C LEU C 693 69.62 -9.32 -8.99
N HIS C 694 70.76 -8.66 -9.19
CA HIS C 694 71.96 -9.09 -8.51
C HIS C 694 71.61 -9.03 -7.04
N ALA C 695 72.16 -9.92 -6.25
CA ALA C 695 71.80 -9.91 -4.83
C ALA C 695 72.38 -8.68 -4.16
N ASP C 696 73.54 -8.23 -4.62
CA ASP C 696 74.18 -7.06 -4.01
C ASP C 696 73.70 -5.77 -4.61
N ALA C 697 73.14 -4.92 -3.77
CA ALA C 697 72.68 -3.64 -4.24
C ALA C 697 73.65 -2.93 -5.17
N ILE C 698 74.91 -2.85 -4.75
CA ILE C 698 75.97 -2.18 -5.51
C ILE C 698 75.87 -2.39 -7.00
N ARG C 700 73.10 -3.02 -8.72
CA ARG C 700 71.75 -2.71 -9.13
C ARG C 700 71.49 -1.23 -9.05
N GLY C 701 72.52 -0.40 -9.17
CA GLY C 701 72.32 1.03 -9.07
C GLY C 701 71.40 1.52 -10.17
N GLY C 702 71.12 2.82 -10.14
CA GLY C 702 70.25 3.40 -11.14
C GLY C 702 70.89 3.42 -12.50
N GLY C 703 72.23 3.44 -12.53
CA GLY C 703 72.93 3.48 -13.80
C GLY C 703 72.68 2.21 -14.57
N GLN C 704 72.46 1.13 -13.84
CA GLN C 704 72.21 -0.15 -14.47
C GLN C 704 70.73 -0.40 -14.81
N ILE C 705 69.84 -0.30 -13.84
CA ILE C 705 68.43 -0.54 -14.11
C ILE C 705 67.75 0.50 -15.02
N ILE C 706 67.90 1.79 -14.73
CA ILE C 706 67.23 2.78 -15.56
C ILE C 706 67.32 2.51 -17.07
N PRO C 707 68.54 2.34 -17.59
CA PRO C 707 68.63 2.10 -19.05
C PRO C 707 67.85 0.81 -19.46
N THR C 708 67.93 -0.19 -18.59
CA THR C 708 67.26 -1.47 -18.82
C THR C 708 65.76 -1.27 -19.00
N MET C 709 65.11 -0.83 -17.92
CA MET C 709 63.66 -0.57 -17.89
C MET C 709 63.25 0.22 -19.11
N ARG C 710 64.06 1.22 -19.43
CA ARG C 710 63.82 2.11 -20.55
C ARG C 710 63.95 1.36 -21.87
N ARG C 711 64.91 0.45 -21.97
CA ARG C 711 65.04 -0.26 -23.24
C ARG C 711 63.92 -1.27 -23.33
N ALA C 712 63.68 -1.96 -22.22
CA ALA C 712 62.61 -2.94 -22.15
C ALA C 712 61.30 -2.29 -22.61
N THR C 713 60.97 -1.18 -21.97
CA THR C 713 59.77 -0.47 -22.32
C THR C 713 59.75 -0.13 -23.79
N TYR C 714 60.88 0.27 -24.36
CA TYR C 714 60.86 0.57 -25.79
C TYR C 714 60.57 -0.73 -26.55
N ALA C 715 61.14 -1.82 -26.06
CA ALA C 715 60.95 -3.13 -26.69
C ALA C 715 59.46 -3.50 -26.74
N GLY C 716 58.85 -3.53 -25.56
CA GLY C 716 57.44 -3.85 -25.47
C GLY C 716 56.55 -2.93 -26.31
N PHE C 717 56.79 -1.63 -26.21
CA PHE C 717 56.03 -0.64 -26.95
C PHE C 717 56.09 -0.93 -28.46
N LEU C 718 57.28 -1.25 -28.95
CA LEU C 718 57.45 -1.53 -30.37
C LEU C 718 56.78 -2.82 -30.76
N LEU C 719 56.60 -3.70 -29.77
CA LEU C 719 55.95 -4.99 -29.99
C LEU C 719 54.43 -4.98 -29.83
N ALA C 720 53.92 -3.90 -29.26
CA ALA C 720 52.49 -3.77 -29.02
C ALA C 720 51.71 -3.07 -30.16
N ASP C 721 52.20 -3.26 -31.39
CA ASP C 721 51.54 -2.65 -32.54
C ASP C 721 51.44 -1.15 -32.29
N PRO C 722 52.51 -0.42 -32.62
CA PRO C 722 52.59 1.03 -32.44
C PRO C 722 51.74 1.86 -33.38
N LYS C 723 51.35 3.04 -32.92
CA LYS C 723 50.55 3.95 -33.71
C LYS C 723 50.72 5.36 -33.16
N ILE C 724 50.39 6.38 -33.97
CA ILE C 724 50.53 7.75 -33.48
C ILE C 724 49.21 8.51 -33.47
N GLN C 725 49.13 9.47 -32.56
CA GLN C 725 47.93 10.27 -32.41
C GLN C 725 48.16 11.73 -32.76
N GLU C 726 47.16 12.33 -33.40
CA GLU C 726 47.21 13.75 -33.77
C GLU C 726 46.21 14.53 -32.91
N PRO C 727 46.47 15.82 -32.69
CA PRO C 727 45.55 16.63 -31.88
C PRO C 727 44.39 17.17 -32.74
N VAL C 728 43.21 17.27 -32.12
CA VAL C 728 42.02 17.75 -32.82
C VAL C 728 41.33 18.92 -32.13
N PHE C 729 40.89 19.87 -32.95
CA PHE C 729 40.21 21.06 -32.47
C PHE C 729 38.71 20.88 -32.51
N LEU C 730 38.04 21.63 -31.64
CA LEU C 730 36.59 21.62 -31.58
C LEU C 730 36.27 23.06 -31.93
N VAL C 731 35.87 23.27 -33.16
CA VAL C 731 35.57 24.63 -33.59
C VAL C 731 34.06 24.96 -33.52
N GLU C 732 33.73 26.11 -32.93
CA GLU C 732 32.36 26.58 -32.79
C GLU C 732 32.19 27.80 -33.68
N ILE C 733 31.34 27.69 -34.70
CA ILE C 733 31.12 28.77 -35.66
C ILE C 733 29.71 29.35 -35.73
N GLN C 734 29.61 30.68 -35.59
CA GLN C 734 28.33 31.37 -35.69
C GLN C 734 28.25 31.81 -37.14
N CYS C 735 27.08 31.66 -37.76
CA CYS C 735 26.96 32.06 -39.14
C CYS C 735 25.54 32.03 -39.69
N PRO C 736 25.14 33.11 -40.38
CA PRO C 736 23.82 33.25 -40.98
C PRO C 736 23.53 32.04 -41.87
N GLU C 737 22.30 31.54 -41.80
CA GLU C 737 21.88 30.38 -42.59
C GLU C 737 22.26 30.43 -44.07
N GLN C 738 22.40 31.64 -44.58
CA GLN C 738 22.76 31.87 -45.97
C GLN C 738 24.23 31.55 -46.25
N ALA C 739 25.07 31.79 -45.25
CA ALA C 739 26.49 31.56 -45.39
C ALA C 739 26.95 30.21 -44.89
N VAL C 740 26.10 29.52 -44.13
CA VAL C 740 26.46 28.22 -43.56
C VAL C 740 26.98 27.22 -44.60
N GLY C 741 26.67 27.45 -45.88
CA GLY C 741 27.13 26.55 -46.93
C GLY C 741 28.65 26.55 -47.03
N GLY C 742 29.23 27.73 -46.88
CA GLY C 742 30.68 27.86 -46.95
C GLY C 742 31.35 27.08 -45.83
N ILE C 743 30.70 27.01 -44.67
CA ILE C 743 31.27 26.29 -43.54
C ILE C 743 31.58 24.87 -44.00
N TYR C 744 30.54 24.07 -44.20
CA TYR C 744 30.66 22.69 -44.64
C TYR C 744 31.57 22.56 -45.85
N SER C 745 31.63 23.62 -46.65
CA SER C 745 32.48 23.63 -47.83
C SER C 745 33.94 23.47 -47.45
N VAL C 746 34.38 24.26 -46.47
CA VAL C 746 35.77 24.20 -46.02
C VAL C 746 36.08 23.00 -45.10
N LEU C 747 35.13 22.64 -44.24
CA LEU C 747 35.35 21.50 -43.37
C LEU C 747 35.57 20.24 -44.16
N ASN C 748 35.09 20.21 -45.40
CA ASN C 748 35.27 19.02 -46.22
C ASN C 748 36.56 18.97 -47.00
N LYS C 749 37.40 19.98 -46.86
CA LYS C 749 38.67 19.98 -47.55
C LYS C 749 39.79 20.08 -46.51
N LYS C 750 39.44 19.79 -45.26
CA LYS C 750 40.36 19.82 -44.13
C LYS C 750 40.20 18.62 -43.24
N ARG C 751 39.34 17.70 -43.66
CA ARG C 751 39.08 16.51 -42.87
C ARG C 751 38.32 16.89 -41.62
N GLY C 752 37.44 17.88 -41.74
CA GLY C 752 36.65 18.30 -40.61
C GLY C 752 35.47 17.35 -40.40
N GLN C 753 34.98 17.30 -39.17
CA GLN C 753 33.87 16.41 -38.83
C GLN C 753 32.80 17.17 -38.08
N VAL C 754 31.62 17.31 -38.68
CA VAL C 754 30.54 18.05 -38.05
C VAL C 754 29.93 17.31 -36.88
N VAL C 755 29.92 17.98 -35.74
CA VAL C 755 29.40 17.42 -34.49
C VAL C 755 27.97 17.84 -34.20
N SER C 756 27.61 19.06 -34.57
CA SER C 756 26.27 19.57 -34.35
C SER C 756 26.07 20.94 -34.97
N GLU C 757 24.84 21.20 -35.39
CA GLU C 757 24.48 22.46 -36.00
C GLU C 757 23.09 22.83 -35.53
N GLU C 758 22.98 23.95 -34.83
CA GLU C 758 21.71 24.39 -34.33
C GLU C 758 21.34 25.75 -34.85
N GLN C 759 20.17 26.22 -34.43
CA GLN C 759 19.68 27.52 -34.86
C GLN C 759 19.19 28.26 -33.65
N ARG C 760 19.37 29.57 -33.67
CA ARG C 760 18.93 30.42 -32.59
C ARG C 760 17.45 30.73 -32.84
N PRO C 761 16.56 30.26 -31.95
CA PRO C 761 15.11 30.45 -32.04
C PRO C 761 14.62 31.45 -33.07
N GLY C 762 14.64 32.73 -32.73
CA GLY C 762 14.15 33.73 -33.67
C GLY C 762 14.94 33.89 -34.94
N THR C 763 16.14 34.44 -34.81
CA THR C 763 17.03 34.70 -35.92
C THR C 763 17.37 33.54 -36.86
N PRO C 764 17.98 33.84 -38.02
CA PRO C 764 18.39 32.82 -38.99
C PRO C 764 19.88 32.52 -38.76
N LEU C 765 20.32 32.72 -37.53
CA LEU C 765 21.70 32.52 -37.15
C LEU C 765 22.02 31.10 -36.71
N PHE C 766 22.70 30.37 -37.59
CA PHE C 766 23.09 29.02 -37.28
C PHE C 766 24.41 28.99 -36.54
N THR C 767 24.58 27.97 -35.73
CA THR C 767 25.80 27.79 -34.97
C THR C 767 26.30 26.37 -35.17
N VAL C 768 27.29 26.24 -36.05
CA VAL C 768 27.91 24.97 -36.40
C VAL C 768 29.11 24.62 -35.52
N LYS C 769 29.12 23.39 -35.00
CA LYS C 769 30.21 22.90 -34.17
C LYS C 769 30.85 21.70 -34.87
N ALA C 770 32.19 21.66 -34.93
CA ALA C 770 32.88 20.56 -35.61
C ALA C 770 34.30 20.26 -35.09
N TYR C 771 34.85 19.13 -35.53
CA TYR C 771 36.20 18.72 -35.15
C TYR C 771 37.17 19.05 -36.27
N LEU C 772 38.18 19.83 -35.98
CA LEU C 772 39.14 20.20 -36.99
C LEU C 772 40.55 19.80 -36.57
N PRO C 773 41.19 18.92 -37.36
CA PRO C 773 42.54 18.42 -37.10
C PRO C 773 43.54 19.55 -37.04
N VAL C 774 44.11 19.81 -35.87
CA VAL C 774 45.08 20.88 -35.72
C VAL C 774 46.08 20.98 -36.88
N ASN C 775 46.61 19.87 -37.35
CA ASN C 775 47.57 19.93 -38.45
C ASN C 775 46.89 20.21 -39.79
N GLU C 776 45.60 20.58 -39.73
CA GLU C 776 44.82 20.92 -40.92
C GLU C 776 44.19 22.30 -40.73
N SER C 777 44.46 22.92 -39.58
CA SER C 777 43.91 24.23 -39.25
C SER C 777 44.80 25.42 -39.57
N PHE C 778 45.81 25.23 -40.42
CA PHE C 778 46.71 26.32 -40.75
C PHE C 778 46.13 27.26 -41.82
N GLY C 779 45.88 28.48 -41.41
CA GLY C 779 45.30 29.47 -42.31
C GLY C 779 43.81 29.21 -42.46
N PHE C 780 43.24 28.43 -41.55
CA PHE C 780 41.81 28.09 -41.59
C PHE C 780 40.97 29.37 -41.67
N THR C 781 41.11 30.23 -40.66
CA THR C 781 40.36 31.47 -40.62
C THR C 781 40.49 32.22 -41.94
N GLY C 782 41.68 32.23 -42.51
CA GLY C 782 41.87 32.91 -43.77
C GLY C 782 40.96 32.33 -44.84
N GLU C 783 40.88 31.00 -44.88
CA GLU C 783 40.05 30.31 -45.85
C GLU C 783 38.56 30.34 -45.56
N LEU C 784 38.21 30.43 -44.29
CA LEU C 784 36.81 30.50 -43.89
C LEU C 784 36.28 31.88 -44.25
N ARG C 785 37.19 32.85 -44.30
CA ARG C 785 36.85 34.22 -44.65
C ARG C 785 36.22 34.26 -46.04
N GLN C 786 37.02 34.00 -47.08
CA GLN C 786 36.52 34.00 -48.43
C GLN C 786 35.26 33.13 -48.59
N ALA C 787 35.31 31.91 -48.08
CA ALA C 787 34.18 31.00 -48.17
C ALA C 787 32.83 31.59 -47.78
N THR C 788 32.66 31.94 -46.51
CA THR C 788 31.38 32.49 -46.03
C THR C 788 31.26 34.01 -46.11
N GLY C 789 31.79 34.60 -47.17
CA GLY C 789 31.68 36.05 -47.32
C GLY C 789 32.02 36.86 -46.09
N GLY C 790 32.84 36.29 -45.21
CA GLY C 790 33.24 37.00 -44.00
C GLY C 790 32.19 37.11 -42.92
N GLN C 791 31.07 36.40 -43.10
CA GLN C 791 29.97 36.45 -42.15
C GLN C 791 30.13 35.48 -40.98
N ALA C 792 30.92 34.42 -41.19
CA ALA C 792 31.17 33.40 -40.16
C ALA C 792 32.15 33.87 -39.07
N PHE C 793 31.78 33.63 -37.82
CA PHE C 793 32.58 34.01 -36.65
C PHE C 793 33.17 32.75 -35.99
N PRO C 794 34.41 32.35 -36.39
CA PRO C 794 35.14 31.18 -35.89
C PRO C 794 35.51 31.23 -34.42
N GLN C 795 35.63 30.06 -33.82
CA GLN C 795 35.98 29.96 -32.41
C GLN C 795 36.40 28.51 -32.21
N MET C 796 37.65 28.28 -31.84
CA MET C 796 38.11 26.91 -31.64
C MET C 796 38.99 26.73 -30.43
N VAL C 797 38.97 25.51 -29.89
CA VAL C 797 39.75 25.17 -28.69
C VAL C 797 40.24 23.74 -28.84
N PHE C 798 41.35 23.39 -28.18
CA PHE C 798 41.82 22.00 -28.28
C PHE C 798 40.79 21.06 -27.66
N ASP C 799 40.49 19.97 -28.35
CA ASP C 799 39.52 19.02 -27.82
C ASP C 799 40.04 17.61 -27.48
N HIS C 800 40.58 16.89 -28.46
CA HIS C 800 41.04 15.54 -28.19
C HIS C 800 42.11 15.06 -29.16
N TRP C 801 42.58 13.83 -28.94
CA TRP C 801 43.60 13.19 -29.77
C TRP C 801 42.99 12.09 -30.64
N SER C 802 43.41 12.00 -31.90
CA SER C 802 42.89 10.99 -32.80
C SER C 802 44.02 10.09 -33.27
N THR C 803 43.78 8.79 -33.19
CA THR C 803 44.75 7.78 -33.57
C THR C 803 44.73 7.52 -35.07
N LEU C 804 45.83 7.85 -35.75
CA LEU C 804 45.91 7.62 -37.18
C LEU C 804 45.86 6.12 -37.40
N GLY C 805 45.11 5.70 -38.43
CA GLY C 805 45.00 4.29 -38.76
C GLY C 805 46.26 3.78 -39.45
N SER C 806 46.86 4.61 -40.29
CA SER C 806 48.08 4.26 -41.00
C SER C 806 49.21 3.88 -40.06
N ASP C 807 50.08 3.00 -40.53
CA ASP C 807 51.23 2.51 -39.75
C ASP C 807 52.42 3.48 -39.74
N PRO C 808 52.87 3.90 -38.55
CA PRO C 808 54.00 4.82 -38.45
C PRO C 808 55.34 4.20 -38.87
N LEU C 809 55.36 2.91 -39.11
CA LEU C 809 56.59 2.23 -39.49
C LEU C 809 56.78 2.19 -40.99
N ASP C 810 55.69 2.41 -41.72
CA ASP C 810 55.72 2.41 -43.18
C ASP C 810 55.93 3.82 -43.72
N PRO C 811 57.17 4.14 -44.11
CA PRO C 811 57.47 5.47 -44.64
C PRO C 811 56.39 6.02 -45.59
N THR C 812 56.06 5.21 -46.60
CA THR C 812 55.08 5.62 -47.59
C THR C 812 53.71 5.95 -47.01
N SER C 813 53.32 5.30 -45.92
CA SER C 813 52.00 5.56 -45.33
C SER C 813 51.87 6.99 -44.87
N LYS C 814 50.66 7.35 -44.46
CA LYS C 814 50.37 8.70 -44.01
C LYS C 814 51.08 9.10 -42.72
N ALA C 815 51.05 8.21 -41.73
CA ALA C 815 51.71 8.50 -40.46
C ALA C 815 53.23 8.30 -40.61
N GLY C 816 53.61 7.31 -41.40
CA GLY C 816 55.03 7.05 -41.61
C GLY C 816 55.66 8.27 -42.24
N GLU C 817 54.88 8.94 -43.09
CA GLU C 817 55.36 10.14 -43.74
C GLU C 817 55.75 11.16 -42.67
N ILE C 818 54.86 11.38 -41.71
CA ILE C 818 55.08 12.33 -40.61
C ILE C 818 56.30 11.96 -39.79
N VAL C 819 56.38 10.68 -39.43
CA VAL C 819 57.47 10.15 -38.62
C VAL C 819 58.81 10.31 -39.32
N LEU C 820 58.80 9.97 -40.59
CA LEU C 820 59.98 10.05 -41.42
C LEU C 820 60.50 11.49 -41.50
N ALA C 821 59.59 12.44 -41.69
CA ALA C 821 59.94 13.86 -41.80
C ALA C 821 60.46 14.46 -40.50
N ALA C 822 59.85 14.06 -39.39
CA ALA C 822 60.29 14.57 -38.10
C ALA C 822 61.65 13.95 -37.79
N ARG C 823 61.74 12.64 -37.98
CA ARG C 823 62.99 11.94 -37.71
C ARG C 823 64.12 12.66 -38.43
N LYS C 824 63.85 13.01 -39.67
CA LYS C 824 64.84 13.68 -40.49
C LYS C 824 65.17 15.01 -39.87
N ARG C 825 64.13 15.78 -39.64
CA ARG C 825 64.24 17.09 -39.03
C ARG C 825 65.13 17.03 -37.78
N HIS C 826 64.93 16.01 -36.96
CA HIS C 826 65.70 15.85 -35.73
C HIS C 826 67.09 15.31 -35.99
N GLY C 827 67.36 14.90 -37.22
CA GLY C 827 68.65 14.37 -37.57
C GLY C 827 68.89 13.00 -36.97
N MET C 828 67.82 12.19 -36.88
CA MET C 828 67.92 10.84 -36.33
C MET C 828 68.03 9.87 -37.51
N LYS C 829 68.36 8.62 -37.24
CA LYS C 829 68.46 7.64 -38.32
C LYS C 829 67.07 7.60 -38.95
N GLU C 830 67.01 7.84 -40.25
CA GLU C 830 65.72 7.89 -40.96
C GLU C 830 64.76 6.73 -40.76
N GLU C 831 65.26 5.56 -40.37
CA GLU C 831 64.38 4.40 -40.16
C GLU C 831 64.12 4.16 -38.66
N VAL C 832 62.90 3.73 -38.33
CA VAL C 832 62.56 3.47 -36.92
C VAL C 832 63.20 2.17 -36.46
N PRO C 833 63.94 2.21 -35.36
CA PRO C 833 64.62 1.04 -34.80
C PRO C 833 63.66 -0.12 -34.51
N GLY C 834 64.06 -1.32 -34.91
CA GLY C 834 63.21 -2.48 -34.65
C GLY C 834 63.18 -2.75 -33.17
N TRP C 835 62.27 -3.58 -32.71
CA TRP C 835 62.22 -3.88 -31.29
C TRP C 835 63.50 -4.62 -30.91
N GLN C 836 64.06 -5.35 -31.87
CA GLN C 836 65.29 -6.10 -31.65
C GLN C 836 66.38 -5.22 -31.07
N GLU C 837 66.41 -3.96 -31.47
CA GLU C 837 67.43 -3.05 -30.97
C GLU C 837 67.40 -2.87 -29.46
N TYR C 838 66.21 -2.91 -28.88
CA TYR C 838 66.10 -2.68 -27.45
C TYR C 838 65.95 -3.96 -26.68
N TYR C 839 65.68 -5.07 -27.38
CA TYR C 839 65.53 -6.39 -26.75
C TYR C 839 66.94 -6.82 -26.35
N ASP C 840 67.08 -7.88 -25.57
CA ASP C 840 68.41 -8.36 -25.18
C ASP C 840 69.11 -8.78 -26.47
N LYS C 841 70.42 -8.53 -26.62
CA LYS C 841 71.09 -8.94 -27.85
C LYS C 841 71.50 -10.40 -27.78
N LEU C 842 70.49 -11.25 -27.85
CA LEU C 842 70.61 -12.69 -27.79
C LEU C 842 70.19 -13.22 -29.13
N GLU D 1 101.12 17.36 -28.75
CA GLU D 1 99.71 17.10 -29.19
C GLU D 1 99.67 15.89 -30.12
N PHE D 2 98.77 14.96 -29.82
CA PHE D 2 98.64 13.73 -30.59
C PHE D 2 97.25 13.54 -31.16
N LEU D 3 96.53 14.63 -31.35
CA LEU D 3 95.18 14.50 -31.84
C LEU D 3 94.98 14.76 -33.30
N GLY D 4 96.05 14.87 -34.07
CA GLY D 4 95.90 15.15 -35.49
C GLY D 4 95.51 16.61 -35.56
N ASP D 5 95.24 17.16 -36.73
CA ASP D 5 94.88 18.57 -36.74
C ASP D 5 93.47 18.85 -37.25
N GLY D 6 92.92 19.98 -36.80
CA GLY D 6 91.59 20.38 -37.22
C GLY D 6 90.58 20.80 -36.16
N GLY D 7 90.75 21.99 -35.59
CA GLY D 7 89.78 22.45 -34.62
C GLY D 7 89.64 21.64 -33.36
N ASP D 8 89.35 22.34 -32.26
CA ASP D 8 89.23 21.73 -30.95
C ASP D 8 88.36 20.49 -30.84
N VAL D 9 88.86 19.50 -30.10
CA VAL D 9 88.12 18.26 -29.91
C VAL D 9 87.44 18.29 -28.57
N SER D 10 86.19 17.81 -28.51
CA SER D 10 85.46 17.82 -27.25
C SER D 10 84.44 16.73 -27.24
N PHE D 11 84.11 16.27 -26.04
CA PHE D 11 83.12 15.21 -25.87
C PHE D 11 81.70 15.71 -25.58
N SER D 12 80.75 15.15 -26.30
CA SER D 12 79.37 15.55 -26.14
C SER D 12 78.41 14.38 -26.18
N THR D 13 77.29 14.55 -25.49
CA THR D 13 76.26 13.53 -25.47
C THR D 13 75.79 13.33 -26.91
N ARG D 14 75.96 14.37 -27.71
CA ARG D 14 75.56 14.39 -29.10
C ARG D 14 76.63 13.77 -29.99
N GLY D 15 77.77 13.43 -29.38
CA GLY D 15 78.85 12.84 -30.15
C GLY D 15 80.16 13.59 -29.97
N THR D 16 81.30 12.98 -30.34
CA THR D 16 82.60 13.66 -30.19
C THR D 16 82.74 14.67 -31.30
N GLN D 17 83.03 15.90 -30.90
CA GLN D 17 83.14 17.00 -31.85
C GLN D 17 84.47 17.06 -32.56
N ASN D 18 84.42 17.36 -33.86
CA ASN D 18 85.65 17.49 -34.62
C ASN D 18 86.52 16.26 -34.44
N TRP D 19 86.13 15.16 -35.04
CA TRP D 19 86.90 13.96 -34.89
C TRP D 19 86.40 12.98 -35.89
N THR D 20 86.79 13.18 -37.13
CA THR D 20 86.41 12.28 -38.20
C THR D 20 87.27 11.02 -38.20
N VAL D 21 86.99 10.09 -39.11
CA VAL D 21 87.79 8.88 -39.19
C VAL D 21 89.10 9.31 -39.81
N GLU D 22 88.97 10.14 -40.83
CA GLU D 22 90.13 10.65 -41.52
C GLU D 22 91.08 11.30 -40.53
N ARG D 23 90.56 11.91 -39.48
CA ARG D 23 91.47 12.52 -38.53
C ARG D 23 92.10 11.47 -37.64
N LEU D 24 91.34 10.44 -37.32
CA LEU D 24 91.82 9.34 -36.47
C LEU D 24 93.01 8.71 -37.18
N LEU D 25 92.81 8.40 -38.46
CA LEU D 25 93.87 7.80 -39.24
C LEU D 25 95.13 8.63 -39.22
N GLN D 26 94.97 9.95 -39.24
CA GLN D 26 96.12 10.81 -39.19
C GLN D 26 96.79 10.79 -37.82
N ALA D 27 95.98 10.83 -36.78
CA ALA D 27 96.56 10.87 -35.45
C ALA D 27 97.20 9.54 -35.12
N HIS D 28 96.68 8.49 -35.73
CA HIS D 28 97.20 7.14 -35.50
C HIS D 28 98.62 7.05 -36.00
N ARG D 29 98.79 7.28 -37.31
CA ARG D 29 100.10 7.25 -37.93
C ARG D 29 101.09 7.97 -37.05
N GLN D 30 100.87 9.27 -36.89
CA GLN D 30 101.77 10.09 -36.13
C GLN D 30 102.17 9.50 -34.78
N LEU D 31 101.35 8.63 -34.22
CA LEU D 31 101.70 8.08 -32.93
C LEU D 31 102.63 6.89 -33.16
N GLU D 32 102.48 6.28 -34.32
CA GLU D 32 103.31 5.14 -34.66
C GLU D 32 104.65 5.68 -35.07
N GLU D 33 104.64 6.76 -35.82
CA GLU D 33 105.87 7.35 -36.26
C GLU D 33 106.67 7.84 -35.07
N ARG D 34 105.97 8.11 -33.97
CA ARG D 34 106.64 8.57 -32.78
C ARG D 34 106.99 7.40 -31.92
N GLY D 35 106.64 6.21 -32.36
CA GLY D 35 106.98 5.01 -31.61
C GLY D 35 105.99 4.59 -30.54
N TYR D 36 104.69 4.72 -30.82
CA TYR D 36 103.66 4.32 -29.88
C TYR D 36 102.82 3.23 -30.53
N VAL D 37 102.24 2.38 -29.72
CA VAL D 37 101.44 1.30 -30.24
C VAL D 37 100.11 1.29 -29.47
N PHE D 38 99.03 1.02 -30.21
CA PHE D 38 97.70 0.96 -29.66
C PHE D 38 97.55 -0.34 -28.87
N VAL D 39 97.00 -0.29 -27.66
CA VAL D 39 96.83 -1.51 -26.85
C VAL D 39 95.39 -1.87 -26.57
N GLY D 40 94.50 -0.91 -26.80
CA GLY D 40 93.09 -1.16 -26.56
C GLY D 40 92.20 0.06 -26.44
N TYR D 41 90.95 -0.25 -26.12
CA TYR D 41 89.86 0.72 -25.93
C TYR D 41 89.53 0.82 -24.44
N HIS D 42 88.99 1.98 -24.07
CA HIS D 42 88.56 2.25 -22.72
C HIS D 42 87.31 3.11 -22.83
N GLY D 43 86.21 2.65 -22.24
CA GLY D 43 84.94 3.37 -22.29
C GLY D 43 84.66 4.07 -20.98
N THR D 44 84.22 5.32 -21.05
CA THR D 44 83.97 6.02 -19.82
C THR D 44 82.95 7.11 -20.06
N PHE D 45 82.76 7.99 -19.08
CA PHE D 45 81.80 9.07 -19.22
C PHE D 45 82.40 10.39 -19.66
N LEU D 46 81.61 11.14 -20.42
CA LEU D 46 82.00 12.43 -20.98
C LEU D 46 83.05 13.18 -20.20
N GLU D 47 82.75 13.56 -18.97
CA GLU D 47 83.76 14.29 -18.22
C GLU D 47 85.08 13.53 -18.11
N ALA D 48 85.02 12.26 -17.71
CA ALA D 48 86.22 11.44 -17.58
C ALA D 48 87.01 11.49 -18.89
N ALA D 49 86.39 11.04 -19.97
CA ALA D 49 87.01 11.05 -21.28
C ALA D 49 87.85 12.31 -21.37
N GLN D 50 87.18 13.45 -21.54
CA GLN D 50 87.84 14.75 -21.62
C GLN D 50 89.10 14.78 -20.74
N SER D 51 88.92 14.68 -19.43
CA SER D 51 90.05 14.66 -18.51
C SER D 51 91.23 13.84 -19.10
N ILE D 52 90.98 12.55 -19.32
CA ILE D 52 91.98 11.61 -19.88
C ILE D 52 92.66 12.17 -21.15
N VAL D 53 91.89 12.53 -22.17
CA VAL D 53 92.49 13.03 -23.39
C VAL D 53 93.17 14.39 -23.27
N PHE D 54 93.00 15.07 -22.13
CA PHE D 54 93.63 16.36 -21.94
C PHE D 54 94.08 16.38 -20.49
N GLY D 55 95.29 15.89 -20.21
CA GLY D 55 95.73 15.86 -18.83
C GLY D 55 96.11 14.43 -18.59
N GLY D 56 95.63 13.57 -19.47
CA GLY D 56 95.95 12.15 -19.42
C GLY D 56 95.57 11.26 -18.26
N VAL D 57 95.48 9.98 -18.57
CA VAL D 57 95.14 8.98 -17.59
C VAL D 57 95.98 9.20 -16.37
N ARG D 58 95.37 9.15 -15.19
CA ARG D 58 96.13 9.34 -13.95
C ARG D 58 95.51 8.62 -12.76
N ALA D 59 96.27 7.79 -12.08
CA ALA D 59 95.73 7.13 -10.91
C ALA D 59 95.52 8.28 -9.93
N ARG D 60 94.65 8.12 -8.95
CA ARG D 60 94.42 9.19 -7.97
C ARG D 60 93.83 8.60 -6.70
N SER D 61 94.64 8.51 -5.65
CA SER D 61 94.12 7.96 -4.40
C SER D 61 93.49 6.60 -4.64
N GLN D 62 94.36 5.62 -4.79
CA GLN D 62 93.95 4.26 -5.00
C GLN D 62 94.02 3.60 -3.64
N ASP D 63 93.35 2.47 -3.52
CA ASP D 63 93.38 1.73 -2.28
C ASP D 63 94.70 0.96 -2.37
N LEU D 64 95.70 1.42 -1.65
CA LEU D 64 96.99 0.77 -1.71
C LEU D 64 97.02 -0.66 -1.22
N ASP D 65 95.88 -1.21 -0.83
CA ASP D 65 95.85 -2.59 -0.39
C ASP D 65 95.27 -3.45 -1.49
N ALA D 66 94.68 -2.79 -2.48
CA ALA D 66 94.07 -3.46 -3.62
C ALA D 66 95.13 -3.94 -4.57
N ILE D 67 95.26 -5.25 -4.76
CA ILE D 67 96.29 -5.74 -5.64
C ILE D 67 95.99 -5.73 -7.14
N TRP D 68 94.74 -5.63 -7.55
CA TRP D 68 94.49 -5.57 -8.99
C TRP D 68 94.14 -4.14 -9.43
N ARG D 69 94.69 -3.15 -8.76
CA ARG D 69 94.39 -1.77 -9.13
C ARG D 69 95.14 -1.46 -10.40
N GLY D 70 94.54 -0.64 -11.25
CA GLY D 70 95.21 -0.33 -12.49
C GLY D 70 94.19 0.22 -13.45
N PHE D 71 94.61 0.47 -14.69
CA PHE D 71 93.75 1.03 -15.71
C PHE D 71 93.24 -0.09 -16.58
N TYR D 72 91.96 -0.38 -16.47
CA TYR D 72 91.39 -1.45 -17.27
C TYR D 72 90.98 -1.00 -18.67
N ILE D 73 91.42 -1.75 -19.68
CA ILE D 73 91.06 -1.46 -21.07
C ILE D 73 90.76 -2.78 -21.79
N ALA D 74 90.36 -2.71 -23.06
CA ALA D 74 90.06 -3.93 -23.78
C ALA D 74 90.28 -3.82 -25.26
N GLY D 75 90.82 -4.87 -25.84
CA GLY D 75 91.05 -4.88 -27.27
C GLY D 75 89.73 -4.82 -28.00
N ASP D 76 88.69 -5.48 -27.48
CA ASP D 76 87.39 -5.42 -28.14
C ASP D 76 86.64 -4.14 -27.77
N PRO D 77 86.31 -3.32 -28.77
CA PRO D 77 85.61 -2.11 -28.37
C PRO D 77 84.31 -2.47 -27.67
N ALA D 78 83.58 -3.42 -28.23
CA ALA D 78 82.30 -3.85 -27.65
C ALA D 78 82.43 -4.05 -26.15
N LEU D 79 83.45 -4.76 -25.72
CA LEU D 79 83.60 -4.95 -24.27
C LEU D 79 83.77 -3.61 -23.55
N ALA D 80 84.58 -2.71 -24.10
CA ALA D 80 84.81 -1.41 -23.48
C ALA D 80 83.55 -0.53 -23.61
N TYR D 81 82.82 -0.73 -24.69
CA TYR D 81 81.61 0.05 -24.94
C TYR D 81 80.63 0.07 -23.77
N GLY D 82 80.42 -1.08 -23.17
CA GLY D 82 79.51 -1.16 -22.05
C GLY D 82 79.80 -0.22 -20.90
N TYR D 83 80.93 0.46 -20.88
CA TYR D 83 81.21 1.35 -19.76
C TYR D 83 81.19 2.80 -20.22
N ALA D 84 80.87 3.03 -21.48
CA ALA D 84 80.87 4.39 -21.99
C ALA D 84 79.57 5.12 -21.69
N GLN D 85 79.24 5.26 -20.41
CA GLN D 85 78.01 5.92 -19.98
C GLN D 85 78.08 6.27 -18.51
N ASP D 86 77.22 7.19 -18.07
CA ASP D 86 77.20 7.59 -16.67
C ASP D 86 76.74 6.37 -15.92
N GLN D 87 77.30 6.14 -14.75
CA GLN D 87 76.89 4.99 -13.99
C GLN D 87 76.10 5.42 -12.78
N GLU D 88 75.33 6.46 -13.01
CA GLU D 88 74.48 7.04 -12.00
C GLU D 88 73.74 8.20 -12.63
N PRO D 89 72.43 8.27 -12.41
CA PRO D 89 71.55 9.31 -12.94
C PRO D 89 71.88 10.73 -12.57
N ASP D 90 71.21 11.63 -13.26
CA ASP D 90 71.32 13.05 -13.04
C ASP D 90 70.11 13.44 -12.19
N ALA D 91 70.05 14.69 -11.74
CA ALA D 91 68.93 15.16 -10.91
C ALA D 91 67.59 14.81 -11.56
N ARG D 92 67.57 14.77 -12.89
CA ARG D 92 66.35 14.45 -13.62
C ARG D 92 66.37 13.00 -14.20
N GLY D 93 66.62 12.02 -13.35
CA GLY D 93 66.64 10.61 -13.72
C GLY D 93 67.28 10.16 -15.01
N ARG D 94 67.93 11.04 -15.75
CA ARG D 94 68.54 10.62 -17.00
C ARG D 94 69.98 10.12 -16.82
N ILE D 95 70.35 9.18 -17.67
CA ILE D 95 71.69 8.58 -17.71
C ILE D 95 72.22 8.68 -19.14
N ARG D 96 73.09 9.65 -19.39
CA ARG D 96 73.61 9.84 -20.74
C ARG D 96 74.78 8.97 -21.14
N ASN D 97 74.99 8.88 -22.45
CA ASN D 97 76.04 8.10 -23.04
C ASN D 97 77.40 8.72 -22.72
N GLY D 98 78.45 7.97 -23.03
CA GLY D 98 79.79 8.43 -22.73
C GLY D 98 80.58 8.36 -24.00
N ALA D 99 81.86 8.03 -23.90
CA ALA D 99 82.68 7.95 -25.11
C ALA D 99 83.61 6.78 -25.10
N LEU D 100 84.11 6.44 -26.29
CA LEU D 100 85.08 5.37 -26.47
C LEU D 100 86.52 5.88 -26.70
N LEU D 101 87.41 5.56 -25.79
CA LEU D 101 88.77 6.01 -25.92
C LEU D 101 89.70 4.92 -26.46
N ARG D 102 90.68 5.33 -27.28
CA ARG D 102 91.70 4.42 -27.86
C ARG D 102 92.98 4.61 -27.05
N VAL D 103 93.48 3.55 -26.44
CA VAL D 103 94.70 3.67 -25.65
C VAL D 103 96.01 3.27 -26.33
N TYR D 104 96.96 4.21 -26.31
CA TYR D 104 98.29 4.00 -26.87
C TYR D 104 99.37 4.03 -25.81
N VAL D 105 100.35 3.14 -25.90
CA VAL D 105 101.47 3.21 -24.95
C VAL D 105 102.77 3.33 -25.74
N PRO D 106 103.89 3.66 -25.07
CA PRO D 106 105.17 3.78 -25.75
C PRO D 106 105.50 2.36 -26.08
N ARG D 107 105.90 2.16 -27.33
CA ARG D 107 106.24 0.85 -27.83
C ARG D 107 107.31 0.25 -26.92
N SER D 108 108.14 1.12 -26.40
CA SER D 108 109.20 0.69 -25.51
C SER D 108 108.74 -0.01 -24.26
N SER D 109 107.44 -0.22 -24.07
CA SER D 109 106.98 -0.88 -22.85
C SER D 109 106.35 -2.24 -23.13
N LEU D 110 106.26 -2.58 -24.40
CA LEU D 110 105.70 -3.87 -24.81
C LEU D 110 106.32 -5.04 -24.02
N PRO D 111 107.60 -4.93 -23.65
CA PRO D 111 108.27 -5.97 -22.90
C PRO D 111 107.50 -6.29 -21.63
N GLY D 112 106.74 -5.32 -21.15
CA GLY D 112 106.01 -5.55 -19.91
C GLY D 112 104.59 -6.08 -20.05
N PHE D 113 104.16 -6.30 -21.29
CA PHE D 113 102.82 -6.80 -21.52
C PHE D 113 102.78 -8.31 -21.57
N TYR D 114 101.93 -8.92 -20.74
CA TYR D 114 101.81 -10.38 -20.75
C TYR D 114 100.38 -10.79 -20.90
N ARG D 115 100.15 -12.09 -21.03
CA ARG D 115 98.81 -12.65 -21.18
C ARG D 115 98.71 -14.00 -20.50
N THR D 116 97.47 -14.46 -20.30
CA THR D 116 97.18 -15.72 -19.63
C THR D 116 95.79 -16.15 -20.01
N SER D 117 95.47 -17.43 -19.79
CA SER D 117 94.15 -17.97 -20.10
C SER D 117 93.27 -18.01 -18.86
N LEU D 118 93.87 -17.81 -17.71
CA LEU D 118 93.09 -17.82 -16.51
C LEU D 118 92.19 -16.62 -16.44
N THR D 119 90.97 -16.80 -15.97
CA THR D 119 90.13 -15.63 -15.83
C THR D 119 90.88 -14.87 -14.76
N LEU D 120 90.84 -13.55 -14.81
CA LEU D 120 91.54 -12.77 -13.81
C LEU D 120 90.85 -12.84 -12.46
N ALA D 121 89.67 -13.47 -12.43
CA ALA D 121 88.89 -13.61 -11.20
C ALA D 121 89.22 -14.90 -10.46
N ALA D 122 89.84 -15.84 -11.16
CA ALA D 122 90.22 -17.13 -10.60
C ALA D 122 91.18 -16.95 -9.43
N PRO D 123 90.95 -17.70 -8.34
CA PRO D 123 91.87 -17.53 -7.22
C PRO D 123 93.31 -17.77 -7.70
N GLU D 124 93.54 -18.93 -8.31
CA GLU D 124 94.86 -19.28 -8.81
C GLU D 124 95.57 -18.16 -9.57
N ALA D 125 94.78 -17.27 -10.18
CA ALA D 125 95.27 -16.15 -10.99
C ALA D 125 96.41 -15.33 -10.44
N ALA D 126 96.13 -14.57 -9.39
CA ALA D 126 97.13 -13.71 -8.77
C ALA D 126 98.55 -14.24 -8.98
N GLY D 127 98.84 -15.40 -8.37
CA GLY D 127 100.16 -16.01 -8.46
C GLY D 127 100.71 -16.20 -9.85
N GLU D 128 99.90 -16.74 -10.74
CA GLU D 128 100.34 -16.95 -12.12
C GLU D 128 100.70 -15.63 -12.78
N VAL D 129 99.94 -14.59 -12.48
CA VAL D 129 100.18 -13.28 -13.04
C VAL D 129 101.52 -12.84 -12.52
N GLU D 130 101.67 -12.91 -11.20
CA GLU D 130 102.90 -12.52 -10.54
C GLU D 130 104.07 -13.32 -11.08
N ARG D 131 103.85 -14.58 -11.44
CA ARG D 131 104.94 -15.37 -12.01
C ARG D 131 105.33 -14.72 -13.33
N LEU D 132 104.34 -14.36 -14.13
CA LEU D 132 104.59 -13.71 -15.40
C LEU D 132 105.21 -12.32 -15.29
N ILE D 133 104.61 -11.44 -14.49
CA ILE D 133 105.11 -10.07 -14.37
C ILE D 133 106.51 -9.99 -13.77
N GLY D 134 106.86 -11.00 -12.98
CA GLY D 134 108.18 -11.02 -12.38
C GLY D 134 108.26 -10.40 -10.99
N HIS D 135 107.12 -10.21 -10.33
CA HIS D 135 107.10 -9.64 -8.99
C HIS D 135 105.68 -9.73 -8.45
N PRO D 136 105.49 -9.52 -7.14
CA PRO D 136 104.14 -9.60 -6.55
C PRO D 136 103.23 -8.46 -6.99
N LEU D 137 101.94 -8.73 -7.11
CA LEU D 137 101.02 -7.66 -7.47
C LEU D 137 101.20 -6.49 -6.49
N PRO D 138 100.72 -5.29 -6.82
CA PRO D 138 99.98 -4.88 -8.02
C PRO D 138 100.90 -4.77 -9.24
N LEU D 139 100.30 -4.65 -10.41
CA LEU D 139 101.07 -4.51 -11.64
C LEU D 139 101.63 -3.12 -11.55
N ARG D 140 102.82 -2.91 -12.13
CA ARG D 140 103.44 -1.58 -12.10
C ARG D 140 103.73 -1.12 -13.52
N LEU D 141 104.96 -1.33 -13.98
CA LEU D 141 105.34 -0.95 -15.34
C LEU D 141 105.20 -2.14 -16.25
N ASP D 142 104.03 -2.75 -16.18
CA ASP D 142 103.73 -3.94 -16.95
C ASP D 142 102.22 -4.05 -16.94
N ALA D 143 101.70 -4.98 -17.72
CA ALA D 143 100.28 -5.16 -17.83
C ALA D 143 100.03 -6.60 -18.11
N ILE D 144 98.78 -7.03 -17.92
CA ILE D 144 98.38 -8.40 -18.18
C ILE D 144 97.07 -8.43 -18.91
N THR D 145 96.85 -9.51 -19.66
CA THR D 145 95.62 -9.69 -20.43
C THR D 145 95.04 -11.09 -20.25
N GLY D 146 93.76 -11.12 -19.89
CA GLY D 146 93.08 -12.39 -19.68
C GLY D 146 91.58 -12.21 -19.72
N PRO D 147 90.81 -13.29 -19.87
CA PRO D 147 89.34 -13.29 -19.91
C PRO D 147 88.72 -12.49 -18.78
N GLU D 148 87.75 -11.62 -19.10
CA GLU D 148 87.10 -10.82 -18.07
C GLU D 148 86.59 -11.76 -16.98
N GLU D 149 86.09 -12.91 -17.43
CA GLU D 149 85.58 -13.98 -16.59
C GLU D 149 85.45 -15.20 -17.47
N GLU D 150 85.31 -16.39 -16.87
CA GLU D 150 85.21 -17.64 -17.62
C GLU D 150 84.40 -17.50 -18.89
N GLY D 151 85.06 -17.71 -20.03
CA GLY D 151 84.39 -17.63 -21.31
C GLY D 151 84.12 -16.22 -21.82
N GLY D 152 84.43 -15.22 -21.00
CA GLY D 152 84.19 -13.83 -21.39
C GLY D 152 85.25 -13.29 -22.34
N ARG D 153 85.01 -12.09 -22.87
CA ARG D 153 85.95 -11.50 -23.79
C ARG D 153 87.18 -11.15 -22.93
N LEU D 154 88.23 -10.64 -23.55
CA LEU D 154 89.45 -10.33 -22.80
C LEU D 154 89.55 -8.89 -22.34
N GLU D 155 90.20 -8.69 -21.20
CA GLU D 155 90.40 -7.36 -20.67
C GLU D 155 91.85 -7.15 -20.28
N THR D 156 92.43 -6.02 -20.68
CA THR D 156 93.81 -5.75 -20.33
C THR D 156 93.87 -4.82 -19.13
N ILE D 157 94.77 -5.12 -18.21
CA ILE D 157 94.90 -4.27 -17.02
C ILE D 157 96.26 -3.60 -16.96
N LEU D 158 96.36 -2.38 -17.45
CA LEU D 158 97.64 -1.69 -17.37
C LEU D 158 97.83 -1.25 -15.92
N GLY D 159 99.00 -1.52 -15.35
CA GLY D 159 99.31 -1.12 -13.99
C GLY D 159 99.40 0.39 -14.00
N TRP D 160 99.20 1.02 -12.86
CA TRP D 160 99.20 2.48 -12.85
C TRP D 160 100.43 3.17 -13.39
N PRO D 161 101.63 2.76 -12.95
CA PRO D 161 102.83 3.42 -13.44
C PRO D 161 102.83 3.43 -14.95
N LEU D 162 102.42 2.30 -15.53
CA LEU D 162 102.40 2.14 -16.99
C LEU D 162 101.29 2.96 -17.59
N ALA D 163 100.17 3.00 -16.88
CA ALA D 163 98.97 3.73 -17.29
C ALA D 163 99.21 5.20 -17.53
N GLU D 164 100.02 5.80 -16.65
CA GLU D 164 100.32 7.20 -16.73
C GLU D 164 101.28 7.48 -17.86
N ARG D 165 101.77 6.45 -18.52
CA ARG D 165 102.66 6.70 -19.62
C ARG D 165 101.90 6.51 -20.90
N THR D 166 100.61 6.20 -20.78
CA THR D 166 99.81 5.99 -21.98
C THR D 166 99.56 7.33 -22.65
N VAL D 167 98.91 7.28 -23.80
CA VAL D 167 98.55 8.45 -24.55
C VAL D 167 97.23 8.00 -25.15
N VAL D 168 96.15 8.72 -24.80
CA VAL D 168 94.80 8.38 -25.24
C VAL D 168 94.13 9.34 -26.18
N ILE D 169 93.37 8.77 -27.12
CA ILE D 169 92.61 9.54 -28.11
C ILE D 169 91.19 9.01 -28.41
N PRO D 170 90.33 9.90 -28.91
CA PRO D 170 88.96 9.58 -29.27
C PRO D 170 88.92 8.46 -30.25
N SER D 171 87.78 7.78 -30.26
CA SER D 171 87.55 6.69 -31.19
C SER D 171 86.59 7.22 -32.23
N ALA D 172 86.54 6.57 -33.37
CA ALA D 172 85.64 7.02 -34.40
C ALA D 172 84.33 6.26 -34.19
N ILE D 173 84.40 5.31 -33.26
CA ILE D 173 83.26 4.49 -32.93
C ILE D 173 82.42 5.34 -32.00
N PRO D 174 81.16 5.62 -32.35
CA PRO D 174 80.32 6.44 -31.49
C PRO D 174 79.39 5.69 -30.55
N THR D 175 79.06 6.30 -29.42
CA THR D 175 78.13 5.70 -28.47
C THR D 175 76.73 6.17 -28.89
N ASP D 176 75.68 5.45 -28.50
CA ASP D 176 74.33 5.86 -28.89
C ASP D 176 73.65 6.66 -27.81
N PRO D 177 73.19 7.87 -28.15
CA PRO D 177 72.52 8.73 -27.18
C PRO D 177 71.08 8.25 -26.94
N ARG D 178 70.46 7.78 -28.02
CA ARG D 178 69.09 7.30 -27.98
C ARG D 178 68.98 5.81 -27.60
N ASN D 179 70.09 5.19 -27.25
CA ASN D 179 70.04 3.78 -26.90
C ASN D 179 71.02 3.39 -25.82
N VAL D 180 71.21 4.26 -24.84
CA VAL D 180 72.13 3.95 -23.77
C VAL D 180 71.89 2.57 -23.19
N GLY D 181 72.94 1.77 -23.05
CA GLY D 181 72.79 0.44 -22.48
C GLY D 181 72.81 -0.62 -23.56
N GLY D 182 72.70 -0.18 -24.79
CA GLY D 182 72.69 -1.14 -25.86
C GLY D 182 74.06 -1.73 -26.05
N ASP D 183 74.14 -2.89 -26.67
CA ASP D 183 75.43 -3.48 -26.95
C ASP D 183 75.84 -2.93 -28.29
N LEU D 184 77.13 -2.61 -28.43
CA LEU D 184 77.69 -2.05 -29.66
C LEU D 184 77.40 -2.87 -30.93
N ASP D 185 76.80 -2.21 -31.91
CA ASP D 185 76.47 -2.83 -33.17
C ASP D 185 77.72 -2.85 -34.02
N PRO D 186 78.35 -4.03 -34.17
CA PRO D 186 79.56 -4.09 -34.97
C PRO D 186 79.53 -3.27 -36.26
N SER D 187 78.37 -3.11 -36.87
CA SER D 187 78.34 -2.34 -38.10
C SER D 187 78.62 -0.85 -37.92
N SER D 188 78.65 -0.38 -36.67
CA SER D 188 78.91 1.04 -36.51
C SER D 188 80.39 1.35 -36.30
N ILE D 189 81.24 0.32 -36.40
CA ILE D 189 82.68 0.52 -36.31
C ILE D 189 83.18 0.84 -37.72
N PRO D 190 83.77 2.02 -37.91
CA PRO D 190 84.25 2.35 -39.25
C PRO D 190 85.27 1.30 -39.64
N ASP D 191 85.20 0.77 -40.86
CA ASP D 191 86.18 -0.21 -41.32
C ASP D 191 87.60 0.36 -41.18
N LYS D 192 87.81 1.57 -41.68
CA LYS D 192 89.10 2.21 -41.58
C LYS D 192 89.62 2.23 -40.15
N GLU D 193 88.71 2.21 -39.18
CA GLU D 193 89.19 2.19 -37.81
C GLU D 193 89.51 0.76 -37.44
N GLN D 194 88.81 -0.18 -38.08
CA GLN D 194 89.03 -1.59 -37.79
C GLN D 194 90.45 -1.98 -38.25
N ALA D 195 90.85 -1.37 -39.36
CA ALA D 195 92.14 -1.59 -39.98
C ALA D 195 93.35 -1.22 -39.10
N ILE D 196 93.19 -0.21 -38.25
CA ILE D 196 94.29 0.23 -37.40
C ILE D 196 94.12 -0.23 -35.96
N SER D 197 93.26 -1.22 -35.74
CA SER D 197 93.03 -1.65 -34.37
C SER D 197 93.52 -3.03 -33.95
N ALA D 198 94.47 -3.57 -34.70
CA ALA D 198 95.04 -4.88 -34.39
C ALA D 198 95.87 -4.75 -33.11
N LEU D 199 95.93 -5.81 -32.33
CA LEU D 199 96.68 -5.71 -31.10
C LEU D 199 98.11 -6.26 -31.17
N PRO D 200 98.96 -5.90 -30.21
CA PRO D 200 100.31 -6.44 -30.29
C PRO D 200 100.17 -7.88 -29.86
N ASP D 201 101.19 -8.69 -30.11
CA ASP D 201 101.14 -10.08 -29.67
C ASP D 201 101.82 -10.09 -28.30
N TYR D 202 101.16 -10.60 -27.28
CA TYR D 202 101.77 -10.56 -25.96
C TYR D 202 102.56 -11.80 -25.57
N ALA D 203 103.46 -11.60 -24.60
CA ALA D 203 104.30 -12.65 -24.07
C ALA D 203 103.43 -13.58 -23.26
N SER D 204 103.72 -14.87 -23.33
CA SER D 204 102.92 -15.83 -22.60
C SER D 204 103.79 -16.59 -21.63
N GLN D 205 105.07 -16.23 -21.59
CA GLN D 205 106.01 -16.86 -20.69
C GLN D 205 106.81 -15.75 -20.02
N PRO D 206 107.06 -15.87 -18.72
CA PRO D 206 107.81 -14.91 -17.91
C PRO D 206 109.02 -14.30 -18.61
N GLY D 207 109.33 -13.07 -18.24
CA GLY D 207 110.44 -12.34 -18.82
C GLY D 207 111.73 -13.11 -18.93
N VAL E 2 -58.83 3.56 38.95
CA VAL E 2 -58.76 4.10 40.33
C VAL E 2 -58.57 2.97 41.33
N ALA E 3 -57.92 3.26 42.46
CA ALA E 3 -57.69 2.25 43.51
C ALA E 3 -58.89 2.12 44.45
N PHE E 4 -59.41 0.90 44.57
CA PHE E 4 -60.54 0.64 45.44
C PHE E 4 -60.19 -0.38 46.51
N THR E 5 -60.86 -0.26 47.65
CA THR E 5 -60.64 -1.17 48.76
C THR E 5 -61.55 -2.37 48.53
N VAL E 6 -61.17 -3.52 49.09
CA VAL E 6 -61.96 -4.73 48.95
C VAL E 6 -63.43 -4.43 49.25
N ASP E 7 -63.66 -3.53 50.21
CA ASP E 7 -65.03 -3.14 50.57
C ASP E 7 -65.73 -2.44 49.41
N GLN E 8 -65.15 -1.35 48.95
CA GLN E 8 -65.70 -0.60 47.83
C GLN E 8 -66.14 -1.56 46.74
N MET E 9 -65.20 -2.36 46.25
CA MET E 9 -65.51 -3.33 45.22
C MET E 9 -66.67 -4.17 45.74
N ARG E 10 -66.45 -4.84 46.87
CA ARG E 10 -67.45 -5.67 47.50
C ARG E 10 -68.85 -5.03 47.50
N SER E 11 -68.92 -3.77 47.92
CA SER E 11 -70.20 -3.05 47.96
C SER E 11 -70.69 -2.82 46.53
N LEU E 12 -69.74 -2.64 45.62
CA LEU E 12 -70.03 -2.41 44.23
C LEU E 12 -70.69 -3.65 43.62
N MET E 13 -70.13 -4.81 43.94
CA MET E 13 -70.63 -6.10 43.43
C MET E 13 -72.01 -6.51 43.93
N ASP E 14 -72.51 -5.80 44.94
CA ASP E 14 -73.85 -6.08 45.47
C ASP E 14 -74.86 -5.45 44.54
N LYS E 15 -74.50 -4.31 43.99
CA LYS E 15 -75.37 -3.61 43.05
C LYS E 15 -75.19 -4.26 41.68
N VAL E 16 -75.79 -5.44 41.52
CA VAL E 16 -75.72 -6.23 40.29
C VAL E 16 -76.34 -5.54 39.09
N THR E 17 -77.43 -4.83 39.34
CA THR E 17 -78.09 -4.12 38.26
C THR E 17 -77.17 -3.01 37.72
N ASN E 18 -76.05 -2.78 38.41
CA ASN E 18 -75.06 -1.77 38.00
C ASN E 18 -73.73 -2.41 37.61
N VAL E 19 -73.80 -3.62 37.08
CA VAL E 19 -72.63 -4.36 36.66
C VAL E 19 -72.70 -4.74 35.19
N ARG E 20 -71.57 -4.71 34.52
CA ARG E 20 -71.51 -5.04 33.11
C ARG E 20 -70.45 -6.08 32.79
N ASN E 21 -70.91 -7.31 32.54
CA ASN E 21 -69.99 -8.38 32.19
C ASN E 21 -69.98 -8.51 30.66
N MET E 22 -68.80 -8.35 30.07
CA MET E 22 -68.66 -8.43 28.62
C MET E 22 -67.26 -8.78 28.11
N SER E 23 -67.14 -8.90 26.78
CA SER E 23 -65.87 -9.21 26.12
C SER E 23 -65.75 -8.35 24.86
N VAL E 24 -64.59 -8.39 24.20
CA VAL E 24 -64.39 -7.60 22.99
C VAL E 24 -64.25 -8.47 21.72
N ILE E 25 -65.22 -8.31 20.82
CA ILE E 25 -65.28 -9.04 19.54
C ILE E 25 -64.56 -8.22 18.48
N ALA E 26 -63.34 -8.60 18.11
CA ALA E 26 -62.61 -7.84 17.10
C ALA E 26 -61.34 -8.49 16.58
N HIS E 27 -61.13 -8.41 15.26
CA HIS E 27 -59.92 -8.97 14.67
C HIS E 27 -58.76 -8.24 15.33
N VAL E 28 -57.67 -8.96 15.59
CA VAL E 28 -56.50 -8.37 16.24
C VAL E 28 -55.90 -7.15 15.51
N ASP E 29 -55.98 -7.14 14.18
CA ASP E 29 -55.44 -6.04 13.40
C ASP E 29 -56.44 -4.93 13.12
N HIS E 30 -57.45 -4.84 13.98
CA HIS E 30 -58.49 -3.82 13.87
C HIS E 30 -58.53 -3.02 15.17
N GLY E 31 -57.37 -2.90 15.82
CA GLY E 31 -57.29 -2.16 17.07
C GLY E 31 -58.06 -2.83 18.18
N LYS E 32 -57.96 -4.16 18.29
CA LYS E 32 -58.65 -4.87 19.35
C LYS E 32 -58.01 -4.56 20.70
N SER E 33 -56.68 -4.68 20.74
CA SER E 33 -55.89 -4.43 21.94
C SER E 33 -55.81 -2.93 22.24
N THR E 34 -55.53 -2.15 21.20
CA THR E 34 -55.43 -0.71 21.34
C THR E 34 -56.69 -0.13 22.00
N LEU E 35 -57.87 -0.50 21.51
CA LEU E 35 -59.13 -0.02 22.06
C LEU E 35 -59.33 -0.46 23.52
N THR E 36 -58.90 -1.68 23.83
CA THR E 36 -59.03 -2.23 25.19
C THR E 36 -58.13 -1.50 26.19
N ASP E 37 -56.90 -1.24 25.77
CA ASP E 37 -55.95 -0.53 26.62
C ASP E 37 -56.43 0.87 26.97
N SER E 38 -57.08 1.52 26.02
CA SER E 38 -57.60 2.89 26.22
C SER E 38 -58.70 2.94 27.26
N LEU E 39 -59.42 1.83 27.40
CA LEU E 39 -60.50 1.76 28.35
C LEU E 39 -59.95 1.26 29.70
N VAL E 40 -58.73 0.72 29.70
CA VAL E 40 -58.06 0.26 30.92
C VAL E 40 -57.31 1.47 31.51
N GLN E 41 -56.62 2.21 30.64
CA GLN E 41 -55.88 3.40 31.03
C GLN E 41 -56.88 4.51 31.33
N ARG E 42 -58.16 4.14 31.43
CA ARG E 42 -59.23 5.09 31.67
C ARG E 42 -60.10 4.77 32.89
N ALA E 43 -60.72 3.59 32.88
CA ALA E 43 -61.59 3.16 33.98
C ALA E 43 -61.06 1.92 34.67
N GLY E 44 -59.76 1.66 34.52
CA GLY E 44 -59.16 0.50 35.14
C GLY E 44 -59.17 0.58 36.66
N ILE E 45 -59.50 -0.52 37.32
CA ILE E 45 -59.55 -0.56 38.78
C ILE E 45 -58.37 -1.29 39.40
N ILE E 46 -57.69 -0.60 40.31
CA ILE E 46 -56.57 -1.18 41.03
C ILE E 46 -57.05 -1.35 42.46
N SER E 47 -56.38 -2.21 43.22
CA SER E 47 -56.77 -2.41 44.61
C SER E 47 -55.93 -1.46 45.47
N ALA E 48 -56.53 -0.95 46.54
CA ALA E 48 -55.84 -0.02 47.43
C ALA E 48 -55.04 -0.76 48.50
N GLY E 67 -48.33 -11.27 47.05
CA GLY E 67 -47.30 -11.62 46.08
C GLY E 67 -47.73 -12.70 45.09
N ILE E 68 -49.05 -12.87 44.91
CA ILE E 68 -49.57 -13.87 43.97
C ILE E 68 -50.03 -13.21 42.67
N THR E 69 -49.30 -13.47 41.58
CA THR E 69 -49.62 -12.90 40.27
C THR E 69 -50.23 -13.96 39.34
N ILE E 70 -51.31 -13.61 38.66
CA ILE E 70 -51.98 -14.56 37.78
C ILE E 70 -51.91 -14.15 36.31
N LYS E 71 -52.37 -15.04 35.45
CA LYS E 71 -52.40 -14.79 34.02
C LYS E 71 -53.64 -13.94 33.74
N SER E 72 -53.44 -12.70 33.28
CA SER E 72 -54.54 -11.81 32.99
C SER E 72 -55.66 -12.42 32.17
N THR E 73 -56.84 -12.51 32.76
CA THR E 73 -58.03 -13.08 32.13
C THR E 73 -59.17 -12.06 32.01
N ALA E 74 -59.36 -11.26 33.06
CA ALA E 74 -60.40 -10.24 33.08
C ALA E 74 -59.90 -8.98 33.77
N ILE E 75 -60.50 -7.85 33.42
CA ILE E 75 -60.11 -6.56 33.98
C ILE E 75 -61.33 -5.83 34.57
N SER E 76 -61.16 -5.24 35.74
CA SER E 76 -62.24 -4.51 36.42
C SER E 76 -62.24 -3.02 36.03
N LEU E 77 -63.38 -2.55 35.54
CA LEU E 77 -63.53 -1.17 35.10
C LEU E 77 -64.60 -0.40 35.86
N TYR E 78 -64.28 0.82 36.26
CA TYR E 78 -65.23 1.64 36.98
C TYR E 78 -65.75 2.78 36.12
N SER E 79 -67.05 3.05 36.21
CA SER E 79 -67.68 4.13 35.45
C SER E 79 -68.89 4.66 36.20
N GLU E 80 -69.05 5.99 36.22
CA GLU E 80 -70.17 6.61 36.90
C GLU E 80 -71.01 7.46 35.94
N MET E 81 -72.30 7.59 36.25
CA MET E 81 -73.24 8.36 35.46
C MET E 81 -74.05 9.26 36.40
N SER E 82 -75.06 9.94 35.88
CA SER E 82 -75.91 10.81 36.72
C SER E 82 -77.34 10.26 36.82
N ASP E 83 -78.06 10.69 37.86
CA ASP E 83 -79.44 10.25 38.13
C ASP E 83 -80.41 10.44 36.96
N GLU E 84 -79.98 11.20 35.96
CA GLU E 84 -80.80 11.44 34.79
C GLU E 84 -80.42 10.40 33.74
N ASP E 85 -79.13 10.06 33.71
CA ASP E 85 -78.60 9.07 32.78
C ASP E 85 -78.99 7.69 33.26
N VAL E 86 -79.11 7.54 34.58
CA VAL E 86 -79.50 6.29 35.18
C VAL E 86 -81.00 6.08 34.91
N LYS E 87 -81.67 7.13 34.46
CA LYS E 87 -83.09 7.05 34.14
C LYS E 87 -83.27 6.63 32.68
N GLU E 88 -82.27 6.94 31.86
CA GLU E 88 -82.30 6.62 30.44
C GLU E 88 -82.17 5.14 30.08
N ILE E 89 -81.51 4.35 30.92
CA ILE E 89 -81.34 2.92 30.66
C ILE E 89 -82.69 2.23 30.92
N LYS E 90 -83.29 1.70 29.85
CA LYS E 90 -84.57 1.03 29.96
C LYS E 90 -84.47 -0.20 30.86
N GLN E 91 -83.32 -0.34 31.51
CA GLN E 91 -83.04 -1.46 32.41
C GLN E 91 -83.01 -1.03 33.88
N LYS E 92 -83.53 -1.90 34.75
CA LYS E 92 -83.58 -1.64 36.19
C LYS E 92 -82.20 -1.45 36.79
N THR E 93 -81.92 -0.24 37.27
CA THR E 93 -80.63 0.07 37.88
C THR E 93 -80.78 0.62 39.29
N ASP E 94 -79.63 0.93 39.89
CA ASP E 94 -79.58 1.45 41.25
C ASP E 94 -78.21 2.07 41.51
N GLY E 95 -78.16 3.39 41.46
CA GLY E 95 -76.91 4.07 41.70
C GLY E 95 -76.39 4.76 40.47
N ASN E 96 -75.16 5.27 40.56
CA ASN E 96 -74.53 5.97 39.45
C ASN E 96 -73.19 5.34 39.13
N SER E 97 -72.68 4.53 40.03
CA SER E 97 -71.40 3.85 39.84
C SER E 97 -71.65 2.54 39.07
N PHE E 98 -70.73 2.17 38.19
CA PHE E 98 -70.87 0.96 37.38
C PHE E 98 -69.62 0.10 37.24
N LEU E 99 -69.74 -1.18 37.58
CA LEU E 99 -68.63 -2.13 37.51
C LEU E 99 -68.61 -2.87 36.18
N ILE E 100 -67.52 -2.70 35.44
CA ILE E 100 -67.38 -3.33 34.14
C ILE E 100 -66.30 -4.43 34.13
N ASN E 101 -66.75 -5.67 33.99
CA ASN E 101 -65.83 -6.82 33.95
C ASN E 101 -65.39 -7.04 32.51
N LEU E 102 -64.12 -6.76 32.23
CA LEU E 102 -63.61 -6.95 30.87
C LEU E 102 -62.96 -8.32 30.74
N ILE E 103 -63.73 -9.31 30.27
CA ILE E 103 -63.23 -10.68 30.10
C ILE E 103 -62.48 -10.88 28.78
N ASP E 104 -61.19 -11.11 28.92
CA ASP E 104 -60.25 -11.30 27.82
C ASP E 104 -60.78 -12.27 26.74
N SER E 105 -60.32 -12.07 25.51
CA SER E 105 -60.71 -12.90 24.36
C SER E 105 -59.44 -13.22 23.55
N PRO E 106 -59.42 -14.38 22.88
CA PRO E 106 -58.27 -14.82 22.07
C PRO E 106 -57.91 -13.89 20.91
N GLY E 107 -56.91 -14.29 20.13
CA GLY E 107 -56.49 -13.50 18.99
C GLY E 107 -56.98 -14.17 17.72
N HIS E 108 -56.69 -15.46 17.61
CA HIS E 108 -57.12 -16.27 16.47
C HIS E 108 -58.46 -16.92 16.82
N VAL E 109 -59.35 -17.07 15.84
CA VAL E 109 -60.65 -17.68 16.08
C VAL E 109 -60.51 -19.21 16.09
N ASP E 110 -59.29 -19.68 15.83
CA ASP E 110 -59.00 -21.10 15.80
C ASP E 110 -59.14 -21.65 17.23
N PHE E 111 -59.25 -20.74 18.19
CA PHE E 111 -59.38 -21.08 19.61
C PHE E 111 -60.82 -21.42 19.98
N SER E 112 -61.63 -21.64 18.95
CA SER E 112 -63.05 -22.00 19.07
C SER E 112 -63.54 -22.21 20.49
N SER E 113 -63.19 -23.36 21.06
CA SER E 113 -63.60 -23.75 22.40
C SER E 113 -63.59 -22.62 23.44
N GLU E 114 -62.41 -22.14 23.80
CA GLU E 114 -62.26 -21.08 24.80
C GLU E 114 -62.91 -19.78 24.33
N VAL E 115 -63.18 -19.68 23.03
CA VAL E 115 -63.82 -18.48 22.52
C VAL E 115 -65.25 -18.53 23.03
N THR E 116 -65.89 -19.68 22.87
CA THR E 116 -67.26 -19.86 23.33
C THR E 116 -67.28 -19.82 24.85
N ALA E 117 -66.12 -20.07 25.45
CA ALA E 117 -65.99 -20.06 26.90
C ALA E 117 -66.25 -18.64 27.38
N ALA E 118 -65.38 -17.72 26.98
CA ALA E 118 -65.50 -16.32 27.36
C ALA E 118 -66.87 -15.74 27.02
N LEU E 119 -67.53 -16.31 26.02
CA LEU E 119 -68.84 -15.84 25.60
C LEU E 119 -69.95 -16.30 26.52
N ARG E 120 -69.87 -17.57 26.93
CA ARG E 120 -70.90 -18.13 27.79
C ARG E 120 -71.02 -17.44 29.14
N VAL E 121 -69.95 -16.80 29.60
CA VAL E 121 -69.99 -16.13 30.89
C VAL E 121 -70.40 -14.66 30.81
N THR E 122 -70.36 -14.08 29.61
CA THR E 122 -70.71 -12.67 29.44
C THR E 122 -72.15 -12.40 29.02
N ASP E 123 -72.50 -11.11 29.06
CA ASP E 123 -73.82 -10.62 28.71
C ASP E 123 -73.72 -9.74 27.48
N GLY E 124 -72.61 -9.00 27.39
CA GLY E 124 -72.38 -8.11 26.27
C GLY E 124 -71.13 -8.40 25.49
N ALA E 125 -70.96 -7.65 24.40
CA ALA E 125 -69.80 -7.78 23.52
C ALA E 125 -69.59 -6.48 22.74
N LEU E 126 -68.35 -6.03 22.66
CA LEU E 126 -68.01 -4.80 21.94
C LEU E 126 -67.40 -5.15 20.58
N VAL E 127 -68.25 -5.25 19.57
CA VAL E 127 -67.79 -5.60 18.21
C VAL E 127 -67.04 -4.45 17.51
N VAL E 128 -65.72 -4.58 17.44
CA VAL E 128 -64.84 -3.58 16.80
C VAL E 128 -64.63 -3.86 15.32
N VAL E 129 -65.46 -3.23 14.49
CA VAL E 129 -65.37 -3.38 13.05
C VAL E 129 -64.45 -2.30 12.50
N ASP E 130 -64.06 -2.42 11.24
CA ASP E 130 -63.16 -1.45 10.61
C ASP E 130 -63.92 -0.49 9.69
N THR E 131 -63.34 0.69 9.44
CA THR E 131 -63.96 1.68 8.56
C THR E 131 -63.85 1.28 7.10
N ILE E 132 -62.62 1.02 6.66
CA ILE E 132 -62.34 0.63 5.28
C ILE E 132 -62.86 -0.78 4.91
N GLU E 133 -62.36 -1.80 5.60
CA GLU E 133 -62.75 -3.18 5.33
C GLU E 133 -64.13 -3.59 5.83
N GLY E 134 -64.69 -2.82 6.77
CA GLY E 134 -65.98 -3.15 7.31
C GLY E 134 -65.92 -4.39 8.18
N VAL E 135 -66.99 -5.19 8.18
CA VAL E 135 -67.04 -6.40 8.98
C VAL E 135 -66.34 -7.54 8.24
N CYS E 136 -65.17 -7.95 8.75
CA CYS E 136 -64.44 -9.05 8.14
C CYS E 136 -65.17 -10.36 8.45
N VAL E 137 -64.77 -11.43 7.78
CA VAL E 137 -65.40 -12.73 7.99
C VAL E 137 -65.28 -13.20 9.45
N GLN E 138 -64.07 -13.06 9.99
CA GLN E 138 -63.77 -13.46 11.36
C GLN E 138 -64.67 -12.82 12.43
N THR E 139 -64.64 -11.49 12.55
CA THR E 139 -65.46 -10.79 13.54
C THR E 139 -66.93 -11.12 13.32
N GLU E 140 -67.31 -11.39 12.07
CA GLU E 140 -68.68 -11.72 11.73
C GLU E 140 -69.05 -13.09 12.27
N THR E 141 -68.09 -13.99 12.19
CA THR E 141 -68.25 -15.35 12.68
C THR E 141 -68.48 -15.30 14.19
N VAL E 142 -67.49 -14.77 14.90
CA VAL E 142 -67.55 -14.63 16.35
C VAL E 142 -68.93 -14.11 16.74
N LEU E 143 -69.46 -13.22 15.91
CA LEU E 143 -70.76 -12.61 16.18
C LEU E 143 -71.88 -13.65 16.15
N ARG E 144 -71.93 -14.46 15.10
CA ARG E 144 -72.96 -15.49 15.04
C ARG E 144 -72.98 -16.21 16.37
N GLN E 145 -71.79 -16.37 16.93
CA GLN E 145 -71.60 -17.02 18.21
C GLN E 145 -72.28 -16.25 19.33
N ALA E 146 -71.79 -15.04 19.59
CA ALA E 146 -72.36 -14.20 20.62
C ALA E 146 -73.89 -14.29 20.52
N LEU E 147 -74.37 -14.26 19.28
CA LEU E 147 -75.80 -14.33 19.00
C LEU E 147 -76.38 -15.65 19.51
N GLY E 148 -75.67 -16.74 19.29
CA GLY E 148 -76.16 -18.01 19.79
C GLY E 148 -76.23 -17.96 21.30
N GLU E 149 -75.30 -17.22 21.90
CA GLU E 149 -75.20 -17.07 23.35
C GLU E 149 -76.11 -16.01 23.99
N ARG E 150 -76.89 -15.29 23.18
CA ARG E 150 -77.80 -14.25 23.70
C ARG E 150 -77.04 -13.05 24.30
N ILE E 151 -75.99 -12.63 23.60
CA ILE E 151 -75.15 -11.50 24.03
C ILE E 151 -75.44 -10.22 23.22
N LYS E 152 -75.91 -9.16 23.88
CA LYS E 152 -76.23 -7.88 23.21
C LYS E 152 -74.96 -7.32 22.55
N PRO E 153 -75.03 -6.99 21.24
CA PRO E 153 -73.86 -6.46 20.55
C PRO E 153 -73.80 -4.95 20.59
N VAL E 154 -72.59 -4.42 20.66
CA VAL E 154 -72.37 -2.98 20.66
C VAL E 154 -71.31 -2.71 19.61
N VAL E 155 -71.64 -1.87 18.63
CA VAL E 155 -70.72 -1.56 17.53
C VAL E 155 -69.79 -0.35 17.74
N VAL E 156 -68.57 -0.49 17.21
CA VAL E 156 -67.53 0.52 17.28
C VAL E 156 -66.72 0.50 15.99
N ILE E 157 -66.98 1.46 15.10
CA ILE E 157 -66.23 1.53 13.85
C ILE E 157 -64.91 2.24 14.13
N ASN E 158 -63.85 1.43 14.22
CA ASN E 158 -62.50 1.88 14.52
C ASN E 158 -61.64 2.12 13.28
N LYS E 159 -60.56 2.89 13.46
CA LYS E 159 -59.62 3.23 12.39
C LYS E 159 -60.18 4.21 11.36
N VAL E 160 -60.90 5.23 11.82
CA VAL E 160 -61.47 6.21 10.90
C VAL E 160 -60.39 7.13 10.32
N ASP E 161 -59.24 7.19 11.00
CA ASP E 161 -58.14 8.03 10.56
C ASP E 161 -57.60 7.51 9.23
N ARG E 162 -57.60 6.19 9.09
CA ARG E 162 -57.12 5.51 7.89
C ARG E 162 -57.92 5.96 6.66
N ALA E 163 -59.17 6.35 6.89
CA ALA E 163 -60.07 6.81 5.82
C ALA E 163 -59.78 8.23 5.37
N LEU E 164 -59.25 9.04 6.28
CA LEU E 164 -58.92 10.44 5.99
C LEU E 164 -57.50 10.56 5.42
N LEU E 165 -56.51 10.27 6.25
CA LEU E 165 -55.11 10.35 5.85
C LEU E 165 -54.76 9.61 4.55
N GLU E 166 -55.32 8.41 4.38
CA GLU E 166 -55.05 7.62 3.17
C GLU E 166 -55.91 8.05 1.98
N LEU E 167 -57.15 7.56 1.98
CA LEU E 167 -58.13 7.82 0.92
C LEU E 167 -58.50 9.28 0.70
N GLN E 168 -58.37 10.11 1.73
CA GLN E 168 -58.74 11.52 1.63
C GLN E 168 -60.21 11.60 1.20
N VAL E 169 -61.02 10.73 1.80
CA VAL E 169 -62.44 10.64 1.50
C VAL E 169 -63.20 11.88 1.96
N SER E 170 -64.22 12.26 1.19
CA SER E 170 -65.03 13.42 1.51
C SER E 170 -65.98 13.08 2.66
N LYS E 171 -66.74 14.08 3.11
CA LYS E 171 -67.67 13.90 4.21
C LYS E 171 -68.84 12.96 3.88
N GLU E 172 -69.40 13.09 2.68
CA GLU E 172 -70.54 12.26 2.24
C GLU E 172 -70.13 10.82 1.97
N ASP E 173 -68.99 10.63 1.30
CA ASP E 173 -68.53 9.29 1.00
C ASP E 173 -68.23 8.51 2.27
N LEU E 174 -67.63 9.19 3.26
CA LEU E 174 -67.32 8.53 4.51
C LEU E 174 -68.61 8.22 5.25
N TYR E 175 -69.61 9.10 5.13
CA TYR E 175 -70.89 8.88 5.79
C TYR E 175 -71.52 7.62 5.21
N GLN E 176 -71.45 7.49 3.89
CA GLN E 176 -72.00 6.33 3.20
C GLN E 176 -71.30 5.06 3.68
N THR E 177 -70.04 5.20 4.09
CA THR E 177 -69.24 4.07 4.56
C THR E 177 -69.77 3.44 5.85
N PHE E 178 -70.18 4.27 6.81
CA PHE E 178 -70.70 3.76 8.09
C PHE E 178 -72.09 3.15 7.97
N ALA E 179 -72.90 3.65 7.03
CA ALA E 179 -74.25 3.15 6.82
C ALA E 179 -74.26 1.79 6.12
N ARG E 180 -73.21 1.51 5.34
CA ARG E 180 -73.08 0.22 4.65
C ARG E 180 -72.53 -0.75 5.68
N THR E 181 -71.59 -0.24 6.48
CA THR E 181 -70.95 -1.02 7.52
C THR E 181 -71.96 -1.45 8.58
N VAL E 182 -72.65 -0.49 9.18
CA VAL E 182 -73.66 -0.78 10.20
C VAL E 182 -74.85 -1.55 9.60
N GLU E 183 -74.99 -1.50 8.27
CA GLU E 183 -76.07 -2.24 7.64
C GLU E 183 -75.63 -3.69 7.54
N SER E 184 -74.35 -3.90 7.19
CA SER E 184 -73.76 -5.24 7.08
C SER E 184 -73.81 -5.93 8.44
N VAL E 185 -73.74 -5.11 9.48
CA VAL E 185 -73.79 -5.58 10.86
C VAL E 185 -75.21 -6.02 11.21
N ASN E 186 -76.19 -5.13 11.04
CA ASN E 186 -77.59 -5.44 11.35
C ASN E 186 -78.15 -6.62 10.56
N VAL E 187 -77.68 -6.80 9.33
CA VAL E 187 -78.13 -7.93 8.52
C VAL E 187 -77.79 -9.20 9.29
N ILE E 188 -76.53 -9.26 9.76
CA ILE E 188 -76.05 -10.39 10.55
C ILE E 188 -76.80 -10.40 11.87
N VAL E 189 -77.01 -9.23 12.45
CA VAL E 189 -77.71 -9.09 13.72
C VAL E 189 -79.17 -9.58 13.67
N SER E 190 -79.99 -9.07 12.75
CA SER E 190 -81.38 -9.49 12.67
C SER E 190 -81.48 -10.99 12.34
N THR E 191 -80.60 -11.45 11.45
CA THR E 191 -80.59 -12.85 11.06
C THR E 191 -80.36 -13.81 12.22
N TYR E 192 -79.15 -13.80 12.78
CA TYR E 192 -78.79 -14.71 13.88
C TYR E 192 -79.23 -14.33 15.30
N ALA E 193 -79.99 -13.26 15.44
CA ALA E 193 -80.44 -12.84 16.76
C ALA E 193 -81.80 -13.46 17.11
N ASP E 194 -81.87 -14.08 18.29
CA ASP E 194 -83.10 -14.70 18.78
C ASP E 194 -84.27 -13.73 18.66
N GLU E 195 -85.45 -14.30 18.47
CA GLU E 195 -86.67 -13.52 18.35
C GLU E 195 -87.02 -13.00 19.75
N VAL E 196 -86.83 -13.87 20.74
CA VAL E 196 -87.11 -13.54 22.13
C VAL E 196 -86.39 -12.25 22.55
N LEU E 197 -85.10 -12.15 22.26
CA LEU E 197 -84.32 -10.96 22.60
C LEU E 197 -84.95 -9.72 21.98
N GLY E 198 -85.76 -9.93 20.94
CA GLY E 198 -86.39 -8.82 20.26
C GLY E 198 -85.36 -8.19 19.33
N ASP E 199 -85.71 -7.09 18.66
CA ASP E 199 -84.76 -6.44 17.77
C ASP E 199 -83.63 -5.89 18.61
N VAL E 200 -82.41 -6.35 18.32
CA VAL E 200 -81.24 -5.91 19.09
C VAL E 200 -80.26 -5.15 18.18
N GLN E 201 -80.70 -4.88 16.95
CA GLN E 201 -79.88 -4.16 15.97
C GLN E 201 -79.20 -2.89 16.50
N VAL E 202 -77.98 -2.63 16.04
CA VAL E 202 -77.24 -1.44 16.47
C VAL E 202 -77.61 -0.23 15.63
N TYR E 203 -78.17 0.78 16.29
CA TYR E 203 -78.58 2.00 15.61
C TYR E 203 -77.75 3.17 16.12
N PRO E 204 -77.01 3.86 15.22
CA PRO E 204 -76.18 5.00 15.61
C PRO E 204 -76.97 6.14 16.25
N ALA E 205 -78.16 6.39 15.70
CA ALA E 205 -79.05 7.44 16.17
C ALA E 205 -79.68 7.17 17.55
N ARG E 206 -79.29 6.05 18.16
CA ARG E 206 -79.81 5.70 19.47
C ARG E 206 -78.68 5.65 20.49
N GLY E 207 -77.44 5.67 20.00
CA GLY E 207 -76.29 5.63 20.89
C GLY E 207 -75.65 4.25 21.05
N THR E 208 -76.00 3.33 20.16
CA THR E 208 -75.49 1.96 20.19
C THR E 208 -74.42 1.73 19.11
N VAL E 209 -73.82 2.81 18.62
CA VAL E 209 -72.78 2.73 17.60
C VAL E 209 -71.84 3.95 17.66
N ALA E 210 -70.56 3.69 17.95
CA ALA E 210 -69.54 4.74 18.05
C ALA E 210 -68.51 4.68 16.90
N PHE E 211 -67.83 5.80 16.66
CA PHE E 211 -66.87 5.89 15.58
C PHE E 211 -65.58 6.58 16.03
N GLY E 212 -64.44 6.10 15.55
CA GLY E 212 -63.20 6.71 15.95
C GLY E 212 -61.96 5.88 15.64
N SER E 213 -60.81 6.29 16.16
CA SER E 213 -59.56 5.57 15.94
C SER E 213 -58.79 5.37 17.25
N GLY E 214 -58.21 4.18 17.41
CA GLY E 214 -57.46 3.87 18.61
C GLY E 214 -56.05 4.43 18.56
N LEU E 215 -55.49 4.48 17.35
CA LEU E 215 -54.14 5.02 17.12
C LEU E 215 -54.03 6.43 17.69
N HIS E 216 -54.95 7.29 17.25
CA HIS E 216 -54.99 8.68 17.69
C HIS E 216 -55.66 8.85 19.05
N GLY E 217 -56.44 7.86 19.46
CA GLY E 217 -57.09 7.91 20.76
C GLY E 217 -58.40 8.68 20.82
N TRP E 218 -59.18 8.65 19.75
CA TRP E 218 -60.48 9.34 19.75
C TRP E 218 -61.62 8.43 19.26
N ALA E 219 -62.83 8.75 19.69
CA ALA E 219 -64.01 7.97 19.33
C ALA E 219 -65.25 8.74 19.78
N PHE E 220 -66.33 8.61 19.02
CA PHE E 220 -67.53 9.33 19.39
C PHE E 220 -68.83 8.58 19.12
N THR E 221 -69.84 8.94 19.88
CA THR E 221 -71.15 8.34 19.73
C THR E 221 -72.05 9.51 19.35
N ILE E 222 -73.10 9.23 18.60
CA ILE E 222 -74.02 10.27 18.19
C ILE E 222 -74.55 10.99 19.43
N ARG E 223 -74.78 10.24 20.50
CA ARG E 223 -75.31 10.79 21.75
C ARG E 223 -74.37 11.77 22.46
N GLN E 224 -73.11 11.80 22.04
CA GLN E 224 -72.13 12.71 22.64
C GLN E 224 -72.26 14.10 22.05
N PHE E 225 -72.27 14.18 20.73
CA PHE E 225 -72.44 15.46 20.04
C PHE E 225 -73.89 15.91 20.08
N ALA E 226 -74.72 15.12 20.75
CA ALA E 226 -76.14 15.41 20.90
C ALA E 226 -76.35 16.13 22.22
N THR E 227 -75.39 15.93 23.13
CA THR E 227 -75.44 16.55 24.44
C THR E 227 -74.73 17.91 24.37
N ARG E 228 -73.95 18.09 23.31
CA ARG E 228 -73.22 19.33 23.06
C ARG E 228 -74.10 20.32 22.31
N TYR E 229 -74.63 19.88 21.17
CA TYR E 229 -75.49 20.72 20.34
C TYR E 229 -76.89 20.85 20.95
N ALA E 230 -77.12 20.14 22.04
CA ALA E 230 -78.42 20.20 22.73
C ALA E 230 -78.54 21.55 23.42
N LYS E 231 -77.41 22.02 23.95
CA LYS E 231 -77.34 23.30 24.65
C LYS E 231 -77.24 24.47 23.67
N LYS E 232 -76.47 24.29 22.58
CA LYS E 232 -76.32 25.33 21.56
C LYS E 232 -77.70 25.67 21.01
N PHE E 233 -78.36 24.68 20.43
CA PHE E 233 -79.70 24.87 19.89
C PHE E 233 -80.67 25.00 21.06
N GLY E 234 -81.90 24.58 20.86
CA GLY E 234 -82.90 24.66 21.91
C GLY E 234 -83.80 23.45 21.91
N VAL E 235 -83.23 22.30 21.61
CA VAL E 235 -83.97 21.05 21.56
C VAL E 235 -83.28 20.00 22.42
N ASP E 236 -84.08 19.17 23.07
CA ASP E 236 -83.54 18.11 23.92
C ASP E 236 -82.64 17.22 23.05
N LYS E 237 -81.67 16.55 23.67
CA LYS E 237 -80.78 15.71 22.90
C LYS E 237 -81.48 14.49 22.34
N ALA E 238 -82.67 14.20 22.88
CA ALA E 238 -83.43 13.07 22.38
C ALA E 238 -83.63 13.30 20.89
N LYS E 239 -84.39 14.34 20.57
CA LYS E 239 -84.65 14.69 19.18
C LYS E 239 -83.38 15.20 18.51
N MET E 240 -82.39 15.60 19.31
CA MET E 240 -81.13 16.13 18.80
C MET E 240 -80.21 15.05 18.22
N MET E 241 -80.14 13.90 18.87
CA MET E 241 -79.31 12.81 18.38
C MET E 241 -79.98 12.21 17.14
N ASP E 242 -81.31 12.24 17.16
CA ASP E 242 -82.13 11.71 16.07
C ASP E 242 -81.76 12.31 14.72
N ARG E 243 -81.77 13.64 14.63
CA ARG E 243 -81.43 14.34 13.39
C ARG E 243 -80.00 14.06 12.94
N LEU E 244 -79.08 14.12 13.89
CA LEU E 244 -77.67 13.90 13.62
C LEU E 244 -77.39 12.75 12.67
N TRP E 245 -78.28 11.77 12.63
CA TRP E 245 -78.12 10.62 11.73
C TRP E 245 -79.27 10.49 10.72
N GLY E 246 -78.99 9.83 9.61
CA GLY E 246 -80.00 9.63 8.60
C GLY E 246 -80.23 10.88 7.77
N ASP E 247 -81.44 11.00 7.24
CA ASP E 247 -81.77 12.15 6.43
C ASP E 247 -82.43 13.23 7.26
N SER E 248 -81.60 14.21 7.60
CA SER E 248 -82.01 15.36 8.38
C SER E 248 -80.96 16.42 8.03
N PHE E 249 -81.43 17.54 7.48
CA PHE E 249 -80.54 18.60 7.05
C PHE E 249 -80.81 19.91 7.75
N PHE E 250 -79.85 20.83 7.67
CA PHE E 250 -79.99 22.14 8.29
C PHE E 250 -79.51 23.19 7.29
N ASN E 251 -80.46 23.87 6.63
CA ASN E 251 -80.13 24.90 5.65
C ASN E 251 -79.52 26.09 6.41
N PRO E 252 -78.32 26.52 6.02
CA PRO E 252 -77.67 27.66 6.68
C PRO E 252 -78.47 28.93 6.47
N LYS E 253 -79.05 29.06 5.28
CA LYS E 253 -79.84 30.21 4.88
C LYS E 253 -81.20 30.29 5.58
N THR E 254 -82.06 29.31 5.32
CA THR E 254 -83.40 29.29 5.91
C THR E 254 -83.39 29.17 7.43
N LYS E 255 -82.29 28.69 8.00
CA LYS E 255 -82.19 28.51 9.45
C LYS E 255 -83.35 27.66 9.95
N LYS E 256 -83.64 26.59 9.21
CA LYS E 256 -84.73 25.67 9.52
C LYS E 256 -84.39 24.23 9.11
N TRP E 257 -84.82 23.27 9.92
CA TRP E 257 -84.56 21.85 9.64
C TRP E 257 -85.57 21.26 8.66
N THR E 258 -85.06 20.46 7.72
CA THR E 258 -85.90 19.81 6.71
C THR E 258 -85.51 18.34 6.59
N ASN E 259 -86.29 17.58 5.84
CA ASN E 259 -86.05 16.16 5.61
C ASN E 259 -85.91 15.91 4.11
N LYS E 260 -85.44 16.94 3.42
CA LYS E 260 -85.22 16.90 1.98
C LYS E 260 -83.77 17.27 1.73
N ASP E 261 -83.09 16.51 0.87
CA ASP E 261 -81.69 16.76 0.56
C ASP E 261 -81.54 17.89 -0.45
N THR E 262 -82.56 18.73 -0.57
CA THR E 262 -82.54 19.84 -1.50
C THR E 262 -83.40 21.02 -1.03
N ASP E 263 -82.86 22.22 -1.24
CA ASP E 263 -83.54 23.46 -0.87
C ASP E 263 -84.54 23.84 -1.97
N ALA E 264 -85.51 24.68 -1.64
CA ALA E 264 -86.55 25.10 -2.59
C ALA E 264 -86.12 25.24 -4.05
N GLU E 265 -84.98 25.88 -4.29
CA GLU E 265 -84.47 26.09 -5.66
C GLU E 265 -83.74 24.90 -6.27
N GLY E 266 -83.67 23.81 -5.54
CA GLY E 266 -83.00 22.63 -6.08
C GLY E 266 -81.51 22.51 -5.79
N LYS E 267 -81.02 23.24 -4.80
CA LYS E 267 -79.60 23.17 -4.44
C LYS E 267 -79.38 22.12 -3.34
N PRO E 268 -78.22 21.44 -3.37
CA PRO E 268 -77.81 20.38 -2.42
C PRO E 268 -77.55 20.83 -0.98
N LEU E 269 -78.20 20.17 -0.03
CA LEU E 269 -78.04 20.48 1.39
C LEU E 269 -77.21 19.40 2.09
N GLU E 270 -76.25 19.83 2.92
CA GLU E 270 -75.38 18.91 3.64
C GLU E 270 -76.12 18.24 4.80
N ARG E 271 -75.88 16.95 5.00
CA ARG E 271 -76.53 16.17 6.05
C ARG E 271 -76.18 16.64 7.46
N ALA E 272 -77.14 16.53 8.37
CA ALA E 272 -76.94 16.94 9.76
C ALA E 272 -75.66 16.37 10.35
N PHE E 273 -75.36 15.14 9.98
CA PHE E 273 -74.15 14.47 10.47
C PHE E 273 -72.91 15.15 9.88
N ASN E 274 -72.84 15.20 8.55
CA ASN E 274 -71.71 15.80 7.86
C ASN E 274 -71.49 17.23 8.29
N MET E 275 -72.59 17.93 8.53
CA MET E 275 -72.53 19.33 8.90
C MET E 275 -72.02 19.58 10.32
N PHE E 276 -72.57 18.85 11.29
CA PHE E 276 -72.19 19.07 12.68
C PHE E 276 -71.20 18.10 13.33
N ILE E 277 -70.94 16.95 12.69
CA ILE E 277 -70.01 15.98 13.29
C ILE E 277 -68.74 15.73 12.48
N LEU E 278 -68.91 15.35 11.23
CA LEU E 278 -67.78 15.09 10.35
C LEU E 278 -67.08 16.38 9.97
N ASP E 279 -67.82 17.49 9.93
CA ASP E 279 -67.27 18.79 9.55
C ASP E 279 -66.21 19.32 10.53
N PRO E 280 -66.54 19.38 11.84
CA PRO E 280 -65.57 19.87 12.84
C PRO E 280 -64.29 19.02 12.87
N ILE E 281 -64.48 17.70 12.92
CA ILE E 281 -63.37 16.77 12.97
C ILE E 281 -62.56 16.82 11.67
N PHE E 282 -63.24 17.10 10.56
CA PHE E 282 -62.59 17.17 9.24
C PHE E 282 -61.66 18.36 9.08
N ARG E 283 -62.05 19.52 9.62
CA ARG E 283 -61.25 20.72 9.50
C ARG E 283 -60.01 20.67 10.41
N LEU E 284 -60.14 20.06 11.58
CA LEU E 284 -59.02 19.93 12.51
C LEU E 284 -57.90 19.13 11.83
N PHE E 285 -58.30 18.11 11.07
CA PHE E 285 -57.33 17.29 10.36
C PHE E 285 -56.75 18.07 9.18
N THR E 286 -57.61 18.82 8.51
CA THR E 286 -57.20 19.61 7.35
C THR E 286 -56.28 20.75 7.80
N ALA E 287 -56.60 21.32 8.95
CA ALA E 287 -55.83 22.44 9.51
C ALA E 287 -54.47 21.98 10.03
N ILE E 288 -54.49 21.09 11.02
CA ILE E 288 -53.28 20.59 11.62
C ILE E 288 -52.29 19.86 10.70
N MET E 289 -52.79 18.99 9.84
CA MET E 289 -51.92 18.25 8.92
C MET E 289 -51.27 19.12 7.84
N ASN E 290 -51.86 20.29 7.59
CA ASN E 290 -51.32 21.21 6.58
C ASN E 290 -50.41 22.27 7.21
N PHE E 291 -50.30 22.25 8.53
CA PHE E 291 -49.46 23.18 9.28
C PHE E 291 -49.93 24.63 9.20
N LYS E 292 -51.21 24.83 8.86
CA LYS E 292 -51.79 26.17 8.76
C LYS E 292 -51.87 26.81 10.13
N LYS E 293 -50.73 27.34 10.57
CA LYS E 293 -50.57 27.98 11.87
C LYS E 293 -51.58 29.08 12.23
N ASP E 294 -52.18 29.71 11.21
CA ASP E 294 -53.16 30.77 11.47
C ASP E 294 -54.52 30.23 11.89
N GLU E 295 -54.87 29.07 11.37
CA GLU E 295 -56.16 28.45 11.67
C GLU E 295 -56.18 27.61 12.93
N ILE E 296 -55.23 26.68 13.05
CA ILE E 296 -55.13 25.79 14.20
C ILE E 296 -55.60 26.40 15.53
N PRO E 297 -55.03 27.56 15.91
CA PRO E 297 -55.45 28.19 17.18
C PRO E 297 -56.92 28.57 17.18
N VAL E 298 -57.34 29.32 16.16
CA VAL E 298 -58.72 29.78 16.02
C VAL E 298 -59.67 28.59 16.01
N LEU E 299 -59.35 27.59 15.20
CA LEU E 299 -60.15 26.38 15.08
C LEU E 299 -60.20 25.65 16.41
N LEU E 300 -59.09 25.70 17.15
CA LEU E 300 -59.01 25.02 18.43
C LEU E 300 -59.88 25.62 19.51
N GLU E 301 -59.82 26.94 19.69
CA GLU E 301 -60.63 27.59 20.73
C GLU E 301 -62.14 27.41 20.52
N LYS E 302 -62.59 27.38 19.26
CA LYS E 302 -64.01 27.22 18.96
C LYS E 302 -64.58 26.05 19.77
N LEU E 303 -64.24 24.83 19.36
CA LEU E 303 -64.69 23.61 20.01
C LEU E 303 -64.27 23.66 21.48
N GLU E 304 -63.20 24.38 21.74
CA GLU E 304 -62.64 24.57 23.07
C GLU E 304 -61.66 23.46 23.43
N ILE E 305 -60.56 23.39 22.68
CA ILE E 305 -59.53 22.38 22.92
C ILE E 305 -58.29 23.05 23.49
N VAL E 306 -58.29 23.25 24.80
CA VAL E 306 -57.19 23.89 25.51
C VAL E 306 -55.96 22.98 25.67
N LEU E 307 -54.92 23.29 24.90
CA LEU E 307 -53.68 22.52 24.93
C LEU E 307 -52.89 22.71 26.23
N LYS E 308 -52.17 21.67 26.63
CA LYS E 308 -51.38 21.68 27.86
C LYS E 308 -49.95 22.22 27.66
N GLY E 309 -49.84 23.34 26.93
CA GLY E 309 -48.54 23.94 26.69
C GLY E 309 -47.59 23.16 25.81
N ASP E 310 -46.91 22.17 26.38
CA ASP E 310 -45.96 21.35 25.62
C ASP E 310 -46.64 20.83 24.35
N GLU E 311 -47.94 20.59 24.45
CA GLU E 311 -48.73 20.08 23.32
C GLU E 311 -48.94 21.16 22.26
N LYS E 312 -48.76 22.42 22.67
CA LYS E 312 -48.93 23.57 21.79
C LYS E 312 -47.89 23.57 20.67
N ASP E 313 -46.62 23.38 21.02
CA ASP E 313 -45.54 23.38 20.04
C ASP E 313 -45.61 22.19 19.09
N LEU E 314 -46.43 21.20 19.45
CA LEU E 314 -46.58 20.00 18.64
C LEU E 314 -47.18 20.26 17.26
N GLU E 315 -46.63 19.60 16.25
CA GLU E 315 -47.09 19.74 14.86
C GLU E 315 -47.18 18.37 14.19
N GLY E 316 -47.91 18.30 13.08
CA GLY E 316 -48.07 17.05 12.36
C GLY E 316 -48.90 16.05 13.15
N LYS E 317 -48.72 14.76 12.86
CA LYS E 317 -49.47 13.72 13.55
C LYS E 317 -49.35 13.87 15.06
N ALA E 318 -48.18 14.32 15.51
CA ALA E 318 -47.93 14.52 16.93
C ALA E 318 -48.95 15.46 17.55
N LEU E 319 -49.30 16.52 16.83
CA LEU E 319 -50.26 17.51 17.31
C LEU E 319 -51.70 17.00 17.24
N LEU E 320 -52.10 16.49 16.08
CA LEU E 320 -53.45 15.99 15.87
C LEU E 320 -53.85 14.88 16.85
N LYS E 321 -52.89 14.04 17.23
CA LYS E 321 -53.15 12.95 18.17
C LYS E 321 -53.45 13.49 19.57
N VAL E 322 -52.94 14.69 19.86
CA VAL E 322 -53.14 15.32 21.15
C VAL E 322 -54.45 16.11 21.17
N VAL E 323 -54.80 16.69 20.02
CA VAL E 323 -56.02 17.47 19.89
C VAL E 323 -57.24 16.54 19.94
N MET E 324 -57.17 15.43 19.21
CA MET E 324 -58.27 14.47 19.17
C MET E 324 -58.48 13.73 20.48
N ARG E 325 -57.44 13.63 21.29
CA ARG E 325 -57.53 12.95 22.58
C ARG E 325 -58.40 13.75 23.54
N LYS E 326 -58.19 15.07 23.55
CA LYS E 326 -58.93 15.99 24.40
C LYS E 326 -60.32 16.34 23.82
N PHE E 327 -60.39 16.42 22.50
CA PHE E 327 -61.65 16.73 21.82
C PHE E 327 -62.66 15.59 21.99
N LEU E 328 -62.26 14.39 21.58
CA LEU E 328 -63.14 13.23 21.70
C LEU E 328 -62.41 12.02 22.29
N PRO E 329 -62.43 11.89 23.64
CA PRO E 329 -61.79 10.80 24.39
C PRO E 329 -62.41 9.43 24.07
N ALA E 330 -61.72 8.64 23.25
CA ALA E 330 -62.20 7.32 22.84
C ALA E 330 -62.75 6.47 23.99
N ALA E 331 -61.92 6.25 25.01
CA ALA E 331 -62.30 5.43 26.16
C ALA E 331 -63.71 5.71 26.69
N ASP E 332 -64.13 6.97 26.65
CA ASP E 332 -65.45 7.35 27.15
C ASP E 332 -66.60 7.02 26.21
N ALA E 333 -66.41 7.26 24.91
CA ALA E 333 -67.46 6.95 23.94
C ALA E 333 -67.76 5.47 24.06
N LEU E 334 -66.73 4.70 24.43
CA LEU E 334 -66.81 3.24 24.61
C LEU E 334 -67.49 2.85 25.94
N LEU E 335 -67.21 3.60 26.99
CA LEU E 335 -67.78 3.35 28.32
C LEU E 335 -69.25 3.80 28.39
N GLU E 336 -69.66 4.61 27.41
CA GLU E 336 -71.02 5.16 27.33
C GLU E 336 -72.05 4.09 26.95
N MET E 337 -71.93 3.60 25.72
CA MET E 337 -72.84 2.59 25.20
C MET E 337 -72.92 1.43 26.19
N ILE E 338 -71.76 0.92 26.56
CA ILE E 338 -71.64 -0.19 27.51
C ILE E 338 -72.68 -0.12 28.62
N VAL E 339 -72.60 0.94 29.41
CA VAL E 339 -73.51 1.17 30.53
C VAL E 339 -74.98 1.38 30.13
N LEU E 340 -75.20 2.36 29.25
CA LEU E 340 -76.54 2.71 28.80
C LEU E 340 -77.26 1.58 28.06
N HIS E 341 -76.49 0.75 27.37
CA HIS E 341 -77.06 -0.33 26.59
C HIS E 341 -76.80 -1.72 27.12
N LEU E 342 -75.56 -2.18 27.04
CA LEU E 342 -75.21 -3.51 27.52
C LEU E 342 -76.02 -3.88 28.77
N PRO E 343 -76.42 -5.17 28.88
CA PRO E 343 -77.19 -5.70 30.01
C PRO E 343 -76.44 -6.14 31.28
N SER E 344 -77.18 -6.16 32.40
CA SER E 344 -76.65 -6.57 33.69
C SER E 344 -77.03 -8.03 33.91
N PRO E 345 -76.36 -8.70 34.86
CA PRO E 345 -76.61 -10.11 35.19
C PRO E 345 -77.95 -10.40 35.88
N VAL E 346 -78.97 -9.60 35.60
CA VAL E 346 -80.29 -9.82 36.19
C VAL E 346 -81.27 -9.96 35.05
N THR E 347 -81.04 -9.15 34.02
CA THR E 347 -81.87 -9.13 32.82
C THR E 347 -81.59 -10.38 31.97
N ALA E 348 -80.30 -10.66 31.77
CA ALA E 348 -79.86 -11.80 30.95
C ALA E 348 -80.09 -13.19 31.55
N GLN E 349 -79.95 -13.32 32.87
CA GLN E 349 -80.13 -14.61 33.52
C GLN E 349 -81.56 -15.16 33.53
N ALA E 350 -82.52 -14.29 33.25
CA ALA E 350 -83.90 -14.73 33.23
C ALA E 350 -84.20 -15.53 31.96
N TYR E 351 -83.62 -15.10 30.85
CA TYR E 351 -83.82 -15.75 29.55
C TYR E 351 -82.60 -16.53 29.06
N ARG E 352 -81.58 -16.66 29.92
CA ARG E 352 -80.37 -17.40 29.53
C ARG E 352 -80.16 -18.62 30.42
N ALA E 353 -80.83 -18.61 31.57
CA ALA E 353 -80.76 -19.70 32.54
C ALA E 353 -81.03 -21.08 31.93
N GLU E 354 -82.25 -21.25 31.43
CA GLU E 354 -82.65 -22.52 30.81
C GLU E 354 -81.62 -23.04 29.80
N GLN E 355 -81.08 -22.13 28.99
CA GLN E 355 -80.09 -22.47 27.98
C GLN E 355 -78.73 -22.84 28.59
N LEU E 356 -78.52 -22.44 29.84
CA LEU E 356 -77.24 -22.73 30.53
C LEU E 356 -77.34 -23.83 31.59
N TYR E 357 -78.54 -24.31 31.86
CA TYR E 357 -78.72 -25.38 32.84
C TYR E 357 -79.18 -26.64 32.12
N GLU E 358 -78.41 -27.71 32.28
CA GLU E 358 -78.73 -28.99 31.64
C GLU E 358 -79.61 -29.89 32.50
N GLY E 359 -80.45 -29.25 33.32
CA GLY E 359 -81.36 -29.99 34.18
C GLY E 359 -82.79 -29.52 33.91
N PRO E 360 -83.74 -29.80 34.83
CA PRO E 360 -85.14 -29.39 34.65
C PRO E 360 -85.33 -27.86 34.60
N ALA E 361 -85.94 -27.36 33.52
CA ALA E 361 -86.17 -25.93 33.35
C ALA E 361 -87.02 -25.35 34.50
N ASP E 362 -87.43 -26.22 35.41
CA ASP E 362 -88.24 -25.82 36.57
C ASP E 362 -87.53 -26.24 37.86
N ASP E 363 -86.39 -26.89 37.71
CA ASP E 363 -85.60 -27.36 38.84
C ASP E 363 -85.34 -26.22 39.82
N ALA E 364 -85.34 -26.56 41.12
CA ALA E 364 -85.11 -25.58 42.18
C ALA E 364 -83.99 -24.62 41.84
N ASN E 365 -82.99 -25.13 41.13
CA ASN E 365 -81.82 -24.32 40.75
C ASN E 365 -82.00 -23.49 39.48
N CYS E 366 -82.55 -24.09 38.42
CA CYS E 366 -82.74 -23.34 37.16
C CYS E 366 -83.52 -22.07 37.45
N ILE E 367 -84.39 -22.17 38.46
CA ILE E 367 -85.22 -21.04 38.88
C ILE E 367 -84.28 -20.04 39.54
N ALA E 368 -83.54 -20.52 40.54
CA ALA E 368 -82.58 -19.69 41.26
C ALA E 368 -81.69 -18.96 40.29
N ILE E 369 -81.51 -19.54 39.10
CA ILE E 369 -80.67 -18.95 38.05
C ILE E 369 -81.38 -17.75 37.42
N LYS E 370 -82.61 -17.98 36.94
CA LYS E 370 -83.42 -16.93 36.32
C LYS E 370 -83.54 -15.76 37.28
N ASN E 371 -83.83 -16.06 38.54
CA ASN E 371 -83.99 -15.06 39.59
C ASN E 371 -82.67 -14.58 40.18
N CYS E 372 -81.56 -15.03 39.60
CA CYS E 372 -80.23 -14.66 40.07
C CYS E 372 -80.30 -14.41 41.58
N ASP E 373 -80.90 -15.36 42.28
CA ASP E 373 -81.07 -15.28 43.72
C ASP E 373 -79.82 -15.67 44.50
N PRO E 374 -79.27 -14.74 45.30
CA PRO E 374 -78.07 -14.98 46.11
C PRO E 374 -78.35 -15.73 47.42
N LYS E 375 -79.56 -16.28 47.55
CA LYS E 375 -79.98 -17.00 48.75
C LYS E 375 -80.08 -18.51 48.50
N ALA E 376 -80.36 -18.88 47.26
CA ALA E 376 -80.51 -20.29 46.87
C ALA E 376 -79.18 -21.05 46.87
N ASP E 377 -79.27 -22.34 46.59
CA ASP E 377 -78.09 -23.19 46.55
C ASP E 377 -77.10 -22.67 45.53
N LEU E 378 -75.82 -22.77 45.85
CA LEU E 378 -74.77 -22.31 44.96
C LEU E 378 -74.87 -22.92 43.58
N MET E 379 -74.47 -22.12 42.59
CA MET E 379 -74.45 -22.49 41.20
C MET E 379 -73.42 -21.58 40.58
N LEU E 380 -72.17 -21.97 40.71
CA LEU E 380 -71.06 -21.18 40.20
C LEU E 380 -70.44 -21.88 38.99
N TYR E 381 -70.31 -21.15 37.89
CA TYR E 381 -69.76 -21.73 36.67
C TYR E 381 -68.29 -21.40 36.46
N VAL E 382 -67.49 -22.45 36.28
CA VAL E 382 -66.07 -22.27 36.05
C VAL E 382 -65.80 -22.37 34.57
N SER E 383 -65.48 -21.23 33.96
CA SER E 383 -65.21 -21.17 32.54
C SER E 383 -63.78 -21.58 32.17
N LYS E 384 -62.81 -21.26 33.03
CA LYS E 384 -61.43 -21.63 32.74
C LYS E 384 -60.51 -21.56 33.95
N MET E 385 -59.41 -22.30 33.88
CA MET E 385 -58.42 -22.30 34.95
C MET E 385 -57.29 -21.38 34.46
N VAL E 386 -56.87 -20.45 35.31
CA VAL E 386 -55.80 -19.52 34.97
C VAL E 386 -54.59 -19.67 35.88
N PRO E 387 -53.38 -19.68 35.28
CA PRO E 387 -52.07 -19.81 35.93
C PRO E 387 -51.72 -18.73 36.93
N THR E 388 -51.18 -19.15 38.07
CA THR E 388 -50.80 -18.21 39.11
C THR E 388 -49.31 -18.28 39.45
N SER E 389 -48.80 -17.21 40.03
CA SER E 389 -47.39 -17.12 40.42
C SER E 389 -47.23 -18.06 41.59
N ASP E 390 -48.24 -18.08 42.44
CA ASP E 390 -48.24 -18.93 43.63
C ASP E 390 -48.11 -20.41 43.21
N LYS E 391 -46.88 -20.86 43.00
CA LYS E 391 -46.59 -22.23 42.60
C LYS E 391 -47.03 -22.49 41.15
N GLY E 392 -47.31 -23.75 40.85
CA GLY E 392 -47.78 -24.11 39.52
C GLY E 392 -49.29 -24.24 39.67
N ARG E 393 -49.81 -23.60 40.71
CA ARG E 393 -51.23 -23.60 41.03
C ARG E 393 -52.05 -22.79 40.05
N PHE E 394 -53.33 -23.14 39.96
CA PHE E 394 -54.27 -22.47 39.06
C PHE E 394 -55.52 -22.06 39.82
N TYR E 395 -56.01 -20.85 39.52
CA TYR E 395 -57.23 -20.33 40.14
C TYR E 395 -58.40 -20.46 39.17
N ALA E 396 -59.53 -20.95 39.67
CA ALA E 396 -60.71 -21.12 38.86
C ALA E 396 -61.35 -19.79 38.54
N PHE E 397 -61.69 -19.58 37.28
CA PHE E 397 -62.33 -18.34 36.86
C PHE E 397 -63.73 -18.70 36.37
N GLY E 398 -64.71 -17.91 36.79
CA GLY E 398 -66.07 -18.18 36.39
C GLY E 398 -67.08 -17.14 36.83
N ARG E 399 -68.33 -17.57 36.95
CA ARG E 399 -69.43 -16.70 37.33
C ARG E 399 -70.40 -17.37 38.29
N VAL E 400 -70.93 -16.58 39.21
CA VAL E 400 -71.88 -17.06 40.21
C VAL E 400 -73.29 -16.86 39.69
N PHE E 401 -73.89 -17.91 39.15
CA PHE E 401 -75.24 -17.83 38.61
C PHE E 401 -76.34 -17.92 39.64
N ALA E 402 -75.98 -18.36 40.85
CA ALA E 402 -76.96 -18.49 41.93
C ALA E 402 -76.29 -18.69 43.28
N GLY E 403 -76.96 -18.22 44.33
CA GLY E 403 -76.43 -18.32 45.68
C GLY E 403 -75.21 -17.44 45.80
N THR E 404 -74.42 -17.66 46.85
CA THR E 404 -73.21 -16.88 47.04
C THR E 404 -72.07 -17.79 47.47
N VAL E 405 -70.90 -17.56 46.88
CA VAL E 405 -69.72 -18.34 47.21
C VAL E 405 -68.94 -17.55 48.26
N LYS E 406 -68.28 -18.25 49.19
CA LYS E 406 -67.52 -17.60 50.26
C LYS E 406 -66.35 -18.43 50.77
N SER E 407 -65.21 -17.76 50.96
CA SER E 407 -64.01 -18.41 51.44
C SER E 407 -64.34 -19.42 52.53
N GLY E 408 -63.73 -20.61 52.43
CA GLY E 408 -63.97 -21.63 53.42
C GLY E 408 -65.20 -22.48 53.20
N GLN E 409 -66.22 -21.90 52.55
CA GLN E 409 -67.44 -22.62 52.26
C GLN E 409 -67.13 -23.90 51.50
N LYS E 410 -67.62 -25.04 52.00
CA LYS E 410 -67.39 -26.31 51.34
C LYS E 410 -68.40 -26.53 50.22
N VAL E 411 -67.87 -26.72 49.02
CA VAL E 411 -68.67 -26.89 47.82
C VAL E 411 -68.55 -28.26 47.17
N ARG E 412 -69.53 -28.58 46.34
CA ARG E 412 -69.53 -29.83 45.58
C ARG E 412 -68.98 -29.45 44.22
N ILE E 413 -67.80 -29.97 43.88
CA ILE E 413 -67.22 -29.68 42.58
C ILE E 413 -67.62 -30.77 41.60
N GLN E 414 -68.60 -30.45 40.78
CA GLN E 414 -69.13 -31.38 39.82
C GLN E 414 -68.40 -31.25 38.48
N GLY E 415 -67.61 -32.27 38.17
CA GLY E 415 -66.84 -32.27 36.94
C GLY E 415 -67.64 -32.64 35.71
N PRO E 416 -66.98 -32.67 34.54
CA PRO E 416 -67.60 -32.99 33.25
C PRO E 416 -68.48 -34.24 33.24
N ASN E 417 -67.97 -35.35 33.75
CA ASN E 417 -68.70 -36.61 33.75
C ASN E 417 -69.77 -36.80 34.82
N TYR E 418 -69.83 -35.90 35.78
CA TYR E 418 -70.80 -36.00 36.87
C TYR E 418 -72.26 -36.08 36.41
N VAL E 419 -73.06 -36.75 37.22
CA VAL E 419 -74.49 -36.92 37.00
C VAL E 419 -75.08 -37.06 38.40
N PRO E 420 -76.09 -36.21 38.74
CA PRO E 420 -76.74 -36.23 40.05
C PRO E 420 -77.00 -37.64 40.59
N GLY E 421 -77.27 -38.57 39.69
CA GLY E 421 -77.53 -39.95 40.08
C GLY E 421 -76.37 -40.65 40.75
N LYS E 422 -75.24 -40.78 40.03
CA LYS E 422 -74.04 -41.44 40.55
C LYS E 422 -73.12 -40.55 41.36
N LYS E 423 -71.98 -41.12 41.76
CA LYS E 423 -70.97 -40.39 42.54
C LYS E 423 -69.66 -40.21 41.78
N ASP E 424 -69.70 -40.44 40.47
CA ASP E 424 -68.51 -40.30 39.64
C ASP E 424 -68.18 -38.83 39.38
N ASP E 425 -66.90 -38.52 39.31
CA ASP E 425 -66.43 -37.17 39.03
C ASP E 425 -66.87 -36.10 40.03
N LEU E 426 -66.99 -36.46 41.30
CA LEU E 426 -67.40 -35.50 42.32
C LEU E 426 -66.24 -35.26 43.28
N PHE E 427 -66.20 -34.10 43.93
CA PHE E 427 -65.09 -33.81 44.85
C PHE E 427 -65.50 -32.84 45.93
N ILE E 428 -66.37 -33.27 46.84
CA ILE E 428 -66.81 -32.41 47.92
C ILE E 428 -65.62 -31.83 48.69
N LYS E 429 -65.18 -30.65 48.30
CA LYS E 429 -64.05 -30.02 48.96
C LYS E 429 -64.39 -28.64 49.49
N ALA E 430 -63.42 -28.00 50.13
CA ALA E 430 -63.61 -26.68 50.70
C ALA E 430 -62.92 -25.57 49.90
N ILE E 431 -63.67 -24.52 49.59
CA ILE E 431 -63.13 -23.38 48.84
C ILE E 431 -62.09 -22.64 49.69
N GLN E 432 -60.82 -22.88 49.40
CA GLN E 432 -59.75 -22.25 50.15
C GLN E 432 -59.85 -20.74 50.21
N ARG E 433 -59.95 -20.08 49.06
CA ARG E 433 -60.00 -18.63 49.07
C ARG E 433 -60.69 -18.02 47.85
N VAL E 434 -61.60 -17.06 48.08
CA VAL E 434 -62.30 -16.39 47.00
C VAL E 434 -61.54 -15.10 46.69
N VAL E 435 -61.27 -14.86 45.41
CA VAL E 435 -60.52 -13.68 45.03
C VAL E 435 -61.05 -12.96 43.77
N LEU E 436 -60.86 -11.64 43.73
CA LEU E 436 -61.30 -10.82 42.60
C LEU E 436 -60.24 -10.82 41.51
N MET E 437 -60.66 -11.09 40.27
CA MET E 437 -59.71 -11.11 39.16
C MET E 437 -59.41 -9.70 38.66
N MET E 438 -58.63 -8.97 39.45
CA MET E 438 -58.23 -7.59 39.13
C MET E 438 -57.20 -7.56 38.01
N GLY E 439 -57.53 -8.21 36.91
CA GLY E 439 -56.61 -8.24 35.79
C GLY E 439 -55.43 -9.17 35.99
N ARG E 440 -54.35 -8.62 36.53
CA ARG E 440 -53.13 -9.39 36.74
C ARG E 440 -52.87 -9.71 38.20
N PHE E 441 -53.63 -9.06 39.08
CA PHE E 441 -53.50 -9.27 40.52
C PHE E 441 -54.83 -9.77 41.06
N VAL E 442 -54.76 -10.48 42.19
CA VAL E 442 -55.96 -11.01 42.84
C VAL E 442 -56.20 -10.34 44.18
N GLU E 443 -57.46 -10.04 44.49
CA GLU E 443 -57.80 -9.40 45.76
C GLU E 443 -58.82 -10.21 46.57
N PRO E 444 -58.36 -10.83 47.66
CA PRO E 444 -59.21 -11.65 48.54
C PRO E 444 -60.53 -10.97 48.93
N ILE E 445 -61.61 -11.75 48.91
CA ILE E 445 -62.93 -11.25 49.25
C ILE E 445 -63.70 -12.37 49.96
N ASP E 446 -64.35 -12.03 51.07
CA ASP E 446 -65.11 -13.00 51.85
C ASP E 446 -66.07 -13.82 51.00
N ASP E 447 -67.15 -13.16 50.58
CA ASP E 447 -68.17 -13.80 49.77
C ASP E 447 -68.44 -13.01 48.51
N CYS E 448 -69.22 -13.61 47.62
CA CYS E 448 -69.56 -12.99 46.37
C CYS E 448 -70.94 -13.46 45.98
N PRO E 449 -71.89 -12.53 45.82
CA PRO E 449 -73.26 -12.86 45.44
C PRO E 449 -73.46 -13.11 43.93
N ALA E 450 -74.51 -13.88 43.62
CA ALA E 450 -74.83 -14.22 42.23
C ALA E 450 -74.86 -13.04 41.29
N GLY E 451 -74.34 -13.25 40.07
CA GLY E 451 -74.33 -12.20 39.08
C GLY E 451 -72.97 -11.62 38.76
N ASN E 452 -71.94 -12.03 39.50
CA ASN E 452 -70.61 -11.47 39.23
C ASN E 452 -69.58 -12.48 38.73
N ILE E 453 -68.47 -11.96 38.24
CA ILE E 453 -67.37 -12.77 37.74
C ILE E 453 -66.35 -12.78 38.87
N ILE E 454 -66.11 -13.96 39.42
CA ILE E 454 -65.18 -14.09 40.54
C ILE E 454 -64.14 -15.19 40.36
N GLY E 455 -63.14 -15.20 41.22
CA GLY E 455 -62.09 -16.21 41.14
C GLY E 455 -62.08 -17.12 42.36
N LEU E 456 -61.64 -18.36 42.16
CA LEU E 456 -61.56 -19.34 43.24
C LEU E 456 -60.14 -19.94 43.40
N VAL E 457 -59.73 -20.15 44.65
CA VAL E 457 -58.41 -20.67 44.95
C VAL E 457 -58.44 -22.02 45.66
N GLY E 458 -57.92 -23.05 45.01
CA GLY E 458 -57.90 -24.35 45.64
C GLY E 458 -58.72 -25.44 44.97
N ILE E 459 -59.01 -25.27 43.68
CA ILE E 459 -59.78 -26.26 42.93
C ILE E 459 -58.91 -26.96 41.89
N ASP E 460 -57.79 -26.32 41.55
CA ASP E 460 -56.84 -26.82 40.55
C ASP E 460 -56.68 -28.34 40.46
N GLN E 461 -56.68 -29.04 41.59
CA GLN E 461 -56.53 -30.49 41.60
C GLN E 461 -57.85 -31.27 41.54
N PHE E 462 -58.94 -30.59 41.21
CA PHE E 462 -60.23 -31.24 41.12
C PHE E 462 -60.84 -30.97 39.75
N LEU E 463 -60.64 -29.73 39.27
CA LEU E 463 -61.15 -29.32 37.98
C LEU E 463 -60.02 -29.09 36.98
N LEU E 464 -60.03 -29.84 35.89
CA LEU E 464 -59.00 -29.71 34.87
C LEU E 464 -59.05 -28.31 34.27
N LYS E 465 -60.20 -27.94 33.72
CA LYS E 465 -60.38 -26.64 33.08
C LYS E 465 -61.76 -26.06 33.35
N THR E 466 -62.79 -26.82 32.99
CA THR E 466 -64.19 -26.40 33.17
C THR E 466 -64.93 -27.24 34.18
N GLY E 467 -65.91 -26.64 34.82
CA GLY E 467 -66.68 -27.37 35.81
C GLY E 467 -67.78 -26.56 36.48
N THR E 468 -68.57 -27.26 37.27
CA THR E 468 -69.69 -26.66 38.00
C THR E 468 -69.54 -26.84 39.50
N LEU E 469 -69.87 -25.78 40.24
CA LEU E 469 -69.80 -25.83 41.69
C LEU E 469 -71.19 -25.54 42.24
N THR E 470 -71.70 -26.45 43.07
CA THR E 470 -73.02 -26.30 43.66
C THR E 470 -73.04 -26.62 45.15
N THR E 471 -74.24 -26.70 45.70
CA THR E 471 -74.45 -27.04 47.11
C THR E 471 -75.66 -27.98 47.14
N SER E 472 -76.48 -27.89 46.10
CA SER E 472 -77.66 -28.71 45.95
C SER E 472 -77.26 -30.12 45.52
N GLU E 473 -77.56 -31.10 46.36
CA GLU E 473 -77.24 -32.50 46.09
C GLU E 473 -77.92 -33.02 44.83
N THR E 474 -79.00 -32.36 44.45
CA THR E 474 -79.77 -32.73 43.27
C THR E 474 -79.52 -31.71 42.16
N ALA E 475 -78.30 -31.19 42.09
CA ALA E 475 -77.95 -30.17 41.10
C ALA E 475 -77.18 -30.69 39.89
N HIS E 476 -77.76 -30.53 38.70
CA HIS E 476 -77.13 -30.93 37.44
C HIS E 476 -75.98 -29.98 37.12
N ASN E 477 -75.20 -30.32 36.10
CA ASN E 477 -74.10 -29.48 35.70
C ASN E 477 -74.63 -28.47 34.69
N MET E 478 -73.90 -27.37 34.52
CA MET E 478 -74.32 -26.34 33.61
C MET E 478 -73.58 -26.51 32.28
N LYS E 479 -74.23 -26.12 31.20
CA LYS E 479 -73.66 -26.24 29.85
C LYS E 479 -72.14 -26.45 29.89
N VAL E 480 -71.73 -27.70 29.91
CA VAL E 480 -70.32 -28.06 29.94
C VAL E 480 -69.64 -27.71 28.62
N MET E 481 -68.35 -27.42 28.69
CA MET E 481 -67.59 -27.11 27.51
C MET E 481 -66.59 -28.24 27.35
N LYS E 482 -66.82 -29.10 26.37
CA LYS E 482 -65.94 -30.24 26.14
C LYS E 482 -64.48 -29.87 25.86
N PHE E 483 -63.61 -30.23 26.80
CA PHE E 483 -62.17 -29.99 26.70
C PHE E 483 -61.51 -31.33 26.97
N SER E 484 -60.56 -31.71 26.14
CA SER E 484 -59.87 -32.97 26.37
C SER E 484 -58.41 -32.70 26.66
N VAL E 485 -57.84 -33.51 27.55
CA VAL E 485 -56.45 -33.34 27.91
C VAL E 485 -55.60 -34.38 27.19
N SER E 486 -56.24 -35.14 26.30
CA SER E 486 -55.56 -36.19 25.54
C SER E 486 -54.57 -35.66 24.50
N PRO E 487 -53.28 -35.95 24.70
CA PRO E 487 -52.18 -35.54 23.83
C PRO E 487 -52.23 -36.29 22.53
N VAL E 488 -53.17 -35.95 21.66
CA VAL E 488 -53.30 -36.66 20.39
C VAL E 488 -52.41 -36.16 19.27
N VAL E 489 -51.57 -35.18 19.56
CA VAL E 489 -50.66 -34.63 18.57
C VAL E 489 -49.42 -34.12 19.27
N GLN E 490 -48.27 -34.60 18.82
CA GLN E 490 -47.01 -34.19 19.43
C GLN E 490 -45.95 -33.88 18.39
N VAL E 491 -44.79 -33.45 18.89
CA VAL E 491 -43.64 -33.10 18.07
C VAL E 491 -42.39 -33.22 18.92
N ALA E 492 -41.25 -33.40 18.25
CA ALA E 492 -39.98 -33.50 18.94
C ALA E 492 -39.35 -32.13 18.85
N VAL E 493 -38.96 -31.59 20.00
CA VAL E 493 -38.37 -30.28 20.04
C VAL E 493 -36.86 -30.38 20.11
N GLU E 494 -36.21 -29.34 19.60
CA GLU E 494 -34.76 -29.25 19.58
C GLU E 494 -34.41 -27.83 19.15
N VAL E 495 -33.36 -27.27 19.76
CA VAL E 495 -32.92 -25.93 19.43
C VAL E 495 -32.16 -25.93 18.11
N LYS E 496 -31.54 -24.79 17.79
CA LYS E 496 -30.75 -24.66 16.57
C LYS E 496 -29.32 -24.40 17.04
N ASN E 497 -29.17 -24.24 18.35
CA ASN E 497 -27.87 -23.96 18.97
C ASN E 497 -27.69 -24.84 20.23
N ALA E 498 -26.44 -25.18 20.56
CA ALA E 498 -26.12 -26.06 21.70
C ALA E 498 -26.05 -25.49 23.11
N ASN E 499 -25.15 -24.55 23.35
CA ASN E 499 -25.01 -23.95 24.68
C ASN E 499 -26.36 -23.71 25.37
N ASP E 500 -27.38 -23.43 24.56
CA ASP E 500 -28.74 -23.14 25.02
C ASP E 500 -29.55 -24.32 25.55
N LEU E 501 -28.98 -25.52 25.52
CA LEU E 501 -29.70 -26.71 25.99
C LEU E 501 -30.45 -26.44 27.29
N PRO E 502 -29.74 -25.93 28.32
CA PRO E 502 -30.40 -25.66 29.61
C PRO E 502 -31.64 -24.79 29.42
N LYS E 503 -31.55 -23.87 28.45
CA LYS E 503 -32.62 -22.95 28.14
C LYS E 503 -33.85 -23.66 27.57
N LEU E 504 -33.63 -24.84 26.96
CA LEU E 504 -34.71 -25.63 26.39
C LEU E 504 -35.33 -26.47 27.51
N VAL E 505 -34.47 -27.11 28.28
CA VAL E 505 -34.88 -27.95 29.39
C VAL E 505 -35.68 -27.10 30.38
N GLU E 506 -35.57 -25.78 30.23
CA GLU E 506 -36.27 -24.88 31.13
C GLU E 506 -37.61 -24.40 30.57
N GLY E 507 -37.59 -23.88 29.34
CA GLY E 507 -38.80 -23.39 28.72
C GLY E 507 -39.89 -24.45 28.70
N LEU E 508 -39.49 -25.69 28.41
CA LEU E 508 -40.43 -26.81 28.38
C LEU E 508 -41.16 -26.96 29.71
N LYS E 509 -40.40 -26.94 30.81
CA LYS E 509 -40.99 -27.06 32.15
C LYS E 509 -41.86 -25.85 32.42
N ARG E 510 -41.36 -24.69 31.98
CA ARG E 510 -42.08 -23.43 32.14
C ARG E 510 -43.37 -23.48 31.33
N LEU E 511 -43.30 -24.15 30.18
CA LEU E 511 -44.46 -24.30 29.29
C LEU E 511 -45.52 -25.20 29.93
N SER E 512 -45.08 -26.28 30.55
CA SER E 512 -45.98 -27.21 31.22
C SER E 512 -46.66 -26.56 32.42
N LYS E 513 -46.07 -25.46 32.89
CA LYS E 513 -46.62 -24.74 34.03
C LYS E 513 -47.72 -23.79 33.56
N SER E 514 -47.48 -23.15 32.41
CA SER E 514 -48.42 -22.19 31.83
C SER E 514 -49.68 -22.82 31.25
N ASP E 515 -49.62 -24.12 30.93
CA ASP E 515 -50.77 -24.81 30.35
C ASP E 515 -51.00 -26.20 30.98
N PRO E 516 -52.25 -26.53 31.30
CA PRO E 516 -52.64 -27.81 31.91
C PRO E 516 -52.66 -28.95 30.90
N CYS E 517 -53.12 -28.64 29.70
CA CYS E 517 -53.24 -29.62 28.62
C CYS E 517 -52.01 -29.90 27.77
N VAL E 518 -51.02 -29.01 27.78
CA VAL E 518 -49.83 -29.27 26.98
C VAL E 518 -49.00 -30.25 27.80
N LEU E 519 -48.19 -31.05 27.11
CA LEU E 519 -47.36 -32.02 27.80
C LEU E 519 -45.97 -32.12 27.17
N THR E 520 -44.95 -32.07 28.02
CA THR E 520 -43.55 -32.17 27.58
C THR E 520 -42.90 -33.32 28.33
N TYR E 521 -42.02 -34.06 27.67
CA TYR E 521 -41.36 -35.18 28.34
C TYR E 521 -40.10 -35.69 27.65
N MET E 522 -39.23 -36.29 28.45
CA MET E 522 -37.98 -36.86 27.95
C MET E 522 -38.20 -38.32 27.58
N SER E 523 -38.07 -38.63 26.29
CA SER E 523 -38.24 -39.98 25.77
C SER E 523 -37.00 -40.84 26.10
N GLU E 524 -37.02 -42.11 25.70
CA GLU E 524 -35.88 -42.99 25.97
C GLU E 524 -34.64 -42.61 25.18
N SER E 525 -34.84 -42.16 23.94
CA SER E 525 -33.75 -41.73 23.07
C SER E 525 -33.20 -40.37 23.51
N GLY E 526 -33.55 -39.96 24.72
CA GLY E 526 -33.09 -38.66 25.22
C GLY E 526 -33.85 -37.54 24.52
N GLU E 527 -34.89 -37.92 23.77
CA GLU E 527 -35.73 -37.01 23.01
C GLU E 527 -36.69 -36.19 23.85
N HIS E 528 -36.80 -34.90 23.51
CA HIS E 528 -37.72 -33.99 24.19
C HIS E 528 -38.97 -33.89 23.32
N ILE E 529 -40.13 -34.00 23.94
CA ILE E 529 -41.36 -33.95 23.16
C ILE E 529 -42.33 -32.90 23.68
N VAL E 530 -43.29 -32.56 22.81
CA VAL E 530 -44.32 -31.57 23.10
C VAL E 530 -45.63 -31.91 22.41
N ALA E 531 -46.60 -32.41 23.17
CA ALA E 531 -47.89 -32.79 22.62
C ALA E 531 -49.03 -31.88 23.05
N GLY E 532 -50.00 -31.72 22.16
CA GLY E 532 -51.14 -30.87 22.45
C GLY E 532 -52.47 -31.45 22.00
N THR E 533 -53.55 -30.81 22.44
CA THR E 533 -54.91 -31.22 22.14
C THR E 533 -55.26 -31.27 20.65
N GLY E 534 -54.46 -30.61 19.82
CA GLY E 534 -54.75 -30.62 18.41
C GLY E 534 -53.75 -29.84 17.56
N GLU E 535 -54.11 -29.65 16.30
CA GLU E 535 -53.25 -28.94 15.35
C GLU E 535 -52.83 -27.57 15.89
N LEU E 536 -53.80 -26.68 15.97
CA LEU E 536 -53.60 -25.34 16.45
C LEU E 536 -52.91 -25.35 17.80
N HIS E 537 -53.65 -25.77 18.82
CA HIS E 537 -53.16 -25.83 20.18
C HIS E 537 -51.66 -26.10 20.22
N LEU E 538 -51.23 -27.18 19.56
CA LEU E 538 -49.81 -27.53 19.53
C LEU E 538 -49.07 -26.41 18.84
N GLU E 539 -49.60 -25.98 17.70
CA GLU E 539 -48.98 -24.91 16.94
C GLU E 539 -48.64 -23.74 17.87
N ILE E 540 -49.67 -23.25 18.56
CA ILE E 540 -49.53 -22.14 19.50
C ILE E 540 -48.38 -22.38 20.48
N CYS E 541 -48.55 -23.41 21.29
CA CYS E 541 -47.57 -23.79 22.31
C CYS E 541 -46.12 -23.76 21.80
N LEU E 542 -45.93 -24.09 20.54
CA LEU E 542 -44.59 -24.10 19.96
C LEU E 542 -43.97 -22.69 19.88
N GLN E 543 -44.68 -21.78 19.23
CA GLN E 543 -44.19 -20.40 19.09
C GLN E 543 -43.76 -19.87 20.44
N ASP E 544 -44.72 -19.76 21.35
CA ASP E 544 -44.48 -19.27 22.71
C ASP E 544 -43.24 -19.87 23.36
N LEU E 545 -42.86 -21.08 22.96
CA LEU E 545 -41.68 -21.72 23.54
C LEU E 545 -40.41 -21.15 22.93
N GLU E 546 -40.29 -21.25 21.61
CA GLU E 546 -39.13 -20.74 20.87
C GLU E 546 -39.00 -19.22 21.00
N HIS E 547 -40.07 -18.58 21.46
CA HIS E 547 -40.07 -17.14 21.59
C HIS E 547 -39.91 -16.65 23.02
N ASP E 548 -40.63 -17.30 23.95
CA ASP E 548 -40.57 -16.91 25.37
C ASP E 548 -39.89 -17.93 26.29
N HIS E 549 -40.65 -18.95 26.71
CA HIS E 549 -40.17 -20.01 27.59
C HIS E 549 -38.71 -20.38 27.35
N ALA E 550 -38.40 -20.69 26.08
CA ALA E 550 -37.07 -21.08 25.68
C ALA E 550 -36.04 -19.95 25.69
N GLY E 551 -34.80 -20.31 25.94
CA GLY E 551 -33.74 -19.33 25.97
C GLY E 551 -33.06 -19.16 24.63
N VAL E 552 -33.60 -19.77 23.59
CA VAL E 552 -33.00 -19.66 22.26
C VAL E 552 -33.94 -20.23 21.18
N PRO E 553 -33.56 -20.13 19.88
CA PRO E 553 -34.36 -20.65 18.75
C PRO E 553 -34.56 -22.18 18.78
N LEU E 554 -35.48 -22.67 17.94
CA LEU E 554 -35.77 -24.11 17.89
C LEU E 554 -36.08 -24.66 16.47
N LYS E 555 -35.97 -25.97 16.33
CA LYS E 555 -36.26 -26.70 15.11
C LYS E 555 -37.27 -27.80 15.46
N ILE E 556 -38.35 -27.86 14.70
CA ILE E 556 -39.43 -28.82 14.98
C ILE E 556 -39.98 -29.59 13.73
N SER E 557 -40.33 -30.86 13.90
CA SER E 557 -40.88 -31.69 12.84
C SER E 557 -42.37 -31.46 12.57
N PRO E 558 -42.86 -31.87 11.38
CA PRO E 558 -44.26 -31.69 11.05
C PRO E 558 -45.07 -32.63 11.95
N PRO E 559 -46.34 -32.26 12.27
CA PRO E 559 -47.36 -32.95 13.10
C PRO E 559 -47.57 -34.48 13.00
N VAL E 560 -47.34 -35.15 14.11
CA VAL E 560 -47.52 -36.58 14.22
C VAL E 560 -48.71 -36.88 15.13
N VAL E 561 -49.58 -37.79 14.70
CA VAL E 561 -50.73 -38.15 15.53
C VAL E 561 -50.24 -39.26 16.45
N ALA E 562 -50.70 -39.26 17.69
CA ALA E 562 -50.30 -40.27 18.66
C ALA E 562 -51.30 -41.40 18.60
N TYR E 563 -50.79 -42.62 18.49
CA TYR E 563 -51.62 -43.82 18.43
C TYR E 563 -51.49 -44.60 19.72
N ARG E 564 -51.98 -45.83 19.69
CA ARG E 564 -51.92 -46.73 20.84
C ARG E 564 -51.66 -48.13 20.35
N GLU E 565 -50.90 -48.89 21.13
CA GLU E 565 -50.60 -50.27 20.80
C GLU E 565 -51.50 -51.14 21.69
N THR E 566 -52.25 -52.06 21.08
CA THR E 566 -53.13 -52.94 21.85
C THR E 566 -53.17 -54.37 21.28
N VAL E 567 -53.82 -55.27 22.01
CA VAL E 567 -53.94 -56.66 21.60
C VAL E 567 -55.40 -57.00 21.41
N GLU E 568 -55.67 -57.98 20.56
CA GLU E 568 -57.03 -58.37 20.24
C GLU E 568 -57.42 -59.70 20.83
N SER E 569 -56.46 -60.43 21.37
CA SER E 569 -56.76 -61.73 21.95
C SER E 569 -55.71 -62.18 22.93
N GLU E 570 -55.82 -63.43 23.38
CA GLU E 570 -54.85 -63.96 24.33
C GLU E 570 -53.60 -64.41 23.56
N SER E 571 -52.47 -64.46 24.23
CA SER E 571 -51.26 -64.86 23.55
C SER E 571 -51.42 -66.26 23.00
N SER E 572 -50.97 -66.45 21.76
CA SER E 572 -51.01 -67.74 21.05
C SER E 572 -50.52 -68.82 21.98
N GLN E 573 -49.46 -68.51 22.73
CA GLN E 573 -48.85 -69.42 23.68
C GLN E 573 -48.09 -68.66 24.77
N THR E 574 -47.84 -69.30 25.91
CA THR E 574 -47.11 -68.66 27.01
C THR E 574 -45.79 -68.01 26.61
N ALA E 575 -45.58 -66.77 27.05
CA ALA E 575 -44.35 -66.05 26.76
C ALA E 575 -43.37 -66.23 27.88
N LEU E 576 -42.13 -66.45 27.49
CA LEU E 576 -41.07 -66.66 28.46
C LEU E 576 -39.85 -65.81 28.12
N SER E 577 -39.07 -65.47 29.15
CA SER E 577 -37.86 -64.69 29.02
C SER E 577 -37.07 -64.94 30.26
N LYS E 578 -35.74 -64.92 30.12
CA LYS E 578 -34.91 -65.15 31.30
C LYS E 578 -33.94 -64.01 31.35
N SER E 579 -33.49 -63.68 32.56
CA SER E 579 -32.56 -62.59 32.77
C SER E 579 -31.22 -62.89 32.08
N PRO E 580 -30.27 -61.93 32.09
CA PRO E 580 -29.01 -62.27 31.43
C PRO E 580 -28.26 -63.31 32.29
N ASN E 581 -28.39 -63.21 33.61
CA ASN E 581 -27.77 -64.19 34.50
C ASN E 581 -28.07 -65.56 33.91
N LYS E 582 -29.33 -65.70 33.56
CA LYS E 582 -29.87 -66.94 33.03
C LYS E 582 -30.30 -67.70 34.29
N HIS E 583 -30.68 -66.95 35.32
CA HIS E 583 -31.12 -67.53 36.58
C HIS E 583 -32.56 -67.18 36.91
N ASN E 584 -33.08 -66.16 36.24
CA ASN E 584 -34.44 -65.76 36.52
C ASN E 584 -35.31 -65.90 35.30
N ARG E 585 -36.51 -66.43 35.51
CA ARG E 585 -37.47 -66.60 34.43
C ARG E 585 -38.84 -66.03 34.75
N ILE E 586 -39.50 -65.53 33.71
CA ILE E 586 -40.81 -64.97 33.87
C ILE E 586 -41.67 -65.51 32.75
N TYR E 587 -42.73 -66.21 33.17
CA TYR E 587 -43.68 -66.80 32.25
C TYR E 587 -44.92 -65.96 32.36
N LEU E 588 -45.44 -65.52 31.22
CA LEU E 588 -46.61 -64.69 31.26
C LEU E 588 -47.41 -64.75 29.99
N LYS E 589 -48.67 -64.35 30.10
CA LYS E 589 -49.54 -64.34 28.93
C LYS E 589 -50.27 -63.01 28.91
N ALA E 590 -50.62 -62.54 27.73
CA ALA E 590 -51.29 -61.27 27.64
C ALA E 590 -52.63 -61.41 26.96
N GLU E 591 -53.64 -60.67 27.45
CA GLU E 591 -54.97 -60.71 26.87
C GLU E 591 -55.50 -59.28 26.86
N PRO E 592 -56.62 -59.02 26.15
CA PRO E 592 -57.29 -57.72 26.00
C PRO E 592 -58.10 -57.26 27.18
N ILE E 593 -58.21 -55.95 27.35
CA ILE E 593 -59.04 -55.41 28.41
C ILE E 593 -60.27 -54.81 27.70
N ASP E 594 -61.43 -54.95 28.31
CA ASP E 594 -62.63 -54.41 27.66
C ASP E 594 -62.65 -52.88 27.68
N GLU E 595 -63.00 -52.28 26.53
CA GLU E 595 -63.06 -50.83 26.42
C GLU E 595 -63.75 -50.25 27.64
N GLU E 596 -64.77 -50.93 28.10
CA GLU E 596 -65.49 -50.47 29.27
C GLU E 596 -64.56 -50.24 30.43
N VAL E 597 -63.72 -51.25 30.70
CA VAL E 597 -62.79 -51.19 31.80
C VAL E 597 -61.74 -50.12 31.57
N SER E 598 -61.29 -50.03 30.35
CA SER E 598 -60.29 -49.04 30.04
C SER E 598 -60.89 -47.67 30.36
N LEU E 599 -62.04 -47.35 29.78
CA LEU E 599 -62.69 -46.08 30.07
C LEU E 599 -62.79 -45.96 31.57
N ALA E 600 -63.38 -46.98 32.19
CA ALA E 600 -63.55 -47.03 33.63
C ALA E 600 -62.26 -46.54 34.30
N ILE E 601 -61.14 -47.11 33.84
CA ILE E 601 -59.81 -46.78 34.38
C ILE E 601 -59.43 -45.36 34.00
N GLU E 602 -59.77 -44.99 32.78
CA GLU E 602 -59.46 -43.68 32.29
C GLU E 602 -60.29 -42.64 33.01
N ASN E 603 -61.51 -43.00 33.40
CA ASN E 603 -62.38 -42.06 34.07
C ASN E 603 -62.41 -42.19 35.57
N GLY E 604 -61.33 -42.72 36.13
CA GLY E 604 -61.29 -42.84 37.58
C GLY E 604 -62.14 -43.84 38.35
N ILE E 605 -63.07 -44.56 37.71
CA ILE E 605 -63.90 -45.55 38.41
C ILE E 605 -63.00 -46.64 39.00
N ILE E 606 -62.19 -47.22 38.12
CA ILE E 606 -61.22 -48.25 38.51
C ILE E 606 -60.01 -47.38 38.83
N ASN E 607 -59.74 -47.17 40.12
CA ASN E 607 -58.65 -46.30 40.50
C ASN E 607 -57.46 -46.94 41.21
N PRO E 608 -56.25 -46.72 40.68
CA PRO E 608 -54.95 -47.21 41.15
C PRO E 608 -54.74 -47.06 42.64
N ARG E 609 -55.17 -45.91 43.17
CA ARG E 609 -55.01 -45.59 44.59
C ARG E 609 -56.08 -46.13 45.52
N ASP E 610 -57.11 -46.77 44.96
CA ASP E 610 -58.19 -47.34 45.76
C ASP E 610 -57.68 -48.43 46.67
N ASP E 611 -58.59 -49.00 47.45
CA ASP E 611 -58.27 -50.10 48.34
C ASP E 611 -58.41 -51.27 47.37
N PHE E 612 -57.39 -52.13 47.30
CA PHE E 612 -57.46 -53.23 46.35
C PHE E 612 -58.74 -54.05 46.42
N LYS E 613 -59.29 -54.16 47.63
CA LYS E 613 -60.51 -54.94 47.83
C LYS E 613 -61.74 -54.30 47.21
N ALA E 614 -61.99 -53.03 47.52
CA ALA E 614 -63.15 -52.32 46.98
C ALA E 614 -63.15 -52.27 45.47
N ARG E 615 -61.99 -51.93 44.91
CA ARG E 615 -61.82 -51.83 43.46
C ARG E 615 -62.09 -53.22 42.87
N ALA E 616 -61.73 -54.24 43.63
CA ALA E 616 -61.92 -55.61 43.19
C ALA E 616 -63.41 -55.82 43.07
N ARG E 617 -64.09 -55.53 44.19
CA ARG E 617 -65.54 -55.64 44.30
C ARG E 617 -66.11 -54.93 43.07
N ILE E 618 -65.74 -53.67 42.86
CA ILE E 618 -66.22 -52.93 41.70
C ILE E 618 -65.98 -53.65 40.37
N MET E 619 -64.75 -54.11 40.16
CA MET E 619 -64.43 -54.77 38.90
C MET E 619 -65.20 -56.05 38.78
N ALA E 620 -65.24 -56.80 39.87
CA ALA E 620 -65.94 -58.06 39.90
C ALA E 620 -67.39 -57.80 39.48
N ASP E 621 -68.09 -57.04 40.32
CA ASP E 621 -69.50 -56.69 40.10
C ASP E 621 -69.83 -56.07 38.73
N ASP E 622 -69.60 -54.76 38.60
CA ASP E 622 -69.90 -54.04 37.37
C ASP E 622 -69.12 -54.36 36.10
N TYR E 623 -68.07 -55.17 36.18
CA TYR E 623 -67.33 -55.40 34.96
C TYR E 623 -67.00 -56.83 34.63
N GLY E 624 -67.60 -57.74 35.39
CA GLY E 624 -67.37 -59.15 35.11
C GLY E 624 -65.92 -59.55 35.11
N TRP E 625 -65.31 -59.36 36.27
CA TRP E 625 -63.92 -59.67 36.52
C TRP E 625 -63.95 -60.68 37.67
N ASP E 626 -63.02 -61.63 37.69
CA ASP E 626 -62.99 -62.58 38.77
C ASP E 626 -62.48 -61.83 39.98
N VAL E 627 -63.26 -61.76 41.05
CA VAL E 627 -62.80 -61.03 42.20
C VAL E 627 -61.40 -61.50 42.58
N THR E 628 -61.10 -62.74 42.23
CA THR E 628 -59.79 -63.30 42.54
C THR E 628 -58.68 -62.57 41.78
N ASP E 629 -58.76 -62.54 40.46
CA ASP E 629 -57.77 -61.84 39.68
C ASP E 629 -57.65 -60.41 40.13
N ALA E 630 -58.75 -59.69 40.06
CA ALA E 630 -58.77 -58.28 40.44
C ALA E 630 -58.13 -57.94 41.79
N ARG E 631 -58.14 -58.87 42.72
CA ARG E 631 -57.54 -58.58 44.01
C ARG E 631 -56.02 -58.76 43.92
N LYS E 632 -55.58 -59.30 42.78
CA LYS E 632 -54.16 -59.56 42.53
C LYS E 632 -53.54 -58.56 41.57
N ILE E 633 -54.20 -57.43 41.34
CA ILE E 633 -53.61 -56.45 40.44
C ILE E 633 -52.32 -55.97 41.08
N TRP E 634 -51.25 -56.00 40.31
CA TRP E 634 -49.96 -55.54 40.80
C TRP E 634 -49.72 -54.06 40.46
N CYS E 635 -50.17 -53.61 39.28
CA CYS E 635 -49.93 -52.22 38.95
C CYS E 635 -50.63 -51.81 37.67
N PHE E 636 -50.76 -50.51 37.45
CA PHE E 636 -51.40 -50.00 36.25
C PHE E 636 -50.29 -49.39 35.43
N GLY E 637 -50.57 -49.01 34.19
CA GLY E 637 -49.52 -48.42 33.39
C GLY E 637 -50.01 -47.89 32.06
N PRO E 638 -49.28 -46.93 31.49
CA PRO E 638 -48.05 -46.34 32.02
C PRO E 638 -48.28 -45.35 33.14
N ASP E 639 -47.21 -44.68 33.54
CA ASP E 639 -47.30 -43.65 34.55
C ASP E 639 -48.07 -44.10 35.78
N GLY E 640 -47.94 -45.37 36.12
CA GLY E 640 -48.62 -45.87 37.30
C GLY E 640 -50.14 -45.90 37.28
N ASN E 641 -50.79 -45.36 36.25
CA ASN E 641 -52.25 -45.34 36.25
C ASN E 641 -52.88 -45.52 34.89
N GLY E 642 -52.12 -45.99 33.92
CA GLY E 642 -52.66 -46.17 32.59
C GLY E 642 -53.71 -47.27 32.52
N PRO E 643 -54.38 -47.45 31.37
CA PRO E 643 -55.38 -48.51 31.25
C PRO E 643 -54.78 -49.86 30.84
N ASN E 644 -53.80 -50.33 31.58
CA ASN E 644 -53.18 -51.62 31.32
C ASN E 644 -52.85 -52.18 32.69
N LEU E 645 -52.97 -53.50 32.81
CA LEU E 645 -52.74 -54.13 34.09
C LEU E 645 -51.75 -55.26 34.09
N VAL E 646 -51.32 -55.60 35.29
CA VAL E 646 -50.44 -56.73 35.54
C VAL E 646 -51.16 -57.52 36.62
N ILE E 647 -51.54 -58.74 36.32
CA ILE E 647 -52.21 -59.53 37.34
C ILE E 647 -51.27 -60.64 37.78
N ASP E 648 -51.13 -60.82 39.08
CA ASP E 648 -50.23 -61.83 39.61
C ASP E 648 -50.86 -63.20 39.70
N GLN E 649 -50.74 -64.01 38.66
CA GLN E 649 -51.35 -65.32 38.75
C GLN E 649 -50.39 -66.43 39.15
N THR E 650 -49.27 -66.08 39.73
CA THR E 650 -48.32 -67.11 40.13
C THR E 650 -48.85 -67.95 41.27
N LYS E 651 -48.40 -69.19 41.37
CA LYS E 651 -48.80 -70.06 42.48
C LYS E 651 -47.52 -70.43 43.22
N ALA E 652 -47.47 -70.09 44.50
CA ALA E 652 -46.33 -70.42 45.38
C ALA E 652 -44.88 -70.18 44.92
N VAL E 653 -44.59 -68.97 44.47
CA VAL E 653 -43.27 -68.60 44.00
C VAL E 653 -42.49 -67.93 45.11
N GLN E 654 -41.55 -68.64 45.73
CA GLN E 654 -40.80 -68.01 46.80
C GLN E 654 -40.00 -66.78 46.40
N TYR E 655 -40.03 -65.78 47.28
CA TYR E 655 -39.32 -64.51 47.07
C TYR E 655 -40.06 -63.58 46.12
N LEU E 656 -41.13 -64.07 45.52
CA LEU E 656 -41.91 -63.31 44.56
C LEU E 656 -42.00 -61.82 44.84
N HIS E 657 -42.34 -61.48 46.07
CA HIS E 657 -42.51 -60.07 46.43
C HIS E 657 -41.24 -59.27 46.35
N GLU E 658 -40.11 -59.95 46.35
CA GLU E 658 -38.83 -59.27 46.28
C GLU E 658 -38.49 -58.73 44.89
N ILE E 659 -39.27 -59.07 43.87
CA ILE E 659 -38.99 -58.55 42.54
C ILE E 659 -40.15 -57.69 42.08
N LYS E 660 -41.15 -57.55 42.95
CA LYS E 660 -42.35 -56.80 42.59
C LYS E 660 -42.07 -55.40 42.06
N ASP E 661 -41.29 -54.61 42.80
CA ASP E 661 -40.97 -53.25 42.33
C ASP E 661 -40.34 -53.32 40.94
N SER E 662 -39.49 -54.33 40.74
CA SER E 662 -38.82 -54.54 39.45
C SER E 662 -39.84 -54.86 38.35
N VAL E 663 -40.74 -55.80 38.63
CA VAL E 663 -41.76 -56.20 37.66
C VAL E 663 -42.63 -55.02 37.30
N VAL E 664 -42.91 -54.20 38.31
CA VAL E 664 -43.73 -53.04 38.06
C VAL E 664 -42.99 -52.08 37.16
N ALA E 665 -41.78 -51.69 37.59
CA ALA E 665 -40.97 -50.76 36.82
C ALA E 665 -40.89 -51.24 35.39
N ALA E 666 -40.56 -52.52 35.21
CA ALA E 666 -40.47 -53.07 33.87
C ALA E 666 -41.74 -52.77 33.11
N PHE E 667 -42.87 -52.97 33.78
CA PHE E 667 -44.17 -52.78 33.16
C PHE E 667 -44.46 -51.37 32.69
N GLN E 668 -43.99 -50.40 33.48
CA GLN E 668 -44.21 -48.98 33.17
C GLN E 668 -43.53 -48.60 31.88
N TRP E 669 -42.39 -49.18 31.59
CA TRP E 669 -41.76 -48.82 30.33
C TRP E 669 -42.42 -49.59 29.21
N ALA E 670 -42.59 -50.88 29.44
CA ALA E 670 -43.19 -51.73 28.45
C ALA E 670 -44.49 -51.12 27.94
N THR E 671 -45.28 -50.55 28.84
CA THR E 671 -46.54 -49.94 28.40
C THR E 671 -46.43 -48.53 27.82
N LYS E 672 -45.36 -47.82 28.16
CA LYS E 672 -45.14 -46.46 27.66
C LYS E 672 -44.76 -46.47 26.18
N GLU E 673 -43.83 -47.36 25.84
CA GLU E 673 -43.36 -47.52 24.47
C GLU E 673 -43.46 -49.00 24.11
N GLY E 674 -44.44 -49.32 23.27
CA GLY E 674 -44.69 -50.70 22.89
C GLY E 674 -43.79 -51.23 21.81
N PRO E 675 -43.84 -52.54 21.51
CA PRO E 675 -43.02 -53.19 20.50
C PRO E 675 -43.41 -53.02 19.03
N ILE E 676 -44.56 -52.44 18.75
CA ILE E 676 -44.94 -52.27 17.35
C ILE E 676 -44.19 -51.08 16.78
N PHE E 677 -44.35 -49.91 17.38
CA PHE E 677 -43.58 -48.75 16.93
C PHE E 677 -43.41 -47.66 17.98
N GLY E 678 -43.03 -48.09 19.18
CA GLY E 678 -42.78 -47.15 20.26
C GLY E 678 -43.96 -46.44 20.88
N GLU E 679 -45.18 -46.68 20.39
CA GLU E 679 -46.39 -46.03 20.92
C GLU E 679 -46.84 -46.64 22.25
N GLU E 680 -47.75 -45.96 22.94
CA GLU E 680 -48.27 -46.43 24.23
C GLU E 680 -49.23 -47.61 24.05
N MET E 681 -49.21 -48.50 25.03
CA MET E 681 -50.08 -49.67 25.01
C MET E 681 -51.39 -49.25 25.64
N ARG E 682 -52.49 -49.78 25.14
CA ARG E 682 -53.78 -49.46 25.72
C ARG E 682 -54.67 -50.68 25.79
N SER E 683 -55.34 -50.84 26.93
CA SER E 683 -56.23 -51.97 27.08
C SER E 683 -55.49 -53.32 27.06
N VAL E 684 -54.34 -53.40 27.73
CA VAL E 684 -53.62 -54.66 27.74
C VAL E 684 -53.50 -55.23 29.13
N ARG E 685 -53.92 -56.48 29.26
CA ARG E 685 -53.89 -57.19 30.52
C ARG E 685 -52.71 -58.16 30.38
N VAL E 686 -51.89 -58.22 31.42
CA VAL E 686 -50.72 -59.07 31.42
C VAL E 686 -50.78 -59.93 32.68
N ASN E 687 -50.88 -61.24 32.49
CA ASN E 687 -50.96 -62.19 33.61
C ASN E 687 -49.67 -62.95 33.87
N ILE E 688 -49.04 -62.72 35.01
CA ILE E 688 -47.80 -63.42 35.33
C ILE E 688 -48.20 -64.83 35.77
N LEU E 689 -47.97 -65.81 34.89
CA LEU E 689 -48.28 -67.21 35.16
C LEU E 689 -47.25 -67.86 36.06
N ASP E 690 -45.98 -67.66 35.77
CA ASP E 690 -44.97 -68.29 36.64
C ASP E 690 -43.68 -67.50 36.74
N VAL E 691 -42.88 -67.87 37.72
CA VAL E 691 -41.60 -67.23 37.95
C VAL E 691 -40.63 -68.18 38.65
N THR E 692 -39.37 -68.11 38.25
CA THR E 692 -38.34 -68.91 38.91
C THR E 692 -37.22 -67.91 39.17
N LEU E 693 -36.79 -67.83 40.43
CA LEU E 693 -35.75 -66.87 40.81
C LEU E 693 -34.55 -67.43 41.53
N HIS E 694 -33.41 -66.80 41.32
CA HIS E 694 -32.20 -67.21 41.99
C HIS E 694 -32.41 -67.04 43.48
N ALA E 695 -31.94 -67.99 44.27
CA ALA E 695 -32.12 -67.92 45.71
C ALA E 695 -31.48 -66.68 46.31
N ASP E 696 -30.30 -66.30 45.83
CA ASP E 696 -29.64 -65.15 46.38
C ASP E 696 -30.09 -63.84 45.77
N ALA E 697 -30.49 -62.91 46.62
CA ALA E 697 -30.96 -61.63 46.16
C ALA E 697 -30.10 -60.95 45.15
N ILE E 698 -28.81 -61.11 45.34
CA ILE E 698 -27.83 -60.49 44.42
C ILE E 698 -28.09 -60.71 42.91
N ARG E 700 -30.99 -61.37 41.61
CA ARG E 700 -32.36 -60.98 41.30
C ARG E 700 -32.56 -59.48 41.31
N GLY E 701 -31.48 -58.73 41.31
CA GLY E 701 -31.58 -57.29 41.25
C GLY E 701 -32.31 -56.70 40.05
N GLY E 702 -32.51 -55.40 40.16
CA GLY E 702 -33.23 -54.66 39.14
C GLY E 702 -32.75 -54.91 37.75
N GLY E 703 -31.45 -54.69 37.52
CA GLY E 703 -30.90 -54.87 36.20
C GLY E 703 -31.21 -56.21 35.61
N GLN E 704 -31.34 -57.21 36.46
CA GLN E 704 -31.64 -58.53 35.93
C GLN E 704 -33.13 -58.67 35.65
N ILE E 705 -33.97 -58.48 36.65
CA ILE E 705 -35.39 -58.64 36.43
C ILE E 705 -36.05 -57.64 35.49
N ILE E 706 -35.71 -56.37 35.61
CA ILE E 706 -36.39 -55.40 34.76
C ILE E 706 -36.46 -55.72 33.27
N PRO E 707 -35.31 -55.91 32.63
CA PRO E 707 -35.38 -56.20 31.19
C PRO E 707 -36.18 -57.48 30.92
N THR E 708 -36.00 -58.50 31.76
CA THR E 708 -36.73 -59.74 31.58
C THR E 708 -38.21 -59.47 31.41
N MET E 709 -38.82 -58.95 32.47
CA MET E 709 -40.25 -58.64 32.51
C MET E 709 -40.64 -57.83 31.28
N ARG E 710 -39.81 -56.85 30.91
CA ARG E 710 -40.08 -56.02 29.76
C ARG E 710 -40.10 -56.85 28.48
N ARG E 711 -39.14 -57.75 28.32
CA ARG E 711 -39.11 -58.55 27.10
C ARG E 711 -40.26 -59.54 27.08
N ALA E 712 -40.43 -60.26 28.19
CA ALA E 712 -41.50 -61.21 28.23
C ALA E 712 -42.78 -60.49 27.81
N THR E 713 -43.04 -59.33 28.40
CA THR E 713 -44.22 -58.58 28.08
C THR E 713 -44.29 -58.32 26.57
N TYR E 714 -43.19 -57.88 25.99
CA TYR E 714 -43.16 -57.62 24.56
C TYR E 714 -43.50 -58.92 23.84
N ALA E 715 -42.89 -60.02 24.29
CA ALA E 715 -43.16 -61.34 23.68
C ALA E 715 -44.67 -61.63 23.72
N GLY E 716 -45.19 -61.79 24.92
CA GLY E 716 -46.60 -62.05 25.09
C GLY E 716 -47.47 -61.16 24.24
N PHE E 717 -47.24 -59.85 24.36
CA PHE E 717 -47.99 -58.86 23.58
C PHE E 717 -48.00 -59.22 22.09
N LEU E 718 -46.81 -59.43 21.53
CA LEU E 718 -46.72 -59.76 20.11
C LEU E 718 -47.45 -61.07 19.75
N LEU E 719 -47.64 -61.92 20.75
CA LEU E 719 -48.31 -63.19 20.51
C LEU E 719 -49.81 -63.06 20.61
N ALA E 720 -50.27 -62.04 21.32
CA ALA E 720 -51.70 -61.80 21.54
C ALA E 720 -52.46 -61.08 20.43
N ASP E 721 -52.03 -61.26 19.18
CA ASP E 721 -52.69 -60.62 18.05
C ASP E 721 -52.64 -59.10 18.18
N PRO E 722 -51.54 -58.50 17.72
CA PRO E 722 -51.37 -57.06 17.80
C PRO E 722 -52.25 -56.27 16.83
N LYS E 723 -52.59 -55.06 17.25
CA LYS E 723 -53.39 -54.15 16.46
C LYS E 723 -53.06 -52.78 17.03
N ILE E 724 -53.35 -51.73 16.26
CA ILE E 724 -53.09 -50.39 16.77
C ILE E 724 -54.36 -49.58 16.73
N GLN E 725 -54.47 -48.61 17.63
CA GLN E 725 -55.64 -47.76 17.68
C GLN E 725 -55.28 -46.35 17.22
N GLU E 726 -56.29 -45.66 16.69
CA GLU E 726 -56.12 -44.30 16.22
C GLU E 726 -57.11 -43.43 17.00
N PRO E 727 -56.78 -42.15 17.21
CA PRO E 727 -57.67 -41.23 17.94
C PRO E 727 -58.80 -40.68 17.07
N VAL E 728 -59.92 -40.35 17.70
CA VAL E 728 -61.08 -39.84 16.97
C VAL E 728 -61.83 -38.70 17.69
N PHE E 729 -62.19 -37.68 16.91
CA PHE E 729 -62.91 -36.51 17.40
C PHE E 729 -64.43 -36.62 17.28
N LEU E 730 -65.14 -36.07 18.26
CA LEU E 730 -66.59 -36.06 18.22
C LEU E 730 -66.91 -34.64 17.79
N VAL E 731 -67.25 -34.45 16.52
CA VAL E 731 -67.56 -33.12 15.99
C VAL E 731 -69.06 -32.79 15.87
N GLU E 732 -69.50 -31.80 16.65
CA GLU E 732 -70.88 -31.34 16.68
C GLU E 732 -70.97 -30.10 15.78
N ILE E 733 -71.94 -30.07 14.88
CA ILE E 733 -72.08 -28.95 13.96
C ILE E 733 -73.47 -28.32 13.92
N GLN E 734 -73.50 -26.99 13.92
CA GLN E 734 -74.75 -26.25 13.83
C GLN E 734 -74.81 -25.71 12.41
N CYS E 735 -75.92 -25.94 11.73
CA CYS E 735 -76.01 -25.46 10.36
C CYS E 735 -77.42 -25.54 9.79
N PRO E 736 -77.81 -24.50 9.05
CA PRO E 736 -79.13 -24.42 8.41
C PRO E 736 -79.38 -25.60 7.49
N GLU E 737 -80.58 -26.16 7.59
CA GLU E 737 -80.97 -27.31 6.76
C GLU E 737 -80.49 -27.15 5.33
N GLN E 738 -80.36 -25.90 4.89
CA GLN E 738 -79.92 -25.58 3.54
C GLN E 738 -78.48 -26.01 3.25
N ALA E 739 -77.56 -25.75 4.19
CA ALA E 739 -76.16 -26.11 4.00
C ALA E 739 -75.73 -27.41 4.66
N VAL E 740 -76.67 -28.15 5.26
CA VAL E 740 -76.35 -29.42 5.90
C VAL E 740 -75.77 -30.39 4.88
N GLY E 741 -76.00 -30.11 3.60
CA GLY E 741 -75.47 -30.97 2.54
C GLY E 741 -73.95 -30.99 2.59
N GLY E 742 -73.35 -29.80 2.57
CA GLY E 742 -71.90 -29.68 2.60
C GLY E 742 -71.25 -30.46 3.74
N ILE E 743 -72.03 -30.70 4.80
CA ILE E 743 -71.52 -31.45 5.94
C ILE E 743 -71.20 -32.84 5.44
N TYR E 744 -72.25 -33.64 5.25
CA TYR E 744 -72.09 -35.01 4.78
C TYR E 744 -71.10 -35.08 3.64
N SER E 745 -70.99 -33.99 2.89
CA SER E 745 -70.06 -33.92 1.77
C SER E 745 -68.61 -34.11 2.21
N VAL E 746 -68.13 -33.23 3.09
CA VAL E 746 -66.75 -33.32 3.56
C VAL E 746 -66.54 -34.51 4.50
N LEU E 747 -67.57 -34.90 5.26
CA LEU E 747 -67.45 -36.03 6.18
C LEU E 747 -67.12 -37.32 5.43
N ASN E 748 -67.51 -37.39 4.16
CA ASN E 748 -67.25 -38.57 3.36
C ASN E 748 -65.88 -38.59 2.70
N LYS E 749 -65.12 -37.50 2.82
CA LYS E 749 -63.78 -37.46 2.23
C LYS E 749 -62.73 -37.35 3.34
N LYS E 750 -63.16 -37.67 4.55
CA LYS E 750 -62.32 -37.64 5.76
C LYS E 750 -62.51 -38.88 6.64
N ARG E 751 -63.39 -39.78 6.19
CA ARG E 751 -63.69 -41.00 6.93
C ARG E 751 -64.52 -40.64 8.15
N GLY E 752 -65.28 -39.55 8.04
CA GLY E 752 -66.12 -39.14 9.15
C GLY E 752 -67.29 -40.07 9.28
N GLN E 753 -67.84 -40.21 10.48
CA GLN E 753 -68.96 -41.12 10.71
C GLN E 753 -70.10 -40.41 11.42
N VAL E 754 -71.19 -40.18 10.71
CA VAL E 754 -72.36 -39.52 11.27
C VAL E 754 -72.97 -40.31 12.43
N VAL E 755 -73.05 -39.68 13.60
CA VAL E 755 -73.60 -40.34 14.78
C VAL E 755 -75.06 -39.95 14.97
N SER E 756 -75.38 -38.69 14.69
CA SER E 756 -76.74 -38.21 14.83
C SER E 756 -76.96 -36.80 14.26
N GLU E 757 -78.12 -36.63 13.63
CA GLU E 757 -78.51 -35.35 13.04
C GLU E 757 -79.93 -34.98 13.50
N GLU E 758 -80.04 -33.87 14.22
CA GLU E 758 -81.34 -33.42 14.69
C GLU E 758 -81.67 -32.00 14.26
N GLN E 759 -82.92 -31.62 14.46
CA GLN E 759 -83.37 -30.29 14.09
C GLN E 759 -83.93 -29.58 15.31
N ARG E 760 -83.78 -28.26 15.31
CA ARG E 760 -84.28 -27.41 16.37
C ARG E 760 -85.76 -27.15 16.07
N PRO E 761 -86.66 -27.70 16.92
CA PRO E 761 -88.11 -27.54 16.73
C PRO E 761 -88.58 -26.49 15.71
N GLY E 762 -88.55 -25.22 16.10
CA GLY E 762 -88.99 -24.16 15.22
C GLY E 762 -88.18 -23.90 13.95
N THR E 763 -86.99 -23.34 14.13
CA THR E 763 -86.09 -23.01 13.02
C THR E 763 -85.66 -24.19 12.16
N PRO E 764 -85.06 -23.91 10.98
CA PRO E 764 -84.59 -24.93 10.04
C PRO E 764 -83.12 -25.28 10.35
N LEU E 765 -82.71 -24.98 11.58
CA LEU E 765 -81.34 -25.20 12.05
C LEU E 765 -81.03 -26.61 12.50
N PHE E 766 -80.38 -27.38 11.63
CA PHE E 766 -80.00 -28.75 11.96
C PHE E 766 -78.76 -28.72 12.84
N THR E 767 -78.50 -29.87 13.47
CA THR E 767 -77.35 -30.04 14.36
C THR E 767 -76.81 -31.45 14.19
N VAL E 768 -75.83 -31.60 13.30
CA VAL E 768 -75.21 -32.88 13.01
C VAL E 768 -74.05 -33.25 13.93
N LYS E 769 -74.04 -34.50 14.38
CA LYS E 769 -72.98 -35.01 15.23
C LYS E 769 -72.35 -36.21 14.53
N ALA E 770 -71.02 -36.20 14.42
CA ALA E 770 -70.30 -37.30 13.77
C ALA E 770 -68.92 -37.51 14.41
N TYR E 771 -68.22 -38.55 13.99
CA TYR E 771 -66.88 -38.83 14.50
C TYR E 771 -65.87 -38.51 13.42
N LEU E 772 -64.83 -37.78 13.78
CA LEU E 772 -63.81 -37.41 12.82
C LEU E 772 -62.42 -37.84 13.24
N PRO E 773 -61.79 -38.70 12.43
CA PRO E 773 -60.44 -39.21 12.70
C PRO E 773 -59.47 -38.06 12.87
N VAL E 774 -58.85 -37.99 14.05
CA VAL E 774 -57.90 -36.91 14.34
C VAL E 774 -56.82 -36.76 13.29
N ASN E 775 -56.35 -37.86 12.71
CA ASN E 775 -55.29 -37.74 11.70
C ASN E 775 -55.87 -37.37 10.33
N GLU E 776 -57.16 -37.04 10.31
CA GLU E 776 -57.88 -36.66 9.09
C GLU E 776 -58.53 -35.28 9.23
N SER E 777 -58.37 -34.64 10.38
CA SER E 777 -58.98 -33.34 10.63
C SER E 777 -58.12 -32.10 10.32
N PHE E 778 -56.92 -32.30 9.80
CA PHE E 778 -56.05 -31.16 9.48
C PHE E 778 -56.65 -30.22 8.43
N GLY E 779 -56.85 -28.97 8.83
CA GLY E 779 -57.43 -28.00 7.95
C GLY E 779 -58.90 -28.30 7.72
N PHE E 780 -59.51 -29.04 8.66
CA PHE E 780 -60.92 -29.44 8.58
C PHE E 780 -61.89 -28.26 8.46
N THR E 781 -61.81 -27.31 9.39
CA THR E 781 -62.68 -26.15 9.34
C THR E 781 -62.47 -25.46 7.99
N GLY E 782 -61.21 -25.26 7.60
CA GLY E 782 -60.88 -24.63 6.33
C GLY E 782 -61.67 -25.17 5.15
N GLU E 783 -61.85 -26.48 5.11
CA GLU E 783 -62.59 -27.13 4.03
C GLU E 783 -64.10 -27.11 4.27
N LEU E 784 -64.50 -26.96 5.52
CA LEU E 784 -65.92 -26.93 5.89
C LEU E 784 -66.53 -25.56 5.61
N ARG E 785 -65.68 -24.53 5.56
CA ARG E 785 -66.15 -23.17 5.29
C ARG E 785 -66.63 -23.13 3.85
N GLN E 786 -65.79 -23.61 2.93
CA GLN E 786 -66.13 -23.65 1.52
C GLN E 786 -67.39 -24.48 1.23
N ALA E 787 -67.44 -25.70 1.76
CA ALA E 787 -68.55 -26.62 1.57
C ALA E 787 -69.95 -26.08 1.88
N THR E 788 -70.20 -25.75 3.14
CA THR E 788 -71.50 -25.25 3.57
C THR E 788 -71.70 -23.74 3.49
N GLY E 789 -70.96 -23.08 2.60
CA GLY E 789 -71.10 -21.64 2.45
C GLY E 789 -70.78 -20.78 3.67
N GLY E 790 -70.09 -21.35 4.65
CA GLY E 790 -69.74 -20.58 5.84
C GLY E 790 -70.81 -20.42 6.91
N GLN E 791 -71.96 -21.05 6.72
CA GLN E 791 -73.08 -20.97 7.67
C GLN E 791 -72.90 -22.01 8.76
N ALA E 792 -72.04 -22.98 8.50
CA ALA E 792 -71.79 -24.06 9.45
C ALA E 792 -70.93 -23.65 10.62
N PHE E 793 -71.38 -24.02 11.83
CA PHE E 793 -70.62 -23.72 13.04
C PHE E 793 -70.07 -25.02 13.66
N PRO E 794 -68.81 -25.36 13.31
CA PRO E 794 -68.09 -26.55 13.80
C PRO E 794 -67.77 -26.53 15.28
N GLN E 795 -67.63 -27.73 15.84
CA GLN E 795 -67.34 -27.92 17.26
C GLN E 795 -66.86 -29.36 17.37
N MET E 796 -65.67 -29.58 17.93
CA MET E 796 -65.15 -30.95 18.08
C MET E 796 -64.14 -31.15 19.21
N VAL E 797 -64.28 -32.28 19.90
CA VAL E 797 -63.41 -32.64 21.01
C VAL E 797 -62.91 -34.07 20.82
N PHE E 798 -61.86 -34.44 21.55
CA PHE E 798 -61.39 -35.81 21.46
C PHE E 798 -62.48 -36.71 22.06
N ASP E 799 -62.84 -37.77 21.34
CA ASP E 799 -63.90 -38.64 21.83
C ASP E 799 -63.46 -40.02 22.28
N HIS E 800 -62.75 -40.74 21.42
CA HIS E 800 -62.33 -42.10 21.75
C HIS E 800 -61.18 -42.61 20.87
N TRP E 801 -60.82 -43.89 21.05
CA TRP E 801 -59.75 -44.55 20.29
C TRP E 801 -60.34 -45.61 19.37
N SER E 802 -59.88 -45.67 18.13
CA SER E 802 -60.41 -46.66 17.21
C SER E 802 -59.37 -47.70 16.81
N THR E 803 -59.73 -48.96 17.05
CA THR E 803 -58.89 -50.10 16.76
C THR E 803 -58.87 -50.39 15.27
N LEU E 804 -57.77 -50.07 14.60
CA LEU E 804 -57.68 -50.34 13.18
C LEU E 804 -57.83 -51.84 12.97
N GLY E 805 -58.49 -52.23 11.89
CA GLY E 805 -58.69 -53.64 11.61
C GLY E 805 -57.47 -54.28 10.98
N SER E 806 -56.82 -53.53 10.10
CA SER E 806 -55.62 -54.01 9.41
C SER E 806 -54.52 -54.50 10.35
N ASP E 807 -53.63 -55.28 9.78
CA ASP E 807 -52.50 -55.88 10.50
C ASP E 807 -51.29 -54.96 10.57
N PRO E 808 -50.94 -54.48 11.78
CA PRO E 808 -49.80 -53.59 11.95
C PRO E 808 -48.47 -54.23 11.56
N LEU E 809 -48.49 -55.52 11.26
CA LEU E 809 -47.26 -56.19 10.90
C LEU E 809 -47.05 -56.27 9.40
N ASP E 810 -48.13 -56.04 8.65
CA ASP E 810 -48.08 -56.07 7.19
C ASP E 810 -47.87 -54.66 6.63
N PRO E 811 -46.67 -54.39 6.10
CA PRO E 811 -46.33 -53.09 5.53
C PRO E 811 -47.36 -52.54 4.55
N THR E 812 -47.89 -53.39 3.69
CA THR E 812 -48.87 -52.94 2.71
C THR E 812 -50.25 -52.56 3.26
N SER E 813 -50.61 -53.06 4.45
CA SER E 813 -51.91 -52.76 5.05
C SER E 813 -52.01 -51.29 5.44
N LYS E 814 -53.22 -50.86 5.75
CA LYS E 814 -53.42 -49.47 6.16
C LYS E 814 -52.63 -49.16 7.42
N ALA E 815 -52.76 -49.99 8.45
CA ALA E 815 -52.04 -49.78 9.69
C ALA E 815 -50.54 -50.03 9.48
N GLY E 816 -50.24 -51.13 8.81
CA GLY E 816 -48.84 -51.46 8.56
C GLY E 816 -48.13 -50.28 7.94
N GLU E 817 -48.89 -49.52 7.17
CA GLU E 817 -48.38 -48.35 6.50
C GLU E 817 -47.98 -47.31 7.55
N ILE E 818 -48.88 -47.09 8.50
CA ILE E 818 -48.65 -46.14 9.58
C ILE E 818 -47.38 -46.51 10.35
N VAL E 819 -47.28 -47.79 10.71
CA VAL E 819 -46.15 -48.28 11.46
C VAL E 819 -44.83 -48.12 10.71
N LEU E 820 -44.82 -48.52 9.45
CA LEU E 820 -43.62 -48.44 8.64
C LEU E 820 -43.06 -47.03 8.62
N ALA E 821 -43.91 -46.08 8.24
CA ALA E 821 -43.52 -44.69 8.17
C ALA E 821 -43.01 -44.19 9.52
N ALA E 822 -43.73 -44.53 10.57
CA ALA E 822 -43.35 -44.12 11.90
C ALA E 822 -42.05 -44.80 12.28
N ARG E 823 -41.98 -46.09 11.98
CA ARG E 823 -40.76 -46.81 12.31
C ARG E 823 -39.59 -46.10 11.66
N LYS E 824 -39.73 -45.81 10.37
CA LYS E 824 -38.69 -45.14 9.60
C LYS E 824 -38.34 -43.79 10.20
N ARG E 825 -39.36 -43.00 10.47
CA ARG E 825 -39.19 -41.67 11.05
C ARG E 825 -38.33 -41.68 12.33
N HIS E 826 -38.53 -42.70 13.16
CA HIS E 826 -37.77 -42.83 14.39
C HIS E 826 -36.39 -43.42 14.12
N GLY E 827 -36.18 -43.85 12.88
CA GLY E 827 -34.92 -44.46 12.50
C GLY E 827 -34.75 -45.84 13.11
N MET E 828 -35.85 -46.58 13.25
CA MET E 828 -35.81 -47.94 13.81
C MET E 828 -35.79 -48.93 12.66
N LYS E 829 -35.41 -50.17 12.93
CA LYS E 829 -35.40 -51.18 11.87
C LYS E 829 -36.80 -51.15 11.23
N GLU E 830 -36.86 -51.18 9.90
CA GLU E 830 -38.14 -51.10 9.22
C GLU E 830 -39.15 -52.21 9.46
N GLU E 831 -38.68 -53.39 9.83
CA GLU E 831 -39.58 -54.51 10.08
C GLU E 831 -39.86 -54.62 11.57
N VAL E 832 -41.10 -54.90 11.93
CA VAL E 832 -41.45 -55.03 13.35
C VAL E 832 -40.91 -56.37 13.89
N PRO E 833 -40.09 -56.31 14.94
CA PRO E 833 -39.53 -57.54 15.51
C PRO E 833 -40.61 -58.58 15.84
N GLY E 834 -40.38 -59.84 15.49
CA GLY E 834 -41.37 -60.85 15.78
C GLY E 834 -41.19 -61.18 17.24
N TRP E 835 -42.12 -61.94 17.81
CA TRP E 835 -42.01 -62.31 19.21
C TRP E 835 -40.77 -63.14 19.55
N GLN E 836 -40.17 -63.78 18.56
CA GLN E 836 -38.97 -64.57 18.80
C GLN E 836 -37.85 -63.70 19.34
N GLU E 837 -37.85 -62.43 18.97
CA GLU E 837 -36.79 -61.54 19.43
C GLU E 837 -36.83 -61.34 20.93
N TYR E 838 -38.02 -61.43 21.52
CA TYR E 838 -38.12 -61.21 22.92
C TYR E 838 -38.28 -62.48 23.74
N TYR E 839 -38.60 -63.59 23.09
CA TYR E 839 -38.73 -64.85 23.80
C TYR E 839 -37.32 -65.25 24.20
N ASP E 840 -37.16 -66.30 25.01
CA ASP E 840 -35.83 -66.74 25.39
C ASP E 840 -35.21 -67.23 24.09
N LYS E 841 -33.89 -67.12 23.91
CA LYS E 841 -33.29 -67.61 22.66
C LYS E 841 -32.98 -69.09 22.72
N LEU E 842 -34.03 -69.89 22.84
CA LEU E 842 -33.91 -71.33 22.92
C LEU E 842 -34.38 -71.87 21.60
N GLU F 1 -2.32 -42.51 21.71
CA GLU F 1 -3.73 -42.48 21.22
C GLU F 1 -3.99 -43.66 20.28
N PHE F 2 -4.90 -44.54 20.68
CA PHE F 2 -5.16 -45.72 19.88
C PHE F 2 -6.52 -45.78 19.24
N LEU F 3 -7.18 -44.63 19.14
CA LEU F 3 -8.50 -44.61 18.55
C LEU F 3 -8.61 -44.31 17.07
N GLY F 4 -7.51 -44.36 16.32
CA GLY F 4 -7.60 -44.06 14.90
C GLY F 4 -7.96 -42.60 14.75
N ASP F 5 -8.27 -42.16 13.55
CA ASP F 5 -8.61 -40.75 13.41
C ASP F 5 -10.03 -40.53 12.91
N GLY F 6 -10.63 -39.41 13.32
CA GLY F 6 -11.97 -39.10 12.87
C GLY F 6 -12.94 -38.45 13.84
N GLY F 7 -12.46 -37.59 14.73
CA GLY F 7 -13.41 -36.94 15.60
C GLY F 7 -13.84 -37.73 16.81
N ASP F 8 -13.99 -37.00 17.93
CA ASP F 8 -14.35 -37.53 19.24
C ASP F 8 -15.28 -38.73 19.34
N VAL F 9 -14.80 -39.76 20.02
CA VAL F 9 -15.55 -40.97 20.21
C VAL F 9 -16.26 -40.90 21.56
N SER F 10 -17.56 -41.13 21.55
CA SER F 10 -18.34 -41.11 22.78
C SER F 10 -19.32 -42.28 22.81
N PHE F 11 -19.74 -42.64 24.02
CA PHE F 11 -20.68 -43.75 24.20
C PHE F 11 -22.12 -43.33 24.45
N SER F 12 -22.99 -43.73 23.54
CA SER F 12 -24.39 -43.40 23.63
C SER F 12 -25.29 -44.60 23.63
N THR F 13 -26.41 -44.45 24.32
CA THR F 13 -27.41 -45.47 24.37
C THR F 13 -27.80 -45.67 22.90
N ARG F 14 -27.71 -44.58 22.14
CA ARG F 14 -28.02 -44.54 20.72
C ARG F 14 -26.92 -45.21 19.89
N GLY F 15 -25.84 -45.62 20.55
CA GLY F 15 -24.75 -46.25 19.83
C GLY F 15 -23.47 -45.44 19.94
N THR F 16 -22.30 -46.09 19.84
CA THR F 16 -21.02 -45.37 19.96
C THR F 16 -20.82 -44.36 18.84
N GLN F 17 -20.65 -43.11 19.23
CA GLN F 17 -20.50 -42.02 18.30
C GLN F 17 -19.16 -41.94 17.60
N ASN F 18 -19.19 -41.84 16.28
CA ASN F 18 -17.95 -41.74 15.51
C ASN F 18 -17.07 -42.97 15.61
N TRP F 19 -17.59 -44.14 15.27
CA TRP F 19 -16.77 -45.32 15.37
C TRP F 19 -17.29 -46.30 14.37
N THR F 20 -16.63 -46.36 13.22
CA THR F 20 -17.06 -47.24 12.15
C THR F 20 -16.18 -48.48 12.09
N VAL F 21 -16.57 -49.48 11.33
CA VAL F 21 -15.76 -50.67 11.22
C VAL F 21 -14.42 -50.22 10.64
N GLU F 22 -14.48 -49.38 9.61
CA GLU F 22 -13.26 -48.90 8.98
C GLU F 22 -12.36 -48.32 10.06
N ARG F 23 -12.84 -47.33 10.81
CA ARG F 23 -11.98 -46.77 11.84
C ARG F 23 -11.42 -47.84 12.76
N LEU F 24 -12.19 -48.88 13.00
CA LEU F 24 -11.74 -49.92 13.90
C LEU F 24 -10.52 -50.58 13.28
N LEU F 25 -10.69 -51.12 12.08
CA LEU F 25 -9.58 -51.79 11.40
C LEU F 25 -8.29 -50.99 11.50
N GLN F 26 -8.40 -49.67 11.40
CA GLN F 26 -7.23 -48.84 11.49
C GLN F 26 -6.63 -48.95 12.89
N ALA F 27 -7.30 -48.37 13.87
CA ALA F 27 -6.82 -48.40 15.25
C ALA F 27 -6.25 -49.76 15.62
N HIS F 28 -6.85 -50.82 15.08
CA HIS F 28 -6.40 -52.19 15.36
C HIS F 28 -4.98 -52.37 14.90
N ARG F 29 -4.78 -52.34 13.58
CA ARG F 29 -3.45 -52.50 13.06
C ARG F 29 -2.52 -51.53 13.78
N GLN F 30 -2.86 -50.27 13.87
CA GLN F 30 -1.95 -49.36 14.56
C GLN F 30 -1.64 -49.90 15.93
N LEU F 31 -2.50 -50.75 16.46
CA LEU F 31 -2.28 -51.28 17.80
C LEU F 31 -1.30 -52.42 17.77
N GLU F 32 -1.31 -53.21 16.70
CA GLU F 32 -0.39 -54.35 16.54
C GLU F 32 1.00 -53.84 16.21
N GLU F 33 1.06 -52.82 15.36
CA GLU F 33 2.31 -52.20 14.93
C GLU F 33 3.08 -51.72 16.14
N ARG F 34 2.38 -51.57 17.25
CA ARG F 34 3.01 -51.15 18.46
C ARG F 34 3.25 -52.35 19.37
N GLY F 35 2.92 -53.54 18.89
CA GLY F 35 3.15 -54.73 19.69
C GLY F 35 2.06 -55.03 20.70
N TYR F 36 0.83 -54.81 20.29
CA TYR F 36 -0.29 -55.10 21.16
C TYR F 36 -1.08 -56.22 20.51
N VAL F 37 -1.66 -57.07 21.34
CA VAL F 37 -2.46 -58.17 20.85
C VAL F 37 -3.87 -58.11 21.47
N PHE F 38 -4.87 -58.50 20.69
CA PHE F 38 -6.26 -58.53 21.14
C PHE F 38 -6.42 -59.75 22.05
N VAL F 39 -7.02 -59.58 23.23
CA VAL F 39 -7.25 -60.71 24.16
C VAL F 39 -8.72 -60.97 24.43
N GLY F 40 -9.53 -59.96 24.18
CA GLY F 40 -10.93 -60.17 24.41
C GLY F 40 -11.88 -59.00 24.31
N TYR F 41 -13.11 -59.31 24.66
CA TYR F 41 -14.19 -58.36 24.67
C TYR F 41 -14.56 -58.10 26.12
N HIS F 42 -15.16 -56.94 26.37
CA HIS F 42 -15.58 -56.60 27.71
C HIS F 42 -16.82 -55.76 27.56
N GLY F 43 -17.88 -56.14 28.27
CA GLY F 43 -19.13 -55.39 28.21
C GLY F 43 -19.35 -54.70 29.52
N THR F 44 -19.99 -53.54 29.47
CA THR F 44 -20.23 -52.76 30.66
C THR F 44 -21.14 -51.58 30.31
N PHE F 45 -21.36 -50.72 31.31
CA PHE F 45 -22.22 -49.56 31.13
C PHE F 45 -21.54 -48.31 30.61
N LEU F 46 -22.31 -47.52 29.85
CA LEU F 46 -21.82 -46.30 29.24
C LEU F 46 -20.78 -45.58 30.09
N GLU F 47 -21.15 -45.13 31.28
CA GLU F 47 -20.14 -44.44 32.08
C GLU F 47 -18.79 -45.15 32.13
N ALA F 48 -18.77 -46.40 32.57
CA ALA F 48 -17.52 -47.16 32.65
C ALA F 48 -16.82 -47.18 31.28
N ALA F 49 -17.56 -47.60 30.26
CA ALA F 49 -17.00 -47.65 28.93
C ALA F 49 -16.17 -46.41 28.64
N GLN F 50 -16.66 -45.26 29.06
CA GLN F 50 -15.94 -44.01 28.84
C GLN F 50 -14.69 -43.98 29.75
N SER F 51 -14.92 -44.15 31.04
CA SER F 51 -13.85 -44.14 32.01
C SER F 51 -12.66 -44.98 31.50
N ILE F 52 -12.97 -46.18 30.99
CA ILE F 52 -12.01 -47.13 30.47
C ILE F 52 -11.29 -46.61 29.21
N VAL F 53 -12.03 -46.51 28.13
CA VAL F 53 -11.44 -46.04 26.90
C VAL F 53 -10.75 -44.69 26.99
N PHE F 54 -10.96 -43.93 28.05
CA PHE F 54 -10.28 -42.63 28.21
C PHE F 54 -9.84 -42.58 29.67
N GLY F 55 -8.72 -43.19 29.98
CA GLY F 55 -8.29 -43.14 31.36
C GLY F 55 -7.98 -44.56 31.75
N GLY F 56 -8.39 -45.46 30.88
CA GLY F 56 -8.13 -46.87 31.04
C GLY F 56 -8.59 -47.59 32.26
N VAL F 57 -8.48 -48.90 32.17
CA VAL F 57 -8.86 -49.77 33.23
C VAL F 57 -8.05 -49.45 34.44
N ARG F 58 -8.68 -49.46 35.60
CA ARG F 58 -8.00 -49.23 36.87
C ARG F 58 -8.78 -49.94 37.98
N ALA F 59 -8.10 -50.66 38.86
CA ALA F 59 -8.78 -51.32 39.95
C ALA F 59 -9.05 -50.17 40.90
N ARG F 60 -9.98 -50.29 41.82
CA ARG F 60 -10.19 -49.18 42.75
C ARG F 60 -10.77 -49.72 44.05
N SER F 61 -9.92 -49.82 45.06
CA SER F 61 -10.41 -50.28 46.34
C SER F 61 -11.03 -51.68 46.26
N GLN F 62 -10.27 -52.62 45.74
CA GLN F 62 -10.80 -53.98 45.65
C GLN F 62 -10.84 -54.56 47.05
N ASP F 63 -11.57 -55.66 47.20
CA ASP F 63 -11.62 -56.31 48.49
C ASP F 63 -10.32 -57.08 48.44
N LEU F 64 -9.32 -56.60 49.16
CA LEU F 64 -8.01 -57.24 49.16
C LEU F 64 -8.06 -58.68 49.58
N ASP F 65 -9.16 -59.10 50.19
CA ASP F 65 -9.26 -60.49 50.58
C ASP F 65 -9.81 -61.34 49.44
N ALA F 66 -10.52 -60.70 48.52
CA ALA F 66 -11.10 -61.41 47.39
C ALA F 66 -10.02 -61.96 46.45
N ILE F 67 -9.80 -63.28 46.49
CA ILE F 67 -8.78 -63.87 45.64
C ILE F 67 -9.06 -63.95 44.14
N TRP F 68 -10.31 -63.83 43.72
CA TRP F 68 -10.58 -63.87 42.28
C TRP F 68 -10.79 -62.49 41.69
N ARG F 69 -10.32 -61.47 42.42
CA ARG F 69 -10.46 -60.10 41.99
C ARG F 69 -9.64 -59.90 40.70
N GLY F 70 -10.20 -59.15 39.74
CA GLY F 70 -9.50 -58.94 38.50
C GLY F 70 -10.42 -58.43 37.39
N PHE F 71 -9.85 -58.12 36.24
CA PHE F 71 -10.64 -57.63 35.13
C PHE F 71 -11.14 -58.82 34.35
N TYR F 72 -12.45 -59.01 34.33
CA TYR F 72 -13.02 -60.14 33.60
C TYR F 72 -13.39 -59.74 32.20
N ILE F 73 -12.98 -60.58 31.24
CA ILE F 73 -13.30 -60.38 29.81
C ILE F 73 -13.58 -61.72 29.12
N ALA F 74 -13.86 -61.67 27.83
CA ALA F 74 -14.16 -62.89 27.08
C ALA F 74 -13.88 -62.82 25.60
N GLY F 75 -13.41 -63.93 25.06
CA GLY F 75 -13.10 -63.97 23.65
C GLY F 75 -14.37 -63.88 22.85
N ASP F 76 -15.45 -64.42 23.40
CA ASP F 76 -16.76 -64.43 22.74
C ASP F 76 -17.62 -63.18 23.06
N PRO F 77 -17.76 -62.29 22.09
CA PRO F 77 -18.53 -61.07 22.30
C PRO F 77 -19.84 -61.34 23.05
N ALA F 78 -20.56 -62.37 22.60
CA ALA F 78 -21.81 -62.78 23.21
C ALA F 78 -21.69 -62.82 24.73
N LEU F 79 -20.78 -63.66 25.24
CA LEU F 79 -20.58 -63.73 26.69
C LEU F 79 -20.39 -62.34 27.30
N ALA F 80 -19.60 -61.49 26.66
CA ALA F 80 -19.40 -60.17 27.22
C ALA F 80 -20.65 -59.31 27.03
N TYR F 81 -21.31 -59.47 25.90
CA TYR F 81 -22.49 -58.70 25.57
C TYR F 81 -23.55 -58.71 26.66
N GLY F 82 -23.53 -59.72 27.52
CA GLY F 82 -24.55 -59.78 28.54
C GLY F 82 -24.32 -58.84 29.69
N TYR F 83 -23.10 -58.34 29.78
CA TYR F 83 -22.74 -57.44 30.84
C TYR F 83 -22.81 -56.01 30.36
N ALA F 84 -23.14 -55.84 29.09
CA ALA F 84 -23.20 -54.50 28.53
C ALA F 84 -24.54 -53.82 28.77
N GLN F 85 -24.79 -53.45 30.02
CA GLN F 85 -26.02 -52.75 30.39
C GLN F 85 -25.88 -52.26 31.81
N ASP F 86 -26.81 -51.42 32.25
CA ASP F 86 -26.78 -50.92 33.62
C ASP F 86 -27.16 -52.12 34.44
N GLN F 87 -26.68 -52.21 35.67
CA GLN F 87 -27.08 -53.35 36.47
C GLN F 87 -27.97 -52.92 37.63
N GLU F 88 -28.75 -51.88 37.35
CA GLU F 88 -29.74 -51.33 38.28
C GLU F 88 -30.36 -50.08 37.68
N PRO F 89 -31.68 -49.95 37.82
CA PRO F 89 -32.47 -48.83 37.31
C PRO F 89 -32.02 -47.48 37.80
N ASP F 90 -32.44 -46.45 37.07
CA ASP F 90 -32.13 -45.09 37.46
C ASP F 90 -33.40 -44.48 38.05
N ALA F 91 -33.37 -43.17 38.30
CA ALA F 91 -34.51 -42.47 38.90
C ALA F 91 -35.84 -42.77 38.20
N ARG F 92 -35.77 -43.19 36.93
CA ARG F 92 -36.98 -43.50 36.18
C ARG F 92 -37.15 -44.94 35.74
N GLY F 93 -36.81 -45.89 36.62
CA GLY F 93 -36.95 -47.29 36.29
C GLY F 93 -36.28 -47.73 35.01
N ARG F 94 -35.40 -46.88 34.48
CA ARG F 94 -34.69 -47.19 33.26
C ARG F 94 -33.53 -48.15 33.53
N ILE F 95 -33.14 -48.86 32.47
CA ILE F 95 -32.01 -49.79 32.41
C ILE F 95 -31.56 -49.75 30.95
N ARG F 96 -30.65 -48.84 30.66
CA ARG F 96 -30.15 -48.65 29.30
C ARG F 96 -29.00 -49.58 28.92
N ASN F 97 -28.84 -49.78 27.62
CA ASN F 97 -27.80 -50.66 27.09
C ASN F 97 -26.42 -50.07 27.33
N GLY F 98 -25.40 -50.91 27.24
CA GLY F 98 -24.05 -50.44 27.47
C GLY F 98 -23.23 -50.46 26.20
N ALA F 99 -21.94 -50.67 26.35
CA ALA F 99 -21.05 -50.72 25.18
C ALA F 99 -20.16 -51.94 25.26
N LEU F 100 -19.83 -52.47 24.09
CA LEU F 100 -18.96 -53.63 23.97
C LEU F 100 -17.54 -53.13 23.66
N LEU F 101 -16.62 -53.46 24.57
CA LEU F 101 -15.22 -53.06 24.45
C LEU F 101 -14.25 -54.17 24.07
N ARG F 102 -13.24 -53.76 23.27
CA ARG F 102 -12.17 -54.63 22.80
C ARG F 102 -10.97 -54.40 23.71
N VAL F 103 -10.44 -55.47 24.29
CA VAL F 103 -9.30 -55.37 25.20
C VAL F 103 -7.95 -55.83 24.66
N TYR F 104 -7.00 -54.90 24.58
CA TYR F 104 -5.65 -55.20 24.11
C TYR F 104 -4.60 -55.05 25.21
N VAL F 105 -3.61 -55.93 25.22
CA VAL F 105 -2.53 -55.88 26.22
C VAL F 105 -1.21 -55.76 25.47
N PRO F 106 -0.12 -55.43 26.18
CA PRO F 106 1.17 -55.33 25.54
C PRO F 106 1.47 -56.76 25.19
N ARG F 107 1.94 -56.97 23.96
CA ARG F 107 2.23 -58.32 23.49
C ARG F 107 3.18 -58.98 24.45
N SER F 108 4.13 -58.18 24.94
CA SER F 108 5.10 -58.65 25.88
C SER F 108 4.51 -59.24 27.15
N SER F 109 3.21 -59.46 27.22
CA SER F 109 2.65 -60.01 28.46
C SER F 109 2.00 -61.35 28.22
N LEU F 110 2.04 -61.79 26.97
CA LEU F 110 1.45 -63.06 26.62
C LEU F 110 1.94 -64.18 27.51
N PRO F 111 3.24 -64.19 27.82
CA PRO F 111 3.83 -65.24 28.67
C PRO F 111 3.09 -65.55 29.96
N GLY F 112 2.25 -64.62 30.41
CA GLY F 112 1.51 -64.82 31.64
C GLY F 112 0.09 -65.29 31.46
N PHE F 113 -0.31 -65.44 30.20
CA PHE F 113 -1.65 -65.89 29.88
C PHE F 113 -1.72 -67.41 29.94
N TYR F 114 -2.59 -67.96 30.78
CA TYR F 114 -2.72 -69.41 30.89
C TYR F 114 -4.16 -69.85 30.70
N ARG F 115 -4.38 -71.17 30.72
CA ARG F 115 -5.72 -71.74 30.55
C ARG F 115 -5.95 -73.09 31.24
N THR F 116 -7.18 -73.28 31.71
CA THR F 116 -7.62 -74.50 32.38
C THR F 116 -8.99 -74.89 31.82
N SER F 117 -9.44 -76.12 32.05
CA SER F 117 -10.73 -76.58 31.61
C SER F 117 -11.59 -76.56 32.86
N LEU F 118 -10.97 -76.35 34.01
CA LEU F 118 -11.70 -76.37 35.24
C LEU F 118 -12.59 -75.15 35.22
N THR F 119 -13.88 -75.33 35.42
CA THR F 119 -14.72 -74.16 35.42
C THR F 119 -14.12 -73.49 36.62
N LEU F 120 -13.78 -72.19 36.47
CA LEU F 120 -13.25 -71.45 37.61
C LEU F 120 -14.13 -71.63 38.85
N ALA F 121 -15.33 -72.20 38.64
CA ALA F 121 -16.30 -72.46 39.73
C ALA F 121 -15.85 -73.67 40.59
N ALA F 122 -15.41 -74.74 39.94
CA ALA F 122 -14.97 -75.98 40.62
C ALA F 122 -13.88 -75.76 41.66
N PRO F 123 -14.13 -76.00 42.95
CA PRO F 123 -13.27 -75.88 44.15
C PRO F 123 -11.82 -76.33 43.87
N GLU F 124 -11.63 -77.24 42.96
CA GLU F 124 -10.27 -77.70 42.63
C GLU F 124 -9.61 -76.72 41.68
N ALA F 125 -10.21 -75.52 41.56
CA ALA F 125 -9.68 -74.54 40.61
C ALA F 125 -8.62 -73.66 41.16
N ALA F 126 -8.93 -72.94 42.23
CA ALA F 126 -7.98 -72.06 42.87
C ALA F 126 -6.55 -72.64 42.83
N GLY F 127 -6.39 -73.84 43.42
CA GLY F 127 -5.08 -74.48 43.42
C GLY F 127 -4.52 -74.71 42.03
N GLU F 128 -5.35 -75.23 41.13
CA GLU F 128 -4.91 -75.50 39.77
C GLU F 128 -4.46 -74.24 39.08
N VAL F 129 -5.20 -73.16 39.29
CA VAL F 129 -4.82 -71.89 38.67
C VAL F 129 -3.52 -71.40 39.28
N GLU F 130 -3.34 -71.66 40.58
CA GLU F 130 -2.14 -71.23 41.29
C GLU F 130 -0.95 -72.04 40.83
N ARG F 131 -1.21 -73.27 40.42
CA ARG F 131 -0.14 -74.14 39.95
C ARG F 131 0.40 -73.59 38.63
N LEU F 132 -0.50 -73.18 37.75
CA LEU F 132 -0.09 -72.66 36.45
C LEU F 132 0.56 -71.27 36.57
N ILE F 133 -0.07 -70.41 37.35
CA ILE F 133 0.38 -69.04 37.56
C ILE F 133 1.78 -68.94 38.15
N GLY F 134 2.09 -69.83 39.09
CA GLY F 134 3.39 -69.82 39.73
C GLY F 134 3.33 -69.21 41.10
N HIS F 135 2.13 -68.92 41.57
CA HIS F 135 2.00 -68.30 42.88
C HIS F 135 0.57 -68.25 43.34
N PRO F 136 0.35 -68.05 44.65
CA PRO F 136 -1.00 -67.98 45.21
C PRO F 136 -1.85 -66.88 44.57
N LEU F 137 -3.16 -67.04 44.56
CA LEU F 137 -4.03 -65.99 44.04
C LEU F 137 -3.93 -64.82 45.04
N PRO F 138 -4.36 -63.62 44.62
CA PRO F 138 -4.93 -63.29 43.31
C PRO F 138 -3.94 -63.36 42.15
N LEU F 139 -4.48 -63.29 40.93
CA LEU F 139 -3.70 -63.28 39.71
C LEU F 139 -3.08 -61.92 39.78
N ARG F 140 -1.87 -61.74 39.25
CA ARG F 140 -1.26 -60.43 39.29
C ARG F 140 -0.88 -59.94 37.91
N LEU F 141 0.31 -60.30 37.43
CA LEU F 141 0.73 -59.87 36.11
C LEU F 141 0.56 -61.02 35.16
N ASP F 142 -0.53 -61.74 35.36
CA ASP F 142 -0.85 -62.90 34.57
C ASP F 142 -2.34 -62.95 34.44
N ALA F 143 -2.83 -63.87 33.62
CA ALA F 143 -4.25 -63.99 33.41
C ALA F 143 -4.57 -65.45 33.29
N ILE F 144 -5.83 -65.78 33.49
CA ILE F 144 -6.30 -67.15 33.39
C ILE F 144 -7.57 -67.21 32.57
N THR F 145 -7.69 -68.24 31.75
CA THR F 145 -8.86 -68.40 30.89
C THR F 145 -9.50 -69.78 31.09
N GLY F 146 -10.78 -69.80 31.37
CA GLY F 146 -11.47 -71.08 31.57
C GLY F 146 -12.97 -70.84 31.56
N PRO F 147 -13.79 -71.92 31.60
CA PRO F 147 -15.25 -71.90 31.60
C PRO F 147 -15.91 -71.06 32.70
N GLU F 148 -16.79 -70.14 32.29
CA GLU F 148 -17.51 -69.26 33.23
C GLU F 148 -18.08 -70.14 34.34
N GLU F 149 -18.65 -71.26 33.94
CA GLU F 149 -19.24 -72.25 34.82
C GLU F 149 -19.30 -73.57 34.05
N GLU F 150 -19.94 -74.60 34.62
CA GLU F 150 -20.02 -75.90 33.96
C GLU F 150 -20.64 -75.87 32.56
N GLY F 151 -19.80 -76.17 31.57
CA GLY F 151 -20.26 -76.19 30.18
C GLY F 151 -20.53 -74.82 29.60
N GLY F 152 -20.28 -73.76 30.37
CA GLY F 152 -20.51 -72.41 29.87
C GLY F 152 -19.45 -71.98 28.87
N ARG F 153 -19.46 -70.69 28.52
CA ARG F 153 -18.46 -70.15 27.60
C ARG F 153 -17.24 -69.80 28.43
N LEU F 154 -16.16 -69.41 27.76
CA LEU F 154 -14.92 -69.09 28.47
C LEU F 154 -14.76 -67.63 28.86
N GLU F 155 -14.34 -67.40 30.09
CA GLU F 155 -14.11 -66.04 30.54
C GLU F 155 -12.62 -65.98 30.83
N THR F 156 -12.05 -64.81 30.69
CA THR F 156 -10.64 -64.62 30.93
C THR F 156 -10.52 -63.57 32.00
N ILE F 157 -9.83 -63.91 33.08
CA ILE F 157 -9.65 -62.94 34.16
C ILE F 157 -8.24 -62.42 34.09
N LEU F 158 -8.08 -61.13 33.86
CA LEU F 158 -6.74 -60.57 33.83
C LEU F 158 -6.58 -60.09 35.25
N GLY F 159 -5.38 -60.21 35.80
CA GLY F 159 -5.14 -59.71 37.15
C GLY F 159 -5.03 -58.21 37.04
N TRP F 160 -5.39 -57.46 38.09
CA TRP F 160 -5.36 -55.99 38.04
C TRP F 160 -4.06 -55.40 37.50
N PRO F 161 -2.91 -55.86 38.01
CA PRO F 161 -1.67 -55.31 37.47
C PRO F 161 -1.76 -55.39 35.96
N LEU F 162 -1.85 -56.60 35.40
CA LEU F 162 -1.93 -56.76 33.95
C LEU F 162 -3.05 -55.88 33.39
N ALA F 163 -4.22 -56.00 34.00
CA ALA F 163 -5.41 -55.25 33.59
C ALA F 163 -5.16 -53.77 33.34
N GLU F 164 -4.39 -53.16 34.22
CA GLU F 164 -4.07 -51.74 34.11
C GLU F 164 -3.06 -51.49 33.03
N ARG F 165 -2.66 -52.53 32.33
CA ARG F 165 -1.66 -52.37 31.30
C ARG F 165 -2.24 -52.69 29.98
N THR F 166 -3.55 -52.63 29.90
CA THR F 166 -4.24 -52.95 28.67
C THR F 166 -4.50 -51.67 27.92
N VAL F 167 -5.10 -51.80 26.75
CA VAL F 167 -5.49 -50.65 25.97
C VAL F 167 -6.79 -51.11 25.39
N VAL F 168 -7.86 -50.42 25.77
CA VAL F 168 -9.19 -50.77 25.32
C VAL F 168 -9.79 -49.79 24.33
N ILE F 169 -10.52 -50.33 23.37
CA ILE F 169 -11.18 -49.51 22.36
C ILE F 169 -12.58 -50.03 22.06
N PRO F 170 -13.42 -49.18 21.47
CA PRO F 170 -14.79 -49.49 21.08
C PRO F 170 -14.87 -50.74 20.21
N SER F 171 -16.02 -51.40 20.22
CA SER F 171 -16.20 -52.54 19.36
C SER F 171 -17.13 -52.02 18.29
N ALA F 172 -17.09 -52.61 17.11
CA ALA F 172 -17.98 -52.16 16.05
C ALA F 172 -19.27 -52.94 16.18
N ILE F 173 -19.41 -53.63 17.30
CA ILE F 173 -20.62 -54.40 17.61
C ILE F 173 -21.46 -53.51 18.50
N PRO F 174 -22.62 -53.08 18.01
CA PRO F 174 -23.53 -52.23 18.77
C PRO F 174 -24.36 -53.00 19.78
N THR F 175 -24.86 -52.33 20.80
CA THR F 175 -25.75 -53.02 21.74
C THR F 175 -27.12 -52.50 21.34
N ASP F 176 -28.18 -53.22 21.69
CA ASP F 176 -29.53 -52.79 21.32
C ASP F 176 -30.21 -51.93 22.39
N PRO F 177 -30.57 -50.69 22.05
CA PRO F 177 -31.23 -49.80 23.03
C PRO F 177 -32.70 -50.18 23.15
N ARG F 178 -33.19 -50.88 22.14
CA ARG F 178 -34.57 -51.31 22.11
C ARG F 178 -34.75 -52.81 22.33
N ASN F 179 -33.85 -53.42 23.09
CA ASN F 179 -33.96 -54.83 23.40
C ASN F 179 -32.93 -55.19 24.44
N VAL F 180 -32.74 -54.29 25.39
CA VAL F 180 -31.78 -54.54 26.45
C VAL F 180 -32.07 -55.90 27.04
N GLY F 181 -31.07 -56.73 27.24
CA GLY F 181 -31.29 -58.06 27.82
C GLY F 181 -31.37 -59.16 26.77
N GLY F 182 -31.47 -58.75 25.51
CA GLY F 182 -31.52 -59.74 24.47
C GLY F 182 -30.16 -60.39 24.35
N ASP F 183 -30.08 -61.49 23.60
CA ASP F 183 -28.79 -62.14 23.43
C ASP F 183 -28.19 -61.57 22.15
N LEU F 184 -26.87 -61.45 22.11
CA LEU F 184 -26.19 -60.93 20.93
C LEU F 184 -26.48 -61.74 19.69
N ASP F 185 -27.01 -61.07 18.66
CA ASP F 185 -27.31 -61.72 17.40
C ASP F 185 -26.04 -61.74 16.54
N PRO F 186 -25.40 -62.90 16.46
CA PRO F 186 -24.17 -63.05 15.68
C PRO F 186 -24.18 -62.39 14.33
N SER F 187 -25.37 -62.12 13.80
CA SER F 187 -25.44 -61.48 12.49
C SER F 187 -25.19 -59.98 12.62
N SER F 188 -25.04 -59.48 13.84
CA SER F 188 -24.77 -58.06 13.98
C SER F 188 -23.29 -57.80 14.26
N ILE F 189 -22.48 -58.86 14.18
CA ILE F 189 -21.04 -58.74 14.38
C ILE F 189 -20.56 -58.48 12.96
N PRO F 190 -19.87 -57.35 12.70
CA PRO F 190 -19.37 -57.03 11.37
C PRO F 190 -18.27 -57.99 10.94
N ASP F 191 -18.43 -58.63 9.78
CA ASP F 191 -17.42 -59.57 9.31
C ASP F 191 -15.99 -59.06 9.44
N LYS F 192 -15.74 -57.82 9.01
CA LYS F 192 -14.40 -57.25 9.13
C LYS F 192 -13.94 -57.24 10.58
N GLU F 193 -14.86 -57.07 11.52
CA GLU F 193 -14.44 -57.07 12.91
C GLU F 193 -14.10 -58.49 13.30
N GLN F 194 -14.92 -59.45 12.88
CA GLN F 194 -14.64 -60.83 13.24
C GLN F 194 -13.21 -61.17 12.83
N ALA F 195 -12.87 -60.77 11.61
CA ALA F 195 -11.55 -60.98 11.02
C ALA F 195 -10.35 -60.59 11.89
N ILE F 196 -10.43 -59.49 12.61
CA ILE F 196 -9.31 -59.09 13.42
C ILE F 196 -9.47 -59.59 14.85
N SER F 197 -10.52 -60.37 15.07
CA SER F 197 -10.84 -60.84 16.41
C SER F 197 -10.40 -62.20 16.89
N ALA F 198 -9.36 -62.74 16.27
CA ALA F 198 -8.91 -64.06 16.68
C ALA F 198 -8.11 -63.88 17.94
N LEU F 199 -8.09 -64.90 18.79
CA LEU F 199 -7.35 -64.83 20.05
C LEU F 199 -6.00 -65.51 19.97
N PRO F 200 -5.07 -65.15 20.87
CA PRO F 200 -3.75 -65.77 20.89
C PRO F 200 -3.95 -67.16 21.45
N ASP F 201 -2.89 -67.97 21.46
CA ASP F 201 -3.01 -69.31 22.02
C ASP F 201 -2.33 -69.30 23.39
N TYR F 202 -3.11 -69.55 24.44
CA TYR F 202 -2.57 -69.51 25.78
C TYR F 202 -1.96 -70.84 26.18
N ALA F 203 -0.93 -70.79 27.01
CA ALA F 203 -0.29 -72.01 27.47
C ALA F 203 -1.17 -72.74 28.47
N SER F 204 -0.95 -74.04 28.59
CA SER F 204 -1.74 -74.86 29.50
C SER F 204 -0.84 -75.55 30.49
N GLN F 205 0.46 -75.34 30.31
CA GLN F 205 1.45 -75.90 31.21
C GLN F 205 2.17 -74.75 31.90
N PRO F 206 2.40 -74.86 33.21
CA PRO F 206 3.08 -73.82 33.99
C PRO F 206 4.30 -73.21 33.32
N GLY F 207 4.59 -71.98 33.67
CA GLY F 207 5.74 -71.27 33.11
C GLY F 207 7.03 -72.05 33.23
#